data_1A66
#
_entry.id   1A66
#
_cell.length_a   1.000
_cell.length_b   1.000
_cell.length_c   1.000
_cell.angle_alpha   90.00
_cell.angle_beta   90.00
_cell.angle_gamma   90.00
#
_symmetry.space_group_name_H-M   'P 1'
#
loop_
_entity.id
_entity.type
_entity.pdbx_description
1 polymer "DNA (5'-D(*CP*GP*AP*GP*GP*AP*AP*AP*AP*TP*TP*G)-3')"
2 polymer "DNA (5'-D(*CP*AP*AP*TP*TP*TP*TP*CP*CP*TP*CP*G)-3')"
3 polymer 'CORE NFATC1'
#
loop_
_entity_poly.entity_id
_entity_poly.type
_entity_poly.pdbx_seq_one_letter_code
_entity_poly.pdbx_strand_id
1 'polydeoxyribonucleotide' (DC)(DG)(DA)(DG)(DG)(DA)(DA)(DA)(DA)(DT)(DT)(DG) B
2 'polydeoxyribonucleotide' (DC)(DA)(DA)(DT)(DT)(DT)(DT)(DC)(DC)(DT)(DC)(DG) C
3 'polypeptide(L)'
;MKDWQLPSHSGPYELRIEVQPKSHHRARYETEGSRGAVKASAGGHPIVQLHGYLENEPLMLQLFIGTADDRLLRPHAFYQ
VHRITGKTVSTTSHEAILSNTKVLEIPLLPENSMRAVIDCAGILKLRNSDIELRKGETDIGRKNTRVRLVFRVHVPQPSG
RTLSLQVASNPIECSQRS
;
A
#
# COMPACT_ATOMS: atom_id res chain seq x y z
N MET C 1 -9.75 -13.69 -5.04
CA MET C 1 -10.14 -12.68 -4.01
C MET C 1 -9.01 -12.48 -2.99
N LYS C 2 -8.26 -13.53 -2.70
CA LYS C 2 -7.14 -13.41 -1.72
C LYS C 2 -6.15 -14.56 -1.93
N ASP C 3 -4.87 -14.25 -1.90
CA ASP C 3 -3.83 -15.30 -2.09
C ASP C 3 -2.72 -15.10 -1.06
N TRP C 4 -2.91 -15.62 0.13
CA TRP C 4 -1.88 -15.48 1.20
C TRP C 4 -1.34 -16.89 1.54
N GLN C 5 -1.25 -17.75 0.55
CA GLN C 5 -0.72 -19.12 0.79
C GLN C 5 0.32 -19.46 -0.28
N LEU C 6 1.39 -18.71 -0.33
CA LEU C 6 2.49 -18.96 -1.33
C LEU C 6 3.52 -17.81 -1.29
N PRO C 7 4.22 -17.71 -0.17
CA PRO C 7 5.25 -16.67 0.03
C PRO C 7 6.57 -17.03 -0.68
N SER C 8 7.41 -16.04 -0.87
CA SER C 8 8.72 -16.27 -1.55
C SER C 8 9.87 -16.27 -0.52
N HIS C 9 9.66 -15.66 0.62
CA HIS C 9 10.74 -15.62 1.69
C HIS C 9 11.97 -14.86 1.20
N SER C 10 12.86 -14.51 2.10
CA SER C 10 14.11 -13.79 1.71
C SER C 10 15.28 -14.33 2.54
N GLY C 11 15.62 -15.58 2.34
CA GLY C 11 16.74 -16.22 3.11
C GLY C 11 16.35 -16.29 4.59
N PRO C 12 17.24 -15.84 5.44
CA PRO C 12 17.00 -15.82 6.91
C PRO C 12 16.14 -14.60 7.31
N TYR C 13 15.76 -13.77 6.35
CA TYR C 13 14.94 -12.56 6.68
C TYR C 13 13.51 -12.75 6.16
N GLU C 14 12.57 -12.02 6.72
CA GLU C 14 11.14 -12.15 6.28
C GLU C 14 10.40 -10.83 6.50
N LEU C 15 10.03 -10.16 5.43
CA LEU C 15 9.28 -8.86 5.57
C LEU C 15 7.80 -9.12 5.28
N ARG C 16 6.95 -9.07 6.30
CA ARG C 16 5.50 -9.34 6.09
C ARG C 16 4.64 -8.31 6.85
N ILE C 17 3.39 -8.19 6.47
CA ILE C 17 2.46 -7.24 7.14
C ILE C 17 1.80 -7.93 8.35
N GLU C 18 1.72 -7.25 9.47
CA GLU C 18 1.10 -7.86 10.69
C GLU C 18 -0.43 -7.77 10.61
N VAL C 19 -1.06 -6.91 11.41
CA VAL C 19 -2.56 -6.79 11.37
C VAL C 19 -2.98 -6.35 9.96
N GLN C 20 -3.87 -7.10 9.34
CA GLN C 20 -4.34 -6.74 7.96
C GLN C 20 -5.78 -6.20 8.03
N PRO C 21 -6.04 -5.18 7.24
CA PRO C 21 -7.37 -4.54 7.17
C PRO C 21 -8.32 -5.37 6.29
N LYS C 22 -9.52 -4.88 6.07
CA LYS C 22 -10.50 -5.62 5.23
C LYS C 22 -10.35 -5.22 3.76
N SER C 23 -10.89 -6.00 2.86
CA SER C 23 -10.81 -5.67 1.40
C SER C 23 -12.01 -4.79 0.99
N HIS C 24 -12.67 -4.17 1.95
CA HIS C 24 -13.83 -3.30 1.61
C HIS C 24 -13.57 -1.88 2.10
N HIS C 25 -12.46 -1.30 1.69
CA HIS C 25 -12.13 0.10 2.11
C HIS C 25 -13.26 1.03 1.65
N ARG C 26 -13.40 2.19 2.25
CA ARG C 26 -14.49 3.11 1.82
C ARG C 26 -13.86 4.37 1.23
N ALA C 27 -13.73 4.41 -0.07
CA ALA C 27 -13.13 5.59 -0.73
C ALA C 27 -14.25 6.56 -1.11
N ARG C 28 -14.21 7.76 -0.57
CA ARG C 28 -15.28 8.76 -0.87
C ARG C 28 -15.00 9.41 -2.23
N TYR C 29 -15.55 10.57 -2.49
CA TYR C 29 -15.34 11.25 -3.81
C TYR C 29 -14.72 12.63 -3.59
N GLU C 30 -14.13 13.18 -4.62
CA GLU C 30 -13.54 14.55 -4.48
C GLU C 30 -14.68 15.56 -4.25
N THR C 31 -15.87 15.24 -4.75
CA THR C 31 -17.04 16.15 -4.57
C THR C 31 -17.61 16.01 -3.15
N GLU C 32 -17.47 14.85 -2.53
CA GLU C 32 -18.01 14.65 -1.15
C GLU C 32 -16.88 14.36 -0.14
N GLY C 33 -15.68 14.78 -0.46
CA GLY C 33 -14.50 14.54 0.44
C GLY C 33 -14.82 14.91 1.90
N SER C 34 -14.94 13.91 2.75
CA SER C 34 -15.25 14.17 4.20
C SER C 34 -14.92 12.94 5.04
N ARG C 35 -15.40 11.78 4.64
CA ARG C 35 -15.13 10.52 5.40
C ARG C 35 -14.23 9.60 4.55
N GLY C 36 -14.31 8.31 4.75
CA GLY C 36 -13.48 7.34 3.96
C GLY C 36 -11.99 7.46 4.31
N ALA C 37 -11.39 6.38 4.75
CA ALA C 37 -9.93 6.42 5.09
C ALA C 37 -9.39 5.01 5.41
N VAL C 38 -8.41 4.91 6.27
CA VAL C 38 -7.82 3.57 6.62
C VAL C 38 -8.63 2.95 7.76
N LYS C 39 -9.40 1.93 7.44
CA LYS C 39 -10.25 1.27 8.48
C LYS C 39 -10.67 -0.13 8.01
N ALA C 40 -11.44 -0.81 8.82
CA ALA C 40 -11.92 -2.16 8.46
C ALA C 40 -13.36 -2.33 8.95
N SER C 41 -14.06 -3.33 8.47
CA SER C 41 -15.48 -3.57 8.89
C SER C 41 -15.66 -3.35 10.40
N ALA C 42 -14.72 -3.77 11.21
CA ALA C 42 -14.83 -3.57 12.69
C ALA C 42 -13.59 -2.80 13.18
N GLY C 43 -12.45 -3.44 13.18
CA GLY C 43 -11.21 -2.76 13.64
C GLY C 43 -10.00 -3.63 13.29
N GLY C 44 -9.12 -3.14 12.46
CA GLY C 44 -7.92 -3.95 12.07
C GLY C 44 -7.03 -3.16 11.11
N HIS C 45 -6.56 -2.00 11.51
CA HIS C 45 -5.66 -1.17 10.65
C HIS C 45 -4.47 -2.03 10.18
N PRO C 46 -3.98 -1.72 8.99
CA PRO C 46 -2.85 -2.45 8.39
C PRO C 46 -1.53 -2.13 9.10
N ILE C 47 -0.68 -3.12 9.24
CA ILE C 47 0.64 -2.91 9.91
C ILE C 47 1.75 -3.51 9.04
N VAL C 48 2.92 -2.94 9.09
CA VAL C 48 4.07 -3.48 8.27
C VAL C 48 5.31 -3.59 9.17
N GLN C 49 5.76 -4.79 9.41
CA GLN C 49 6.96 -5.01 10.27
C GLN C 49 7.93 -5.96 9.58
N LEU C 50 9.20 -5.64 9.55
CA LEU C 50 10.21 -6.54 8.90
C LEU C 50 10.90 -7.39 9.97
N HIS C 51 10.90 -8.69 9.78
CA HIS C 51 11.57 -9.60 10.74
C HIS C 51 12.66 -10.37 9.98
N GLY C 52 13.86 -9.84 9.94
CA GLY C 52 14.96 -10.52 9.20
C GLY C 52 16.24 -9.72 9.35
N TYR C 53 16.31 -8.56 8.72
CA TYR C 53 17.52 -7.70 8.80
C TYR C 53 17.82 -7.34 10.27
N LEU C 54 18.67 -8.08 10.92
CA LEU C 54 19.02 -7.79 12.35
C LEU C 54 20.46 -7.26 12.42
N GLU C 55 20.79 -6.35 11.54
CA GLU C 55 22.16 -5.75 11.52
C GLU C 55 22.10 -4.33 12.10
N ASN C 56 23.24 -3.71 12.33
CA ASN C 56 23.23 -2.32 12.88
C ASN C 56 23.04 -1.30 11.73
N GLU C 57 22.80 -1.78 10.53
CA GLU C 57 22.59 -0.87 9.36
C GLU C 57 21.08 -0.56 9.24
N PRO C 58 20.77 0.66 8.87
CA PRO C 58 19.36 1.10 8.71
C PRO C 58 18.75 0.52 7.42
N LEU C 59 17.48 0.74 7.22
CA LEU C 59 16.81 0.19 6.00
C LEU C 59 15.73 1.18 5.53
N MET C 60 15.37 1.12 4.27
CA MET C 60 14.32 2.03 3.73
C MET C 60 13.28 1.18 2.97
N LEU C 61 12.05 1.23 3.40
CA LEU C 61 10.98 0.43 2.73
C LEU C 61 10.20 1.33 1.78
N GLN C 62 9.84 0.81 0.63
CA GLN C 62 9.05 1.62 -0.36
C GLN C 62 7.76 0.89 -0.70
N LEU C 63 6.72 1.62 -0.95
CA LEU C 63 5.41 1.00 -1.31
C LEU C 63 5.18 1.15 -2.80
N PHE C 64 4.57 0.16 -3.41
CA PHE C 64 4.27 0.22 -4.86
C PHE C 64 2.79 -0.14 -5.07
N ILE C 65 1.99 0.82 -5.47
CA ILE C 65 0.54 0.53 -5.68
C ILE C 65 0.30 0.21 -7.16
N GLY C 66 -0.52 -0.78 -7.41
CA GLY C 66 -0.84 -1.16 -8.81
C GLY C 66 -2.26 -1.73 -8.86
N THR C 67 -3.11 -1.16 -9.68
CA THR C 67 -4.55 -1.63 -9.78
C THR C 67 -4.63 -3.17 -9.79
N ALA C 68 -5.80 -3.69 -9.45
CA ALA C 68 -5.99 -5.16 -9.40
C ALA C 68 -6.31 -5.69 -10.80
N ASP C 69 -5.30 -5.86 -11.61
CA ASP C 69 -5.52 -6.38 -12.99
C ASP C 69 -5.35 -7.91 -13.00
N ASP C 70 -5.11 -8.50 -14.15
CA ASP C 70 -4.95 -9.99 -14.21
C ASP C 70 -3.46 -10.37 -14.02
N ARG C 71 -2.71 -10.49 -15.09
CA ARG C 71 -1.26 -10.86 -14.95
C ARG C 71 -0.43 -9.57 -14.83
N LEU C 72 -0.11 -8.94 -15.94
CA LEU C 72 0.69 -7.68 -15.89
C LEU C 72 -0.11 -6.58 -15.20
N LEU C 73 0.50 -5.88 -14.28
CA LEU C 73 -0.21 -4.80 -13.55
C LEU C 73 -0.40 -3.58 -14.47
N ARG C 74 -1.22 -2.65 -14.04
CA ARG C 74 -1.46 -1.42 -14.86
C ARG C 74 -1.04 -0.18 -14.04
N PRO C 75 -1.04 0.98 -14.67
CA PRO C 75 -0.66 2.23 -14.00
C PRO C 75 -1.75 2.64 -13.01
N HIS C 76 -1.39 2.74 -11.75
CA HIS C 76 -2.35 3.11 -10.67
C HIS C 76 -3.32 4.21 -11.13
N ALA C 77 -4.55 4.12 -10.71
CA ALA C 77 -5.56 5.13 -11.09
C ALA C 77 -5.29 6.47 -10.37
N PHE C 78 -5.97 6.76 -9.28
CA PHE C 78 -5.73 8.05 -8.57
C PHE C 78 -6.06 7.89 -7.07
N TYR C 79 -5.76 6.75 -6.47
CA TYR C 79 -6.05 6.57 -5.00
C TYR C 79 -5.03 7.38 -4.19
N GLN C 80 -5.10 8.68 -4.27
CA GLN C 80 -4.13 9.54 -3.52
C GLN C 80 -4.87 10.60 -2.69
N VAL C 81 -4.77 10.50 -1.39
CA VAL C 81 -5.44 11.48 -0.47
C VAL C 81 -4.73 11.49 0.89
N HIS C 82 -4.86 12.57 1.61
CA HIS C 82 -4.21 12.69 2.96
C HIS C 82 -5.19 12.23 4.05
N ARG C 83 -4.97 12.62 5.29
CA ARG C 83 -5.90 12.19 6.38
C ARG C 83 -5.92 13.21 7.53
N ILE C 84 -6.52 12.86 8.65
CA ILE C 84 -6.60 13.80 9.81
C ILE C 84 -7.33 13.12 10.97
N THR C 85 -6.63 12.93 12.06
CA THR C 85 -7.22 12.30 13.29
C THR C 85 -6.07 11.99 14.25
N GLY C 86 -6.14 12.50 15.47
CA GLY C 86 -5.05 12.25 16.48
C GLY C 86 -4.53 10.81 16.41
N LYS C 87 -5.40 9.86 16.13
CA LYS C 87 -5.00 8.42 16.00
C LYS C 87 -4.08 8.19 14.76
N THR C 88 -3.71 9.25 14.06
CA THR C 88 -2.85 9.12 12.86
C THR C 88 -1.38 9.02 13.29
N VAL C 89 -1.06 7.93 13.92
CA VAL C 89 0.34 7.68 14.41
C VAL C 89 1.30 7.66 13.20
N SER C 90 1.72 8.82 12.74
CA SER C 90 2.65 8.89 11.56
C SER C 90 4.11 8.69 12.01
N THR C 91 4.38 7.63 12.74
CA THR C 91 5.78 7.36 13.19
C THR C 91 6.64 7.03 11.96
N THR C 92 6.07 6.33 11.01
CA THR C 92 6.80 5.98 9.77
C THR C 92 5.82 5.99 8.59
N SER C 93 5.75 7.08 7.87
CA SER C 93 4.81 7.17 6.71
C SER C 93 5.29 8.25 5.72
N HIS C 94 5.13 8.00 4.45
CA HIS C 94 5.57 8.99 3.41
C HIS C 94 4.83 8.72 2.09
N GLU C 95 4.70 9.72 1.25
CA GLU C 95 4.00 9.53 -0.06
C GLU C 95 4.90 9.97 -1.23
N ALA C 96 4.62 9.47 -2.42
CA ALA C 96 5.44 9.84 -3.61
C ALA C 96 4.60 9.66 -4.89
N ILE C 97 4.08 10.74 -5.42
CA ILE C 97 3.24 10.67 -6.65
C ILE C 97 4.15 10.39 -7.86
N LEU C 98 3.72 9.52 -8.73
CA LEU C 98 4.52 9.16 -9.94
C LEU C 98 3.63 9.27 -11.19
N SER C 99 4.21 9.24 -12.37
CA SER C 99 3.42 9.34 -13.65
C SER C 99 2.32 8.25 -13.68
N ASN C 100 1.14 8.59 -13.20
CA ASN C 100 -0.02 7.62 -13.18
C ASN C 100 0.29 6.45 -12.24
N THR C 101 1.01 6.70 -11.15
CA THR C 101 1.35 5.63 -10.17
C THR C 101 1.57 6.27 -8.80
N LYS C 102 1.14 5.62 -7.74
CA LYS C 102 1.33 6.19 -6.37
C LYS C 102 2.24 5.28 -5.55
N VAL C 103 3.25 5.83 -4.92
CA VAL C 103 4.18 5.01 -4.09
C VAL C 103 4.40 5.67 -2.72
N LEU C 104 4.83 4.91 -1.74
CA LEU C 104 5.05 5.48 -0.38
C LEU C 104 6.44 5.07 0.12
N GLU C 105 7.37 6.00 0.13
CA GLU C 105 8.75 5.69 0.60
C GLU C 105 8.80 5.81 2.13
N ILE C 106 8.61 4.70 2.82
CA ILE C 106 8.63 4.72 4.33
C ILE C 106 9.93 4.07 4.83
N PRO C 107 10.82 4.89 5.36
CA PRO C 107 12.12 4.41 5.88
C PRO C 107 11.95 3.73 7.24
N LEU C 108 12.89 2.88 7.61
CA LEU C 108 12.80 2.17 8.92
C LEU C 108 13.95 2.61 9.83
N LEU C 109 13.67 2.93 11.07
CA LEU C 109 14.73 3.37 12.01
C LEU C 109 15.64 2.17 12.37
N PRO C 110 16.70 2.44 13.10
CA PRO C 110 17.68 1.41 13.50
C PRO C 110 17.13 0.47 14.58
N GLU C 111 17.01 0.93 15.80
CA GLU C 111 16.50 0.05 16.90
C GLU C 111 15.11 0.52 17.34
N ASN C 112 14.17 0.53 16.43
CA ASN C 112 12.78 0.93 16.79
C ASN C 112 11.89 -0.32 16.65
N SER C 113 12.45 -1.48 16.93
CA SER C 113 11.68 -2.76 16.81
C SER C 113 11.19 -2.93 15.37
N MET C 114 11.81 -2.25 14.42
CA MET C 114 11.38 -2.36 12.99
C MET C 114 9.85 -2.25 12.90
N ARG C 115 9.30 -1.20 13.47
CA ARG C 115 7.82 -1.03 13.48
C ARG C 115 7.37 -0.02 12.41
N ALA C 116 6.24 -0.29 11.82
CA ALA C 116 5.67 0.62 10.77
C ALA C 116 4.15 0.38 10.68
N VAL C 117 3.40 0.92 11.62
CA VAL C 117 1.93 0.73 11.62
C VAL C 117 1.27 1.69 10.61
N ILE C 118 0.20 1.26 9.98
CA ILE C 118 -0.48 2.12 8.97
C ILE C 118 -1.86 2.55 9.49
N ASP C 119 -1.99 3.80 9.84
CA ASP C 119 -3.29 4.34 10.33
C ASP C 119 -3.34 5.86 10.02
N CYS C 120 -2.66 6.29 8.99
CA CYS C 120 -2.64 7.75 8.64
C CYS C 120 -2.86 7.95 7.12
N ALA C 121 -3.42 6.97 6.45
CA ALA C 121 -3.68 7.11 4.99
C ALA C 121 -5.15 6.81 4.72
N GLY C 122 -5.83 7.69 4.03
CA GLY C 122 -7.28 7.45 3.74
C GLY C 122 -7.43 6.86 2.34
N ILE C 123 -8.62 6.83 1.81
CA ILE C 123 -8.84 6.25 0.46
C ILE C 123 -9.85 7.10 -0.32
N LEU C 124 -9.52 7.45 -1.54
CA LEU C 124 -10.44 8.27 -2.38
C LEU C 124 -10.92 7.39 -3.55
N LYS C 125 -12.16 7.50 -3.92
CA LYS C 125 -12.68 6.66 -5.04
C LYS C 125 -12.41 7.36 -6.36
N LEU C 126 -11.99 6.62 -7.36
CA LEU C 126 -11.68 7.24 -8.68
C LEU C 126 -12.94 7.26 -9.52
N ARG C 127 -13.59 8.40 -9.63
CA ARG C 127 -14.83 8.50 -10.45
C ARG C 127 -14.60 7.82 -11.83
N ASN C 128 -15.10 6.61 -11.98
CA ASN C 128 -14.90 5.84 -13.26
C ASN C 128 -15.29 6.69 -14.48
N SER C 129 -16.44 7.35 -14.43
CA SER C 129 -16.87 8.20 -15.59
C SER C 129 -15.75 9.19 -15.95
N ASP C 130 -15.14 9.82 -14.96
CA ASP C 130 -14.03 10.78 -15.24
C ASP C 130 -12.83 10.02 -15.84
N ILE C 131 -12.63 8.79 -15.45
CA ILE C 131 -11.49 7.98 -16.01
C ILE C 131 -11.90 7.35 -17.35
N GLU C 132 -13.17 7.48 -17.73
CA GLU C 132 -13.65 6.91 -19.02
C GLU C 132 -13.25 7.87 -20.14
N LEU C 133 -13.42 9.15 -19.91
CA LEU C 133 -13.05 10.18 -20.92
C LEU C 133 -11.51 10.33 -20.97
N ARG C 134 -10.80 9.76 -20.01
CA ARG C 134 -9.30 9.86 -19.98
C ARG C 134 -8.71 9.39 -21.33
N LYS C 135 -9.26 8.34 -21.89
CA LYS C 135 -8.79 7.80 -23.22
C LYS C 135 -7.33 7.31 -23.17
N GLY C 136 -7.03 6.29 -23.97
CA GLY C 136 -5.65 5.72 -24.04
C GLY C 136 -5.31 4.94 -22.78
N GLU C 137 -5.19 5.62 -21.66
CA GLU C 137 -4.85 4.96 -20.38
C GLU C 137 -5.84 3.83 -20.09
N THR C 138 -5.42 2.90 -19.27
CA THR C 138 -6.31 1.76 -18.90
C THR C 138 -6.48 1.77 -17.37
N ASP C 139 -6.54 2.94 -16.79
CA ASP C 139 -6.71 3.08 -15.31
C ASP C 139 -8.15 2.66 -14.97
N ILE C 140 -8.57 2.85 -13.74
CA ILE C 140 -9.97 2.45 -13.33
C ILE C 140 -10.99 3.09 -14.31
N GLY C 141 -11.27 2.42 -15.41
CA GLY C 141 -12.22 2.97 -16.43
C GLY C 141 -13.65 2.92 -15.89
N ARG C 142 -14.40 1.90 -16.25
CA ARG C 142 -15.81 1.78 -15.75
C ARG C 142 -16.10 0.35 -15.26
N LYS C 143 -15.25 -0.61 -15.55
CA LYS C 143 -15.50 -2.02 -15.10
C LYS C 143 -14.36 -2.51 -14.20
N ASN C 144 -13.59 -1.61 -13.60
CA ASN C 144 -12.46 -2.04 -12.73
C ASN C 144 -12.39 -1.17 -11.46
N THR C 145 -13.32 -1.36 -10.54
CA THR C 145 -13.31 -0.58 -9.27
C THR C 145 -12.52 -1.35 -8.21
N ARG C 146 -11.29 -1.75 -8.52
CA ARG C 146 -10.47 -2.51 -7.54
C ARG C 146 -8.98 -2.28 -7.80
N VAL C 147 -8.23 -1.92 -6.79
CA VAL C 147 -6.75 -1.68 -6.96
C VAL C 147 -5.97 -2.68 -6.09
N ARG C 148 -4.67 -2.84 -6.32
CA ARG C 148 -3.88 -3.81 -5.50
C ARG C 148 -2.64 -3.15 -4.89
N LEU C 149 -2.22 -3.61 -3.73
CA LEU C 149 -1.02 -3.03 -3.05
C LEU C 149 0.19 -3.95 -3.20
N VAL C 150 1.36 -3.38 -3.44
CA VAL C 150 2.60 -4.20 -3.58
C VAL C 150 3.73 -3.56 -2.75
N PHE C 151 4.05 -4.15 -1.61
CA PHE C 151 5.13 -3.57 -0.75
C PHE C 151 6.49 -4.07 -1.23
N ARG C 152 7.49 -3.20 -1.32
CA ARG C 152 8.84 -3.64 -1.78
C ARG C 152 9.94 -2.96 -0.97
N VAL C 153 10.85 -3.73 -0.42
CA VAL C 153 11.98 -3.15 0.37
C VAL C 153 13.30 -3.43 -0.36
N HIS C 154 14.30 -2.64 -0.10
CA HIS C 154 15.62 -2.84 -0.77
C HIS C 154 16.76 -2.54 0.23
N VAL C 155 17.32 -3.55 0.83
CA VAL C 155 18.44 -3.34 1.79
C VAL C 155 19.68 -4.09 1.28
N PRO C 156 20.67 -3.31 0.85
CA PRO C 156 21.92 -3.86 0.30
C PRO C 156 22.83 -4.40 1.42
N GLN C 157 23.21 -5.65 1.33
CA GLN C 157 24.09 -6.26 2.37
C GLN C 157 25.55 -5.91 2.07
N PRO C 158 26.26 -5.41 3.06
CA PRO C 158 27.67 -5.03 2.91
C PRO C 158 28.55 -6.30 2.92
N SER C 159 28.48 -7.06 1.85
CA SER C 159 29.28 -8.32 1.75
C SER C 159 29.25 -8.80 0.29
N GLY C 160 28.07 -8.96 -0.27
CA GLY C 160 27.96 -9.43 -1.69
C GLY C 160 26.58 -10.04 -1.94
N ARG C 161 25.54 -9.29 -1.69
CA ARG C 161 24.14 -9.79 -1.90
C ARG C 161 23.14 -8.72 -1.48
N THR C 162 22.13 -8.48 -2.29
CA THR C 162 21.10 -7.43 -1.95
C THR C 162 19.85 -8.11 -1.39
N LEU C 163 19.26 -7.53 -0.37
CA LEU C 163 18.03 -8.11 0.24
C LEU C 163 16.80 -7.30 -0.21
N SER C 164 16.15 -7.75 -1.26
CA SER C 164 14.94 -7.02 -1.76
C SER C 164 13.69 -7.85 -1.49
N LEU C 165 12.62 -7.22 -1.08
CA LEU C 165 11.36 -7.98 -0.78
C LEU C 165 10.20 -7.48 -1.66
N GLN C 166 9.14 -8.27 -1.76
CA GLN C 166 7.96 -7.88 -2.59
C GLN C 166 6.69 -8.55 -2.04
N VAL C 167 5.91 -7.83 -1.27
CA VAL C 167 4.66 -8.40 -0.70
C VAL C 167 3.45 -7.85 -1.48
N ALA C 168 2.31 -8.49 -1.35
CA ALA C 168 1.09 -8.02 -2.07
C ALA C 168 -0.08 -7.95 -1.08
N SER C 169 -0.59 -6.77 -0.83
CA SER C 169 -1.74 -6.62 0.13
C SER C 169 -3.05 -6.90 -0.63
N ASN C 170 -4.12 -7.12 0.11
CA ASN C 170 -5.44 -7.38 -0.53
C ASN C 170 -5.84 -6.18 -1.42
N PRO C 171 -6.63 -6.46 -2.43
CA PRO C 171 -7.10 -5.44 -3.39
C PRO C 171 -8.19 -4.55 -2.76
N ILE C 172 -8.04 -3.24 -2.90
CA ILE C 172 -9.05 -2.29 -2.34
C ILE C 172 -10.26 -2.28 -3.27
N GLU C 173 -11.45 -2.48 -2.73
CA GLU C 173 -12.68 -2.48 -3.57
C GLU C 173 -13.75 -1.58 -2.95
N CYS C 174 -14.28 -0.65 -3.69
CA CYS C 174 -15.33 0.26 -3.16
C CYS C 174 -16.72 -0.18 -3.65
N SER C 175 -16.80 -0.74 -4.84
CA SER C 175 -18.12 -1.21 -5.38
C SER C 175 -18.70 -2.29 -4.46
N GLN C 176 -19.97 -2.18 -4.11
CA GLN C 176 -20.61 -3.19 -3.21
C GLN C 176 -21.33 -4.26 -4.05
N ARG C 177 -21.79 -3.91 -5.23
CA ARG C 177 -22.50 -4.89 -6.09
C ARG C 177 -21.48 -5.78 -6.81
N SER C 178 -21.71 -7.07 -6.82
CA SER C 178 -20.76 -8.02 -7.49
C SER C 178 -20.76 -7.78 -9.00
N MET C 1 -6.93 -18.29 15.02
CA MET C 1 -5.93 -17.18 15.17
C MET C 1 -5.19 -16.94 13.84
N LYS C 2 -4.98 -17.98 13.07
CA LYS C 2 -4.27 -17.83 11.76
C LYS C 2 -5.26 -17.40 10.68
N ASP C 3 -5.09 -16.22 10.13
CA ASP C 3 -6.01 -15.74 9.05
C ASP C 3 -5.19 -15.32 7.83
N TRP C 4 -4.70 -16.29 7.08
CA TRP C 4 -3.88 -15.99 5.87
C TRP C 4 -2.59 -15.27 6.28
N GLN C 5 -1.71 -15.99 6.91
CA GLN C 5 -0.41 -15.39 7.36
C GLN C 5 0.74 -16.36 7.05
N LEU C 6 1.05 -16.50 5.78
CA LEU C 6 2.16 -17.42 5.37
C LEU C 6 3.50 -16.72 5.59
N PRO C 7 4.55 -17.52 5.71
CA PRO C 7 5.91 -17.02 5.91
C PRO C 7 6.47 -16.43 4.60
N SER C 8 7.05 -17.26 3.76
CA SER C 8 7.62 -16.76 2.46
C SER C 8 8.76 -15.76 2.72
N HIS C 9 9.32 -15.80 3.90
CA HIS C 9 10.44 -14.86 4.28
C HIS C 9 11.60 -14.95 3.27
N SER C 10 12.55 -14.06 3.38
CA SER C 10 13.73 -14.09 2.47
C SER C 10 14.96 -14.51 3.29
N GLY C 11 14.97 -15.75 3.73
CA GLY C 11 16.12 -16.26 4.54
C GLY C 11 15.81 -16.06 6.04
N PRO C 12 16.78 -15.52 6.75
CA PRO C 12 16.65 -15.26 8.21
C PRO C 12 15.85 -13.98 8.49
N TYR C 13 15.52 -13.20 7.47
CA TYR C 13 14.75 -11.93 7.70
C TYR C 13 13.36 -12.04 7.06
N GLU C 14 12.40 -11.31 7.57
CA GLU C 14 11.01 -11.38 7.00
C GLU C 14 10.31 -10.02 7.05
N LEU C 15 10.01 -9.46 5.90
CA LEU C 15 9.29 -8.14 5.85
C LEU C 15 7.83 -8.43 5.45
N ARG C 16 6.94 -8.46 6.41
CA ARG C 16 5.50 -8.75 6.08
C ARG C 16 4.56 -7.81 6.85
N ILE C 17 3.28 -7.89 6.56
CA ILE C 17 2.27 -7.01 7.24
C ILE C 17 1.76 -7.70 8.50
N GLU C 18 1.76 -7.00 9.61
CA GLU C 18 1.28 -7.58 10.89
C GLU C 18 -0.26 -7.66 10.87
N VAL C 19 -0.96 -6.78 11.57
CA VAL C 19 -2.46 -6.85 11.58
C VAL C 19 -2.97 -6.67 10.14
N GLN C 20 -3.60 -7.69 9.59
CA GLN C 20 -4.12 -7.59 8.19
C GLN C 20 -5.65 -7.49 8.21
N PRO C 21 -6.17 -6.39 7.71
CA PRO C 21 -7.62 -6.14 7.64
C PRO C 21 -8.24 -6.94 6.47
N LYS C 22 -9.39 -6.53 5.99
CA LYS C 22 -10.05 -7.26 4.85
C LYS C 22 -9.55 -6.72 3.50
N SER C 23 -9.96 -7.34 2.43
CA SER C 23 -9.54 -6.90 1.07
C SER C 23 -10.68 -6.08 0.40
N HIS C 24 -11.35 -5.26 1.15
CA HIS C 24 -12.46 -4.44 0.55
C HIS C 24 -12.69 -3.16 1.37
N HIS C 25 -12.02 -2.10 1.01
CA HIS C 25 -12.21 -0.80 1.75
C HIS C 25 -13.27 0.02 1.03
N ARG C 26 -14.19 0.59 1.75
CA ARG C 26 -15.24 1.42 1.07
C ARG C 26 -14.64 2.80 0.79
N ALA C 27 -13.84 2.89 -0.24
CA ALA C 27 -13.21 4.21 -0.60
C ALA C 27 -14.31 5.18 -1.02
N ARG C 28 -14.29 6.38 -0.47
CA ARG C 28 -15.36 7.38 -0.81
C ARG C 28 -15.06 8.06 -2.17
N TYR C 29 -15.43 9.30 -2.32
CA TYR C 29 -15.22 10.03 -3.62
C TYR C 29 -14.51 11.35 -3.37
N GLU C 30 -14.13 12.03 -4.43
CA GLU C 30 -13.48 13.36 -4.30
C GLU C 30 -14.59 14.43 -4.22
N THR C 31 -15.83 14.04 -4.48
CA THR C 31 -16.97 15.01 -4.44
C THR C 31 -17.79 14.84 -3.14
N GLU C 32 -17.70 13.70 -2.48
CA GLU C 32 -18.50 13.50 -1.22
C GLU C 32 -17.61 13.66 0.03
N GLY C 33 -16.46 14.26 -0.13
CA GLY C 33 -15.55 14.47 1.04
C GLY C 33 -14.52 13.33 1.10
N SER C 34 -13.91 13.15 2.25
CA SER C 34 -12.88 12.07 2.39
C SER C 34 -13.17 11.20 3.62
N ARG C 35 -12.62 10.02 3.65
CA ARG C 35 -12.82 9.10 4.82
C ARG C 35 -11.50 8.41 5.15
N GLY C 36 -11.51 7.46 6.07
CA GLY C 36 -10.25 6.75 6.44
C GLY C 36 -10.19 5.38 5.76
N ALA C 37 -9.01 4.94 5.39
CA ALA C 37 -8.86 3.61 4.73
C ALA C 37 -8.57 2.55 5.81
N VAL C 38 -9.30 2.61 6.90
CA VAL C 38 -9.08 1.63 8.00
C VAL C 38 -10.39 0.85 8.22
N LYS C 39 -10.86 0.21 7.18
CA LYS C 39 -12.14 -0.57 7.27
C LYS C 39 -11.88 -2.08 7.21
N ALA C 40 -12.53 -2.81 8.07
CA ALA C 40 -12.38 -4.30 8.10
C ALA C 40 -13.32 -4.87 9.17
N SER C 41 -13.57 -6.17 9.12
CA SER C 41 -14.48 -6.82 10.12
C SER C 41 -14.11 -6.40 11.55
N ALA C 42 -12.83 -6.35 11.84
CA ALA C 42 -12.38 -5.94 13.21
C ALA C 42 -12.05 -4.44 13.18
N GLY C 43 -10.92 -4.01 13.71
CA GLY C 43 -10.56 -2.56 13.69
C GLY C 43 -10.47 -2.09 12.24
N GLY C 44 -9.66 -2.77 11.46
CA GLY C 44 -9.50 -2.40 10.01
C GLY C 44 -8.20 -1.64 9.76
N HIS C 45 -7.28 -1.63 10.70
CA HIS C 45 -6.00 -0.90 10.49
C HIS C 45 -4.89 -1.91 10.16
N PRO C 46 -4.37 -1.81 8.95
CA PRO C 46 -3.29 -2.69 8.48
C PRO C 46 -1.95 -2.23 9.02
N ILE C 47 -1.04 -3.15 9.25
CA ILE C 47 0.30 -2.76 9.78
C ILE C 47 1.41 -3.37 8.94
N VAL C 48 2.60 -2.85 9.08
CA VAL C 48 3.77 -3.37 8.31
C VAL C 48 4.96 -3.50 9.26
N GLN C 49 5.36 -4.70 9.58
CA GLN C 49 6.49 -4.88 10.52
C GLN C 49 7.55 -5.82 9.93
N LEU C 50 8.79 -5.39 9.93
CA LEU C 50 9.90 -6.23 9.38
C LEU C 50 10.68 -6.86 10.55
N HIS C 51 11.01 -8.13 10.43
CA HIS C 51 11.77 -8.81 11.51
C HIS C 51 12.92 -9.61 10.89
N GLY C 52 14.10 -9.04 10.86
CA GLY C 52 15.26 -9.77 10.27
C GLY C 52 16.51 -8.89 10.38
N TYR C 53 16.52 -7.75 9.74
CA TYR C 53 17.70 -6.85 9.81
C TYR C 53 17.93 -6.36 11.25
N LEU C 54 19.03 -6.76 11.85
CA LEU C 54 19.33 -6.33 13.26
C LEU C 54 20.65 -5.54 13.30
N GLU C 55 21.22 -5.22 12.16
CA GLU C 55 22.50 -4.45 12.13
C GLU C 55 22.21 -2.96 12.34
N ASN C 56 23.24 -2.14 12.43
CA ASN C 56 23.04 -0.68 12.65
C ASN C 56 22.80 0.04 11.31
N GLU C 57 22.71 -0.69 10.23
CA GLU C 57 22.46 -0.05 8.90
C GLU C 57 20.98 0.36 8.80
N PRO C 58 20.74 1.57 8.37
CA PRO C 58 19.37 2.11 8.23
C PRO C 58 18.69 1.52 6.99
N LEU C 59 17.42 1.83 6.81
CA LEU C 59 16.67 1.28 5.63
C LEU C 59 15.72 2.36 5.09
N MET C 60 15.38 2.29 3.83
CA MET C 60 14.46 3.29 3.22
C MET C 60 13.36 2.55 2.46
N LEU C 61 12.45 1.93 3.16
CA LEU C 61 11.36 1.18 2.49
C LEU C 61 10.59 2.08 1.50
N GLN C 62 10.29 1.55 0.34
CA GLN C 62 9.55 2.34 -0.68
C GLN C 62 8.20 1.65 -0.94
N LEU C 63 7.19 2.42 -1.19
CA LEU C 63 5.84 1.86 -1.44
C LEU C 63 5.54 1.92 -2.95
N PHE C 64 4.76 1.00 -3.44
CA PHE C 64 4.42 0.98 -4.89
C PHE C 64 3.05 0.33 -5.08
N ILE C 65 2.06 1.09 -5.45
CA ILE C 65 0.70 0.51 -5.66
C ILE C 65 0.61 -0.09 -7.08
N GLY C 66 -0.51 -0.68 -7.41
CA GLY C 66 -0.69 -1.27 -8.77
C GLY C 66 -2.10 -1.85 -8.88
N THR C 67 -2.86 -1.36 -9.83
CA THR C 67 -4.28 -1.84 -10.03
C THR C 67 -4.37 -3.37 -9.89
N ALA C 68 -5.54 -3.85 -9.53
CA ALA C 68 -5.75 -5.32 -9.33
C ALA C 68 -6.05 -5.99 -10.67
N ASP C 69 -5.02 -6.27 -11.42
CA ASP C 69 -5.21 -6.94 -12.76
C ASP C 69 -5.04 -8.47 -12.60
N ASP C 70 -4.98 -9.19 -13.71
CA ASP C 70 -4.83 -10.68 -13.65
C ASP C 70 -3.34 -11.03 -13.58
N ARG C 71 -2.58 -10.69 -14.59
CA ARG C 71 -1.12 -10.98 -14.59
C ARG C 71 -0.39 -9.77 -13.97
N LEU C 72 0.67 -9.28 -14.59
CA LEU C 72 1.40 -8.11 -14.03
C LEU C 72 0.41 -6.97 -13.75
N LEU C 73 0.58 -6.29 -12.65
CA LEU C 73 -0.35 -5.17 -12.30
C LEU C 73 -0.31 -4.08 -13.38
N ARG C 74 -1.28 -3.20 -13.37
CA ARG C 74 -1.33 -2.10 -14.37
C ARG C 74 -0.93 -0.78 -13.70
N PRO C 75 -0.91 0.30 -14.48
CA PRO C 75 -0.55 1.62 -13.94
C PRO C 75 -1.67 2.13 -13.04
N HIS C 76 -1.33 2.38 -11.80
CA HIS C 76 -2.33 2.85 -10.78
C HIS C 76 -3.31 3.87 -11.36
N ALA C 77 -4.54 3.83 -10.88
CA ALA C 77 -5.58 4.77 -11.37
C ALA C 77 -5.48 6.13 -10.62
N PHE C 78 -6.23 6.32 -9.55
CA PHE C 78 -6.18 7.64 -8.82
C PHE C 78 -6.52 7.46 -7.33
N TYR C 79 -6.03 6.42 -6.68
CA TYR C 79 -6.36 6.25 -5.22
C TYR C 79 -5.54 7.25 -4.39
N GLN C 80 -5.83 8.51 -4.53
CA GLN C 80 -5.08 9.56 -3.77
C GLN C 80 -5.68 9.73 -2.35
N VAL C 81 -5.14 10.63 -1.56
CA VAL C 81 -5.65 10.83 -0.17
C VAL C 81 -5.90 12.33 0.09
N HIS C 82 -6.81 12.62 0.98
CA HIS C 82 -7.12 14.03 1.32
C HIS C 82 -6.76 14.30 2.80
N ARG C 83 -7.71 14.17 3.70
CA ARG C 83 -7.40 14.41 5.15
C ARG C 83 -7.98 13.27 6.00
N ILE C 84 -7.15 12.65 6.79
CA ILE C 84 -7.63 11.53 7.67
C ILE C 84 -6.74 11.47 8.91
N THR C 85 -7.01 12.32 9.87
CA THR C 85 -6.19 12.36 11.12
C THR C 85 -7.12 12.24 12.35
N GLY C 86 -7.94 11.23 12.36
CA GLY C 86 -8.91 11.01 13.49
C GLY C 86 -8.22 11.21 14.84
N LYS C 87 -7.05 10.64 15.02
CA LYS C 87 -6.30 10.80 16.29
C LYS C 87 -4.96 11.45 15.96
N THR C 88 -3.92 10.67 15.74
CA THR C 88 -2.58 11.24 15.37
C THR C 88 -1.53 10.12 15.43
N VAL C 89 -1.11 9.66 14.28
CA VAL C 89 -0.11 8.55 14.23
C VAL C 89 1.22 9.09 13.67
N SER C 90 2.02 9.71 14.51
CA SER C 90 3.34 10.26 14.06
C SER C 90 4.18 9.15 13.41
N THR C 91 3.96 7.92 13.80
CA THR C 91 4.74 6.77 13.22
C THR C 91 4.55 6.72 11.69
N THR C 92 3.34 6.90 11.22
CA THR C 92 3.09 6.85 9.73
C THR C 92 3.96 7.89 9.01
N SER C 93 4.34 7.63 7.77
CA SER C 93 5.21 8.58 7.02
C SER C 93 4.40 9.40 5.99
N HIS C 94 5.08 10.03 5.06
CA HIS C 94 4.41 10.87 4.02
C HIS C 94 4.14 10.04 2.75
N GLU C 95 3.12 10.41 2.00
CA GLU C 95 2.80 9.66 0.74
C GLU C 95 3.31 10.44 -0.48
N ALA C 96 3.92 9.77 -1.41
CA ALA C 96 4.45 10.44 -2.63
C ALA C 96 3.53 10.14 -3.81
N ILE C 97 2.89 11.15 -4.35
CA ILE C 97 1.97 10.93 -5.50
C ILE C 97 2.71 11.24 -6.82
N LEU C 98 2.55 10.39 -7.80
CA LEU C 98 3.22 10.59 -9.12
C LEU C 98 2.16 10.86 -10.20
N SER C 99 2.57 11.37 -11.35
CA SER C 99 1.61 11.67 -12.46
C SER C 99 0.74 10.44 -12.77
N ASN C 100 -0.42 10.36 -12.15
CA ASN C 100 -1.34 9.20 -12.38
C ASN C 100 -0.77 7.94 -11.70
N THR C 101 -0.16 8.12 -10.55
CA THR C 101 0.44 6.97 -9.79
C THR C 101 0.46 7.31 -8.30
N LYS C 102 0.47 6.31 -7.45
CA LYS C 102 0.47 6.58 -5.98
C LYS C 102 1.53 5.73 -5.28
N VAL C 103 2.47 6.38 -4.63
CA VAL C 103 3.55 5.63 -3.90
C VAL C 103 3.78 6.27 -2.52
N LEU C 104 4.68 5.73 -1.75
CA LEU C 104 4.98 6.27 -0.39
C LEU C 104 6.43 5.98 -0.04
N GLU C 105 7.15 6.96 0.44
CA GLU C 105 8.58 6.75 0.81
C GLU C 105 8.72 6.83 2.33
N ILE C 106 9.00 5.73 2.99
CA ILE C 106 9.13 5.77 4.47
C ILE C 106 10.45 5.10 4.90
N PRO C 107 11.24 5.85 5.64
CA PRO C 107 12.54 5.37 6.15
C PRO C 107 12.33 4.47 7.37
N LEU C 108 12.92 3.30 7.36
CA LEU C 108 12.75 2.36 8.51
C LEU C 108 13.75 2.75 9.61
N LEU C 109 13.25 3.08 10.78
CA LEU C 109 14.14 3.49 11.91
C LEU C 109 14.95 2.28 12.39
N PRO C 110 15.92 2.54 13.25
CA PRO C 110 16.82 1.51 13.80
C PRO C 110 16.13 0.61 14.82
N GLU C 111 15.88 1.10 16.01
CA GLU C 111 15.23 0.26 17.06
C GLU C 111 13.82 0.78 17.38
N ASN C 112 12.98 0.83 16.38
CA ASN C 112 11.57 1.28 16.61
C ASN C 112 10.67 0.05 16.44
N SER C 113 11.18 -1.12 16.81
CA SER C 113 10.41 -2.39 16.67
C SER C 113 10.02 -2.59 15.20
N MET C 114 10.70 -1.92 14.28
CA MET C 114 10.38 -2.04 12.82
C MET C 114 8.85 -1.96 12.64
N ARG C 115 8.26 -0.89 13.12
CA ARG C 115 6.76 -0.76 13.02
C ARG C 115 6.38 0.27 11.96
N ALA C 116 5.27 0.01 11.30
CA ALA C 116 4.76 0.93 10.24
C ALA C 116 3.25 0.69 10.09
N VAL C 117 2.46 1.19 11.01
CA VAL C 117 0.98 0.98 10.96
C VAL C 117 0.32 2.02 10.05
N ILE C 118 -0.75 1.65 9.39
CA ILE C 118 -1.46 2.59 8.48
C ILE C 118 -2.68 3.17 9.22
N ASP C 119 -2.55 4.38 9.72
CA ASP C 119 -3.69 5.01 10.45
C ASP C 119 -3.73 6.52 10.14
N CYS C 120 -3.29 6.90 8.96
CA CYS C 120 -3.28 8.34 8.56
C CYS C 120 -3.42 8.44 7.04
N ALA C 121 -4.13 7.51 6.44
CA ALA C 121 -4.33 7.52 4.96
C ALA C 121 -5.77 7.16 4.64
N GLY C 122 -6.45 7.98 3.88
CA GLY C 122 -7.87 7.70 3.52
C GLY C 122 -7.93 7.06 2.13
N ILE C 123 -8.87 6.18 1.93
CA ILE C 123 -8.98 5.51 0.60
C ILE C 123 -10.08 6.18 -0.24
N LEU C 124 -9.73 6.58 -1.44
CA LEU C 124 -10.72 7.27 -2.33
C LEU C 124 -11.00 6.39 -3.56
N LYS C 125 -12.21 6.41 -4.07
CA LYS C 125 -12.56 5.58 -5.27
C LYS C 125 -12.27 6.39 -6.54
N LEU C 126 -11.98 5.71 -7.63
CA LEU C 126 -11.67 6.44 -8.90
C LEU C 126 -12.91 6.44 -9.80
N ARG C 127 -13.67 7.52 -9.80
CA ARG C 127 -14.90 7.60 -10.66
C ARG C 127 -14.54 7.12 -12.09
N ASN C 128 -15.12 6.03 -12.52
CA ASN C 128 -14.83 5.46 -13.88
C ASN C 128 -15.36 6.38 -14.99
N SER C 129 -16.67 6.47 -15.12
CA SER C 129 -17.33 7.30 -16.19
C SER C 129 -16.53 8.56 -16.57
N ASP C 130 -16.24 9.41 -15.61
CA ASP C 130 -15.48 10.67 -15.93
C ASP C 130 -13.99 10.37 -16.16
N ILE C 131 -13.45 9.40 -15.45
CA ILE C 131 -12.01 9.06 -15.64
C ILE C 131 -11.81 8.28 -16.96
N GLU C 132 -12.88 7.94 -17.64
CA GLU C 132 -12.78 7.19 -18.93
C GLU C 132 -12.61 8.18 -20.09
N LEU C 133 -13.55 9.08 -20.28
CA LEU C 133 -13.45 10.05 -21.41
C LEU C 133 -12.42 11.17 -21.10
N ARG C 134 -11.92 11.26 -19.88
CA ARG C 134 -10.93 12.31 -19.55
C ARG C 134 -9.61 11.99 -20.24
N LYS C 135 -9.38 12.62 -21.37
CA LYS C 135 -8.13 12.39 -22.15
C LYS C 135 -6.92 12.46 -21.20
N GLY C 136 -6.38 11.32 -20.87
CA GLY C 136 -5.21 11.27 -19.95
C GLY C 136 -4.59 9.89 -20.01
N GLU C 137 -5.20 8.93 -19.37
CA GLU C 137 -4.65 7.55 -19.36
C GLU C 137 -5.69 6.53 -19.88
N THR C 138 -5.34 5.26 -19.83
CA THR C 138 -6.24 4.18 -20.30
C THR C 138 -5.90 2.89 -19.54
N ASP C 139 -6.37 2.78 -18.32
CA ASP C 139 -6.08 1.55 -17.50
C ASP C 139 -7.13 1.41 -16.40
N ILE C 140 -8.38 1.60 -16.77
CA ILE C 140 -9.50 1.50 -15.79
C ILE C 140 -10.78 1.04 -16.52
N GLY C 141 -11.92 1.62 -16.24
CA GLY C 141 -13.18 1.20 -16.91
C GLY C 141 -14.34 1.17 -15.91
N ARG C 142 -15.55 1.19 -16.41
CA ARG C 142 -16.75 1.15 -15.51
C ARG C 142 -16.83 -0.21 -14.78
N LYS C 143 -16.09 -1.19 -15.24
CA LYS C 143 -16.08 -2.51 -14.56
C LYS C 143 -14.69 -2.75 -13.97
N ASN C 144 -14.01 -1.69 -13.60
CA ASN C 144 -12.64 -1.82 -13.03
C ASN C 144 -12.55 -1.03 -11.71
N THR C 145 -13.15 -1.56 -10.67
CA THR C 145 -13.12 -0.86 -9.34
C THR C 145 -12.29 -1.70 -8.36
N ARG C 146 -11.02 -1.88 -8.63
CA ARG C 146 -10.16 -2.71 -7.71
C ARG C 146 -8.67 -2.39 -7.94
N VAL C 147 -7.93 -2.16 -6.88
CA VAL C 147 -6.46 -1.88 -7.02
C VAL C 147 -5.65 -2.80 -6.10
N ARG C 148 -4.33 -2.74 -6.14
CA ARG C 148 -3.49 -3.64 -5.29
C ARG C 148 -2.27 -2.90 -4.73
N LEU C 149 -1.92 -3.14 -3.49
CA LEU C 149 -0.73 -2.45 -2.89
C LEU C 149 0.51 -3.32 -3.01
N VAL C 150 1.64 -2.75 -3.33
CA VAL C 150 2.90 -3.55 -3.44
C VAL C 150 4.01 -2.85 -2.63
N PHE C 151 4.49 -3.48 -1.59
CA PHE C 151 5.55 -2.85 -0.75
C PHE C 151 6.92 -3.38 -1.18
N ARG C 152 7.92 -2.52 -1.30
CA ARG C 152 9.27 -2.98 -1.73
C ARG C 152 10.36 -2.38 -0.83
N VAL C 153 11.21 -3.22 -0.29
CA VAL C 153 12.31 -2.72 0.59
C VAL C 153 13.66 -3.05 -0.04
N HIS C 154 14.69 -2.29 0.28
CA HIS C 154 16.04 -2.54 -0.29
C HIS C 154 17.12 -2.21 0.75
N VAL C 155 17.52 -3.19 1.54
CA VAL C 155 18.57 -2.94 2.56
C VAL C 155 19.83 -3.75 2.16
N PRO C 156 20.97 -3.09 2.19
CA PRO C 156 22.26 -3.70 1.81
C PRO C 156 22.75 -4.66 2.90
N GLN C 157 22.91 -5.92 2.55
CA GLN C 157 23.39 -6.94 3.53
C GLN C 157 24.88 -7.21 3.29
N PRO C 158 25.65 -7.24 4.37
CA PRO C 158 27.10 -7.48 4.31
C PRO C 158 27.39 -8.99 4.11
N SER C 159 27.29 -9.45 2.89
CA SER C 159 27.56 -10.89 2.60
C SER C 159 27.88 -11.07 1.11
N GLY C 160 26.87 -11.03 0.26
CA GLY C 160 27.11 -11.19 -1.22
C GLY C 160 25.80 -11.01 -1.98
N ARG C 161 24.96 -10.10 -1.53
CA ARG C 161 23.64 -9.85 -2.20
C ARG C 161 22.82 -8.88 -1.35
N THR C 162 22.20 -7.90 -1.96
CA THR C 162 21.40 -6.93 -1.18
C THR C 162 20.15 -7.63 -0.61
N LEU C 163 19.56 -7.03 0.37
CA LEU C 163 18.35 -7.63 1.01
C LEU C 163 17.11 -6.84 0.55
N SER C 164 16.51 -7.27 -0.54
CA SER C 164 15.30 -6.56 -1.06
C SER C 164 14.06 -7.45 -0.89
N LEU C 165 12.92 -6.86 -0.62
CA LEU C 165 11.68 -7.67 -0.43
C LEU C 165 10.53 -7.12 -1.28
N GLN C 166 9.67 -7.99 -1.76
CA GLN C 166 8.51 -7.55 -2.60
C GLN C 166 7.22 -8.15 -2.04
N VAL C 167 6.42 -7.35 -1.38
CA VAL C 167 5.13 -7.85 -0.82
C VAL C 167 3.97 -7.14 -1.49
N ALA C 168 2.78 -7.67 -1.38
CA ALA C 168 1.60 -7.02 -2.01
C ALA C 168 0.39 -7.18 -1.09
N SER C 169 -0.16 -6.08 -0.64
CA SER C 169 -1.35 -6.14 0.27
C SER C 169 -2.58 -6.60 -0.53
N ASN C 170 -3.64 -6.93 0.16
CA ASN C 170 -4.88 -7.38 -0.54
C ASN C 170 -5.35 -6.26 -1.47
N PRO C 171 -5.99 -6.64 -2.56
CA PRO C 171 -6.49 -5.68 -3.55
C PRO C 171 -7.66 -4.86 -2.99
N ILE C 172 -7.55 -3.55 -3.06
CA ILE C 172 -8.64 -2.67 -2.54
C ILE C 172 -9.90 -2.86 -3.37
N GLU C 173 -11.00 -3.21 -2.74
CA GLU C 173 -12.28 -3.41 -3.47
C GLU C 173 -13.30 -2.36 -3.00
N CYS C 174 -13.51 -1.34 -3.81
CA CYS C 174 -14.49 -0.28 -3.43
C CYS C 174 -15.75 -0.41 -4.29
N SER C 175 -16.63 -1.32 -3.92
CA SER C 175 -17.89 -1.53 -4.70
C SER C 175 -18.80 -2.49 -3.93
N GLN C 176 -20.10 -2.22 -3.90
CA GLN C 176 -21.03 -3.12 -3.17
C GLN C 176 -21.27 -4.40 -4.01
N ARG C 177 -20.83 -4.41 -5.25
CA ARG C 177 -21.00 -5.62 -6.11
C ARG C 177 -19.68 -5.92 -6.84
N SER C 178 -18.93 -6.87 -6.36
CA SER C 178 -17.64 -7.22 -7.03
C SER C 178 -17.91 -8.17 -8.21
N MET C 1 -4.33 -10.73 -2.72
CA MET C 1 -5.01 -12.05 -2.51
C MET C 1 -3.99 -13.07 -1.98
N LYS C 2 -4.42 -13.93 -1.09
CA LYS C 2 -3.50 -14.96 -0.52
C LYS C 2 -3.02 -15.91 -1.63
N ASP C 3 -1.84 -16.47 -1.48
CA ASP C 3 -1.31 -17.39 -2.52
C ASP C 3 -0.64 -18.60 -1.85
N TRP C 4 -0.94 -19.78 -2.33
CA TRP C 4 -0.33 -21.02 -1.77
C TRP C 4 0.81 -21.48 -2.71
N GLN C 5 1.51 -20.53 -3.31
CA GLN C 5 2.63 -20.89 -4.23
C GLN C 5 3.41 -19.62 -4.59
N LEU C 6 4.17 -19.11 -3.64
CA LEU C 6 4.98 -17.88 -3.89
C LEU C 6 5.68 -17.46 -2.58
N PRO C 7 6.99 -17.50 -2.60
CA PRO C 7 7.80 -17.12 -1.42
C PRO C 7 7.85 -15.60 -1.28
N SER C 8 8.79 -14.94 -1.92
CA SER C 8 8.92 -13.45 -1.82
C SER C 8 9.51 -13.04 -0.47
N HIS C 9 9.73 -13.99 0.41
CA HIS C 9 10.30 -13.68 1.76
C HIS C 9 11.46 -14.66 2.04
N SER C 10 12.20 -14.43 3.10
CA SER C 10 13.35 -15.34 3.43
C SER C 10 12.95 -16.27 4.58
N GLY C 11 13.84 -17.15 4.96
CA GLY C 11 13.55 -18.09 6.08
C GLY C 11 13.55 -17.31 7.41
N PRO C 12 14.69 -16.76 7.74
CA PRO C 12 14.88 -15.96 8.98
C PRO C 12 14.29 -14.56 8.80
N TYR C 13 14.19 -14.06 7.58
CA TYR C 13 13.64 -12.70 7.34
C TYR C 13 12.20 -12.81 6.83
N GLU C 14 11.41 -11.79 7.02
CA GLU C 14 9.99 -11.84 6.53
C GLU C 14 9.31 -10.47 6.72
N LEU C 15 9.03 -9.79 5.64
CA LEU C 15 8.35 -8.46 5.72
C LEU C 15 6.88 -8.64 5.33
N ARG C 16 6.04 -8.94 6.29
CA ARG C 16 4.59 -9.14 5.99
C ARG C 16 3.76 -8.09 6.72
N ILE C 17 2.57 -7.83 6.22
CA ILE C 17 1.66 -6.84 6.89
C ILE C 17 0.85 -7.56 7.97
N GLU C 18 0.86 -7.03 9.18
CA GLU C 18 0.10 -7.68 10.28
C GLU C 18 -1.41 -7.48 10.07
N VAL C 19 -2.04 -6.58 10.80
CA VAL C 19 -3.51 -6.37 10.62
C VAL C 19 -3.78 -5.92 9.18
N GLN C 20 -4.69 -6.58 8.51
CA GLN C 20 -5.00 -6.21 7.09
C GLN C 20 -6.37 -5.53 7.03
N PRO C 21 -6.52 -4.64 6.08
CA PRO C 21 -7.78 -3.90 5.86
C PRO C 21 -8.80 -4.81 5.16
N LYS C 22 -10.06 -4.44 5.17
CA LYS C 22 -11.09 -5.29 4.50
C LYS C 22 -10.74 -5.48 3.02
N SER C 23 -11.14 -6.59 2.45
CA SER C 23 -10.85 -6.82 1.00
C SER C 23 -11.76 -5.93 0.15
N HIS C 24 -12.66 -5.20 0.77
CA HIS C 24 -13.58 -4.29 0.02
C HIS C 24 -13.78 -3.02 0.83
N HIS C 25 -12.71 -2.35 1.18
CA HIS C 25 -12.82 -1.09 1.98
C HIS C 25 -13.68 -0.08 1.20
N ARG C 26 -14.21 0.92 1.86
CA ARG C 26 -15.04 1.94 1.13
C ARG C 26 -14.27 3.26 1.06
N ALA C 27 -13.98 3.72 -0.14
CA ALA C 27 -13.26 5.02 -0.30
C ALA C 27 -14.30 6.14 -0.44
N ARG C 28 -13.85 7.36 -0.68
CA ARG C 28 -14.82 8.48 -0.81
C ARG C 28 -14.51 9.31 -2.06
N TYR C 29 -15.52 9.52 -2.89
CA TYR C 29 -15.33 10.34 -4.13
C TYR C 29 -14.58 11.63 -3.81
N GLU C 30 -13.79 12.10 -4.75
CA GLU C 30 -13.07 13.39 -4.53
C GLU C 30 -14.12 14.51 -4.47
N THR C 31 -15.29 14.27 -5.03
CA THR C 31 -16.39 15.27 -4.99
C THR C 31 -17.23 15.01 -3.74
N GLU C 32 -17.17 13.79 -3.23
CA GLU C 32 -17.92 13.43 -1.99
C GLU C 32 -16.98 13.54 -0.79
N GLY C 33 -16.28 14.65 -0.68
CA GLY C 33 -15.32 14.85 0.45
C GLY C 33 -16.05 14.68 1.79
N SER C 34 -15.86 13.54 2.44
CA SER C 34 -16.53 13.31 3.75
C SER C 34 -15.54 12.68 4.74
N ARG C 35 -15.00 11.52 4.41
CA ARG C 35 -14.03 10.84 5.32
C ARG C 35 -12.96 10.12 4.48
N GLY C 36 -12.53 8.95 4.90
CA GLY C 36 -11.48 8.21 4.12
C GLY C 36 -11.59 6.71 4.40
N ALA C 37 -10.56 6.11 4.96
CA ALA C 37 -10.59 4.65 5.26
C ALA C 37 -9.55 4.30 6.32
N VAL C 38 -10.00 3.91 7.48
CA VAL C 38 -9.06 3.53 8.59
C VAL C 38 -9.75 2.48 9.49
N LYS C 39 -10.16 1.38 8.89
CA LYS C 39 -10.84 0.30 9.67
C LYS C 39 -10.77 -1.03 8.91
N ALA C 40 -11.22 -2.10 9.53
CA ALA C 40 -11.20 -3.43 8.86
C ALA C 40 -11.79 -4.49 9.80
N SER C 41 -12.13 -5.64 9.28
CA SER C 41 -12.73 -6.74 10.11
C SER C 41 -11.90 -6.93 11.40
N ALA C 42 -10.60 -6.75 11.33
CA ALA C 42 -9.75 -6.90 12.54
C ALA C 42 -9.92 -5.67 13.44
N GLY C 43 -8.84 -5.11 13.96
CA GLY C 43 -8.96 -3.90 14.85
C GLY C 43 -9.58 -2.75 14.05
N GLY C 44 -8.79 -2.05 13.29
CA GLY C 44 -9.32 -0.91 12.49
C GLY C 44 -8.17 -0.13 11.83
N HIS C 45 -7.21 -0.84 11.27
CA HIS C 45 -6.04 -0.16 10.61
C HIS C 45 -5.03 -1.21 10.16
N PRO C 46 -4.43 -0.98 9.01
CA PRO C 46 -3.42 -1.89 8.43
C PRO C 46 -2.07 -1.70 9.14
N ILE C 47 -1.30 -2.75 9.21
CA ILE C 47 0.04 -2.66 9.89
C ILE C 47 1.12 -3.26 9.00
N VAL C 48 2.32 -2.75 9.09
CA VAL C 48 3.45 -3.28 8.28
C VAL C 48 4.66 -3.49 9.20
N GLN C 49 5.08 -4.72 9.36
CA GLN C 49 6.25 -4.99 10.25
C GLN C 49 7.29 -5.85 9.52
N LEU C 50 8.55 -5.55 9.72
CA LEU C 50 9.63 -6.34 9.06
C LEU C 50 10.38 -7.17 10.10
N HIS C 51 10.44 -8.46 9.91
CA HIS C 51 11.17 -9.34 10.87
C HIS C 51 12.25 -10.09 10.07
N GLY C 52 13.43 -9.55 10.01
CA GLY C 52 14.54 -10.22 9.25
C GLY C 52 15.85 -9.48 9.48
N TYR C 53 15.92 -8.23 9.10
CA TYR C 53 17.17 -7.45 9.28
C TYR C 53 17.58 -7.45 10.76
N LEU C 54 18.80 -7.86 11.04
CA LEU C 54 19.29 -7.91 12.46
C LEU C 54 20.50 -6.98 12.63
N GLU C 55 20.79 -6.14 11.67
CA GLU C 55 21.95 -5.21 11.78
C GLU C 55 21.49 -3.90 12.42
N ASN C 56 22.42 -3.04 12.80
CA ASN C 56 22.05 -1.74 13.43
C ASN C 56 21.71 -0.70 12.35
N GLU C 57 21.63 -1.11 11.11
CA GLU C 57 21.30 -0.16 10.00
C GLU C 57 19.77 0.01 9.93
N PRO C 58 19.33 1.22 9.67
CA PRO C 58 17.89 1.54 9.56
C PRO C 58 17.32 1.00 8.24
N LEU C 59 16.03 1.10 8.06
CA LEU C 59 15.39 0.59 6.80
C LEU C 59 14.62 1.70 6.10
N MET C 60 14.46 1.58 4.80
CA MET C 60 13.69 2.59 4.03
C MET C 60 12.64 1.86 3.18
N LEU C 61 11.69 1.23 3.83
CA LEU C 61 10.63 0.47 3.08
C LEU C 61 9.86 1.42 2.17
N GLN C 62 9.53 0.96 0.99
CA GLN C 62 8.77 1.79 0.02
C GLN C 62 7.46 1.09 -0.33
N LEU C 63 6.44 1.87 -0.57
CA LEU C 63 5.12 1.31 -0.94
C LEU C 63 4.85 1.60 -2.41
N PHE C 64 4.14 0.72 -3.07
CA PHE C 64 3.84 0.92 -4.52
C PHE C 64 2.39 0.48 -4.76
N ILE C 65 1.51 1.40 -5.05
CA ILE C 65 0.09 1.01 -5.31
C ILE C 65 -0.05 0.55 -6.76
N GLY C 66 -0.76 -0.53 -6.98
CA GLY C 66 -0.95 -1.03 -8.37
C GLY C 66 -2.39 -1.53 -8.55
N THR C 67 -3.04 -1.07 -9.58
CA THR C 67 -4.46 -1.47 -9.87
C THR C 67 -4.67 -2.99 -9.69
N ALA C 68 -5.91 -3.40 -9.49
CA ALA C 68 -6.21 -4.85 -9.29
C ALA C 68 -6.73 -5.45 -10.60
N ASP C 69 -5.83 -5.80 -11.48
CA ASP C 69 -6.24 -6.39 -12.79
C ASP C 69 -6.24 -7.92 -12.68
N ASP C 70 -6.15 -8.61 -13.81
CA ASP C 70 -6.16 -10.10 -13.79
C ASP C 70 -4.73 -10.63 -13.94
N ARG C 71 -4.12 -10.44 -15.10
CA ARG C 71 -2.73 -10.94 -15.31
C ARG C 71 -1.74 -9.85 -14.87
N LEU C 72 -0.75 -9.55 -15.70
CA LEU C 72 0.27 -8.52 -15.34
C LEU C 72 -0.40 -7.29 -14.72
N LEU C 73 0.24 -6.69 -13.74
CA LEU C 73 -0.34 -5.49 -13.08
C LEU C 73 -0.49 -4.34 -14.08
N ARG C 74 -1.18 -3.30 -13.69
CA ARG C 74 -1.39 -2.14 -14.61
C ARG C 74 -0.87 -0.87 -13.91
N PRO C 75 -0.80 0.21 -14.66
CA PRO C 75 -0.33 1.50 -14.13
C PRO C 75 -1.40 2.08 -13.20
N HIS C 76 -1.03 2.30 -11.94
CA HIS C 76 -1.99 2.85 -10.94
C HIS C 76 -2.96 3.85 -11.57
N ALA C 77 -4.21 3.78 -11.19
CA ALA C 77 -5.23 4.72 -11.75
C ALA C 77 -5.07 6.09 -11.06
N PHE C 78 -5.85 6.36 -10.03
CA PHE C 78 -5.76 7.68 -9.33
C PHE C 78 -6.15 7.50 -7.86
N TYR C 79 -5.89 6.34 -7.28
CA TYR C 79 -6.25 6.12 -5.84
C TYR C 79 -5.29 6.89 -4.94
N GLN C 80 -5.37 8.20 -4.97
CA GLN C 80 -4.48 9.05 -4.13
C GLN C 80 -5.00 9.09 -2.69
N VAL C 81 -4.37 9.85 -1.84
CA VAL C 81 -4.82 9.93 -0.42
C VAL C 81 -5.01 11.40 0.00
N HIS C 82 -5.87 11.63 0.96
CA HIS C 82 -6.13 13.02 1.46
C HIS C 82 -5.86 13.08 2.97
N ARG C 83 -6.11 14.21 3.58
CA ARG C 83 -5.87 14.34 5.06
C ARG C 83 -6.94 13.57 5.84
N ILE C 84 -6.55 12.97 6.94
CA ILE C 84 -7.53 12.20 7.77
C ILE C 84 -6.82 11.67 9.03
N THR C 85 -7.10 12.25 10.18
CA THR C 85 -6.44 11.80 11.43
C THR C 85 -7.07 12.54 12.63
N GLY C 86 -7.87 11.85 13.41
CA GLY C 86 -8.51 12.49 14.59
C GLY C 86 -8.04 11.80 15.88
N LYS C 87 -6.92 11.11 15.84
CA LYS C 87 -6.40 10.43 17.05
C LYS C 87 -5.01 10.98 17.35
N THR C 88 -3.96 10.27 16.97
CA THR C 88 -2.57 10.76 17.22
C THR C 88 -1.56 9.63 16.91
N VAL C 89 -1.64 9.07 15.72
CA VAL C 89 -0.70 7.97 15.34
C VAL C 89 0.22 8.48 14.22
N SER C 90 1.10 9.40 14.54
CA SER C 90 2.05 9.93 13.50
C SER C 90 3.41 9.22 13.67
N THR C 91 3.39 7.92 13.80
CA THR C 91 4.67 7.16 13.98
C THR C 91 5.50 7.24 12.69
N THR C 92 4.91 6.90 11.56
CA THR C 92 5.65 6.95 10.27
C THR C 92 4.72 7.48 9.18
N SER C 93 5.20 8.45 8.41
CA SER C 93 4.37 9.02 7.31
C SER C 93 4.90 8.53 5.95
N HIS C 94 4.12 8.70 4.91
CA HIS C 94 4.54 8.25 3.55
C HIS C 94 3.86 9.11 2.48
N GLU C 95 4.61 9.55 1.50
CA GLU C 95 4.01 10.39 0.41
C GLU C 95 5.00 10.55 -0.75
N ALA C 96 4.56 10.31 -1.96
CA ALA C 96 5.46 10.46 -3.15
C ALA C 96 4.61 10.44 -4.43
N ILE C 97 3.85 11.50 -4.62
CA ILE C 97 2.98 11.59 -5.83
C ILE C 97 3.83 11.56 -7.11
N LEU C 98 3.29 11.01 -8.17
CA LEU C 98 4.04 10.94 -9.46
C LEU C 98 3.06 11.16 -10.62
N SER C 99 3.55 11.41 -11.80
CA SER C 99 2.67 11.65 -13.01
C SER C 99 1.58 10.56 -13.10
N ASN C 100 0.43 10.82 -12.51
CA ASN C 100 -0.70 9.83 -12.53
C ASN C 100 -0.28 8.54 -11.80
N THR C 101 0.32 8.69 -10.64
CA THR C 101 0.78 7.49 -9.85
C THR C 101 0.78 7.85 -8.36
N LYS C 102 0.72 6.85 -7.50
CA LYS C 102 0.70 7.12 -6.03
C LYS C 102 1.58 6.10 -5.29
N VAL C 103 2.54 6.58 -4.53
CA VAL C 103 3.43 5.65 -3.75
C VAL C 103 3.60 6.19 -2.33
N LEU C 104 3.81 5.29 -1.38
CA LEU C 104 3.98 5.71 0.04
C LEU C 104 5.39 5.35 0.51
N GLU C 105 6.11 6.31 1.03
CA GLU C 105 7.51 6.04 1.52
C GLU C 105 7.50 5.91 3.04
N ILE C 106 7.89 4.76 3.56
CA ILE C 106 7.88 4.57 5.06
C ILE C 106 9.12 3.77 5.50
N PRO C 107 10.10 4.47 6.01
CA PRO C 107 11.35 3.84 6.51
C PRO C 107 11.13 3.26 7.92
N LEU C 108 11.85 2.22 8.26
CA LEU C 108 11.70 1.61 9.62
C LEU C 108 12.53 2.38 10.64
N LEU C 109 12.08 2.43 11.87
CA LEU C 109 12.85 3.15 12.93
C LEU C 109 13.93 2.22 13.51
N PRO C 110 14.73 2.74 14.41
CA PRO C 110 15.83 1.98 15.04
C PRO C 110 15.29 0.99 16.08
N GLU C 111 14.85 1.45 17.21
CA GLU C 111 14.32 0.53 18.25
C GLU C 111 12.83 0.79 18.50
N ASN C 112 12.04 0.69 17.46
CA ASN C 112 10.57 0.88 17.60
C ASN C 112 9.89 -0.46 17.36
N SER C 113 10.57 -1.54 17.69
CA SER C 113 10.01 -2.91 17.48
C SER C 113 9.79 -3.13 15.97
N MET C 114 10.49 -2.39 15.13
CA MET C 114 10.33 -2.55 13.64
C MET C 114 8.84 -2.61 13.28
N ARG C 115 8.06 -1.67 13.79
CA ARG C 115 6.60 -1.68 13.50
C ARG C 115 6.20 -0.45 12.69
N ALA C 116 5.17 -0.59 11.89
CA ALA C 116 4.68 0.55 11.06
C ALA C 116 3.15 0.47 10.96
N VAL C 117 2.47 0.91 11.98
CA VAL C 117 0.98 0.87 11.99
C VAL C 117 0.43 2.06 11.19
N ILE C 118 -0.67 1.85 10.50
CA ILE C 118 -1.27 2.94 9.68
C ILE C 118 -2.52 3.49 10.38
N ASP C 119 -2.49 4.73 10.80
CA ASP C 119 -3.68 5.33 11.48
C ASP C 119 -3.79 6.81 11.13
N CYS C 120 -3.25 7.21 10.00
CA CYS C 120 -3.32 8.64 9.58
C CYS C 120 -3.37 8.73 8.04
N ALA C 121 -3.76 7.66 7.39
CA ALA C 121 -3.84 7.67 5.89
C ALA C 121 -5.20 7.13 5.46
N GLY C 122 -5.97 7.94 4.78
CA GLY C 122 -7.33 7.50 4.33
C GLY C 122 -7.26 7.09 2.85
N ILE C 123 -8.38 6.76 2.27
CA ILE C 123 -8.40 6.36 0.84
C ILE C 123 -9.39 7.24 0.07
N LEU C 124 -9.26 7.29 -1.24
CA LEU C 124 -10.17 8.13 -2.06
C LEU C 124 -10.72 7.30 -3.22
N LYS C 125 -11.98 7.47 -3.55
CA LYS C 125 -12.58 6.68 -4.69
C LYS C 125 -12.39 7.45 -6.00
N LEU C 126 -12.12 6.75 -7.08
CA LEU C 126 -11.89 7.43 -8.39
C LEU C 126 -13.09 7.24 -9.32
N ARG C 127 -13.53 8.32 -9.90
CA ARG C 127 -14.70 8.26 -10.84
C ARG C 127 -14.27 7.58 -12.16
N ASN C 128 -14.59 6.30 -12.32
CA ASN C 128 -14.25 5.55 -13.57
C ASN C 128 -14.65 6.35 -14.82
N SER C 129 -15.89 6.80 -14.89
CA SER C 129 -16.36 7.59 -16.07
C SER C 129 -15.37 8.73 -16.36
N ASP C 130 -15.03 9.51 -15.36
CA ASP C 130 -14.05 10.64 -15.58
C ASP C 130 -12.66 10.06 -15.86
N ILE C 131 -12.41 8.82 -15.48
CA ILE C 131 -11.09 8.19 -15.75
C ILE C 131 -10.98 7.85 -17.25
N GLU C 132 -12.06 7.99 -17.98
CA GLU C 132 -12.05 7.73 -19.45
C GLU C 132 -11.93 9.07 -20.18
N LEU C 133 -12.47 10.12 -19.60
CA LEU C 133 -12.41 11.48 -20.21
C LEU C 133 -11.08 12.18 -19.81
N ARG C 134 -10.33 11.60 -18.89
CA ARG C 134 -9.05 12.23 -18.44
C ARG C 134 -8.14 12.57 -19.64
N LYS C 135 -8.34 11.94 -20.77
CA LYS C 135 -7.52 12.21 -22.01
C LYS C 135 -6.04 11.88 -21.76
N GLY C 136 -5.33 11.49 -22.80
CA GLY C 136 -3.89 11.14 -22.67
C GLY C 136 -3.69 10.10 -21.56
N GLU C 137 -4.69 9.25 -21.34
CA GLU C 137 -4.59 8.22 -20.28
C GLU C 137 -5.03 6.87 -20.83
N THR C 138 -4.89 5.81 -20.06
CA THR C 138 -5.32 4.47 -20.54
C THR C 138 -6.83 4.33 -20.32
N ASP C 139 -7.24 3.81 -19.18
CA ASP C 139 -8.69 3.64 -18.86
C ASP C 139 -8.84 2.59 -17.77
N ILE C 140 -9.53 2.92 -16.69
CA ILE C 140 -9.73 1.91 -15.59
C ILE C 140 -10.93 1.02 -15.90
N GLY C 141 -11.53 1.18 -17.06
CA GLY C 141 -12.71 0.35 -17.45
C GLY C 141 -13.90 0.64 -16.52
N ARG C 142 -15.09 0.60 -17.06
CA ARG C 142 -16.30 0.86 -16.22
C ARG C 142 -16.59 -0.33 -15.30
N LYS C 143 -15.87 -1.43 -15.47
CA LYS C 143 -16.11 -2.63 -14.60
C LYS C 143 -14.85 -2.93 -13.74
N ASN C 144 -14.00 -1.96 -13.55
CA ASN C 144 -12.78 -2.19 -12.72
C ASN C 144 -12.72 -1.16 -11.59
N THR C 145 -13.60 -1.30 -10.63
CA THR C 145 -13.63 -0.35 -9.47
C THR C 145 -12.78 -0.94 -8.33
N ARG C 146 -11.63 -1.51 -8.66
CA ARG C 146 -10.78 -2.13 -7.61
C ARG C 146 -9.29 -1.92 -7.92
N VAL C 147 -8.49 -1.75 -6.88
CA VAL C 147 -7.01 -1.57 -7.07
C VAL C 147 -6.27 -2.54 -6.14
N ARG C 148 -4.96 -2.46 -6.06
CA ARG C 148 -4.21 -3.41 -5.17
C ARG C 148 -2.98 -2.72 -4.55
N LEU C 149 -2.50 -3.23 -3.44
CA LEU C 149 -1.31 -2.61 -2.77
C LEU C 149 -0.06 -3.45 -3.03
N VAL C 150 1.06 -2.83 -3.34
CA VAL C 150 2.32 -3.59 -3.59
C VAL C 150 3.44 -3.02 -2.70
N PHE C 151 3.76 -3.70 -1.63
CA PHE C 151 4.84 -3.21 -0.70
C PHE C 151 6.19 -3.72 -1.20
N ARG C 152 7.24 -2.96 -1.02
CA ARG C 152 8.59 -3.42 -1.49
C ARG C 152 9.69 -2.79 -0.64
N VAL C 153 10.57 -3.61 -0.11
CA VAL C 153 11.70 -3.09 0.73
C VAL C 153 13.03 -3.31 0.01
N HIS C 154 14.02 -2.51 0.34
CA HIS C 154 15.36 -2.65 -0.29
C HIS C 154 16.42 -2.28 0.76
N VAL C 155 17.09 -3.26 1.30
CA VAL C 155 18.14 -2.99 2.34
C VAL C 155 19.41 -3.76 1.96
N PRO C 156 20.54 -3.09 2.06
CA PRO C 156 21.85 -3.68 1.71
C PRO C 156 22.30 -4.69 2.79
N GLN C 157 22.30 -5.95 2.44
CA GLN C 157 22.71 -7.02 3.41
C GLN C 157 24.24 -7.18 3.38
N PRO C 158 24.83 -7.21 4.56
CA PRO C 158 26.29 -7.36 4.70
C PRO C 158 26.71 -8.82 4.48
N SER C 159 26.63 -9.29 3.25
CA SER C 159 27.00 -10.70 2.96
C SER C 159 27.26 -10.86 1.45
N GLY C 160 26.23 -10.73 0.64
CA GLY C 160 26.41 -10.86 -0.84
C GLY C 160 25.05 -10.91 -1.54
N ARG C 161 24.12 -10.08 -1.10
CA ARG C 161 22.76 -10.05 -1.72
C ARG C 161 21.91 -8.98 -1.03
N THR C 162 21.33 -8.10 -1.79
CA THR C 162 20.48 -7.02 -1.20
C THR C 162 19.16 -7.63 -0.72
N LEU C 163 18.78 -7.35 0.49
CA LEU C 163 17.50 -7.90 1.04
C LEU C 163 16.33 -7.08 0.50
N SER C 164 15.67 -7.57 -0.52
CA SER C 164 14.52 -6.84 -1.11
C SER C 164 13.24 -7.66 -0.93
N LEU C 165 12.14 -7.00 -0.63
CA LEU C 165 10.85 -7.74 -0.43
C LEU C 165 9.77 -7.21 -1.39
N GLN C 166 8.70 -7.95 -1.55
CA GLN C 166 7.59 -7.52 -2.45
C GLN C 166 6.28 -8.17 -1.99
N VAL C 167 5.49 -7.44 -1.24
CA VAL C 167 4.20 -7.98 -0.73
C VAL C 167 3.04 -7.40 -1.55
N ALA C 168 1.87 -8.00 -1.46
CA ALA C 168 0.69 -7.50 -2.21
C ALA C 168 -0.56 -7.63 -1.35
N SER C 169 -1.19 -6.52 -1.02
CA SER C 169 -2.42 -6.58 -0.16
C SER C 169 -3.64 -6.92 -1.03
N ASN C 170 -4.73 -7.29 -0.41
CA ASN C 170 -5.97 -7.64 -1.16
C ASN C 170 -6.31 -6.53 -2.16
N PRO C 171 -7.08 -6.89 -3.17
CA PRO C 171 -7.50 -5.95 -4.22
C PRO C 171 -8.58 -5.00 -3.69
N ILE C 172 -8.19 -3.77 -3.41
CA ILE C 172 -9.15 -2.74 -2.90
C ILE C 172 -10.46 -2.81 -3.72
N GLU C 173 -11.58 -3.03 -3.06
CA GLU C 173 -12.89 -3.10 -3.78
C GLU C 173 -13.83 -2.05 -3.20
N CYS C 174 -14.41 -1.22 -4.04
CA CYS C 174 -15.34 -0.15 -3.53
C CYS C 174 -16.76 -0.38 -4.07
N SER C 175 -16.91 -0.45 -5.38
CA SER C 175 -18.26 -0.67 -5.98
C SER C 175 -18.89 -1.94 -5.38
N GLN C 176 -20.18 -1.91 -5.15
CA GLN C 176 -20.88 -3.10 -4.57
C GLN C 176 -21.74 -3.77 -5.64
N ARG C 177 -22.97 -3.31 -5.81
CA ARG C 177 -23.87 -3.91 -6.84
C ARG C 177 -25.19 -3.13 -6.91
N SER C 178 -25.88 -3.21 -8.02
CA SER C 178 -27.18 -2.49 -8.16
C SER C 178 -28.29 -3.28 -7.45
N MET C 1 25.53 -3.98 -9.45
CA MET C 1 25.93 -5.39 -9.77
C MET C 1 25.17 -6.38 -8.87
N LYS C 2 23.99 -6.01 -8.43
CA LYS C 2 23.18 -6.91 -7.55
C LYS C 2 21.71 -6.81 -7.95
N ASP C 3 21.05 -7.93 -8.10
CA ASP C 3 19.60 -7.91 -8.47
C ASP C 3 18.80 -7.16 -7.39
N TRP C 4 18.37 -5.96 -7.68
CA TRP C 4 17.60 -5.15 -6.69
C TRP C 4 16.10 -5.20 -7.00
N GLN C 5 15.62 -6.32 -7.46
CA GLN C 5 14.17 -6.43 -7.79
C GLN C 5 13.66 -7.82 -7.36
N LEU C 6 13.61 -8.05 -6.07
CA LEU C 6 13.14 -9.38 -5.56
C LEU C 6 13.14 -9.39 -4.02
N PRO C 7 12.45 -10.36 -3.47
CA PRO C 7 12.35 -10.53 -2.01
C PRO C 7 13.61 -11.18 -1.46
N SER C 8 13.78 -12.47 -1.72
CA SER C 8 14.99 -13.20 -1.22
C SER C 8 14.95 -13.31 0.30
N HIS C 9 13.81 -13.07 0.91
CA HIS C 9 13.68 -13.15 2.41
C HIS C 9 14.41 -14.39 2.95
N SER C 10 14.69 -14.38 4.22
CA SER C 10 15.41 -15.54 4.83
C SER C 10 14.46 -16.33 5.74
N GLY C 11 14.94 -17.42 6.31
CA GLY C 11 14.09 -18.23 7.22
C GLY C 11 13.76 -17.41 8.47
N PRO C 12 14.79 -16.89 9.11
CA PRO C 12 14.64 -16.06 10.34
C PRO C 12 14.19 -14.63 9.97
N TYR C 13 14.85 -14.00 9.03
CA TYR C 13 14.45 -12.60 8.64
C TYR C 13 13.24 -12.65 7.72
N GLU C 14 12.49 -11.57 7.66
CA GLU C 14 11.30 -11.52 6.76
C GLU C 14 10.50 -10.22 7.00
N LEU C 15 9.88 -9.72 5.96
CA LEU C 15 9.07 -8.48 6.08
C LEU C 15 7.59 -8.83 5.90
N ARG C 16 6.81 -8.74 6.96
CA ARG C 16 5.35 -9.06 6.85
C ARG C 16 4.51 -7.91 7.39
N ILE C 17 3.21 -7.96 7.16
CA ILE C 17 2.31 -6.89 7.65
C ILE C 17 1.62 -7.37 8.93
N GLU C 18 1.62 -6.57 9.97
CA GLU C 18 0.97 -6.97 11.25
C GLU C 18 -0.56 -6.94 11.09
N VAL C 19 -1.26 -6.01 11.73
CA VAL C 19 -2.74 -5.96 11.60
C VAL C 19 -3.13 -5.82 10.12
N GLN C 20 -3.97 -6.72 9.65
CA GLN C 20 -4.40 -6.66 8.22
C GLN C 20 -5.87 -6.22 8.14
N PRO C 21 -6.12 -5.20 7.34
CA PRO C 21 -7.48 -4.67 7.15
C PRO C 21 -8.29 -5.57 6.20
N LYS C 22 -9.58 -5.35 6.10
CA LYS C 22 -10.42 -6.19 5.20
C LYS C 22 -10.18 -5.77 3.75
N SER C 23 -10.32 -6.70 2.82
CA SER C 23 -10.11 -6.36 1.38
C SER C 23 -11.37 -5.67 0.81
N HIS C 24 -12.36 -5.42 1.63
CA HIS C 24 -13.62 -4.76 1.14
C HIS C 24 -13.66 -3.32 1.70
N HIS C 25 -12.55 -2.61 1.64
CA HIS C 25 -12.52 -1.21 2.15
C HIS C 25 -13.47 -0.33 1.31
N ARG C 26 -14.03 0.71 1.90
CA ARG C 26 -14.95 1.59 1.11
C ARG C 26 -14.33 2.98 0.95
N ALA C 27 -13.94 3.32 -0.26
CA ALA C 27 -13.34 4.66 -0.51
C ALA C 27 -14.42 5.63 -0.98
N ARG C 28 -14.23 6.90 -0.75
CA ARG C 28 -15.26 7.90 -1.16
C ARG C 28 -14.89 8.50 -2.53
N TYR C 29 -15.35 9.69 -2.81
CA TYR C 29 -15.06 10.34 -4.13
C TYR C 29 -14.29 11.64 -3.91
N GLU C 30 -13.50 12.04 -4.89
CA GLU C 30 -12.76 13.33 -4.77
C GLU C 30 -13.75 14.49 -4.88
N THR C 31 -14.95 14.21 -5.37
CA THR C 31 -16.00 15.27 -5.52
C THR C 31 -16.96 15.26 -4.32
N GLU C 32 -16.81 14.33 -3.40
CA GLU C 32 -17.72 14.30 -2.21
C GLU C 32 -16.92 14.43 -0.90
N GLY C 33 -15.70 14.89 -1.00
CA GLY C 33 -14.85 15.05 0.22
C GLY C 33 -14.05 13.77 0.47
N SER C 34 -13.89 13.40 1.72
CA SER C 34 -13.13 12.16 2.04
C SER C 34 -13.51 11.65 3.43
N ARG C 35 -13.21 10.40 3.72
CA ARG C 35 -13.53 9.83 5.06
C ARG C 35 -12.27 9.19 5.65
N GLY C 36 -12.41 8.17 6.47
CA GLY C 36 -11.22 7.51 7.08
C GLY C 36 -10.89 6.23 6.30
N ALA C 37 -9.63 5.94 6.12
CA ALA C 37 -9.23 4.71 5.38
C ALA C 37 -8.48 3.77 6.32
N VAL C 38 -8.91 3.68 7.56
CA VAL C 38 -8.23 2.79 8.53
C VAL C 38 -9.30 2.12 9.41
N LYS C 39 -9.85 1.03 8.94
CA LYS C 39 -10.91 0.32 9.73
C LYS C 39 -11.04 -1.13 9.25
N ALA C 40 -11.86 -1.91 9.91
CA ALA C 40 -12.06 -3.34 9.52
C ALA C 40 -12.82 -4.08 10.63
N SER C 41 -13.64 -5.03 10.24
CA SER C 41 -14.43 -5.81 11.25
C SER C 41 -13.48 -6.44 12.29
N ALA C 42 -12.33 -6.92 11.85
CA ALA C 42 -11.37 -7.56 12.80
C ALA C 42 -10.60 -6.47 13.57
N GLY C 43 -9.66 -5.81 12.95
CA GLY C 43 -8.87 -4.75 13.64
C GLY C 43 -9.41 -3.37 13.25
N GLY C 44 -8.56 -2.54 12.70
CA GLY C 44 -9.00 -1.16 12.29
C GLY C 44 -7.78 -0.27 12.02
N HIS C 45 -6.78 -0.80 11.35
CA HIS C 45 -5.53 -0.03 11.03
C HIS C 45 -4.45 -1.03 10.58
N PRO C 46 -4.04 -0.92 9.34
CA PRO C 46 -3.02 -1.81 8.76
C PRO C 46 -1.63 -1.43 9.28
N ILE C 47 -0.78 -2.40 9.43
CA ILE C 47 0.60 -2.11 9.95
C ILE C 47 1.63 -2.90 9.15
N VAL C 48 2.87 -2.48 9.24
CA VAL C 48 3.96 -3.18 8.50
C VAL C 48 5.22 -3.17 9.37
N GLN C 49 5.87 -4.30 9.52
CA GLN C 49 7.10 -4.36 10.35
C GLN C 49 8.09 -5.37 9.75
N LEU C 50 9.35 -5.03 9.73
CA LEU C 50 10.37 -5.96 9.17
C LEU C 50 11.17 -6.56 10.32
N HIS C 51 11.29 -7.86 10.34
CA HIS C 51 12.08 -8.53 11.43
C HIS C 51 13.18 -9.36 10.78
N GLY C 52 14.39 -8.88 10.81
CA GLY C 52 15.53 -9.61 10.19
C GLY C 52 16.84 -8.88 10.48
N TYR C 53 17.00 -7.69 9.93
CA TYR C 53 18.23 -6.90 10.16
C TYR C 53 18.43 -6.64 11.66
N LEU C 54 19.52 -7.10 12.22
CA LEU C 54 19.79 -6.87 13.69
C LEU C 54 20.72 -5.67 13.87
N GLU C 55 20.73 -4.74 12.93
CA GLU C 55 21.61 -3.55 13.04
C GLU C 55 20.77 -2.30 13.28
N ASN C 56 21.37 -1.24 13.76
CA ASN C 56 20.60 0.02 14.01
C ASN C 56 20.51 0.88 12.74
N GLU C 57 20.88 0.33 11.61
CA GLU C 57 20.80 1.13 10.33
C GLU C 57 19.32 1.37 9.99
N PRO C 58 19.02 2.58 9.56
CA PRO C 58 17.65 2.99 9.20
C PRO C 58 17.25 2.39 7.83
N LEU C 59 16.01 2.53 7.46
CA LEU C 59 15.54 1.98 6.15
C LEU C 59 14.60 2.99 5.48
N MET C 60 14.51 2.93 4.18
CA MET C 60 13.60 3.84 3.42
C MET C 60 12.54 2.97 2.72
N LEU C 61 11.77 2.24 3.50
CA LEU C 61 10.72 1.36 2.91
C LEU C 61 9.76 2.17 2.03
N GLN C 62 9.36 1.62 0.92
CA GLN C 62 8.43 2.33 0.01
C GLN C 62 7.26 1.42 -0.34
N LEU C 63 6.12 2.01 -0.60
CA LEU C 63 4.90 1.23 -0.95
C LEU C 63 4.42 1.64 -2.34
N PHE C 64 4.37 0.70 -3.26
CA PHE C 64 3.90 1.01 -4.64
C PHE C 64 2.55 0.34 -4.84
N ILE C 65 1.60 1.05 -5.40
CA ILE C 65 0.26 0.44 -5.63
C ILE C 65 0.17 -0.06 -7.08
N GLY C 66 -0.34 -1.25 -7.26
CA GLY C 66 -0.49 -1.80 -8.64
C GLY C 66 -1.89 -2.40 -8.78
N THR C 67 -2.59 -2.01 -9.82
CA THR C 67 -3.99 -2.50 -10.08
C THR C 67 -4.18 -3.98 -9.68
N ALA C 68 -5.41 -4.33 -9.35
CA ALA C 68 -5.73 -5.73 -8.93
C ALA C 68 -6.28 -6.52 -10.11
N ASP C 69 -5.41 -7.00 -10.95
CA ASP C 69 -5.84 -7.80 -12.15
C ASP C 69 -5.76 -9.30 -11.83
N ASP C 70 -5.85 -10.15 -12.83
CA ASP C 70 -5.79 -11.63 -12.59
C ASP C 70 -4.40 -12.16 -12.92
N ARG C 71 -3.65 -11.48 -13.75
CA ARG C 71 -2.27 -11.94 -14.12
C ARG C 71 -1.26 -10.88 -13.68
N LEU C 72 -0.30 -10.54 -14.52
CA LEU C 72 0.72 -9.51 -14.14
C LEU C 72 0.00 -8.21 -13.72
N LEU C 73 0.61 -7.45 -12.83
CA LEU C 73 -0.04 -6.19 -12.38
C LEU C 73 -0.22 -5.23 -13.56
N ARG C 74 -0.99 -4.19 -13.36
CA ARG C 74 -1.23 -3.20 -14.46
C ARG C 74 -0.88 -1.79 -13.96
N PRO C 75 -1.03 -0.81 -14.81
CA PRO C 75 -0.72 0.59 -14.46
C PRO C 75 -1.79 1.13 -13.50
N HIS C 76 -1.37 1.44 -12.29
CA HIS C 76 -2.31 1.98 -11.24
C HIS C 76 -3.37 2.90 -11.85
N ALA C 77 -4.56 2.88 -11.30
CA ALA C 77 -5.66 3.74 -11.81
C ALA C 77 -5.53 5.13 -11.15
N PHE C 78 -6.29 5.39 -10.11
CA PHE C 78 -6.23 6.73 -9.43
C PHE C 78 -6.52 6.53 -7.94
N TYR C 79 -6.07 5.43 -7.37
CA TYR C 79 -6.31 5.18 -5.92
C TYR C 79 -5.40 6.10 -5.10
N GLN C 80 -5.70 7.37 -5.08
CA GLN C 80 -4.87 8.34 -4.31
C GLN C 80 -5.09 8.09 -2.81
N VAL C 81 -4.37 8.79 -1.97
CA VAL C 81 -4.49 8.52 -0.50
C VAL C 81 -4.37 9.80 0.35
N HIS C 82 -3.60 10.77 -0.10
CA HIS C 82 -3.38 12.05 0.68
C HIS C 82 -4.67 12.55 1.38
N ARG C 83 -4.90 12.15 2.61
CA ARG C 83 -6.11 12.61 3.38
C ARG C 83 -6.40 11.62 4.53
N ILE C 84 -5.90 11.88 5.72
CA ILE C 84 -6.16 10.95 6.86
C ILE C 84 -5.52 11.50 8.14
N THR C 85 -6.23 11.43 9.25
CA THR C 85 -5.68 11.92 10.53
C THR C 85 -6.23 11.08 11.69
N GLY C 86 -5.43 10.18 12.21
CA GLY C 86 -5.88 9.32 13.34
C GLY C 86 -5.95 10.16 14.62
N LYS C 87 -5.10 9.88 15.58
CA LYS C 87 -5.12 10.66 16.85
C LYS C 87 -3.75 11.32 17.03
N THR C 88 -2.73 10.51 17.14
CA THR C 88 -1.35 11.03 17.33
C THR C 88 -0.34 9.96 16.89
N VAL C 89 -0.43 9.52 15.66
CA VAL C 89 0.50 8.47 15.16
C VAL C 89 1.14 8.95 13.85
N SER C 90 1.95 9.98 13.91
CA SER C 90 2.61 10.50 12.68
C SER C 90 4.10 10.08 12.72
N THR C 91 4.34 8.82 13.02
CA THR C 91 5.75 8.31 13.10
C THR C 91 6.38 8.27 11.70
N THR C 92 5.69 7.72 10.74
CA THR C 92 6.25 7.62 9.35
C THR C 92 5.27 8.21 8.33
N SER C 93 5.74 9.15 7.54
CA SER C 93 4.88 9.77 6.48
C SER C 93 5.21 9.14 5.12
N HIS C 94 4.36 9.30 4.13
CA HIS C 94 4.65 8.69 2.79
C HIS C 94 3.66 9.19 1.72
N GLU C 95 4.16 9.61 0.57
CA GLU C 95 3.27 10.10 -0.52
C GLU C 95 4.07 10.43 -1.78
N ALA C 96 3.54 10.12 -2.94
CA ALA C 96 4.24 10.42 -4.22
C ALA C 96 3.25 10.28 -5.39
N ILE C 97 2.39 11.25 -5.56
CA ILE C 97 1.38 11.20 -6.67
C ILE C 97 2.09 11.26 -8.03
N LEU C 98 1.52 10.62 -9.02
CA LEU C 98 2.14 10.60 -10.38
C LEU C 98 1.03 10.64 -11.45
N SER C 99 1.40 10.93 -12.68
CA SER C 99 0.41 10.98 -13.80
C SER C 99 -0.39 9.67 -13.88
N ASN C 100 -1.53 9.62 -13.22
CA ASN C 100 -2.39 8.39 -13.22
C ASN C 100 -1.65 7.25 -12.48
N THR C 101 -0.91 7.59 -11.45
CA THR C 101 -0.15 6.56 -10.66
C THR C 101 0.04 7.07 -9.23
N LYS C 102 0.25 6.18 -8.28
CA LYS C 102 0.43 6.62 -6.86
C LYS C 102 1.42 5.70 -6.12
N VAL C 103 2.24 6.29 -5.29
CA VAL C 103 3.25 5.51 -4.51
C VAL C 103 3.42 6.18 -3.15
N LEU C 104 4.12 5.55 -2.24
CA LEU C 104 4.31 6.14 -0.88
C LEU C 104 5.73 5.86 -0.39
N GLU C 105 6.32 6.82 0.29
CA GLU C 105 7.71 6.65 0.82
C GLU C 105 7.66 6.60 2.35
N ILE C 106 7.76 5.42 2.93
CA ILE C 106 7.73 5.29 4.43
C ILE C 106 9.04 4.69 4.95
N PRO C 107 9.97 5.56 5.30
CA PRO C 107 11.28 5.15 5.84
C PRO C 107 11.13 4.75 7.32
N LEU C 108 11.80 3.71 7.74
CA LEU C 108 11.70 3.28 9.17
C LEU C 108 12.59 4.17 10.04
N LEU C 109 12.30 4.24 11.31
CA LEU C 109 13.12 5.08 12.24
C LEU C 109 14.31 4.25 12.75
N PRO C 110 15.16 4.87 13.54
CA PRO C 110 16.36 4.22 14.10
C PRO C 110 15.99 3.26 15.24
N GLU C 111 15.64 3.78 16.39
CA GLU C 111 15.29 2.90 17.53
C GLU C 111 13.78 2.96 17.80
N ASN C 112 12.99 2.62 16.82
CA ASN C 112 11.52 2.64 16.97
C ASN C 112 10.99 1.20 16.81
N SER C 113 11.80 0.24 17.21
CA SER C 113 11.41 -1.20 17.08
C SER C 113 11.23 -1.55 15.61
N MET C 114 11.87 -0.81 14.72
CA MET C 114 11.74 -1.09 13.25
C MET C 114 10.26 -1.30 12.89
N ARG C 115 9.40 -0.41 13.34
CA ARG C 115 7.95 -0.56 13.07
C ARG C 115 7.49 0.45 12.02
N ALA C 116 6.42 0.14 11.35
CA ALA C 116 5.86 1.05 10.31
C ALA C 116 4.33 0.87 10.26
N VAL C 117 3.64 1.46 11.21
CA VAL C 117 2.15 1.33 11.25
C VAL C 117 1.53 2.28 10.22
N ILE C 118 0.44 1.86 9.61
CA ILE C 118 -0.21 2.74 8.59
C ILE C 118 -1.40 3.47 9.23
N ASP C 119 -1.21 4.72 9.55
CA ASP C 119 -2.31 5.54 10.15
C ASP C 119 -2.26 6.96 9.57
N CYS C 120 -1.69 7.09 8.40
CA CYS C 120 -1.58 8.42 7.72
C CYS C 120 -1.83 8.20 6.22
N ALA C 121 -2.75 7.30 5.90
CA ALA C 121 -3.08 7.03 4.49
C ALA C 121 -4.62 6.99 4.34
N GLY C 122 -5.16 7.79 3.47
CA GLY C 122 -6.65 7.80 3.27
C GLY C 122 -6.99 6.91 2.08
N ILE C 123 -8.26 6.77 1.76
CA ILE C 123 -8.64 5.90 0.62
C ILE C 123 -9.60 6.65 -0.31
N LEU C 124 -9.28 6.69 -1.57
CA LEU C 124 -10.12 7.40 -2.58
C LEU C 124 -10.65 6.38 -3.60
N LYS C 125 -11.86 6.52 -4.07
CA LYS C 125 -12.40 5.54 -5.08
C LYS C 125 -12.06 6.00 -6.50
N LEU C 126 -11.97 5.08 -7.43
CA LEU C 126 -11.62 5.44 -8.83
C LEU C 126 -12.88 5.75 -9.65
N ARG C 127 -13.27 7.00 -9.70
CA ARG C 127 -14.48 7.40 -10.50
C ARG C 127 -14.34 6.87 -11.95
N ASN C 128 -14.87 5.70 -12.24
CA ASN C 128 -14.77 5.10 -13.62
C ASN C 128 -15.26 6.10 -14.68
N SER C 129 -16.55 6.38 -14.70
CA SER C 129 -17.13 7.33 -15.70
C SER C 129 -16.23 8.54 -15.93
N ASP C 130 -15.89 9.23 -14.87
CA ASP C 130 -15.01 10.43 -15.00
C ASP C 130 -13.62 9.99 -15.46
N ILE C 131 -13.15 8.84 -15.02
CA ILE C 131 -11.78 8.36 -15.43
C ILE C 131 -11.81 7.89 -16.90
N GLU C 132 -12.96 7.89 -17.53
CA GLU C 132 -13.06 7.44 -18.95
C GLU C 132 -13.49 8.59 -19.89
N LEU C 133 -13.75 9.79 -19.39
CA LEU C 133 -14.20 10.87 -20.32
C LEU C 133 -13.47 12.22 -20.14
N ARG C 134 -12.68 12.43 -19.11
CA ARG C 134 -12.01 13.78 -18.97
C ARG C 134 -10.81 13.88 -19.93
N LYS C 135 -9.61 13.66 -19.45
CA LYS C 135 -8.40 13.75 -20.30
C LYS C 135 -8.51 12.82 -21.52
N GLY C 136 -7.59 12.93 -22.44
CA GLY C 136 -7.60 12.07 -23.65
C GLY C 136 -6.94 10.71 -23.34
N GLU C 137 -6.86 10.33 -22.08
CA GLU C 137 -6.25 9.02 -21.70
C GLU C 137 -7.16 7.88 -22.17
N THR C 138 -6.82 6.66 -21.82
CA THR C 138 -7.66 5.51 -22.24
C THR C 138 -8.85 5.38 -21.26
N ASP C 139 -8.70 4.61 -20.21
CA ASP C 139 -9.82 4.43 -19.24
C ASP C 139 -9.45 3.35 -18.20
N ILE C 140 -10.20 3.27 -17.14
CA ILE C 140 -9.92 2.24 -16.09
C ILE C 140 -10.99 1.14 -16.14
N GLY C 141 -11.84 1.14 -17.15
CA GLY C 141 -12.90 0.09 -17.25
C GLY C 141 -14.04 0.40 -16.28
N ARG C 142 -15.26 0.13 -16.69
CA ARG C 142 -16.43 0.38 -15.80
C ARG C 142 -16.51 -0.70 -14.71
N LYS C 143 -15.78 -1.77 -14.86
CA LYS C 143 -15.81 -2.87 -13.83
C LYS C 143 -14.43 -3.02 -13.19
N ASN C 144 -13.73 -1.93 -12.95
CA ASN C 144 -12.37 -2.03 -12.32
C ASN C 144 -12.28 -1.09 -11.11
N THR C 145 -12.95 -1.44 -10.04
CA THR C 145 -12.92 -0.57 -8.81
C THR C 145 -12.10 -1.27 -7.71
N ARG C 146 -11.07 -2.00 -8.08
CA ARG C 146 -10.25 -2.71 -7.04
C ARG C 146 -8.77 -2.69 -7.44
N VAL C 147 -7.88 -2.69 -6.46
CA VAL C 147 -6.41 -2.69 -6.79
C VAL C 147 -5.63 -3.47 -5.73
N ARG C 148 -4.35 -3.66 -5.96
CA ARG C 148 -3.52 -4.42 -4.98
C ARG C 148 -2.33 -3.56 -4.52
N LEU C 149 -1.95 -3.68 -3.26
CA LEU C 149 -0.80 -2.87 -2.74
C LEU C 149 0.48 -3.70 -2.80
N VAL C 150 1.62 -3.08 -2.96
CA VAL C 150 2.91 -3.84 -3.02
C VAL C 150 3.95 -3.19 -2.10
N PHE C 151 4.18 -3.76 -0.94
CA PHE C 151 5.19 -3.19 0.01
C PHE C 151 6.57 -3.64 -0.46
N ARG C 152 7.56 -2.78 -0.40
CA ARG C 152 8.92 -3.21 -0.87
C ARG C 152 10.03 -2.61 -0.01
N VAL C 153 10.86 -3.47 0.55
CA VAL C 153 12.00 -3.00 1.40
C VAL C 153 13.31 -3.17 0.66
N HIS C 154 14.28 -2.35 0.98
CA HIS C 154 15.62 -2.43 0.33
C HIS C 154 16.66 -1.80 1.26
N VAL C 155 17.25 -2.58 2.14
CA VAL C 155 18.28 -2.02 3.07
C VAL C 155 19.64 -2.66 2.75
N PRO C 156 20.62 -1.82 2.50
CA PRO C 156 21.98 -2.26 2.14
C PRO C 156 22.76 -2.75 3.38
N GLN C 157 23.39 -3.89 3.26
CA GLN C 157 24.17 -4.46 4.38
C GLN C 157 25.65 -4.13 4.16
N PRO C 158 26.38 -3.87 5.23
CA PRO C 158 27.82 -3.52 5.13
C PRO C 158 28.67 -4.74 4.77
N SER C 159 28.29 -5.92 5.23
CA SER C 159 29.09 -7.15 4.89
C SER C 159 28.33 -8.41 5.32
N GLY C 160 27.57 -8.99 4.43
CA GLY C 160 26.81 -10.22 4.80
C GLY C 160 25.79 -10.51 3.69
N ARG C 161 24.81 -9.65 3.56
CA ARG C 161 23.77 -9.87 2.50
C ARG C 161 22.75 -8.72 2.53
N THR C 162 22.38 -8.26 1.37
CA THR C 162 21.38 -7.16 1.27
C THR C 162 20.04 -7.65 1.80
N LEU C 163 19.35 -6.84 2.56
CA LEU C 163 18.04 -7.25 3.13
C LEU C 163 16.91 -6.49 2.41
N SER C 164 16.36 -7.09 1.39
CA SER C 164 15.26 -6.44 0.62
C SER C 164 14.03 -7.35 0.66
N LEU C 165 12.85 -6.78 0.70
CA LEU C 165 11.61 -7.61 0.74
C LEU C 165 10.55 -7.09 -0.24
N GLN C 166 9.47 -7.82 -0.39
CA GLN C 166 8.38 -7.40 -1.32
C GLN C 166 7.09 -8.16 -0.97
N VAL C 167 6.11 -7.47 -0.45
CA VAL C 167 4.82 -8.13 -0.07
C VAL C 167 3.67 -7.48 -0.85
N ALA C 168 2.52 -8.10 -0.88
CA ALA C 168 1.35 -7.52 -1.61
C ALA C 168 0.12 -7.55 -0.71
N SER C 169 -0.49 -6.41 -0.47
CA SER C 169 -1.71 -6.38 0.41
C SER C 169 -2.92 -6.92 -0.35
N ASN C 170 -4.00 -7.18 0.35
CA ASN C 170 -5.24 -7.71 -0.30
C ASN C 170 -5.70 -6.73 -1.39
N PRO C 171 -6.50 -7.25 -2.30
CA PRO C 171 -7.03 -6.45 -3.43
C PRO C 171 -8.13 -5.50 -2.95
N ILE C 172 -7.78 -4.25 -2.71
CA ILE C 172 -8.79 -3.24 -2.26
C ILE C 172 -10.02 -3.31 -3.17
N GLU C 173 -11.18 -3.54 -2.61
CA GLU C 173 -12.42 -3.62 -3.43
C GLU C 173 -13.32 -2.41 -3.12
N CYS C 174 -14.10 -1.98 -4.08
CA CYS C 174 -15.00 -0.82 -3.84
C CYS C 174 -16.16 -0.85 -4.85
N SER C 175 -16.99 -1.86 -4.77
CA SER C 175 -18.15 -1.98 -5.70
C SER C 175 -19.37 -2.49 -4.92
N GLN C 176 -20.54 -2.02 -5.26
CA GLN C 176 -21.78 -2.46 -4.55
C GLN C 176 -21.90 -3.99 -4.62
N ARG C 177 -21.53 -4.57 -5.75
CA ARG C 177 -21.62 -6.05 -5.88
C ARG C 177 -20.48 -6.71 -5.09
N SER C 178 -20.79 -7.76 -4.37
CA SER C 178 -19.74 -8.46 -3.57
C SER C 178 -18.82 -9.27 -4.49
N MET C 1 2.12 -8.60 -5.67
CA MET C 1 1.09 -9.67 -5.88
C MET C 1 1.76 -10.93 -6.47
N LYS C 2 2.21 -11.82 -5.60
CA LYS C 2 2.87 -13.09 -6.06
C LYS C 2 4.24 -12.78 -6.68
N ASP C 3 5.24 -13.56 -6.34
CA ASP C 3 6.61 -13.32 -6.91
C ASP C 3 7.34 -14.66 -7.07
N TRP C 4 7.23 -15.26 -8.23
CA TRP C 4 7.90 -16.57 -8.50
C TRP C 4 7.39 -17.63 -7.52
N GLN C 5 6.11 -17.61 -7.19
CA GLN C 5 5.53 -18.62 -6.25
C GLN C 5 6.32 -18.59 -4.92
N LEU C 6 6.11 -17.58 -4.12
CA LEU C 6 6.83 -17.48 -2.82
C LEU C 6 5.81 -17.35 -1.67
N PRO C 7 6.17 -17.86 -0.51
CA PRO C 7 5.30 -17.82 0.68
C PRO C 7 5.32 -16.42 1.32
N SER C 8 4.77 -16.30 2.50
CA SER C 8 4.76 -14.98 3.20
C SER C 8 6.15 -14.66 3.76
N HIS C 9 7.07 -15.60 3.71
CA HIS C 9 8.46 -15.36 4.23
C HIS C 9 9.47 -15.49 3.09
N SER C 10 10.70 -15.07 3.32
CA SER C 10 11.75 -15.15 2.26
C SER C 10 12.99 -15.88 2.82
N GLY C 11 12.76 -16.93 3.58
CA GLY C 11 13.91 -17.71 4.17
C GLY C 11 14.18 -17.22 5.59
N PRO C 12 15.34 -16.61 5.78
CA PRO C 12 15.77 -16.07 7.09
C PRO C 12 15.07 -14.73 7.38
N TYR C 13 14.69 -14.00 6.35
CA TYR C 13 14.01 -12.68 6.55
C TYR C 13 12.57 -12.76 6.05
N GLU C 14 11.70 -11.93 6.58
CA GLU C 14 10.27 -11.96 6.12
C GLU C 14 9.59 -10.61 6.43
N LEU C 15 9.14 -9.93 5.42
CA LEU C 15 8.45 -8.63 5.62
C LEU C 15 6.95 -8.84 5.43
N ARG C 16 6.17 -8.59 6.46
CA ARG C 16 4.70 -8.78 6.35
C ARG C 16 3.95 -7.65 7.06
N ILE C 17 2.66 -7.61 6.87
CA ILE C 17 1.84 -6.55 7.52
C ILE C 17 1.28 -7.09 8.85
N GLU C 18 1.60 -6.43 9.94
CA GLU C 18 1.10 -6.89 11.28
C GLU C 18 -0.43 -6.89 11.29
N VAL C 19 -1.04 -5.81 10.87
CA VAL C 19 -2.54 -5.77 10.86
C VAL C 19 -3.01 -5.34 9.47
N GLN C 20 -3.90 -6.09 8.88
CA GLN C 20 -4.41 -5.76 7.51
C GLN C 20 -5.87 -5.30 7.60
N PRO C 21 -6.24 -4.46 6.66
CA PRO C 21 -7.63 -3.93 6.57
C PRO C 21 -8.57 -4.98 5.97
N LYS C 22 -9.83 -4.66 5.86
CA LYS C 22 -10.80 -5.64 5.27
C LYS C 22 -10.70 -5.62 3.75
N SER C 23 -11.25 -6.61 3.09
CA SER C 23 -11.21 -6.66 1.60
C SER C 23 -12.28 -5.71 1.02
N HIS C 24 -13.00 -5.02 1.87
CA HIS C 24 -14.05 -4.07 1.38
C HIS C 24 -13.68 -2.64 1.81
N HIS C 25 -12.46 -2.24 1.55
CA HIS C 25 -12.00 -0.87 1.94
C HIS C 25 -12.90 0.18 1.25
N ARG C 26 -13.87 0.70 1.95
CA ARG C 26 -14.79 1.71 1.34
C ARG C 26 -14.08 3.06 1.22
N ALA C 27 -13.85 3.49 0.00
CA ALA C 27 -13.16 4.79 -0.24
C ALA C 27 -14.20 5.89 -0.51
N ARG C 28 -13.77 7.13 -0.55
CA ARG C 28 -14.72 8.26 -0.80
C ARG C 28 -14.48 8.84 -2.20
N TYR C 29 -14.95 10.03 -2.47
CA TYR C 29 -14.76 10.65 -3.82
C TYR C 29 -14.02 11.98 -3.69
N GLU C 30 -13.42 12.43 -4.77
CA GLU C 30 -12.72 13.75 -4.72
C GLU C 30 -13.77 14.84 -4.44
N THR C 31 -14.96 14.64 -4.96
CA THR C 31 -16.08 15.61 -4.71
C THR C 31 -16.77 15.24 -3.39
N GLU C 32 -16.71 13.98 -2.99
CA GLU C 32 -17.35 13.54 -1.73
C GLU C 32 -16.31 13.57 -0.59
N GLY C 33 -15.40 14.53 -0.62
CA GLY C 33 -14.34 14.64 0.42
C GLY C 33 -14.98 14.79 1.80
N SER C 34 -14.80 13.82 2.66
CA SER C 34 -15.40 13.88 4.03
C SER C 34 -14.66 12.94 4.98
N ARG C 35 -14.49 11.69 4.60
CA ARG C 35 -13.78 10.70 5.48
C ARG C 35 -12.68 9.99 4.68
N GLY C 36 -12.44 8.72 4.96
CA GLY C 36 -11.39 7.96 4.23
C GLY C 36 -11.58 6.45 4.48
N ALA C 37 -10.64 5.82 5.14
CA ALA C 37 -10.76 4.36 5.43
C ALA C 37 -9.70 3.93 6.45
N VAL C 38 -10.06 3.86 7.70
CA VAL C 38 -9.11 3.44 8.76
C VAL C 38 -9.81 2.44 9.69
N LYS C 39 -10.58 1.53 9.12
CA LYS C 39 -11.31 0.52 9.95
C LYS C 39 -11.16 -0.88 9.31
N ALA C 40 -11.21 -1.90 10.13
CA ALA C 40 -11.09 -3.29 9.59
C ALA C 40 -11.41 -4.31 10.71
N SER C 41 -11.64 -5.54 10.34
CA SER C 41 -11.98 -6.61 11.35
C SER C 41 -10.93 -6.65 12.46
N ALA C 42 -9.71 -6.27 12.17
CA ALA C 42 -8.63 -6.28 13.22
C ALA C 42 -9.04 -5.38 14.38
N GLY C 43 -9.14 -4.09 14.14
CA GLY C 43 -9.53 -3.14 15.22
C GLY C 43 -9.91 -1.79 14.62
N GLY C 44 -9.04 -1.25 13.81
CA GLY C 44 -9.32 0.08 13.16
C GLY C 44 -8.00 0.75 12.72
N HIS C 45 -7.07 -0.03 12.20
CA HIS C 45 -5.76 0.54 11.74
C HIS C 45 -4.77 -0.61 11.45
N PRO C 46 -4.33 -0.70 10.22
CA PRO C 46 -3.38 -1.75 9.80
C PRO C 46 -1.96 -1.43 10.25
N ILE C 47 -1.15 -2.45 10.46
CA ILE C 47 0.25 -2.21 10.91
C ILE C 47 1.22 -2.88 9.93
N VAL C 48 2.40 -2.34 9.77
CA VAL C 48 3.41 -2.93 8.85
C VAL C 48 4.73 -3.08 9.60
N GLN C 49 5.24 -4.30 9.70
CA GLN C 49 6.51 -4.51 10.44
C GLN C 49 7.37 -5.56 9.71
N LEU C 50 8.66 -5.34 9.64
CA LEU C 50 9.56 -6.31 8.94
C LEU C 50 10.24 -7.22 9.98
N HIS C 51 10.39 -8.48 9.65
CA HIS C 51 11.05 -9.44 10.58
C HIS C 51 12.10 -10.25 9.81
N GLY C 52 13.30 -9.72 9.70
CA GLY C 52 14.37 -10.44 8.96
C GLY C 52 15.70 -9.70 9.12
N TYR C 53 15.76 -8.47 8.69
CA TYR C 53 17.02 -7.68 8.81
C TYR C 53 17.44 -7.57 10.29
N LEU C 54 18.59 -8.13 10.62
CA LEU C 54 19.09 -8.07 12.04
C LEU C 54 20.35 -7.19 12.11
N GLU C 55 20.59 -6.37 11.09
CA GLU C 55 21.79 -5.49 11.09
C GLU C 55 21.42 -4.10 11.65
N ASN C 56 22.41 -3.29 11.94
CA ASN C 56 22.15 -1.93 12.50
C ASN C 56 21.85 -0.92 11.37
N GLU C 57 21.68 -1.38 10.15
CA GLU C 57 21.38 -0.46 9.01
C GLU C 57 19.86 -0.17 8.98
N PRO C 58 19.49 1.05 8.62
CA PRO C 58 18.08 1.46 8.53
C PRO C 58 17.40 0.85 7.29
N LEU C 59 16.12 1.10 7.13
CA LEU C 59 15.37 0.54 5.97
C LEU C 59 14.54 1.64 5.28
N MET C 60 14.25 1.47 4.02
CA MET C 60 13.45 2.49 3.28
C MET C 60 12.32 1.79 2.50
N LEU C 61 11.40 1.16 3.21
CA LEU C 61 10.26 0.44 2.53
C LEU C 61 9.51 1.40 1.61
N GLN C 62 9.07 0.93 0.47
CA GLN C 62 8.31 1.80 -0.47
C GLN C 62 6.97 1.13 -0.80
N LEU C 63 5.93 1.91 -0.91
CA LEU C 63 4.59 1.35 -1.24
C LEU C 63 4.32 1.59 -2.73
N PHE C 64 3.69 0.64 -3.35
CA PHE C 64 3.35 0.77 -4.80
C PHE C 64 1.89 0.38 -5.01
N ILE C 65 1.06 1.32 -5.37
CA ILE C 65 -0.38 0.99 -5.59
C ILE C 65 -0.53 0.34 -6.97
N GLY C 66 -1.22 -0.78 -7.03
CA GLY C 66 -1.42 -1.48 -8.34
C GLY C 66 -2.87 -1.92 -8.47
N THR C 67 -3.54 -1.48 -9.52
CA THR C 67 -4.99 -1.84 -9.76
C THR C 67 -5.26 -3.33 -9.47
N ALA C 68 -6.50 -3.64 -9.14
CA ALA C 68 -6.88 -5.04 -8.84
C ALA C 68 -7.44 -5.70 -10.11
N ASP C 69 -6.56 -6.12 -10.98
CA ASP C 69 -6.99 -6.78 -12.25
C ASP C 69 -7.09 -8.31 -12.03
N ASP C 70 -6.84 -9.11 -13.06
CA ASP C 70 -6.91 -10.59 -12.90
C ASP C 70 -5.51 -11.19 -12.89
N ARG C 71 -4.83 -11.21 -14.02
CA ARG C 71 -3.44 -11.78 -14.09
C ARG C 71 -2.43 -10.64 -13.90
N LEU C 72 -1.42 -10.54 -14.77
CA LEU C 72 -0.39 -9.46 -14.64
C LEU C 72 -1.07 -8.13 -14.26
N LEU C 73 -0.50 -7.42 -13.33
CA LEU C 73 -1.10 -6.13 -12.88
C LEU C 73 -1.18 -5.14 -14.05
N ARG C 74 -1.95 -4.10 -13.86
CA ARG C 74 -2.13 -3.06 -14.92
C ARG C 74 -1.78 -1.68 -14.31
N PRO C 75 -1.91 -0.63 -15.09
CA PRO C 75 -1.62 0.73 -14.61
C PRO C 75 -2.72 1.17 -13.65
N HIS C 76 -2.40 1.22 -12.38
CA HIS C 76 -3.41 1.62 -11.33
C HIS C 76 -4.14 2.91 -11.74
N ALA C 77 -5.31 3.12 -11.17
CA ALA C 77 -6.11 4.35 -11.51
C ALA C 77 -5.55 5.57 -10.74
N PHE C 78 -6.20 5.99 -9.67
CA PHE C 78 -5.72 7.18 -8.90
C PHE C 78 -6.13 7.01 -7.42
N TYR C 79 -6.00 5.81 -6.89
CA TYR C 79 -6.38 5.56 -5.47
C TYR C 79 -5.33 6.16 -4.52
N GLN C 80 -5.22 7.46 -4.52
CA GLN C 80 -4.24 8.15 -3.63
C GLN C 80 -4.87 8.38 -2.24
N VAL C 81 -4.22 9.15 -1.40
CA VAL C 81 -4.76 9.41 -0.03
C VAL C 81 -4.93 10.92 0.17
N HIS C 82 -5.93 11.31 0.93
CA HIS C 82 -6.18 12.76 1.19
C HIS C 82 -5.82 13.07 2.65
N ARG C 83 -6.77 13.03 3.56
CA ARG C 83 -6.46 13.32 4.99
C ARG C 83 -7.40 12.50 5.90
N ILE C 84 -6.94 12.14 7.07
CA ILE C 84 -7.78 11.36 8.03
C ILE C 84 -6.98 11.12 9.32
N THR C 85 -7.48 11.60 10.44
CA THR C 85 -6.76 11.41 11.74
C THR C 85 -7.64 11.91 12.90
N GLY C 86 -8.10 10.99 13.72
CA GLY C 86 -8.95 11.35 14.88
C GLY C 86 -8.08 11.58 16.13
N LYS C 87 -6.87 11.06 16.14
CA LYS C 87 -5.97 11.24 17.30
C LYS C 87 -4.70 11.94 16.82
N THR C 88 -3.64 11.20 16.55
CA THR C 88 -2.37 11.81 16.07
C THR C 88 -1.26 10.74 16.01
N VAL C 89 -1.21 9.98 14.95
CA VAL C 89 -0.17 8.92 14.81
C VAL C 89 0.75 9.27 13.63
N SER C 90 1.68 10.17 13.84
CA SER C 90 2.61 10.57 12.74
C SER C 90 3.97 9.85 12.95
N THR C 91 3.93 8.55 13.15
CA THR C 91 5.20 7.78 13.37
C THR C 91 6.01 7.80 12.07
N THR C 92 5.44 7.32 10.99
CA THR C 92 6.16 7.31 9.68
C THR C 92 5.13 7.15 8.54
N SER C 93 5.19 8.03 7.56
CA SER C 93 4.23 7.97 6.40
C SER C 93 4.60 9.02 5.36
N HIS C 94 4.52 8.68 4.10
CA HIS C 94 4.86 9.65 3.01
C HIS C 94 4.08 9.32 1.73
N GLU C 95 4.04 10.24 0.79
CA GLU C 95 3.30 9.98 -0.48
C GLU C 95 4.16 10.37 -1.70
N ALA C 96 3.75 9.96 -2.88
CA ALA C 96 4.54 10.29 -4.12
C ALA C 96 3.64 10.11 -5.34
N ILE C 97 2.83 11.11 -5.65
CA ILE C 97 1.92 11.03 -6.83
C ILE C 97 2.75 11.09 -8.12
N LEU C 98 2.45 10.23 -9.06
CA LEU C 98 3.20 10.19 -10.35
C LEU C 98 2.23 10.44 -11.51
N SER C 99 2.75 10.73 -12.68
CA SER C 99 1.87 10.98 -13.88
C SER C 99 0.93 9.79 -14.09
N ASN C 100 -0.25 9.85 -13.53
CA ASN C 100 -1.24 8.73 -13.67
C ASN C 100 -0.82 7.53 -12.82
N THR C 101 -0.21 7.77 -11.67
CA THR C 101 0.24 6.66 -10.79
C THR C 101 0.32 7.15 -9.33
N LYS C 102 0.26 6.24 -8.38
CA LYS C 102 0.33 6.64 -6.94
C LYS C 102 1.24 5.68 -6.17
N VAL C 103 2.11 6.22 -5.34
CA VAL C 103 3.04 5.36 -4.53
C VAL C 103 3.26 6.01 -3.16
N LEU C 104 3.30 5.23 -2.11
CA LEU C 104 3.50 5.80 -0.75
C LEU C 104 4.85 5.36 -0.19
N GLU C 105 5.84 6.22 -0.27
CA GLU C 105 7.20 5.85 0.27
C GLU C 105 7.13 5.91 1.80
N ILE C 106 7.71 4.94 2.47
CA ILE C 106 7.68 4.92 3.97
C ILE C 106 9.03 4.43 4.51
N PRO C 107 9.77 5.36 5.06
CA PRO C 107 11.11 5.07 5.63
C PRO C 107 10.99 4.27 6.93
N LEU C 108 12.07 3.64 7.34
CA LEU C 108 12.03 2.82 8.58
C LEU C 108 13.08 3.34 9.57
N LEU C 109 12.80 3.27 10.84
CA LEU C 109 13.77 3.76 11.87
C LEU C 109 14.86 2.70 12.08
N PRO C 110 15.89 3.07 12.83
CA PRO C 110 17.02 2.16 13.12
C PRO C 110 16.65 1.09 14.13
N GLU C 111 16.55 1.43 15.39
CA GLU C 111 16.20 0.41 16.43
C GLU C 111 14.83 0.73 17.02
N ASN C 112 13.81 0.76 16.19
CA ASN C 112 12.43 1.04 16.67
C ASN C 112 11.59 -0.23 16.44
N SER C 113 12.22 -1.39 16.53
CA SER C 113 11.52 -2.68 16.30
C SER C 113 10.98 -2.72 14.86
N MET C 114 11.53 -1.92 13.97
CA MET C 114 11.06 -1.88 12.54
C MET C 114 9.53 -1.81 12.52
N ARG C 115 8.95 -0.90 13.29
CA ARG C 115 7.47 -0.79 13.36
C ARG C 115 6.97 0.36 12.49
N ALA C 116 5.79 0.20 11.94
CA ALA C 116 5.18 1.25 11.07
C ALA C 116 3.66 1.09 11.13
N VAL C 117 3.03 1.64 12.14
CA VAL C 117 1.54 1.53 12.29
C VAL C 117 0.85 2.57 11.39
N ILE C 118 -0.28 2.22 10.84
CA ILE C 118 -1.03 3.16 9.95
C ILE C 118 -2.27 3.68 10.67
N ASP C 119 -2.28 4.95 11.00
CA ASP C 119 -3.46 5.56 11.70
C ASP C 119 -3.64 7.01 11.24
N CYS C 120 -3.18 7.33 10.05
CA CYS C 120 -3.30 8.73 9.54
C CYS C 120 -3.41 8.72 8.00
N ALA C 121 -3.78 7.61 7.41
CA ALA C 121 -3.92 7.53 5.92
C ALA C 121 -5.17 6.70 5.58
N GLY C 122 -6.13 7.30 4.92
CA GLY C 122 -7.38 6.56 4.56
C GLY C 122 -7.33 6.14 3.09
N ILE C 123 -8.46 5.82 2.52
CA ILE C 123 -8.52 5.39 1.08
C ILE C 123 -9.43 6.34 0.31
N LEU C 124 -9.15 6.53 -0.96
CA LEU C 124 -9.98 7.45 -1.79
C LEU C 124 -10.45 6.71 -3.07
N LYS C 125 -11.73 6.81 -3.39
CA LYS C 125 -12.27 6.13 -4.61
C LYS C 125 -12.12 7.08 -5.81
N LEU C 126 -11.97 6.52 -6.99
CA LEU C 126 -11.79 7.38 -8.20
C LEU C 126 -13.00 7.28 -9.12
N ARG C 127 -13.43 8.40 -9.65
CA ARG C 127 -14.59 8.42 -10.58
C ARG C 127 -14.17 7.82 -11.94
N ASN C 128 -14.49 6.57 -12.15
CA ASN C 128 -14.12 5.88 -13.44
C ASN C 128 -14.73 6.60 -14.65
N SER C 129 -16.05 6.71 -14.70
CA SER C 129 -16.75 7.37 -15.86
C SER C 129 -15.96 8.59 -16.37
N ASP C 130 -15.66 9.53 -15.50
CA ASP C 130 -14.90 10.74 -15.94
C ASP C 130 -13.50 10.30 -16.42
N ILE C 131 -12.92 9.33 -15.76
CA ILE C 131 -11.58 8.82 -16.17
C ILE C 131 -11.71 7.96 -17.44
N GLU C 132 -12.92 7.71 -17.90
CA GLU C 132 -13.11 6.92 -19.16
C GLU C 132 -12.83 7.87 -20.34
N LEU C 133 -13.26 9.11 -20.23
CA LEU C 133 -13.04 10.11 -21.31
C LEU C 133 -11.58 10.62 -21.27
N ARG C 134 -10.84 10.29 -20.21
CA ARG C 134 -9.42 10.73 -20.02
C ARG C 134 -8.83 11.40 -21.26
N LYS C 135 -8.83 12.71 -21.26
CA LYS C 135 -8.31 13.55 -22.40
C LYS C 135 -7.42 12.72 -23.37
N GLY C 136 -8.02 12.17 -24.40
CA GLY C 136 -7.25 11.37 -25.41
C GLY C 136 -6.37 10.32 -24.71
N GLU C 137 -6.98 9.40 -24.01
CA GLU C 137 -6.21 8.33 -23.31
C GLU C 137 -7.03 7.03 -23.30
N THR C 138 -6.75 6.12 -22.41
CA THR C 138 -7.52 4.84 -22.36
C THR C 138 -8.66 5.00 -21.35
N ASP C 139 -8.49 4.49 -20.15
CA ASP C 139 -9.56 4.59 -19.10
C ASP C 139 -9.25 3.62 -17.96
N ILE C 140 -9.94 3.75 -16.86
CA ILE C 140 -9.71 2.83 -15.71
C ILE C 140 -10.65 1.61 -15.81
N GLY C 141 -11.36 1.49 -16.90
CA GLY C 141 -12.30 0.33 -17.08
C GLY C 141 -13.57 0.58 -16.26
N ARG C 142 -14.71 0.65 -16.91
CA ARG C 142 -15.98 0.89 -16.17
C ARG C 142 -16.36 -0.33 -15.32
N LYS C 143 -15.75 -1.47 -15.57
CA LYS C 143 -16.07 -2.69 -14.76
C LYS C 143 -14.88 -3.06 -13.86
N ASN C 144 -14.11 -2.08 -13.43
CA ASN C 144 -12.94 -2.37 -12.53
C ASN C 144 -12.92 -1.34 -11.38
N THR C 145 -13.78 -1.52 -10.41
CA THR C 145 -13.84 -0.58 -9.25
C THR C 145 -13.04 -1.18 -8.08
N ARG C 146 -11.88 -1.74 -8.36
CA ARG C 146 -11.06 -2.35 -7.27
C ARG C 146 -9.56 -2.11 -7.52
N VAL C 147 -8.81 -1.93 -6.46
CA VAL C 147 -7.33 -1.71 -6.61
C VAL C 147 -6.57 -2.54 -5.57
N ARG C 148 -5.26 -2.60 -5.65
CA ARG C 148 -4.48 -3.42 -4.66
C ARG C 148 -3.24 -2.66 -4.18
N LEU C 149 -2.72 -3.03 -3.03
CA LEU C 149 -1.49 -2.34 -2.49
C LEU C 149 -0.27 -3.25 -2.65
N VAL C 150 0.86 -2.70 -3.01
CA VAL C 150 2.10 -3.54 -3.16
C VAL C 150 3.22 -2.96 -2.29
N PHE C 151 3.44 -3.54 -1.14
CA PHE C 151 4.52 -3.04 -0.22
C PHE C 151 5.84 -3.67 -0.63
N ARG C 152 6.70 -2.93 -1.28
CA ARG C 152 8.02 -3.51 -1.71
C ARG C 152 9.15 -2.84 -0.93
N VAL C 153 9.99 -3.64 -0.32
CA VAL C 153 11.13 -3.09 0.47
C VAL C 153 12.46 -3.38 -0.24
N HIS C 154 13.46 -2.57 0.00
CA HIS C 154 14.78 -2.78 -0.64
C HIS C 154 15.88 -2.34 0.35
N VAL C 155 16.48 -3.29 1.03
CA VAL C 155 17.56 -2.96 2.01
C VAL C 155 18.89 -3.52 1.48
N PRO C 156 19.79 -2.61 1.15
CA PRO C 156 21.13 -2.97 0.60
C PRO C 156 22.06 -3.48 1.70
N GLN C 157 22.59 -4.67 1.56
CA GLN C 157 23.52 -5.24 2.57
C GLN C 157 24.96 -4.79 2.23
N PRO C 158 25.64 -4.23 3.21
CA PRO C 158 27.03 -3.76 3.04
C PRO C 158 27.99 -4.96 3.03
N SER C 159 27.97 -5.72 1.96
CA SER C 159 28.84 -6.93 1.84
C SER C 159 28.70 -7.52 0.44
N GLY C 160 27.48 -7.65 -0.05
CA GLY C 160 27.25 -8.22 -1.41
C GLY C 160 25.95 -9.02 -1.40
N ARG C 161 24.88 -8.40 -1.00
CA ARG C 161 23.56 -9.10 -0.94
C ARG C 161 22.45 -8.06 -0.80
N THR C 162 21.47 -8.12 -1.67
CA THR C 162 20.35 -7.14 -1.59
C THR C 162 19.10 -7.85 -1.07
N LEU C 163 18.50 -7.34 -0.03
CA LEU C 163 17.28 -7.99 0.52
C LEU C 163 16.06 -7.18 0.11
N SER C 164 15.29 -7.70 -0.82
CA SER C 164 14.07 -6.98 -1.30
C SER C 164 12.82 -7.82 -1.03
N LEU C 165 11.73 -7.19 -0.70
CA LEU C 165 10.47 -7.96 -0.41
C LEU C 165 9.31 -7.42 -1.23
N GLN C 166 8.26 -8.19 -1.39
CA GLN C 166 7.08 -7.74 -2.18
C GLN C 166 5.79 -8.31 -1.56
N VAL C 167 4.97 -7.45 -1.01
CA VAL C 167 3.69 -7.92 -0.38
C VAL C 167 2.50 -7.35 -1.16
N ALA C 168 1.32 -7.88 -0.94
CA ALA C 168 0.11 -7.38 -1.66
C ALA C 168 -1.08 -7.33 -0.70
N SER C 169 -1.68 -6.17 -0.52
CA SER C 169 -2.86 -6.07 0.41
C SER C 169 -4.14 -6.43 -0.33
N ASN C 170 -5.21 -6.67 0.40
CA ASN C 170 -6.53 -7.04 -0.22
C ASN C 170 -6.89 -6.04 -1.33
N PRO C 171 -7.73 -6.47 -2.24
CA PRO C 171 -8.19 -5.64 -3.36
C PRO C 171 -9.21 -4.61 -2.86
N ILE C 172 -8.78 -3.37 -2.71
CA ILE C 172 -9.70 -2.28 -2.24
C ILE C 172 -10.97 -2.29 -3.09
N GLU C 173 -12.11 -2.52 -2.47
CA GLU C 173 -13.40 -2.56 -3.22
C GLU C 173 -14.37 -1.53 -2.63
N CYS C 174 -15.03 -0.78 -3.49
CA CYS C 174 -16.00 0.25 -3.00
C CYS C 174 -17.42 -0.13 -3.44
N SER C 175 -17.58 -0.54 -4.67
CA SER C 175 -18.94 -0.94 -5.18
C SER C 175 -19.48 -2.11 -4.36
N GLN C 176 -20.78 -2.13 -4.14
CA GLN C 176 -21.41 -3.24 -3.35
C GLN C 176 -21.31 -4.56 -4.11
N ARG C 177 -21.14 -4.51 -5.42
CA ARG C 177 -21.02 -5.76 -6.23
C ARG C 177 -19.71 -6.48 -5.90
N SER C 178 -19.61 -7.73 -6.28
CA SER C 178 -18.37 -8.52 -6.00
C SER C 178 -17.21 -8.01 -6.88
N MET C 1 -7.80 -13.06 -6.39
CA MET C 1 -7.76 -12.41 -7.74
C MET C 1 -6.51 -12.89 -8.50
N LYS C 2 -6.29 -14.20 -8.52
CA LYS C 2 -5.09 -14.76 -9.25
C LYS C 2 -3.79 -14.37 -8.52
N ASP C 3 -2.85 -15.28 -8.47
CA ASP C 3 -1.56 -14.98 -7.80
C ASP C 3 -0.43 -14.94 -8.85
N TRP C 4 0.07 -13.77 -9.14
CA TRP C 4 1.17 -13.63 -10.15
C TRP C 4 2.31 -12.80 -9.55
N GLN C 5 2.54 -12.92 -8.26
CA GLN C 5 3.63 -12.15 -7.60
C GLN C 5 4.00 -12.83 -6.27
N LEU C 6 4.91 -13.76 -6.32
CA LEU C 6 5.34 -14.48 -5.08
C LEU C 6 6.30 -13.59 -4.28
N PRO C 7 6.38 -13.84 -2.99
CA PRO C 7 7.26 -13.07 -2.08
C PRO C 7 8.72 -13.48 -2.25
N SER C 8 9.62 -12.67 -1.75
CA SER C 8 11.08 -12.96 -1.84
C SER C 8 11.69 -13.08 -0.44
N HIS C 9 10.86 -13.33 0.55
CA HIS C 9 11.36 -13.46 1.96
C HIS C 9 12.44 -14.55 2.05
N SER C 10 13.09 -14.65 3.18
CA SER C 10 14.15 -15.69 3.35
C SER C 10 13.78 -16.63 4.51
N GLY C 11 14.67 -17.54 4.84
CA GLY C 11 14.39 -18.50 5.96
C GLY C 11 14.41 -17.75 7.30
N PRO C 12 15.53 -17.14 7.61
CA PRO C 12 15.72 -16.39 8.87
C PRO C 12 15.00 -15.03 8.82
N TYR C 13 15.02 -14.36 7.70
CA TYR C 13 14.34 -13.02 7.59
C TYR C 13 12.95 -13.19 6.97
N GLU C 14 12.02 -12.34 7.34
CA GLU C 14 10.63 -12.43 6.79
C GLU C 14 9.87 -11.13 7.07
N LEU C 15 9.45 -10.44 6.03
CA LEU C 15 8.68 -9.17 6.19
C LEU C 15 7.23 -9.45 5.81
N ARG C 16 6.36 -9.60 6.79
CA ARG C 16 4.93 -9.90 6.49
C ARG C 16 4.00 -8.91 7.21
N ILE C 17 2.81 -8.73 6.67
CA ILE C 17 1.81 -7.80 7.30
C ILE C 17 1.13 -8.52 8.46
N GLU C 18 0.96 -7.84 9.58
CA GLU C 18 0.30 -8.48 10.76
C GLU C 18 -1.24 -8.49 10.57
N VAL C 19 -1.98 -7.71 11.34
CA VAL C 19 -3.47 -7.71 11.20
C VAL C 19 -3.85 -7.28 9.77
N GLN C 20 -4.51 -8.15 9.04
CA GLN C 20 -4.92 -7.82 7.65
C GLN C 20 -6.37 -7.33 7.65
N PRO C 21 -6.61 -6.23 6.96
CA PRO C 21 -7.95 -5.62 6.85
C PRO C 21 -8.82 -6.37 5.83
N LYS C 22 -9.96 -5.81 5.49
CA LYS C 22 -10.86 -6.48 4.50
C LYS C 22 -10.40 -6.13 3.08
N SER C 23 -10.83 -6.91 2.11
CA SER C 23 -10.43 -6.63 0.69
C SER C 23 -11.49 -5.75 0.01
N HIS C 24 -12.29 -5.04 0.79
CA HIS C 24 -13.34 -4.16 0.20
C HIS C 24 -13.12 -2.71 0.68
N HIS C 25 -12.00 -2.13 0.31
CA HIS C 25 -11.70 -0.72 0.73
C HIS C 25 -12.73 0.23 0.10
N ARG C 26 -13.13 1.25 0.83
CA ARG C 26 -14.12 2.22 0.27
C ARG C 26 -13.44 3.58 0.10
N ALA C 27 -13.46 4.11 -1.09
CA ALA C 27 -12.84 5.43 -1.35
C ALA C 27 -13.92 6.45 -1.68
N ARG C 28 -13.92 7.58 -1.00
CA ARG C 28 -14.97 8.62 -1.27
C ARG C 28 -14.59 9.42 -2.52
N TYR C 29 -15.50 10.23 -3.01
CA TYR C 29 -15.24 11.05 -4.23
C TYR C 29 -14.55 12.37 -3.86
N GLU C 30 -14.03 13.06 -4.84
CA GLU C 30 -13.36 14.37 -4.60
C GLU C 30 -14.45 15.45 -4.48
N THR C 31 -15.53 15.30 -5.21
CA THR C 31 -16.64 16.30 -5.16
C THR C 31 -17.32 16.27 -3.78
N GLU C 32 -17.35 15.14 -3.13
CA GLU C 32 -18.00 15.03 -1.79
C GLU C 32 -16.97 14.58 -0.74
N GLY C 33 -15.70 14.64 -1.08
CA GLY C 33 -14.61 14.22 -0.14
C GLY C 33 -14.86 14.78 1.27
N SER C 34 -15.46 13.98 2.12
CA SER C 34 -15.76 14.42 3.52
C SER C 34 -14.94 13.57 4.49
N ARG C 35 -15.03 12.26 4.36
CA ARG C 35 -14.27 11.34 5.26
C ARG C 35 -14.66 9.89 4.97
N GLY C 36 -13.67 9.04 4.90
CA GLY C 36 -13.93 7.59 4.62
C GLY C 36 -12.81 7.04 3.72
N ALA C 37 -11.59 7.49 3.91
CA ALA C 37 -10.46 7.01 3.10
C ALA C 37 -9.72 5.90 3.88
N VAL C 38 -10.47 5.08 4.59
CA VAL C 38 -9.87 3.95 5.36
C VAL C 38 -10.93 2.84 5.47
N LYS C 39 -10.55 1.61 5.28
CA LYS C 39 -11.55 0.50 5.38
C LYS C 39 -10.91 -0.72 6.08
N ALA C 40 -11.18 -0.87 7.35
CA ALA C 40 -10.62 -2.02 8.11
C ALA C 40 -11.18 -2.02 9.54
N SER C 41 -11.97 -3.01 9.86
CA SER C 41 -12.58 -3.08 11.23
C SER C 41 -11.49 -3.38 12.28
N ALA C 42 -10.34 -3.88 11.86
CA ALA C 42 -9.25 -4.19 12.83
C ALA C 42 -8.93 -2.96 13.67
N GLY C 43 -8.22 -2.00 13.12
CA GLY C 43 -7.88 -0.77 13.90
C GLY C 43 -7.91 0.49 13.00
N GLY C 44 -8.32 0.36 11.76
CA GLY C 44 -8.38 1.56 10.86
C GLY C 44 -7.46 1.35 9.63
N HIS C 45 -6.89 0.18 9.46
CA HIS C 45 -5.98 -0.10 8.29
C HIS C 45 -5.15 -1.37 8.58
N PRO C 46 -4.37 -1.80 7.60
CA PRO C 46 -3.52 -3.00 7.72
C PRO C 46 -2.28 -2.75 8.58
N ILE C 47 -1.67 -3.81 9.07
CA ILE C 47 -0.44 -3.66 9.93
C ILE C 47 0.76 -4.18 9.14
N VAL C 48 1.94 -3.71 9.46
CA VAL C 48 3.17 -4.17 8.74
C VAL C 48 4.30 -4.38 9.76
N GLN C 49 4.62 -5.62 10.04
CA GLN C 49 5.69 -5.93 11.03
C GLN C 49 6.77 -6.78 10.36
N LEU C 50 8.01 -6.35 10.41
CA LEU C 50 9.12 -7.13 9.78
C LEU C 50 9.79 -8.03 10.82
N HIS C 51 10.23 -9.20 10.40
CA HIS C 51 10.90 -10.14 11.31
C HIS C 51 12.08 -10.78 10.57
N GLY C 52 13.21 -10.12 10.55
CA GLY C 52 14.40 -10.66 9.83
C GLY C 52 15.64 -9.82 10.14
N TYR C 53 15.63 -8.57 9.74
CA TYR C 53 16.80 -7.69 10.00
C TYR C 53 17.05 -7.56 11.52
N LEU C 54 18.05 -8.24 12.02
CA LEU C 54 18.35 -8.17 13.49
C LEU C 54 19.65 -7.37 13.70
N GLU C 55 19.75 -6.24 13.07
CA GLU C 55 20.97 -5.38 13.21
C GLU C 55 20.59 -4.07 13.93
N ASN C 56 21.56 -3.27 14.29
CA ASN C 56 21.26 -1.98 14.99
C ASN C 56 20.90 -0.90 13.95
N GLU C 57 20.81 -1.26 12.70
CA GLU C 57 20.46 -0.28 11.63
C GLU C 57 18.93 -0.29 11.44
N PRO C 58 18.35 0.87 11.22
CA PRO C 58 16.90 1.01 11.02
C PRO C 58 16.50 0.50 9.63
N LEU C 59 15.22 0.43 9.37
CA LEU C 59 14.73 -0.07 8.05
C LEU C 59 13.97 1.04 7.31
N MET C 60 13.90 0.94 6.00
CA MET C 60 13.16 1.96 5.20
C MET C 60 12.25 1.24 4.20
N LEU C 61 11.25 0.55 4.69
CA LEU C 61 10.31 -0.18 3.79
C LEU C 61 9.58 0.84 2.89
N GLN C 62 9.34 0.49 1.66
CA GLN C 62 8.63 1.43 0.73
C GLN C 62 7.33 0.78 0.25
N LEU C 63 6.35 1.59 -0.02
CA LEU C 63 5.05 1.08 -0.51
C LEU C 63 4.91 1.38 -2.01
N PHE C 64 4.28 0.49 -2.74
CA PHE C 64 4.10 0.69 -4.20
C PHE C 64 2.69 0.24 -4.58
N ILE C 65 1.87 1.16 -5.05
CA ILE C 65 0.48 0.80 -5.44
C ILE C 65 0.42 0.53 -6.94
N GLY C 66 -0.39 -0.42 -7.33
CA GLY C 66 -0.54 -0.74 -8.78
C GLY C 66 -1.91 -1.36 -9.02
N THR C 67 -2.66 -0.82 -9.95
CA THR C 67 -4.04 -1.32 -10.28
C THR C 67 -4.12 -2.86 -10.25
N ALA C 68 -5.30 -3.39 -10.04
CA ALA C 68 -5.49 -4.87 -9.95
C ALA C 68 -5.66 -5.46 -11.36
N ASP C 69 -4.56 -5.66 -12.04
CA ASP C 69 -4.61 -6.24 -13.42
C ASP C 69 -4.51 -7.78 -13.35
N ASP C 70 -4.54 -8.44 -14.49
CA ASP C 70 -4.45 -9.94 -14.51
C ASP C 70 -2.98 -10.37 -14.59
N ARG C 71 -2.34 -10.15 -15.72
CA ARG C 71 -0.90 -10.52 -15.87
C ARG C 71 -0.04 -9.34 -15.40
N LEU C 72 0.98 -8.96 -16.16
CA LEU C 72 1.84 -7.81 -15.76
C LEU C 72 0.95 -6.64 -15.32
N LEU C 73 1.27 -6.03 -14.20
CA LEU C 73 0.43 -4.89 -13.70
C LEU C 73 0.43 -3.75 -14.72
N ARG C 74 -0.42 -2.78 -14.50
CA ARG C 74 -0.50 -1.61 -15.43
C ARG C 74 -0.17 -0.33 -14.64
N PRO C 75 -0.19 0.81 -15.33
CA PRO C 75 0.11 2.10 -14.69
C PRO C 75 -1.05 2.52 -13.78
N HIS C 76 -0.76 2.69 -12.51
CA HIS C 76 -1.80 3.07 -11.50
C HIS C 76 -2.82 4.07 -12.09
N ALA C 77 -4.07 3.93 -11.72
CA ALA C 77 -5.12 4.84 -12.24
C ALA C 77 -5.04 6.21 -11.56
N PHE C 78 -5.74 6.41 -10.45
CA PHE C 78 -5.72 7.75 -9.77
C PHE C 78 -5.96 7.62 -8.26
N TYR C 79 -5.64 6.49 -7.66
CA TYR C 79 -5.86 6.33 -6.18
C TYR C 79 -4.80 7.10 -5.39
N GLN C 80 -4.75 8.41 -5.54
CA GLN C 80 -3.73 9.22 -4.81
C GLN C 80 -4.38 10.40 -4.09
N VAL C 81 -4.13 10.52 -2.81
CA VAL C 81 -4.72 11.65 -2.00
C VAL C 81 -3.87 11.85 -0.74
N HIS C 82 -3.98 13.01 -0.13
CA HIS C 82 -3.21 13.30 1.11
C HIS C 82 -4.17 13.72 2.23
N ARG C 83 -4.91 12.77 2.76
CA ARG C 83 -5.88 13.08 3.86
C ARG C 83 -6.49 11.78 4.39
N ILE C 84 -6.22 11.44 5.63
CA ILE C 84 -6.76 10.19 6.22
C ILE C 84 -7.86 10.53 7.24
N THR C 85 -8.78 9.62 7.45
CA THR C 85 -9.89 9.84 8.42
C THR C 85 -9.55 9.10 9.72
N GLY C 86 -8.89 9.75 10.64
CA GLY C 86 -8.52 9.11 11.92
C GLY C 86 -8.36 10.17 13.01
N LYS C 87 -7.38 10.02 13.87
CA LYS C 87 -7.16 11.02 14.96
C LYS C 87 -5.74 11.58 14.83
N THR C 88 -4.75 10.74 14.97
CA THR C 88 -3.33 11.21 14.85
C THR C 88 -2.37 10.01 14.95
N VAL C 89 -2.74 8.88 14.37
CA VAL C 89 -1.85 7.67 14.42
C VAL C 89 -0.81 7.77 13.29
N SER C 90 0.23 8.55 13.50
CA SER C 90 1.29 8.70 12.46
C SER C 90 2.63 8.15 13.00
N THR C 91 2.61 6.97 13.57
CA THR C 91 3.87 6.37 14.12
C THR C 91 4.83 6.07 12.95
N THR C 92 4.35 5.42 11.92
CA THR C 92 5.20 5.10 10.74
C THR C 92 4.34 5.15 9.48
N SER C 93 4.34 6.26 8.79
CA SER C 93 3.51 6.40 7.55
C SER C 93 3.99 7.60 6.72
N HIS C 94 4.02 7.44 5.41
CA HIS C 94 4.48 8.56 4.51
C HIS C 94 3.75 8.45 3.16
N GLU C 95 3.88 9.46 2.32
CA GLU C 95 3.20 9.42 0.99
C GLU C 95 4.14 9.97 -0.10
N ALA C 96 3.88 9.63 -1.35
CA ALA C 96 4.74 10.12 -2.46
C ALA C 96 3.94 10.10 -3.78
N ILE C 97 3.15 11.12 -4.02
CA ILE C 97 2.34 11.18 -5.27
C ILE C 97 3.27 11.25 -6.49
N LEU C 98 2.88 10.62 -7.56
CA LEU C 98 3.73 10.63 -8.80
C LEU C 98 2.83 10.94 -10.01
N SER C 99 3.43 11.25 -11.15
CA SER C 99 2.64 11.57 -12.39
C SER C 99 1.64 10.42 -12.68
N ASN C 100 0.44 10.53 -12.16
CA ASN C 100 -0.61 9.48 -12.38
C ASN C 100 -0.19 8.18 -11.68
N THR C 101 0.37 8.29 -10.49
CA THR C 101 0.82 7.09 -9.73
C THR C 101 0.77 7.41 -8.22
N LYS C 102 0.67 6.40 -7.39
CA LYS C 102 0.61 6.65 -5.91
C LYS C 102 1.54 5.68 -5.18
N VAL C 103 2.40 6.19 -4.32
CA VAL C 103 3.32 5.32 -3.54
C VAL C 103 3.45 5.86 -2.12
N LEU C 104 3.84 5.03 -1.18
CA LEU C 104 3.98 5.48 0.23
C LEU C 104 5.35 5.08 0.77
N GLU C 105 5.59 5.36 2.03
CA GLU C 105 6.90 5.00 2.66
C GLU C 105 6.67 4.68 4.15
N ILE C 106 7.29 3.64 4.65
CA ILE C 106 7.11 3.27 6.09
C ILE C 106 8.40 2.62 6.62
N PRO C 107 9.29 3.44 7.13
CA PRO C 107 10.58 2.99 7.69
C PRO C 107 10.39 2.38 9.08
N LEU C 108 11.17 1.38 9.41
CA LEU C 108 11.05 0.73 10.75
C LEU C 108 11.76 1.58 11.81
N LEU C 109 11.25 1.59 13.01
CA LEU C 109 11.88 2.39 14.11
C LEU C 109 13.02 1.59 14.75
N PRO C 110 13.72 2.21 15.68
CA PRO C 110 14.86 1.58 16.38
C PRO C 110 14.37 0.54 17.40
N GLU C 111 13.88 0.96 18.54
CA GLU C 111 13.41 -0.01 19.57
C GLU C 111 11.90 0.16 19.79
N ASN C 112 11.13 -0.01 18.75
CA ASN C 112 9.64 0.09 18.87
C ASN C 112 9.04 -1.27 18.54
N SER C 113 9.75 -2.33 18.86
CA SER C 113 9.28 -3.72 18.56
C SER C 113 9.16 -3.90 17.04
N MET C 114 9.89 -3.10 16.27
CA MET C 114 9.83 -3.21 14.77
C MET C 114 8.37 -3.27 14.31
N ARG C 115 7.54 -2.39 14.81
CA ARG C 115 6.10 -2.39 14.44
C ARG C 115 5.81 -1.23 13.49
N ALA C 116 4.90 -1.45 12.57
CA ALA C 116 4.52 -0.40 11.59
C ALA C 116 3.03 -0.55 11.25
N VAL C 117 2.17 -0.12 12.14
CA VAL C 117 0.70 -0.24 11.90
C VAL C 117 0.26 0.89 10.96
N ILE C 118 -0.68 0.61 10.10
CA ILE C 118 -1.18 1.66 9.16
C ILE C 118 -2.47 2.24 9.71
N ASP C 119 -2.54 3.54 9.81
CA ASP C 119 -3.77 4.20 10.34
C ASP C 119 -3.76 5.69 9.94
N CYS C 120 -3.16 6.00 8.82
CA CYS C 120 -3.08 7.43 8.37
C CYS C 120 -3.03 7.51 6.84
N ALA C 121 -3.47 6.48 6.15
CA ALA C 121 -3.47 6.51 4.65
C ALA C 121 -4.91 6.70 4.17
N GLY C 122 -5.13 7.54 3.19
CA GLY C 122 -6.51 7.78 2.70
C GLY C 122 -6.70 7.14 1.31
N ILE C 123 -7.84 6.53 1.12
CA ILE C 123 -8.17 5.90 -0.20
C ILE C 123 -9.17 6.80 -0.93
N LEU C 124 -8.87 7.17 -2.15
CA LEU C 124 -9.79 8.07 -2.93
C LEU C 124 -10.39 7.30 -4.11
N LYS C 125 -11.63 7.60 -4.45
CA LYS C 125 -12.30 6.89 -5.59
C LYS C 125 -12.01 7.64 -6.89
N LEU C 126 -11.75 6.91 -7.95
CA LEU C 126 -11.46 7.55 -9.28
C LEU C 126 -12.74 7.55 -10.09
N ARG C 127 -13.42 8.67 -10.15
CA ARG C 127 -14.70 8.74 -10.95
C ARG C 127 -14.42 8.28 -12.39
N ASN C 128 -14.84 7.07 -12.72
CA ASN C 128 -14.61 6.51 -14.10
C ASN C 128 -15.12 7.48 -15.17
N SER C 129 -16.38 7.84 -15.11
CA SER C 129 -16.99 8.77 -16.13
C SER C 129 -16.06 9.97 -16.39
N ASP C 130 -15.64 10.67 -15.35
CA ASP C 130 -14.73 11.84 -15.54
C ASP C 130 -13.33 11.35 -15.94
N ILE C 131 -12.96 10.15 -15.53
CA ILE C 131 -11.62 9.60 -15.87
C ILE C 131 -11.60 9.15 -17.36
N GLU C 132 -12.74 9.19 -18.02
CA GLU C 132 -12.80 8.79 -19.47
C GLU C 132 -12.64 10.04 -20.33
N LEU C 133 -13.38 11.09 -20.02
CA LEU C 133 -13.30 12.35 -20.80
C LEU C 133 -12.02 13.12 -20.45
N ARG C 134 -11.58 13.05 -19.21
CA ARG C 134 -10.33 13.75 -18.79
C ARG C 134 -9.14 13.01 -19.41
N LYS C 135 -8.71 13.43 -20.57
CA LYS C 135 -7.56 12.75 -21.23
C LYS C 135 -6.34 12.84 -20.30
N GLY C 136 -5.75 11.72 -20.03
CA GLY C 136 -4.56 11.67 -19.15
C GLY C 136 -3.85 10.36 -19.41
N GLU C 137 -4.58 9.28 -19.30
CA GLU C 137 -3.99 7.93 -19.53
C GLU C 137 -4.81 7.18 -20.62
N THR C 138 -4.68 5.87 -20.67
CA THR C 138 -5.44 5.09 -21.71
C THR C 138 -6.94 5.35 -21.53
N ASP C 139 -7.56 4.70 -20.57
CA ASP C 139 -9.02 4.90 -20.32
C ASP C 139 -9.51 3.93 -19.23
N ILE C 140 -10.36 4.37 -18.35
CA ILE C 140 -10.87 3.48 -17.26
C ILE C 140 -12.17 2.77 -17.71
N GLY C 141 -12.59 2.99 -18.94
CA GLY C 141 -13.84 2.36 -19.48
C GLY C 141 -14.98 2.48 -18.48
N ARG C 142 -15.25 1.41 -17.77
CA ARG C 142 -16.35 1.44 -16.74
C ARG C 142 -16.24 0.25 -15.76
N LYS C 143 -15.45 -0.76 -16.05
CA LYS C 143 -15.33 -1.93 -15.12
C LYS C 143 -13.88 -2.01 -14.59
N ASN C 144 -13.27 -0.88 -14.33
CA ASN C 144 -11.87 -0.89 -13.81
C ASN C 144 -11.73 0.10 -12.64
N THR C 145 -12.24 -0.26 -11.49
CA THR C 145 -12.16 0.64 -10.29
C THR C 145 -11.54 -0.13 -9.12
N ARG C 146 -10.68 -1.10 -9.40
CA ARG C 146 -10.04 -1.88 -8.30
C ARG C 146 -8.51 -1.81 -8.45
N VAL C 147 -7.80 -1.67 -7.36
CA VAL C 147 -6.30 -1.60 -7.43
C VAL C 147 -5.68 -2.60 -6.45
N ARG C 148 -4.37 -2.73 -6.45
CA ARG C 148 -3.70 -3.69 -5.52
C ARG C 148 -2.51 -3.01 -4.82
N LEU C 149 -2.33 -3.29 -3.55
CA LEU C 149 -1.20 -2.68 -2.79
C LEU C 149 0.03 -3.60 -2.89
N VAL C 150 1.19 -3.05 -3.10
CA VAL C 150 2.42 -3.89 -3.20
C VAL C 150 3.52 -3.29 -2.32
N PHE C 151 3.78 -3.93 -1.19
CA PHE C 151 4.85 -3.42 -0.26
C PHE C 151 6.20 -3.96 -0.73
N ARG C 152 7.27 -3.24 -0.46
CA ARG C 152 8.62 -3.74 -0.89
C ARG C 152 9.72 -3.09 -0.04
N VAL C 153 10.55 -3.91 0.58
CA VAL C 153 11.66 -3.38 1.42
C VAL C 153 12.99 -3.51 0.67
N HIS C 154 13.95 -2.67 0.99
CA HIS C 154 15.28 -2.72 0.32
C HIS C 154 16.37 -2.36 1.33
N VAL C 155 16.72 -3.30 2.18
CA VAL C 155 17.79 -3.04 3.20
C VAL C 155 19.04 -3.86 2.83
N PRO C 156 20.09 -3.17 2.47
CA PRO C 156 21.36 -3.80 2.07
C PRO C 156 22.12 -4.33 3.30
N GLN C 157 22.49 -5.59 3.28
CA GLN C 157 23.22 -6.19 4.42
C GLN C 157 24.72 -5.84 4.30
N PRO C 158 25.30 -5.38 5.40
CA PRO C 158 26.73 -5.01 5.43
C PRO C 158 27.60 -6.29 5.49
N SER C 159 27.74 -6.95 4.36
CA SER C 159 28.55 -8.20 4.30
C SER C 159 28.73 -8.59 2.83
N GLY C 160 27.66 -8.61 2.07
CA GLY C 160 27.76 -8.99 0.62
C GLY C 160 26.42 -9.56 0.14
N ARG C 161 25.35 -8.86 0.38
CA ARG C 161 24.00 -9.33 -0.05
C ARG C 161 22.93 -8.31 0.36
N THR C 162 22.02 -7.99 -0.54
CA THR C 162 20.95 -7.00 -0.23
C THR C 162 19.72 -7.74 0.30
N LEU C 163 18.98 -7.12 1.19
CA LEU C 163 17.75 -7.76 1.75
C LEU C 163 16.52 -7.02 1.24
N SER C 164 15.96 -7.46 0.13
CA SER C 164 14.77 -6.77 -0.44
C SER C 164 13.57 -7.73 -0.45
N LEU C 165 12.39 -7.23 -0.17
CA LEU C 165 11.18 -8.11 -0.15
C LEU C 165 10.03 -7.47 -0.97
N GLN C 166 8.99 -8.23 -1.22
CA GLN C 166 7.83 -7.70 -2.00
C GLN C 166 6.54 -8.37 -1.53
N VAL C 167 5.67 -7.65 -0.89
CA VAL C 167 4.38 -8.23 -0.40
C VAL C 167 3.20 -7.61 -1.16
N ALA C 168 2.04 -8.20 -1.08
CA ALA C 168 0.85 -7.66 -1.79
C ALA C 168 -0.34 -7.62 -0.82
N SER C 169 -0.89 -6.44 -0.60
CA SER C 169 -2.05 -6.32 0.34
C SER C 169 -3.36 -6.53 -0.46
N ASN C 170 -4.46 -6.71 0.25
CA ASN C 170 -5.78 -6.92 -0.43
C ASN C 170 -5.98 -5.88 -1.54
N PRO C 171 -6.59 -6.31 -2.62
CA PRO C 171 -6.86 -5.43 -3.76
C PRO C 171 -8.02 -4.48 -3.45
N ILE C 172 -7.79 -3.20 -3.52
CA ILE C 172 -8.87 -2.20 -3.23
C ILE C 172 -10.05 -2.45 -4.18
N GLU C 173 -11.20 -2.73 -3.63
CA GLU C 173 -12.41 -2.99 -4.48
C GLU C 173 -13.55 -2.07 -4.02
N CYS C 174 -13.80 -1.02 -4.76
CA CYS C 174 -14.91 -0.08 -4.39
C CYS C 174 -16.25 -0.60 -4.93
N SER C 175 -16.24 -1.68 -5.67
CA SER C 175 -17.52 -2.25 -6.22
C SER C 175 -18.22 -3.09 -5.15
N GLN C 176 -19.52 -3.21 -5.22
CA GLN C 176 -20.27 -4.01 -4.21
C GLN C 176 -20.64 -5.38 -4.81
N ARG C 177 -21.05 -5.40 -6.06
CA ARG C 177 -21.44 -6.69 -6.72
C ARG C 177 -20.25 -7.66 -6.71
N SER C 178 -20.51 -8.90 -6.39
CA SER C 178 -19.41 -9.92 -6.36
C SER C 178 -19.24 -10.53 -7.76
N MET C 1 24.40 4.59 -4.17
CA MET C 1 24.06 3.65 -5.28
C MET C 1 23.26 2.47 -4.73
N LYS C 2 23.92 1.38 -4.38
CA LYS C 2 23.20 0.18 -3.80
C LYS C 2 22.22 -0.40 -4.82
N ASP C 3 21.75 -1.60 -4.56
CA ASP C 3 20.78 -2.26 -5.50
C ASP C 3 19.43 -1.51 -5.43
N TRP C 4 18.98 -0.98 -6.56
CA TRP C 4 17.68 -0.24 -6.58
C TRP C 4 16.63 -1.07 -7.33
N GLN C 5 16.70 -2.37 -7.22
CA GLN C 5 15.72 -3.27 -7.90
C GLN C 5 16.08 -4.74 -7.65
N LEU C 6 15.91 -5.19 -6.43
CA LEU C 6 16.21 -6.61 -6.10
C LEU C 6 15.36 -7.05 -4.89
N PRO C 7 14.98 -8.31 -4.88
CA PRO C 7 14.18 -8.88 -3.78
C PRO C 7 15.08 -9.14 -2.57
N SER C 8 15.83 -10.22 -2.61
CA SER C 8 16.76 -10.55 -1.49
C SER C 8 15.99 -11.03 -0.24
N HIS C 9 14.74 -11.37 -0.38
CA HIS C 9 13.93 -11.87 0.81
C HIS C 9 14.71 -12.98 1.53
N SER C 10 14.30 -13.35 2.73
CA SER C 10 15.06 -14.40 3.47
C SER C 10 14.13 -15.55 3.90
N GLY C 11 14.69 -16.71 4.16
CA GLY C 11 13.86 -17.87 4.60
C GLY C 11 13.35 -17.63 6.03
N PRO C 12 14.26 -17.31 6.93
CA PRO C 12 13.91 -17.04 8.35
C PRO C 12 13.30 -15.63 8.51
N TYR C 13 13.54 -14.74 7.58
CA TYR C 13 12.98 -13.36 7.69
C TYR C 13 11.84 -13.20 6.66
N GLU C 14 11.13 -12.11 6.73
CA GLU C 14 10.02 -11.86 5.76
C GLU C 14 9.30 -10.56 6.13
N LEU C 15 8.73 -9.90 5.16
CA LEU C 15 8.01 -8.62 5.43
C LEU C 15 6.54 -8.77 4.99
N ARG C 16 5.63 -8.94 5.92
CA ARG C 16 4.20 -9.12 5.56
C ARG C 16 3.33 -8.14 6.34
N ILE C 17 2.05 -8.10 6.03
CA ILE C 17 1.10 -7.19 6.73
C ILE C 17 0.32 -8.03 7.76
N GLU C 18 0.25 -7.58 8.99
CA GLU C 18 -0.50 -8.36 10.03
C GLU C 18 -2.00 -8.23 9.78
N VAL C 19 -2.65 -7.22 10.32
CA VAL C 19 -4.11 -7.06 10.09
C VAL C 19 -4.33 -6.60 8.65
N GLN C 20 -4.36 -7.52 7.72
CA GLN C 20 -4.56 -7.14 6.29
C GLN C 20 -6.01 -6.68 6.09
N PRO C 21 -6.20 -5.75 5.18
CA PRO C 21 -7.53 -5.21 4.88
C PRO C 21 -8.33 -6.22 4.04
N LYS C 22 -9.63 -6.26 4.22
CA LYS C 22 -10.49 -7.22 3.45
C LYS C 22 -10.22 -7.06 1.95
N SER C 23 -10.45 -8.08 1.16
CA SER C 23 -10.19 -7.99 -0.31
C SER C 23 -11.09 -6.92 -0.97
N HIS C 24 -12.01 -6.35 -0.23
CA HIS C 24 -12.88 -5.28 -0.81
C HIS C 24 -12.90 -4.09 0.16
N HIS C 25 -11.91 -3.22 0.09
CA HIS C 25 -11.88 -2.04 1.01
C HIS C 25 -12.88 -1.00 0.49
N ARG C 26 -13.28 -0.08 1.33
CA ARG C 26 -14.26 0.96 0.89
C ARG C 26 -13.54 2.31 0.72
N ALA C 27 -13.36 2.75 -0.50
CA ALA C 27 -12.68 4.05 -0.75
C ALA C 27 -13.71 5.18 -0.72
N ARG C 28 -13.31 6.40 -0.96
CA ARG C 28 -14.26 7.54 -0.95
C ARG C 28 -14.05 8.42 -2.19
N TYR C 29 -15.12 8.74 -2.87
CA TYR C 29 -15.03 9.58 -4.09
C TYR C 29 -14.33 10.91 -3.83
N GLU C 30 -13.77 11.48 -4.86
CA GLU C 30 -13.11 12.80 -4.75
C GLU C 30 -14.22 13.86 -4.70
N THR C 31 -15.40 13.50 -5.20
CA THR C 31 -16.56 14.44 -5.17
C THR C 31 -17.03 14.59 -3.70
N GLU C 32 -16.63 13.68 -2.85
CA GLU C 32 -16.99 13.76 -1.40
C GLU C 32 -15.70 13.83 -0.55
N GLY C 33 -14.64 14.32 -1.14
CA GLY C 33 -13.31 14.42 -0.43
C GLY C 33 -13.49 14.76 1.05
N SER C 34 -13.22 13.81 1.91
CA SER C 34 -13.37 14.06 3.39
C SER C 34 -13.03 12.78 4.18
N ARG C 35 -13.49 11.63 3.72
CA ARG C 35 -13.22 10.35 4.44
C ARG C 35 -11.82 9.81 4.02
N GLY C 36 -11.67 8.50 3.96
CA GLY C 36 -10.34 7.93 3.56
C GLY C 36 -10.54 6.52 2.99
N ALA C 37 -9.74 5.57 3.42
CA ALA C 37 -9.88 4.18 2.88
C ALA C 37 -9.10 3.17 3.75
N VAL C 38 -9.24 3.27 5.06
CA VAL C 38 -8.53 2.30 5.95
C VAL C 38 -9.58 1.40 6.61
N LYS C 39 -10.11 0.46 5.86
CA LYS C 39 -11.15 -0.45 6.41
C LYS C 39 -10.66 -1.90 6.37
N ALA C 40 -10.91 -2.66 7.40
CA ALA C 40 -10.46 -4.08 7.42
C ALA C 40 -11.32 -4.91 8.40
N SER C 41 -11.20 -6.22 8.29
CA SER C 41 -12.02 -7.15 9.17
C SER C 41 -11.90 -6.75 10.65
N ALA C 42 -10.75 -6.30 11.09
CA ALA C 42 -10.59 -5.90 12.53
C ALA C 42 -11.63 -4.84 12.87
N GLY C 43 -11.50 -3.65 12.32
CA GLY C 43 -12.48 -2.57 12.60
C GLY C 43 -12.36 -1.48 11.53
N GLY C 44 -11.16 -1.02 11.31
CA GLY C 44 -10.93 0.05 10.28
C GLY C 44 -9.46 0.49 10.31
N HIS C 45 -8.54 -0.44 10.26
CA HIS C 45 -7.08 -0.08 10.27
C HIS C 45 -6.22 -1.35 10.19
N PRO C 46 -5.64 -1.57 9.03
CA PRO C 46 -4.75 -2.73 8.79
C PRO C 46 -3.36 -2.46 9.40
N ILE C 47 -2.60 -3.51 9.63
CA ILE C 47 -1.24 -3.30 10.25
C ILE C 47 -0.15 -3.91 9.36
N VAL C 48 0.91 -3.19 9.14
CA VAL C 48 2.04 -3.72 8.29
C VAL C 48 3.28 -3.87 9.18
N GLN C 49 3.74 -5.08 9.39
CA GLN C 49 4.93 -5.28 10.27
C GLN C 49 5.94 -6.23 9.59
N LEU C 50 7.20 -5.87 9.64
CA LEU C 50 8.27 -6.71 9.04
C LEU C 50 8.84 -7.65 10.12
N HIS C 51 8.99 -8.91 9.80
CA HIS C 51 9.56 -9.87 10.80
C HIS C 51 10.84 -10.48 10.19
N GLY C 52 11.98 -10.05 10.68
CA GLY C 52 13.27 -10.58 10.13
C GLY C 52 14.42 -9.69 10.62
N TYR C 53 14.43 -8.43 10.25
CA TYR C 53 15.52 -7.50 10.67
C TYR C 53 15.60 -7.47 12.20
N LEU C 54 16.79 -7.64 12.75
CA LEU C 54 16.97 -7.63 14.24
C LEU C 54 18.00 -6.57 14.66
N GLU C 55 18.49 -5.77 13.73
CA GLU C 55 19.51 -4.74 14.08
C GLU C 55 18.82 -3.46 14.57
N ASN C 56 19.55 -2.61 15.28
CA ASN C 56 18.95 -1.34 15.78
C ASN C 56 19.02 -0.26 14.69
N GLU C 57 19.47 -0.62 13.50
CA GLU C 57 19.54 0.35 12.37
C GLU C 57 18.12 0.77 11.98
N PRO C 58 17.96 2.03 11.62
CA PRO C 58 16.64 2.56 11.21
C PRO C 58 16.26 1.99 9.83
N LEU C 59 15.07 2.28 9.38
CA LEU C 59 14.63 1.75 8.06
C LEU C 59 13.83 2.82 7.30
N MET C 60 13.63 2.61 6.02
CA MET C 60 12.86 3.59 5.21
C MET C 60 11.93 2.82 4.26
N LEU C 61 10.83 2.31 4.78
CA LEU C 61 9.88 1.54 3.92
C LEU C 61 9.15 2.49 2.97
N GLN C 62 8.85 2.02 1.78
CA GLN C 62 8.11 2.88 0.80
C GLN C 62 6.90 2.10 0.28
N LEU C 63 5.89 2.83 -0.09
CA LEU C 63 4.64 2.20 -0.61
C LEU C 63 4.49 2.53 -2.10
N PHE C 64 3.91 1.64 -2.84
CA PHE C 64 3.70 1.85 -4.29
C PHE C 64 2.33 1.26 -4.66
N ILE C 65 1.36 2.10 -4.90
CA ILE C 65 0.00 1.56 -5.25
C ILE C 65 0.01 1.15 -6.73
N GLY C 66 -0.38 -0.07 -7.00
CA GLY C 66 -0.43 -0.56 -8.40
C GLY C 66 -1.80 -1.14 -8.69
N THR C 67 -2.43 -0.69 -9.75
CA THR C 67 -3.80 -1.18 -10.14
C THR C 67 -3.88 -2.72 -9.94
N ALA C 68 -5.05 -3.21 -9.67
CA ALA C 68 -5.23 -4.68 -9.43
C ALA C 68 -5.15 -5.46 -10.74
N ASP C 69 -3.94 -5.71 -11.19
CA ASP C 69 -3.74 -6.49 -12.46
C ASP C 69 -3.24 -7.91 -12.12
N ASP C 70 -2.80 -8.66 -13.12
CA ASP C 70 -2.31 -10.05 -12.86
C ASP C 70 -0.77 -10.09 -12.97
N ARG C 71 -0.23 -10.26 -14.17
CA ARG C 71 1.25 -10.31 -14.32
C ARG C 71 1.79 -8.87 -14.41
N LEU C 72 1.82 -8.30 -15.59
CA LEU C 72 2.33 -6.91 -15.74
C LEU C 72 1.32 -5.93 -15.13
N LEU C 73 1.73 -5.26 -14.09
CA LEU C 73 0.82 -4.28 -13.43
C LEU C 73 0.70 -3.00 -14.27
N ARG C 74 -0.29 -2.20 -14.00
CA ARG C 74 -0.46 -0.93 -14.78
C ARG C 74 -0.14 0.26 -13.86
N PRO C 75 -0.08 1.44 -14.44
CA PRO C 75 0.21 2.67 -13.69
C PRO C 75 -1.02 3.08 -12.88
N HIS C 76 -0.88 3.16 -11.57
CA HIS C 76 -2.01 3.55 -10.67
C HIS C 76 -2.90 4.60 -11.34
N ALA C 77 -4.18 4.56 -11.07
CA ALA C 77 -5.10 5.54 -11.70
C ALA C 77 -4.93 6.93 -11.05
N PHE C 78 -5.81 7.31 -10.14
CA PHE C 78 -5.71 8.66 -9.52
C PHE C 78 -6.34 8.64 -8.11
N TYR C 79 -6.23 7.52 -7.41
CA TYR C 79 -6.87 7.43 -6.05
C TYR C 79 -6.08 8.22 -5.00
N GLN C 80 -5.98 9.52 -5.19
CA GLN C 80 -5.23 10.39 -4.22
C GLN C 80 -5.97 11.72 -4.06
N VAL C 81 -6.41 12.02 -2.87
CA VAL C 81 -7.15 13.30 -2.63
C VAL C 81 -6.96 13.75 -1.17
N HIS C 82 -7.73 13.21 -0.25
CA HIS C 82 -7.60 13.62 1.19
C HIS C 82 -7.06 12.45 2.02
N ARG C 83 -7.01 12.63 3.32
CA ARG C 83 -6.50 11.55 4.22
C ARG C 83 -7.35 11.49 5.49
N ILE C 84 -7.44 10.32 6.09
CA ILE C 84 -8.24 10.18 7.35
C ILE C 84 -7.31 10.39 8.55
N THR C 85 -7.73 11.19 9.51
CA THR C 85 -6.89 11.44 10.70
C THR C 85 -7.50 10.74 11.92
N GLY C 86 -6.83 9.72 12.40
CA GLY C 86 -7.34 8.94 13.57
C GLY C 86 -7.29 9.79 14.85
N LYS C 87 -6.74 9.24 15.93
CA LYS C 87 -6.67 10.02 17.21
C LYS C 87 -5.22 10.20 17.65
N THR C 88 -4.33 9.30 17.28
CA THR C 88 -2.90 9.44 17.70
C THR C 88 -1.98 8.80 16.64
N VAL C 89 -1.61 9.55 15.63
CA VAL C 89 -0.71 9.01 14.56
C VAL C 89 0.72 9.53 14.82
N SER C 90 1.43 8.91 15.74
CA SER C 90 2.83 9.35 16.04
C SER C 90 3.83 8.52 15.20
N THR C 91 3.35 7.57 14.44
CA THR C 91 4.26 6.72 13.61
C THR C 91 3.69 6.57 12.18
N THR C 92 2.40 6.32 12.07
CA THR C 92 1.74 6.13 10.73
C THR C 92 2.12 7.29 9.77
N SER C 93 2.70 6.93 8.64
CA SER C 93 3.12 7.97 7.62
C SER C 93 2.74 7.44 6.22
N HIS C 94 2.78 8.29 5.20
CA HIS C 94 2.42 7.83 3.80
C HIS C 94 2.11 9.04 2.89
N GLU C 95 2.99 9.39 1.97
CA GLU C 95 2.70 10.54 1.05
C GLU C 95 3.82 10.78 0.01
N ALA C 96 3.54 10.49 -1.24
CA ALA C 96 4.54 10.73 -2.32
C ALA C 96 3.80 10.74 -3.67
N ILE C 97 2.91 11.69 -3.86
CA ILE C 97 2.11 11.79 -5.13
C ILE C 97 3.05 11.83 -6.36
N LEU C 98 2.66 11.16 -7.42
CA LEU C 98 3.48 11.14 -8.66
C LEU C 98 2.57 11.36 -9.87
N SER C 99 3.13 11.74 -11.00
CA SER C 99 2.31 11.98 -12.23
C SER C 99 1.57 10.71 -12.67
N ASN C 100 0.33 10.55 -12.23
CA ASN C 100 -0.48 9.33 -12.60
C ASN C 100 0.02 8.09 -11.83
N THR C 101 0.51 8.29 -10.63
CA THR C 101 1.00 7.14 -9.81
C THR C 101 0.87 7.52 -8.32
N LYS C 102 0.42 6.60 -7.50
CA LYS C 102 0.26 6.91 -6.05
C LYS C 102 1.26 6.11 -5.22
N VAL C 103 2.13 6.79 -4.53
CA VAL C 103 3.12 6.09 -3.67
C VAL C 103 3.18 6.82 -2.33
N LEU C 104 3.53 6.12 -1.29
CA LEU C 104 3.56 6.78 0.05
C LEU C 104 4.89 6.46 0.75
N GLU C 105 5.63 7.49 1.09
CA GLU C 105 6.95 7.28 1.79
C GLU C 105 6.69 7.00 3.28
N ILE C 106 7.33 6.00 3.83
CA ILE C 106 7.12 5.67 5.27
C ILE C 106 8.44 5.24 5.93
N PRO C 107 9.10 6.19 6.56
CA PRO C 107 10.38 5.93 7.25
C PRO C 107 10.12 5.15 8.54
N LEU C 108 10.78 4.03 8.71
CA LEU C 108 10.58 3.20 9.93
C LEU C 108 11.61 3.57 10.99
N LEU C 109 11.19 3.70 12.23
CA LEU C 109 12.14 4.08 13.32
C LEU C 109 13.07 2.90 13.64
N PRO C 110 14.06 3.15 14.48
CA PRO C 110 15.05 2.13 14.87
C PRO C 110 14.48 1.10 15.85
N GLU C 111 14.34 1.44 17.10
CA GLU C 111 13.81 0.48 18.11
C GLU C 111 12.30 0.65 18.28
N ASN C 112 11.58 0.60 17.19
CA ASN C 112 10.10 0.73 17.26
C ASN C 112 9.50 -0.65 16.98
N SER C 113 10.25 -1.69 17.29
CA SER C 113 9.78 -3.08 17.03
C SER C 113 9.49 -3.25 15.54
N MET C 114 10.20 -2.50 14.70
CA MET C 114 10.00 -2.55 13.21
C MET C 114 8.50 -2.71 12.90
N ARG C 115 7.69 -1.90 13.53
CA ARG C 115 6.22 -1.99 13.32
C ARG C 115 5.68 -0.73 12.65
N ALA C 116 4.56 -0.87 11.98
CA ALA C 116 3.91 0.28 11.29
C ALA C 116 2.42 -0.04 11.13
N VAL C 117 1.56 0.78 11.66
CA VAL C 117 0.10 0.50 11.56
C VAL C 117 -0.54 1.43 10.53
N ILE C 118 -1.61 1.00 9.91
CA ILE C 118 -2.30 1.85 8.89
C ILE C 118 -3.63 2.33 9.46
N ASP C 119 -3.70 3.58 9.83
CA ASP C 119 -4.97 4.15 10.38
C ASP C 119 -5.03 5.64 10.04
N CYS C 120 -4.40 6.05 8.97
CA CYS C 120 -4.41 7.50 8.59
C CYS C 120 -4.28 7.67 7.06
N ALA C 121 -4.56 6.64 6.29
CA ALA C 121 -4.44 6.77 4.81
C ALA C 121 -5.82 6.97 4.16
N GLY C 122 -6.00 8.09 3.51
CA GLY C 122 -7.30 8.37 2.83
C GLY C 122 -7.14 8.11 1.33
N ILE C 123 -8.18 7.71 0.65
CA ILE C 123 -8.07 7.40 -0.81
C ILE C 123 -9.28 7.92 -1.59
N LEU C 124 -9.16 7.92 -2.90
CA LEU C 124 -10.28 8.35 -3.79
C LEU C 124 -10.99 7.07 -4.28
N LYS C 125 -12.18 7.18 -4.82
CA LYS C 125 -12.86 5.94 -5.31
C LYS C 125 -12.38 5.65 -6.73
N LEU C 126 -13.26 5.20 -7.60
CA LEU C 126 -12.83 4.84 -8.98
C LEU C 126 -13.60 5.68 -10.01
N ARG C 127 -13.32 6.97 -10.12
CA ARG C 127 -14.06 7.80 -11.13
C ARG C 127 -13.73 7.32 -12.55
N ASN C 128 -14.54 6.44 -13.09
CA ASN C 128 -14.34 5.87 -14.46
C ASN C 128 -14.76 6.90 -15.53
N SER C 129 -16.04 7.22 -15.58
CA SER C 129 -16.57 8.20 -16.59
C SER C 129 -15.66 9.42 -16.76
N ASP C 130 -15.46 10.19 -15.71
CA ASP C 130 -14.60 11.41 -15.82
C ASP C 130 -13.21 11.04 -16.36
N ILE C 131 -12.65 9.95 -15.89
CA ILE C 131 -11.28 9.52 -16.36
C ILE C 131 -11.36 8.86 -17.75
N GLU C 132 -12.55 8.63 -18.26
CA GLU C 132 -12.69 8.01 -19.61
C GLU C 132 -12.91 9.09 -20.67
N LEU C 133 -13.11 10.33 -20.27
CA LEU C 133 -13.34 11.43 -21.26
C LEU C 133 -12.17 12.42 -21.28
N ARG C 134 -11.26 12.35 -20.34
CA ARG C 134 -10.11 13.32 -20.33
C ARG C 134 -8.93 12.71 -21.13
N LYS C 135 -7.89 12.26 -20.47
CA LYS C 135 -6.73 11.65 -21.19
C LYS C 135 -7.17 10.39 -21.92
N GLY C 136 -6.85 10.27 -23.18
CA GLY C 136 -7.23 9.05 -23.94
C GLY C 136 -6.31 7.91 -23.52
N GLU C 137 -6.68 7.20 -22.47
CA GLU C 137 -5.83 6.08 -21.95
C GLU C 137 -6.70 4.89 -21.58
N THR C 138 -6.10 3.73 -21.50
CA THR C 138 -6.87 2.50 -21.11
C THR C 138 -6.67 2.23 -19.61
N ASP C 139 -6.64 3.29 -18.82
CA ASP C 139 -6.46 3.15 -17.34
C ASP C 139 -7.79 2.74 -16.72
N ILE C 140 -7.88 2.71 -15.41
CA ILE C 140 -9.16 2.33 -14.70
C ILE C 140 -10.40 2.69 -15.53
N GLY C 141 -10.83 1.77 -16.35
CA GLY C 141 -12.02 2.01 -17.24
C GLY C 141 -13.31 1.92 -16.42
N ARG C 142 -14.36 1.41 -17.02
CA ARG C 142 -15.68 1.30 -16.30
C ARG C 142 -15.81 -0.06 -15.60
N LYS C 143 -14.97 -1.01 -15.92
CA LYS C 143 -15.07 -2.36 -15.26
C LYS C 143 -13.79 -2.65 -14.47
N ASN C 144 -13.24 -1.66 -13.80
CA ASN C 144 -11.99 -1.90 -13.02
C ASN C 144 -12.00 -1.12 -11.69
N THR C 145 -13.00 -1.32 -10.87
CA THR C 145 -13.05 -0.62 -9.54
C THR C 145 -12.28 -1.44 -8.49
N ARG C 146 -11.10 -1.93 -8.84
CA ARG C 146 -10.29 -2.74 -7.87
C ARG C 146 -8.81 -2.38 -8.03
N VAL C 147 -8.12 -2.14 -6.94
CA VAL C 147 -6.66 -1.79 -7.05
C VAL C 147 -5.84 -2.57 -6.00
N ARG C 148 -4.52 -2.54 -6.16
CA ARG C 148 -3.62 -3.28 -5.22
C ARG C 148 -2.50 -2.37 -4.69
N LEU C 149 -2.10 -2.58 -3.46
CA LEU C 149 -1.00 -1.78 -2.85
C LEU C 149 0.31 -2.56 -3.00
N VAL C 150 1.44 -1.88 -3.08
CA VAL C 150 2.75 -2.61 -3.22
C VAL C 150 3.77 -2.01 -2.23
N PHE C 151 4.01 -2.68 -1.13
CA PHE C 151 5.01 -2.18 -0.14
C PHE C 151 6.40 -2.65 -0.58
N ARG C 152 7.45 -1.97 -0.19
CA ARG C 152 8.81 -2.42 -0.60
C ARG C 152 9.87 -1.89 0.37
N VAL C 153 10.51 -2.79 1.09
CA VAL C 153 11.60 -2.37 2.05
C VAL C 153 12.95 -2.66 1.42
N HIS C 154 13.97 -1.92 1.84
CA HIS C 154 15.33 -2.11 1.28
C HIS C 154 16.38 -1.89 2.38
N VAL C 155 16.65 -2.90 3.16
CA VAL C 155 17.67 -2.77 4.25
C VAL C 155 18.83 -3.73 3.94
N PRO C 156 19.98 -3.17 3.66
CA PRO C 156 21.17 -3.97 3.31
C PRO C 156 21.79 -4.63 4.56
N GLN C 157 21.75 -5.94 4.61
CA GLN C 157 22.32 -6.69 5.77
C GLN C 157 23.84 -6.78 5.61
N PRO C 158 24.56 -6.49 6.68
CA PRO C 158 26.03 -6.55 6.69
C PRO C 158 26.54 -8.00 6.81
N SER C 159 25.85 -8.94 6.18
CA SER C 159 26.28 -10.37 6.25
C SER C 159 26.59 -10.89 4.83
N GLY C 160 25.93 -10.35 3.82
CA GLY C 160 26.18 -10.82 2.42
C GLY C 160 24.84 -10.96 1.66
N ARG C 161 23.73 -10.69 2.31
CA ARG C 161 22.41 -10.81 1.64
C ARG C 161 21.54 -9.61 2.04
N THR C 162 21.21 -8.78 1.09
CA THR C 162 20.36 -7.57 1.37
C THR C 162 19.01 -8.02 1.93
N LEU C 163 18.37 -7.17 2.69
CA LEU C 163 17.03 -7.52 3.26
C LEU C 163 15.98 -6.60 2.64
N SER C 164 15.61 -6.88 1.41
CA SER C 164 14.58 -6.05 0.71
C SER C 164 13.36 -6.93 0.46
N LEU C 165 12.18 -6.35 0.47
CA LEU C 165 10.96 -7.18 0.24
C LEU C 165 9.82 -6.33 -0.32
N GLN C 166 9.40 -6.62 -1.52
CA GLN C 166 8.28 -5.85 -2.14
C GLN C 166 6.99 -6.68 -1.98
N VAL C 167 6.10 -6.22 -1.14
CA VAL C 167 4.81 -6.95 -0.94
C VAL C 167 3.72 -6.26 -1.73
N ALA C 168 2.61 -6.92 -1.96
CA ALA C 168 1.52 -6.27 -2.73
C ALA C 168 0.20 -7.02 -2.56
N SER C 169 -0.86 -6.31 -2.25
CA SER C 169 -2.19 -6.97 -2.09
C SER C 169 -3.21 -6.21 -2.93
N ASN C 170 -4.23 -6.89 -3.43
CA ASN C 170 -5.26 -6.20 -4.26
C ASN C 170 -6.63 -6.16 -3.54
N PRO C 171 -6.65 -5.83 -2.27
CA PRO C 171 -7.91 -5.78 -1.48
C PRO C 171 -8.64 -4.45 -1.67
N ILE C 172 -8.37 -3.70 -2.72
CA ILE C 172 -9.09 -2.40 -2.89
C ILE C 172 -10.23 -2.56 -3.90
N GLU C 173 -11.27 -3.28 -3.53
CA GLU C 173 -12.44 -3.48 -4.44
C GLU C 173 -13.58 -2.54 -4.03
N CYS C 174 -14.11 -1.78 -4.96
CA CYS C 174 -15.23 -0.83 -4.62
C CYS C 174 -16.54 -1.23 -5.31
N SER C 175 -16.46 -1.93 -6.43
CA SER C 175 -17.70 -2.34 -7.16
C SER C 175 -18.69 -3.02 -6.20
N GLN C 176 -19.95 -2.68 -6.30
CA GLN C 176 -20.99 -3.30 -5.41
C GLN C 176 -21.22 -4.74 -5.84
N ARG C 177 -21.66 -4.95 -7.06
CA ARG C 177 -21.91 -6.34 -7.56
C ARG C 177 -20.59 -6.92 -8.09
N SER C 178 -19.92 -7.71 -7.29
CA SER C 178 -18.62 -8.32 -7.73
C SER C 178 -18.89 -9.66 -8.42
N MET C 1 7.68 -12.13 -0.85
CA MET C 1 7.34 -11.98 -2.29
C MET C 1 8.35 -11.05 -2.98
N LYS C 2 8.16 -10.80 -4.26
CA LYS C 2 9.10 -9.91 -5.01
C LYS C 2 8.59 -9.74 -6.46
N ASP C 3 9.11 -8.76 -7.17
CA ASP C 3 8.66 -8.53 -8.58
C ASP C 3 8.78 -9.82 -9.41
N TRP C 4 7.66 -10.50 -9.60
CA TRP C 4 7.64 -11.77 -10.39
C TRP C 4 8.80 -12.69 -9.94
N GLN C 5 8.99 -12.80 -8.64
CA GLN C 5 10.07 -13.66 -8.11
C GLN C 5 9.77 -13.93 -6.62
N LEU C 6 9.14 -15.03 -6.33
CA LEU C 6 8.81 -15.37 -4.90
C LEU C 6 10.05 -15.96 -4.21
N PRO C 7 10.58 -15.23 -3.25
CA PRO C 7 11.78 -15.66 -2.49
C PRO C 7 11.38 -16.66 -1.39
N SER C 8 12.32 -17.02 -0.55
CA SER C 8 12.01 -17.98 0.55
C SER C 8 11.98 -17.24 1.91
N HIS C 9 12.17 -15.94 1.91
CA HIS C 9 12.18 -15.16 3.20
C HIS C 9 13.37 -15.61 4.06
N SER C 10 13.63 -14.93 5.15
CA SER C 10 14.77 -15.34 6.02
C SER C 10 14.24 -15.94 7.32
N GLY C 11 15.01 -16.81 7.94
CA GLY C 11 14.56 -17.41 9.22
C GLY C 11 14.40 -16.32 10.27
N PRO C 12 15.47 -15.59 10.50
CA PRO C 12 15.50 -14.49 11.48
C PRO C 12 14.87 -13.19 10.92
N TYR C 13 14.85 -13.00 9.61
CA TYR C 13 14.25 -11.75 9.05
C TYR C 13 12.95 -12.07 8.32
N GLU C 14 12.03 -11.13 8.31
CA GLU C 14 10.72 -11.36 7.60
C GLU C 14 9.83 -10.12 7.73
N LEU C 15 9.25 -9.69 6.63
CA LEU C 15 8.35 -8.48 6.67
C LEU C 15 6.91 -8.93 6.40
N ARG C 16 6.15 -9.14 7.45
CA ARG C 16 4.73 -9.58 7.28
C ARG C 16 3.80 -8.50 7.85
N ILE C 17 2.65 -8.32 7.25
CA ILE C 17 1.68 -7.30 7.74
C ILE C 17 0.86 -7.91 8.89
N GLU C 18 0.94 -7.31 10.06
CA GLU C 18 0.17 -7.83 11.23
C GLU C 18 -1.33 -7.81 10.91
N VAL C 19 -1.86 -6.68 10.50
CA VAL C 19 -3.31 -6.63 10.17
C VAL C 19 -3.47 -6.14 8.73
N GLN C 20 -4.22 -6.86 7.93
CA GLN C 20 -4.43 -6.45 6.51
C GLN C 20 -5.81 -5.80 6.37
N PRO C 21 -5.94 -4.94 5.39
CA PRO C 21 -7.19 -4.22 5.11
C PRO C 21 -8.22 -5.19 4.51
N LYS C 22 -9.48 -5.01 4.84
CA LYS C 22 -10.54 -5.92 4.29
C LYS C 22 -10.48 -5.93 2.77
N SER C 23 -11.08 -6.93 2.16
CA SER C 23 -11.12 -7.00 0.67
C SER C 23 -12.16 -6.01 0.13
N HIS C 24 -12.77 -5.24 1.01
CA HIS C 24 -13.79 -4.23 0.58
C HIS C 24 -13.43 -2.88 1.19
N HIS C 25 -12.29 -2.34 0.83
CA HIS C 25 -11.84 -1.02 1.37
C HIS C 25 -12.74 0.09 0.80
N ARG C 26 -13.60 0.68 1.61
CA ARG C 26 -14.50 1.76 1.10
C ARG C 26 -13.69 3.01 0.75
N ALA C 27 -13.83 3.49 -0.46
CA ALA C 27 -13.09 4.71 -0.90
C ALA C 27 -14.08 5.84 -1.20
N ARG C 28 -13.70 7.06 -0.95
CA ARG C 28 -14.62 8.22 -1.22
C ARG C 28 -14.38 8.74 -2.64
N TYR C 29 -14.79 9.96 -2.91
CA TYR C 29 -14.63 10.54 -4.28
C TYR C 29 -13.92 11.90 -4.17
N GLU C 30 -13.34 12.37 -5.25
CA GLU C 30 -12.67 13.70 -5.23
C GLU C 30 -13.74 14.78 -4.96
N THR C 31 -14.96 14.52 -5.38
CA THR C 31 -16.08 15.49 -5.17
C THR C 31 -16.50 15.51 -3.70
N GLU C 32 -16.46 14.37 -3.04
CA GLU C 32 -16.89 14.30 -1.61
C GLU C 32 -15.68 14.03 -0.69
N GLY C 33 -14.50 14.38 -1.14
CA GLY C 33 -13.26 14.15 -0.32
C GLY C 33 -13.45 14.64 1.11
N SER C 34 -13.63 13.72 2.04
CA SER C 34 -13.84 14.12 3.47
C SER C 34 -13.33 13.02 4.42
N ARG C 35 -13.64 11.78 4.14
CA ARG C 35 -13.18 10.67 5.03
C ARG C 35 -11.98 9.95 4.38
N GLY C 36 -11.89 8.65 4.54
CA GLY C 36 -10.75 7.89 3.94
C GLY C 36 -11.01 6.38 4.03
N ALA C 37 -10.11 5.64 4.65
CA ALA C 37 -10.29 4.17 4.77
C ALA C 37 -9.41 3.64 5.92
N VAL C 38 -9.84 3.83 7.14
CA VAL C 38 -9.04 3.34 8.31
C VAL C 38 -9.79 2.21 9.03
N LYS C 39 -10.06 1.13 8.32
CA LYS C 39 -10.79 -0.02 8.94
C LYS C 39 -10.41 -1.31 8.22
N ALA C 40 -10.50 -2.43 8.89
CA ALA C 40 -10.15 -3.73 8.25
C ALA C 40 -10.61 -4.88 9.14
N SER C 41 -10.60 -6.09 8.60
CA SER C 41 -11.06 -7.31 9.35
C SER C 41 -10.66 -7.26 10.83
N ALA C 42 -9.51 -6.72 11.16
CA ALA C 42 -9.08 -6.64 12.60
C ALA C 42 -10.15 -5.90 13.40
N GLY C 43 -10.22 -4.60 13.24
CA GLY C 43 -11.22 -3.79 13.98
C GLY C 43 -10.62 -2.45 14.38
N GLY C 44 -10.12 -1.71 13.42
CA GLY C 44 -9.50 -0.38 13.72
C GLY C 44 -8.59 0.02 12.56
N HIS C 45 -7.64 -0.81 12.21
CA HIS C 45 -6.70 -0.49 11.08
C HIS C 45 -5.68 -1.61 10.89
N PRO C 46 -5.09 -1.64 9.71
CA PRO C 46 -4.06 -2.66 9.36
C PRO C 46 -2.70 -2.31 9.98
N ILE C 47 -1.90 -3.32 10.23
CA ILE C 47 -0.56 -3.08 10.85
C ILE C 47 0.53 -3.71 9.98
N VAL C 48 1.61 -3.00 9.78
CA VAL C 48 2.73 -3.55 8.95
C VAL C 48 4.02 -3.51 9.78
N GLN C 49 4.69 -4.63 9.92
CA GLN C 49 5.95 -4.64 10.75
C GLN C 49 7.02 -5.51 10.07
N LEU C 50 8.25 -5.05 10.08
CA LEU C 50 9.37 -5.82 9.47
C LEU C 50 10.31 -6.29 10.59
N HIS C 51 10.36 -7.57 10.84
CA HIS C 51 11.25 -8.09 11.91
C HIS C 51 12.40 -8.87 11.27
N GLY C 52 13.58 -8.30 11.25
CA GLY C 52 14.75 -9.00 10.63
C GLY C 52 16.04 -8.22 10.89
N TYR C 53 16.09 -7.00 10.45
CA TYR C 53 17.33 -6.17 10.65
C TYR C 53 17.66 -6.08 12.13
N LEU C 54 18.79 -6.66 12.52
CA LEU C 54 19.20 -6.60 13.96
C LEU C 54 20.32 -5.56 14.15
N GLU C 55 20.72 -4.88 13.09
CA GLU C 55 21.79 -3.84 13.22
C GLU C 55 21.20 -2.55 13.77
N ASN C 56 22.03 -1.57 14.03
CA ASN C 56 21.53 -0.26 14.56
C ASN C 56 21.09 0.67 13.42
N GLU C 57 21.12 0.19 12.19
CA GLU C 57 20.71 1.03 11.02
C GLU C 57 19.17 1.05 10.94
N PRO C 58 18.62 2.20 10.59
CA PRO C 58 17.16 2.39 10.48
C PRO C 58 16.63 1.72 9.20
N LEU C 59 15.33 1.75 8.99
CA LEU C 59 14.73 1.12 7.78
C LEU C 59 13.87 2.16 7.03
N MET C 60 13.72 1.99 5.74
CA MET C 60 12.90 2.94 4.94
C MET C 60 11.89 2.15 4.10
N LEU C 61 10.91 1.56 4.74
CA LEU C 61 9.89 0.77 3.99
C LEU C 61 9.16 1.68 2.99
N GLN C 62 8.85 1.18 1.83
CA GLN C 62 8.13 2.02 0.82
C GLN C 62 6.86 1.28 0.36
N LEU C 63 5.85 2.04 0.04
CA LEU C 63 4.57 1.45 -0.43
C LEU C 63 4.37 1.77 -1.92
N PHE C 64 3.78 0.86 -2.65
CA PHE C 64 3.54 1.08 -4.11
C PHE C 64 2.17 0.52 -4.46
N ILE C 65 1.26 1.34 -4.91
CA ILE C 65 -0.09 0.82 -5.25
C ILE C 65 -0.12 0.36 -6.72
N GLY C 66 -0.80 -0.71 -7.01
CA GLY C 66 -0.89 -1.22 -8.40
C GLY C 66 -2.28 -1.81 -8.66
N THR C 67 -2.91 -1.40 -9.74
CA THR C 67 -4.30 -1.90 -10.10
C THR C 67 -4.47 -3.40 -9.77
N ALA C 68 -5.71 -3.82 -9.59
CA ALA C 68 -5.98 -5.25 -9.25
C ALA C 68 -6.19 -6.05 -10.53
N ASP C 69 -5.10 -6.43 -11.16
CA ASP C 69 -5.20 -7.23 -12.42
C ASP C 69 -5.06 -8.74 -12.10
N ASP C 70 -4.95 -9.56 -13.11
CA ASP C 70 -4.83 -11.04 -12.89
C ASP C 70 -3.40 -11.40 -12.47
N ARG C 71 -2.51 -11.63 -13.41
CA ARG C 71 -1.10 -11.99 -13.06
C ARG C 71 -0.22 -10.74 -13.12
N LEU C 72 0.13 -10.29 -14.31
CA LEU C 72 1.00 -9.09 -14.44
C LEU C 72 0.23 -7.84 -13.98
N LEU C 73 0.91 -6.99 -13.24
CA LEU C 73 0.24 -5.74 -12.73
C LEU C 73 0.06 -4.74 -13.88
N ARG C 74 -0.71 -3.71 -13.65
CA ARG C 74 -0.95 -2.66 -14.69
C ARG C 74 -0.56 -1.29 -14.12
N PRO C 75 -0.62 -0.27 -14.95
CA PRO C 75 -0.28 1.09 -14.51
C PRO C 75 -1.37 1.62 -13.58
N HIS C 76 -1.03 1.80 -12.32
CA HIS C 76 -2.01 2.28 -11.28
C HIS C 76 -2.99 3.30 -11.88
N ALA C 77 -4.22 3.26 -11.44
CA ALA C 77 -5.24 4.21 -11.94
C ALA C 77 -5.04 5.58 -11.25
N PHE C 78 -5.81 5.90 -10.23
CA PHE C 78 -5.65 7.24 -9.56
C PHE C 78 -6.07 7.14 -8.08
N TYR C 79 -5.69 6.07 -7.39
CA TYR C 79 -6.09 5.93 -5.94
C TYR C 79 -5.25 6.90 -5.10
N GLN C 80 -5.44 8.19 -5.30
CA GLN C 80 -4.68 9.21 -4.53
C GLN C 80 -5.27 9.33 -3.12
N VAL C 81 -4.48 9.73 -2.16
CA VAL C 81 -4.97 9.87 -0.77
C VAL C 81 -5.12 11.35 -0.39
N HIS C 82 -6.10 11.66 0.41
CA HIS C 82 -6.32 13.08 0.82
C HIS C 82 -5.86 13.26 2.27
N ARG C 83 -6.74 13.15 3.23
CA ARG C 83 -6.35 13.30 4.67
C ARG C 83 -7.22 12.41 5.55
N ILE C 84 -6.70 11.98 6.68
CA ILE C 84 -7.49 11.11 7.61
C ILE C 84 -6.69 10.89 8.91
N THR C 85 -7.29 11.23 10.03
CA THR C 85 -6.60 11.05 11.34
C THR C 85 -7.63 10.59 12.38
N GLY C 86 -7.49 9.39 12.88
CA GLY C 86 -8.45 8.87 13.90
C GLY C 86 -8.42 9.77 15.12
N LYS C 87 -7.40 9.65 15.91
CA LYS C 87 -7.28 10.50 17.13
C LYS C 87 -5.99 11.32 17.04
N THR C 88 -4.87 10.65 16.94
CA THR C 88 -3.56 11.37 16.84
C THR C 88 -2.41 10.36 16.64
N VAL C 89 -2.65 9.29 15.90
CA VAL C 89 -1.57 8.28 15.68
C VAL C 89 -0.82 8.60 14.37
N SER C 90 0.09 9.54 14.41
CA SER C 90 0.86 9.92 13.19
C SER C 90 2.29 9.35 13.30
N THR C 91 2.40 8.05 13.52
CA THR C 91 3.75 7.41 13.65
C THR C 91 4.48 7.50 12.31
N THR C 92 3.95 6.90 11.28
CA THR C 92 4.61 6.93 9.94
C THR C 92 3.55 7.24 8.86
N SER C 93 3.86 8.14 7.96
CA SER C 93 2.87 8.49 6.89
C SER C 93 3.53 9.37 5.81
N HIS C 94 3.19 9.13 4.57
CA HIS C 94 3.77 9.93 3.44
C HIS C 94 3.06 9.58 2.12
N GLU C 95 3.29 10.35 1.09
CA GLU C 95 2.62 10.06 -0.22
C GLU C 95 3.45 10.63 -1.39
N ALA C 96 3.41 9.98 -2.53
CA ALA C 96 4.16 10.47 -3.72
C ALA C 96 3.29 10.32 -4.96
N ILE C 97 2.59 11.36 -5.33
CA ILE C 97 1.69 11.31 -6.53
C ILE C 97 2.53 11.28 -7.81
N LEU C 98 2.02 10.63 -8.83
CA LEU C 98 2.74 10.52 -10.13
C LEU C 98 1.70 10.57 -11.26
N SER C 99 2.15 10.70 -12.50
CA SER C 99 1.21 10.75 -13.67
C SER C 99 0.27 9.54 -13.64
N ASN C 100 -0.88 9.69 -13.01
CA ASN C 100 -1.86 8.58 -12.91
C ASN C 100 -1.24 7.43 -12.10
N THR C 101 -0.53 7.75 -11.03
CA THR C 101 0.12 6.70 -10.19
C THR C 101 0.42 7.31 -8.81
N LYS C 102 0.69 6.51 -7.80
CA LYS C 102 0.98 7.08 -6.44
C LYS C 102 1.60 6.01 -5.52
N VAL C 103 2.40 6.45 -4.58
CA VAL C 103 3.06 5.50 -3.63
C VAL C 103 3.07 6.11 -2.22
N LEU C 104 3.44 5.35 -1.22
CA LEU C 104 3.47 5.89 0.18
C LEU C 104 4.80 5.53 0.84
N GLU C 105 5.70 6.48 0.97
CA GLU C 105 7.02 6.19 1.61
C GLU C 105 6.82 6.18 3.15
N ILE C 106 7.22 5.13 3.80
CA ILE C 106 7.05 5.06 5.28
C ILE C 106 8.37 4.63 5.94
N PRO C 107 9.04 5.58 6.55
CA PRO C 107 10.33 5.34 7.24
C PRO C 107 10.09 4.60 8.56
N LEU C 108 10.88 3.60 8.84
CA LEU C 108 10.73 2.82 10.10
C LEU C 108 11.67 3.35 11.18
N LEU C 109 11.29 3.25 12.43
CA LEU C 109 12.15 3.76 13.54
C LEU C 109 13.37 2.84 13.71
N PRO C 110 14.30 3.25 14.56
CA PRO C 110 15.53 2.49 14.82
C PRO C 110 15.27 1.25 15.70
N GLU C 111 15.05 1.44 16.98
CA GLU C 111 14.80 0.26 17.87
C GLU C 111 13.38 0.33 18.44
N ASN C 112 12.40 0.38 17.58
CA ASN C 112 10.99 0.41 18.04
C ASN C 112 10.30 -0.85 17.52
N SER C 113 11.04 -1.95 17.47
CA SER C 113 10.49 -3.25 16.96
C SER C 113 10.05 -3.08 15.49
N MET C 114 10.61 -2.11 14.79
CA MET C 114 10.24 -1.87 13.36
C MET C 114 8.72 -1.89 13.22
N ARG C 115 8.04 -1.05 13.98
CA ARG C 115 6.55 -1.01 13.92
C ARG C 115 6.09 0.04 12.90
N ALA C 116 5.05 -0.28 12.18
CA ALA C 116 4.52 0.67 11.15
C ALA C 116 3.01 0.42 10.98
N VAL C 117 2.22 0.92 11.89
CA VAL C 117 0.73 0.72 11.82
C VAL C 117 0.13 1.73 10.84
N ILE C 118 -0.90 1.33 10.13
CA ILE C 118 -1.53 2.26 9.15
C ILE C 118 -2.88 2.73 9.69
N ASP C 119 -2.91 3.94 10.21
CA ASP C 119 -4.19 4.51 10.74
C ASP C 119 -4.27 6.00 10.37
N CYS C 120 -3.61 6.39 9.31
CA CYS C 120 -3.63 7.81 8.87
C CYS C 120 -3.60 7.87 7.33
N ALA C 121 -4.07 6.84 6.67
CA ALA C 121 -4.09 6.83 5.18
C ALA C 121 -5.51 6.64 4.70
N GLY C 122 -6.01 7.57 3.91
CA GLY C 122 -7.41 7.47 3.40
C GLY C 122 -7.38 6.89 1.97
N ILE C 123 -8.49 6.35 1.52
CA ILE C 123 -8.53 5.75 0.15
C ILE C 123 -9.55 6.51 -0.73
N LEU C 124 -9.27 6.62 -2.01
CA LEU C 124 -10.18 7.36 -2.94
C LEU C 124 -10.56 6.47 -4.13
N LYS C 125 -11.78 6.57 -4.61
CA LYS C 125 -12.22 5.73 -5.78
C LYS C 125 -11.90 6.45 -7.09
N LEU C 126 -11.61 5.72 -8.13
CA LEU C 126 -11.29 6.37 -9.44
C LEU C 126 -12.57 6.52 -10.24
N ARG C 127 -13.15 7.69 -10.22
CA ARG C 127 -14.42 7.92 -11.01
C ARG C 127 -14.23 7.38 -12.45
N ASN C 128 -14.76 6.21 -12.72
CA ASN C 128 -14.64 5.59 -14.08
C ASN C 128 -14.95 6.60 -15.19
N SER C 129 -16.12 7.20 -15.15
CA SER C 129 -16.51 8.19 -16.22
C SER C 129 -15.35 9.16 -16.50
N ASP C 130 -14.74 9.72 -15.48
CA ASP C 130 -13.58 10.65 -15.68
C ASP C 130 -12.43 9.89 -16.36
N ILE C 131 -12.27 8.63 -16.03
CA ILE C 131 -11.17 7.82 -16.66
C ILE C 131 -11.57 7.41 -18.08
N GLU C 132 -12.79 7.69 -18.47
CA GLU C 132 -13.26 7.34 -19.85
C GLU C 132 -13.69 8.63 -20.57
N LEU C 133 -13.35 9.78 -20.03
CA LEU C 133 -13.75 11.07 -20.67
C LEU C 133 -12.50 11.85 -21.14
N ARG C 134 -11.32 11.42 -20.74
CA ARG C 134 -10.08 12.16 -21.18
C ARG C 134 -9.02 11.18 -21.69
N LYS C 135 -7.95 10.94 -20.94
CA LYS C 135 -6.89 10.00 -21.39
C LYS C 135 -7.43 8.58 -21.53
N GLY C 136 -6.90 7.84 -22.47
CA GLY C 136 -7.33 6.43 -22.67
C GLY C 136 -6.59 5.56 -21.65
N GLU C 137 -7.15 5.39 -20.47
CA GLU C 137 -6.48 4.57 -19.42
C GLU C 137 -6.40 3.10 -19.84
N THR C 138 -5.81 2.27 -19.01
CA THR C 138 -5.67 0.82 -19.35
C THR C 138 -6.90 0.03 -18.90
N ASP C 139 -6.91 -0.48 -17.68
CA ASP C 139 -8.07 -1.30 -17.21
C ASP C 139 -8.70 -0.66 -15.97
N ILE C 140 -9.32 0.47 -16.13
CA ILE C 140 -10.01 1.15 -14.99
C ILE C 140 -11.18 1.99 -15.51
N GLY C 141 -11.72 1.61 -16.65
CA GLY C 141 -12.87 2.35 -17.25
C GLY C 141 -14.15 2.02 -16.48
N ARG C 142 -15.20 1.64 -17.16
CA ARG C 142 -16.48 1.32 -16.45
C ARG C 142 -16.55 -0.17 -16.07
N LYS C 143 -15.55 -0.96 -16.37
CA LYS C 143 -15.62 -2.42 -16.02
C LYS C 143 -14.46 -2.80 -15.08
N ASN C 144 -13.91 -1.86 -14.35
CA ASN C 144 -12.77 -2.20 -13.43
C ASN C 144 -12.68 -1.17 -12.27
N THR C 145 -13.43 -1.40 -11.21
CA THR C 145 -13.40 -0.46 -10.05
C THR C 145 -12.65 -1.14 -8.87
N ARG C 146 -11.53 -1.79 -9.14
CA ARG C 146 -10.76 -2.47 -8.05
C ARG C 146 -9.26 -2.28 -8.24
N VAL C 147 -8.52 -2.14 -7.16
CA VAL C 147 -7.03 -1.98 -7.27
C VAL C 147 -6.31 -2.91 -6.29
N ARG C 148 -4.99 -2.91 -6.27
CA ARG C 148 -4.24 -3.82 -5.35
C ARG C 148 -3.08 -3.06 -4.68
N LEU C 149 -2.74 -3.42 -3.46
CA LEU C 149 -1.63 -2.74 -2.73
C LEU C 149 -0.34 -3.56 -2.87
N VAL C 150 0.78 -2.90 -3.11
CA VAL C 150 2.07 -3.64 -3.24
C VAL C 150 3.12 -2.99 -2.31
N PHE C 151 3.38 -3.61 -1.18
CA PHE C 151 4.38 -3.06 -0.21
C PHE C 151 5.79 -3.50 -0.63
N ARG C 152 6.80 -2.73 -0.30
CA ARG C 152 8.19 -3.13 -0.68
C ARG C 152 9.21 -2.44 0.25
N VAL C 153 9.97 -3.22 0.98
CA VAL C 153 11.00 -2.64 1.89
C VAL C 153 12.38 -2.79 1.25
N HIS C 154 13.30 -1.92 1.59
CA HIS C 154 14.66 -2.00 1.01
C HIS C 154 15.67 -1.33 1.97
N VAL C 155 16.47 -2.11 2.64
CA VAL C 155 17.48 -1.53 3.59
C VAL C 155 18.89 -1.86 3.07
N PRO C 156 19.76 -0.87 3.08
CA PRO C 156 21.14 -1.00 2.58
C PRO C 156 22.01 -1.80 3.57
N GLN C 157 22.46 -2.96 3.13
CA GLN C 157 23.31 -3.82 4.00
C GLN C 157 24.79 -3.48 3.77
N PRO C 158 25.51 -3.22 4.85
CA PRO C 158 26.94 -2.89 4.79
C PRO C 158 27.76 -4.17 4.58
N SER C 159 27.62 -4.79 3.42
CA SER C 159 28.36 -6.05 3.12
C SER C 159 28.05 -6.50 1.69
N GLY C 160 26.81 -6.35 1.26
CA GLY C 160 26.42 -6.78 -0.12
C GLY C 160 25.10 -7.55 -0.10
N ARG C 161 24.51 -7.77 1.06
CA ARG C 161 23.21 -8.52 1.14
C ARG C 161 22.07 -7.52 1.41
N THR C 162 21.64 -6.81 0.40
CA THR C 162 20.53 -5.83 0.58
C THR C 162 19.26 -6.56 1.01
N LEU C 163 18.72 -6.17 2.14
CA LEU C 163 17.48 -6.82 2.65
C LEU C 163 16.26 -6.09 2.09
N SER C 164 15.59 -6.67 1.12
CA SER C 164 14.39 -6.01 0.53
C SER C 164 13.21 -7.01 0.52
N LEU C 165 12.03 -6.54 0.84
CA LEU C 165 10.84 -7.45 0.86
C LEU C 165 9.74 -6.91 -0.06
N GLN C 166 8.71 -7.71 -0.30
CA GLN C 166 7.59 -7.27 -1.18
C GLN C 166 6.28 -7.92 -0.71
N VAL C 167 5.28 -7.12 -0.39
CA VAL C 167 3.98 -7.67 0.08
C VAL C 167 2.86 -7.25 -0.89
N ALA C 168 1.72 -7.90 -0.80
CA ALA C 168 0.57 -7.55 -1.70
C ALA C 168 -0.74 -7.68 -0.93
N SER C 169 -1.47 -6.59 -0.77
CA SER C 169 -2.75 -6.66 -0.02
C SER C 169 -3.90 -7.04 -0.95
N ASN C 170 -5.03 -7.43 -0.38
CA ASN C 170 -6.21 -7.83 -1.21
C ASN C 170 -6.60 -6.68 -2.16
N PRO C 171 -7.45 -6.98 -3.11
CA PRO C 171 -7.92 -6.00 -4.11
C PRO C 171 -8.91 -5.01 -3.48
N ILE C 172 -8.58 -3.74 -3.51
CA ILE C 172 -9.48 -2.69 -2.94
C ILE C 172 -10.73 -2.58 -3.82
N GLU C 173 -11.90 -2.83 -3.25
CA GLU C 173 -13.17 -2.74 -4.04
C GLU C 173 -14.02 -1.58 -3.50
N CYS C 174 -14.86 -1.01 -4.33
CA CYS C 174 -15.72 0.13 -3.88
C CYS C 174 -17.04 0.12 -4.66
N SER C 175 -17.66 -1.03 -4.80
CA SER C 175 -18.95 -1.11 -5.54
C SER C 175 -19.53 -2.52 -5.41
N GLN C 176 -20.82 -2.62 -5.17
CA GLN C 176 -21.46 -3.97 -5.02
C GLN C 176 -22.40 -4.21 -6.21
N ARG C 177 -23.58 -3.64 -6.19
CA ARG C 177 -24.54 -3.83 -7.33
C ARG C 177 -25.85 -3.07 -7.03
N SER C 178 -26.56 -2.66 -8.06
CA SER C 178 -27.85 -1.92 -7.85
C SER C 178 -28.92 -2.90 -7.35
N MET C 1 -2.95 -21.42 11.35
CA MET C 1 -4.40 -21.66 11.06
C MET C 1 -4.61 -21.76 9.53
N LYS C 2 -3.91 -22.67 8.89
CA LYS C 2 -4.03 -22.85 7.40
C LYS C 2 -3.50 -21.61 6.68
N ASP C 3 -2.39 -21.76 5.97
CA ASP C 3 -1.80 -20.60 5.24
C ASP C 3 -1.83 -20.86 3.73
N TRP C 4 -2.85 -20.39 3.06
CA TRP C 4 -2.97 -20.57 1.59
C TRP C 4 -2.66 -19.21 0.91
N GLN C 5 -1.77 -18.44 1.50
CA GLN C 5 -1.41 -17.12 0.94
C GLN C 5 -0.16 -16.57 1.67
N LEU C 6 1.01 -17.03 1.28
CA LEU C 6 2.27 -16.55 1.92
C LEU C 6 3.37 -16.37 0.86
N PRO C 7 4.26 -15.44 1.10
CA PRO C 7 5.39 -15.16 0.18
C PRO C 7 6.50 -16.20 0.31
N SER C 8 7.47 -16.16 -0.57
CA SER C 8 8.60 -17.13 -0.52
C SER C 8 9.67 -16.66 0.48
N HIS C 9 9.69 -15.39 0.79
CA HIS C 9 10.70 -14.83 1.76
C HIS C 9 12.11 -14.86 1.16
N SER C 10 13.05 -14.22 1.83
CA SER C 10 14.47 -14.23 1.36
C SER C 10 15.24 -15.30 2.13
N GLY C 11 16.55 -15.16 2.27
CA GLY C 11 17.32 -16.18 3.03
C GLY C 11 16.97 -16.06 4.52
N PRO C 12 17.86 -15.44 5.28
CA PRO C 12 17.65 -15.21 6.72
C PRO C 12 16.78 -13.96 6.97
N TYR C 13 16.13 -13.43 5.95
CA TYR C 13 15.27 -12.22 6.13
C TYR C 13 13.83 -12.51 5.66
N GLU C 14 12.88 -11.70 6.09
CA GLU C 14 11.47 -11.91 5.65
C GLU C 14 10.66 -10.62 5.85
N LEU C 15 10.08 -10.10 4.79
CA LEU C 15 9.27 -8.84 4.88
C LEU C 15 7.80 -9.19 4.65
N ARG C 16 7.03 -9.27 5.71
CA ARG C 16 5.58 -9.63 5.56
C ARG C 16 4.69 -8.57 6.24
N ILE C 17 3.48 -8.41 5.74
CA ILE C 17 2.55 -7.41 6.32
C ILE C 17 1.79 -8.04 7.51
N GLU C 18 1.64 -7.31 8.58
CA GLU C 18 0.93 -7.86 9.78
C GLU C 18 -0.60 -7.82 9.53
N VAL C 19 -1.34 -6.96 10.19
CA VAL C 19 -2.82 -6.92 9.98
C VAL C 19 -3.11 -6.53 8.52
N GLN C 20 -3.83 -7.36 7.80
CA GLN C 20 -4.14 -7.07 6.38
C GLN C 20 -5.56 -6.48 6.27
N PRO C 21 -5.71 -5.46 5.46
CA PRO C 21 -7.00 -4.79 5.24
C PRO C 21 -7.90 -5.62 4.31
N LYS C 22 -9.17 -5.28 4.24
CA LYS C 22 -10.11 -6.05 3.36
C LYS C 22 -9.73 -5.87 1.90
N SER C 23 -10.10 -6.81 1.06
CA SER C 23 -9.82 -6.68 -0.40
C SER C 23 -10.88 -5.76 -1.03
N HIS C 24 -11.69 -5.09 -0.23
CA HIS C 24 -12.74 -4.18 -0.78
C HIS C 24 -12.81 -2.92 0.09
N HIS C 25 -11.72 -2.20 0.23
CA HIS C 25 -11.72 -0.94 1.05
C HIS C 25 -12.80 0.00 0.51
N ARG C 26 -13.52 0.69 1.38
CA ARG C 26 -14.59 1.61 0.88
C ARG C 26 -14.06 3.06 0.84
N ALA C 27 -14.17 3.69 -0.30
CA ALA C 27 -13.67 5.10 -0.44
C ALA C 27 -14.80 5.98 -1.01
N ARG C 28 -14.72 7.26 -0.77
CA ARG C 28 -15.77 8.20 -1.28
C ARG C 28 -15.22 9.04 -2.43
N TYR C 29 -16.10 9.70 -3.15
CA TYR C 29 -15.68 10.56 -4.30
C TYR C 29 -15.12 11.88 -3.79
N GLU C 30 -14.54 12.63 -4.70
CA GLU C 30 -14.01 13.98 -4.33
C GLU C 30 -15.20 14.93 -4.24
N THR C 31 -16.28 14.61 -4.93
CA THR C 31 -17.51 15.47 -4.90
C THR C 31 -18.11 15.47 -3.49
N GLU C 32 -18.12 14.32 -2.84
CA GLU C 32 -18.69 14.25 -1.45
C GLU C 32 -17.58 14.28 -0.40
N GLY C 33 -16.38 14.64 -0.80
CA GLY C 33 -15.24 14.70 0.17
C GLY C 33 -14.94 13.30 0.71
N SER C 34 -13.85 12.71 0.28
CA SER C 34 -13.49 11.34 0.75
C SER C 34 -13.39 11.29 2.29
N ARG C 35 -13.85 10.20 2.88
CA ARG C 35 -13.79 10.07 4.37
C ARG C 35 -12.48 9.36 4.75
N GLY C 36 -12.40 8.80 5.94
CA GLY C 36 -11.14 8.11 6.39
C GLY C 36 -10.94 6.78 5.64
N ALA C 37 -9.71 6.32 5.54
CA ALA C 37 -9.42 5.04 4.83
C ALA C 37 -9.02 3.97 5.86
N VAL C 38 -9.93 3.59 6.73
CA VAL C 38 -9.61 2.57 7.77
C VAL C 38 -10.75 1.52 7.79
N LYS C 39 -11.06 0.96 6.64
CA LYS C 39 -12.13 -0.06 6.56
C LYS C 39 -11.50 -1.46 6.62
N ALA C 40 -12.15 -2.39 7.30
CA ALA C 40 -11.56 -3.76 7.40
C ALA C 40 -12.63 -4.76 7.92
N SER C 41 -12.33 -6.04 7.79
CA SER C 41 -13.27 -7.13 8.23
C SER C 41 -14.12 -6.70 9.43
N ALA C 42 -13.49 -6.43 10.55
CA ALA C 42 -14.26 -5.99 11.77
C ALA C 42 -13.58 -4.75 12.35
N GLY C 43 -12.36 -4.89 12.80
CA GLY C 43 -11.63 -3.74 13.37
C GLY C 43 -10.14 -4.08 13.40
N GLY C 44 -9.37 -3.57 12.47
CA GLY C 44 -7.92 -3.88 12.43
C GLY C 44 -7.25 -3.16 11.26
N HIS C 45 -6.82 -1.95 11.48
CA HIS C 45 -6.12 -1.16 10.40
C HIS C 45 -4.96 -1.99 9.86
N PRO C 46 -4.54 -1.69 8.65
CA PRO C 46 -3.43 -2.42 8.00
C PRO C 46 -2.09 -2.14 8.68
N ILE C 47 -1.26 -3.15 8.77
CA ILE C 47 0.07 -2.98 9.43
C ILE C 47 1.14 -3.72 8.62
N VAL C 48 2.35 -3.20 8.60
CA VAL C 48 3.46 -3.87 7.84
C VAL C 48 4.66 -4.02 8.78
N GLN C 49 5.46 -5.06 8.61
CA GLN C 49 6.64 -5.26 9.51
C GLN C 49 7.72 -6.11 8.82
N LEU C 50 8.94 -5.63 8.81
CA LEU C 50 10.07 -6.40 8.18
C LEU C 50 10.95 -7.01 9.28
N HIS C 51 11.20 -8.29 9.21
CA HIS C 51 12.06 -8.97 10.22
C HIS C 51 13.11 -9.80 9.48
N GLY C 52 14.37 -9.53 9.71
CA GLY C 52 15.44 -10.32 9.01
C GLY C 52 16.79 -9.67 9.25
N TYR C 53 16.95 -8.42 8.85
CA TYR C 53 18.25 -7.70 9.03
C TYR C 53 18.77 -7.88 10.46
N LEU C 54 19.86 -8.58 10.62
CA LEU C 54 20.44 -8.81 11.99
C LEU C 54 21.45 -7.69 12.32
N GLU C 55 21.76 -6.83 11.36
CA GLU C 55 22.74 -5.72 11.61
C GLU C 55 22.05 -4.57 12.35
N ASN C 56 22.83 -3.63 12.84
CA ASN C 56 22.23 -2.47 13.58
C ASN C 56 21.92 -1.32 12.60
N GLU C 57 22.10 -1.53 11.32
CA GLU C 57 21.80 -0.46 10.33
C GLU C 57 20.28 -0.34 10.15
N PRO C 58 19.80 0.89 10.03
CA PRO C 58 18.36 1.16 9.87
C PRO C 58 17.89 0.80 8.45
N LEU C 59 16.60 0.89 8.19
CA LEU C 59 16.07 0.53 6.84
C LEU C 59 15.11 1.61 6.33
N MET C 60 15.09 1.84 5.04
CA MET C 60 14.16 2.85 4.44
C MET C 60 13.20 2.12 3.49
N LEU C 61 12.38 1.25 4.02
CA LEU C 61 11.42 0.49 3.16
C LEU C 61 10.51 1.45 2.39
N GLN C 62 10.20 1.14 1.17
CA GLN C 62 9.33 2.03 0.35
C GLN C 62 8.05 1.29 -0.04
N LEU C 63 6.96 2.00 -0.04
CA LEU C 63 5.64 1.40 -0.42
C LEU C 63 5.43 1.63 -1.92
N PHE C 64 4.70 0.76 -2.56
CA PHE C 64 4.46 0.90 -4.03
C PHE C 64 3.08 0.33 -4.38
N ILE C 65 2.17 1.16 -4.79
CA ILE C 65 0.82 0.64 -5.15
C ILE C 65 0.82 0.28 -6.65
N GLY C 66 0.28 -0.86 -6.98
CA GLY C 66 0.23 -1.29 -8.41
C GLY C 66 -1.19 -1.71 -8.75
N THR C 67 -1.74 -1.17 -9.82
CA THR C 67 -3.14 -1.52 -10.26
C THR C 67 -3.47 -2.99 -9.97
N ALA C 68 -4.71 -3.27 -9.68
CA ALA C 68 -5.14 -4.67 -9.36
C ALA C 68 -5.19 -5.53 -10.64
N ASP C 69 -4.05 -5.89 -11.15
CA ASP C 69 -4.00 -6.76 -12.37
C ASP C 69 -3.64 -8.20 -11.97
N ASP C 70 -3.73 -9.13 -12.89
CA ASP C 70 -3.39 -10.55 -12.57
C ASP C 70 -1.95 -10.89 -13.01
N ARG C 71 -1.22 -9.92 -13.54
CA ARG C 71 0.19 -10.20 -13.98
C ARG C 71 0.99 -8.89 -14.03
N LEU C 72 1.13 -8.28 -15.18
CA LEU C 72 1.91 -7.01 -15.28
C LEU C 72 1.20 -5.90 -14.50
N LEU C 73 1.88 -5.35 -13.53
CA LEU C 73 1.29 -4.25 -12.71
C LEU C 73 1.32 -2.94 -13.50
N ARG C 74 0.65 -1.94 -13.00
CA ARG C 74 0.61 -0.61 -13.69
C ARG C 74 0.38 0.48 -12.62
N PRO C 75 0.42 1.73 -13.03
CA PRO C 75 0.21 2.86 -12.11
C PRO C 75 -1.27 2.92 -11.72
N HIS C 76 -1.56 2.63 -10.47
CA HIS C 76 -2.98 2.62 -9.98
C HIS C 76 -3.65 3.97 -10.32
N ALA C 77 -4.96 4.02 -10.22
CA ALA C 77 -5.69 5.27 -10.57
C ALA C 77 -5.33 6.43 -9.62
N PHE C 78 -6.18 6.75 -8.68
CA PHE C 78 -5.90 7.90 -7.76
C PHE C 78 -6.54 7.63 -6.38
N TYR C 79 -6.39 6.44 -5.84
CA TYR C 79 -6.98 6.11 -4.51
C TYR C 79 -6.18 6.77 -3.38
N GLN C 80 -6.16 8.08 -3.37
CA GLN C 80 -5.43 8.83 -2.32
C GLN C 80 -6.20 10.10 -1.95
N VAL C 81 -6.22 10.46 -0.69
CA VAL C 81 -6.94 11.69 -0.26
C VAL C 81 -6.13 12.42 0.82
N HIS C 82 -6.41 12.16 2.08
CA HIS C 82 -5.68 12.84 3.21
C HIS C 82 -6.45 12.58 4.50
N ARG C 83 -7.37 13.47 4.85
CA ARG C 83 -8.20 13.32 6.10
C ARG C 83 -8.53 11.85 6.36
N ILE C 84 -8.09 11.31 7.47
CA ILE C 84 -8.35 9.89 7.81
C ILE C 84 -8.81 9.78 9.27
N THR C 85 -9.47 8.68 9.63
CA THR C 85 -9.95 8.52 11.02
C THR C 85 -8.76 8.20 11.94
N GLY C 86 -8.14 9.22 12.47
CA GLY C 86 -6.97 9.03 13.37
C GLY C 86 -6.65 10.35 14.08
N LYS C 87 -6.05 10.27 15.24
CA LYS C 87 -5.69 11.51 16.00
C LYS C 87 -4.18 11.66 16.04
N THR C 88 -3.47 10.56 16.24
CA THR C 88 -1.99 10.63 16.31
C THR C 88 -1.38 9.23 16.13
N VAL C 89 -0.97 8.91 14.92
CA VAL C 89 -0.36 7.57 14.64
C VAL C 89 1.15 7.66 14.95
N SER C 90 1.52 7.52 16.21
CA SER C 90 2.96 7.61 16.64
C SER C 90 3.89 6.99 15.59
N THR C 91 3.59 5.79 15.13
CA THR C 91 4.46 5.13 14.10
C THR C 91 4.12 5.72 12.72
N THR C 92 3.25 5.09 11.95
CA THR C 92 2.86 5.63 10.60
C THR C 92 4.11 5.93 9.72
N SER C 93 3.91 6.57 8.59
CA SER C 93 5.07 6.88 7.68
C SER C 93 4.79 8.16 6.86
N HIS C 94 5.70 8.48 5.95
CA HIS C 94 5.53 9.70 5.10
C HIS C 94 4.92 9.28 3.74
N GLU C 95 4.26 10.19 3.05
CA GLU C 95 3.63 9.84 1.73
C GLU C 95 4.40 10.53 0.59
N ALA C 96 4.26 10.04 -0.62
CA ALA C 96 4.97 10.65 -1.79
C ALA C 96 4.29 10.19 -3.10
N ILE C 97 3.10 10.68 -3.35
CA ILE C 97 2.36 10.27 -4.58
C ILE C 97 3.07 10.78 -5.85
N LEU C 98 3.35 9.89 -6.76
CA LEU C 98 4.02 10.27 -8.05
C LEU C 98 2.93 10.43 -9.13
N SER C 99 3.24 11.06 -10.24
CA SER C 99 2.23 11.28 -11.34
C SER C 99 1.40 10.01 -11.60
N ASN C 100 0.25 9.90 -10.96
CA ASN C 100 -0.65 8.72 -11.13
C ASN C 100 -0.02 7.47 -10.50
N THR C 101 0.55 7.62 -9.33
CA THR C 101 1.19 6.48 -8.61
C THR C 101 1.02 6.68 -7.10
N LYS C 102 0.82 5.62 -6.36
CA LYS C 102 0.64 5.75 -4.89
C LYS C 102 1.77 5.04 -4.14
N VAL C 103 2.67 5.80 -3.57
CA VAL C 103 3.79 5.18 -2.80
C VAL C 103 3.87 5.83 -1.41
N LEU C 104 4.60 5.22 -0.52
CA LEU C 104 4.73 5.76 0.87
C LEU C 104 6.13 5.46 1.41
N GLU C 105 6.85 6.47 1.80
CA GLU C 105 8.22 6.22 2.37
C GLU C 105 8.06 5.66 3.79
N ILE C 106 8.30 4.39 3.98
CA ILE C 106 8.12 3.77 5.33
C ILE C 106 9.45 3.16 5.83
N PRO C 107 10.32 4.00 6.34
CA PRO C 107 11.62 3.57 6.87
C PRO C 107 11.44 2.92 8.25
N LEU C 108 12.09 1.80 8.49
CA LEU C 108 11.94 1.13 9.83
C LEU C 108 12.84 1.84 10.84
N LEU C 109 12.40 1.88 12.07
CA LEU C 109 13.21 2.55 13.14
C LEU C 109 14.36 1.62 13.57
N PRO C 110 15.18 2.08 14.49
CA PRO C 110 16.34 1.30 14.98
C PRO C 110 15.89 0.15 15.89
N GLU C 111 15.41 0.45 17.08
CA GLU C 111 14.97 -0.64 17.99
C GLU C 111 13.48 -0.47 18.35
N ASN C 112 12.65 -0.34 17.33
CA ASN C 112 11.19 -0.21 17.56
C ASN C 112 10.53 -1.46 16.98
N SER C 113 11.22 -2.58 17.04
CA SER C 113 10.70 -3.86 16.47
C SER C 113 10.48 -3.70 14.95
N MET C 114 11.13 -2.71 14.34
CA MET C 114 10.96 -2.48 12.87
C MET C 114 9.46 -2.53 12.53
N ARG C 115 8.67 -1.71 13.20
CA ARG C 115 7.20 -1.72 12.97
C ARG C 115 6.74 -0.49 12.17
N ALA C 116 5.69 -0.68 11.41
CA ALA C 116 5.11 0.43 10.60
C ALA C 116 3.59 0.20 10.52
N VAL C 117 2.83 0.92 11.31
CA VAL C 117 1.34 0.74 11.32
C VAL C 117 0.70 1.72 10.33
N ILE C 118 -0.37 1.29 9.69
CA ILE C 118 -1.07 2.17 8.72
C ILE C 118 -2.45 2.54 9.28
N ASP C 119 -2.54 3.71 9.83
CA ASP C 119 -3.83 4.20 10.41
C ASP C 119 -3.97 5.70 10.10
N CYS C 120 -3.39 6.13 8.99
CA CYS C 120 -3.45 7.57 8.59
C CYS C 120 -3.37 7.68 7.05
N ALA C 121 -3.98 6.75 6.36
CA ALA C 121 -3.93 6.77 4.86
C ALA C 121 -5.25 7.34 4.29
N GLY C 122 -5.22 7.76 3.05
CA GLY C 122 -6.44 8.33 2.42
C GLY C 122 -6.95 7.36 1.33
N ILE C 123 -8.25 7.18 1.24
CA ILE C 123 -8.82 6.27 0.21
C ILE C 123 -9.85 7.06 -0.62
N LEU C 124 -9.70 7.06 -1.92
CA LEU C 124 -10.63 7.85 -2.80
C LEU C 124 -11.20 6.99 -3.93
N LYS C 125 -12.49 7.11 -4.19
CA LYS C 125 -13.11 6.35 -5.32
C LYS C 125 -12.95 7.20 -6.58
N LEU C 126 -12.34 6.66 -7.60
CA LEU C 126 -12.09 7.47 -8.83
C LEU C 126 -13.27 7.42 -9.77
N ARG C 127 -13.78 8.57 -10.14
CA ARG C 127 -14.94 8.61 -11.07
C ARG C 127 -14.49 8.14 -12.47
N ASN C 128 -14.91 6.97 -12.83
CA ASN C 128 -14.55 6.37 -14.15
C ASN C 128 -14.88 7.36 -15.29
N SER C 129 -16.13 7.73 -15.45
CA SER C 129 -16.56 8.66 -16.54
C SER C 129 -15.62 9.87 -16.66
N ASP C 130 -15.39 10.59 -15.58
CA ASP C 130 -14.50 11.79 -15.65
C ASP C 130 -13.08 11.36 -16.02
N ILE C 131 -12.58 10.29 -15.42
CA ILE C 131 -11.20 9.82 -15.72
C ILE C 131 -11.14 9.08 -17.07
N GLU C 132 -12.27 8.87 -17.70
CA GLU C 132 -12.29 8.15 -19.01
C GLU C 132 -11.99 9.12 -20.16
N LEU C 133 -12.39 10.36 -20.02
CA LEU C 133 -12.16 11.36 -21.14
C LEU C 133 -11.08 12.39 -20.78
N ARG C 134 -10.60 12.43 -19.55
CA ARG C 134 -9.55 13.47 -19.21
C ARG C 134 -8.18 13.05 -19.80
N LYS C 135 -7.27 12.56 -18.98
CA LYS C 135 -5.92 12.16 -19.48
C LYS C 135 -6.04 11.00 -20.49
N GLY C 136 -4.93 10.60 -21.05
CA GLY C 136 -4.92 9.47 -22.03
C GLY C 136 -4.47 8.18 -21.34
N GLU C 137 -4.84 8.00 -20.09
CA GLU C 137 -4.44 6.77 -19.34
C GLU C 137 -5.44 5.64 -19.63
N THR C 138 -5.14 4.42 -19.23
CA THR C 138 -6.07 3.28 -19.51
C THR C 138 -6.06 2.28 -18.34
N ASP C 139 -6.54 2.68 -17.18
CA ASP C 139 -6.58 1.73 -16.01
C ASP C 139 -7.54 2.23 -14.92
N ILE C 140 -8.71 2.70 -15.31
CA ILE C 140 -9.71 3.19 -14.31
C ILE C 140 -11.02 3.66 -15.01
N GLY C 141 -11.37 3.06 -16.12
CA GLY C 141 -12.61 3.45 -16.85
C GLY C 141 -13.87 2.91 -16.14
N ARG C 142 -14.99 2.94 -16.82
CA ARG C 142 -16.29 2.46 -16.20
C ARG C 142 -16.22 0.96 -15.85
N LYS C 143 -15.24 0.25 -16.36
CA LYS C 143 -15.11 -1.22 -16.05
C LYS C 143 -13.76 -1.50 -15.37
N ASN C 144 -13.26 -0.58 -14.57
CA ASN C 144 -11.95 -0.80 -13.89
C ASN C 144 -11.87 0.05 -12.62
N THR C 145 -12.35 -0.46 -11.51
CA THR C 145 -12.30 0.33 -10.24
C THR C 145 -11.60 -0.51 -9.14
N ARG C 146 -10.39 -0.95 -9.39
CA ARG C 146 -9.65 -1.77 -8.37
C ARG C 146 -8.15 -1.48 -8.43
N VAL C 147 -7.49 -1.43 -7.29
CA VAL C 147 -6.01 -1.18 -7.26
C VAL C 147 -5.34 -2.20 -6.32
N ARG C 148 -4.09 -2.53 -6.55
CA ARG C 148 -3.39 -3.54 -5.67
C ARG C 148 -2.27 -2.84 -4.87
N LEU C 149 -1.86 -3.45 -3.77
CA LEU C 149 -0.78 -2.86 -2.93
C LEU C 149 0.53 -3.66 -3.08
N VAL C 150 1.65 -2.99 -3.17
CA VAL C 150 2.97 -3.71 -3.31
C VAL C 150 4.00 -3.08 -2.36
N PHE C 151 4.82 -3.88 -1.73
CA PHE C 151 5.86 -3.35 -0.78
C PHE C 151 7.26 -3.69 -1.33
N ARG C 152 8.13 -2.71 -1.41
CA ARG C 152 9.50 -2.98 -1.94
C ARG C 152 10.57 -2.48 -0.97
N VAL C 153 11.39 -3.38 -0.46
CA VAL C 153 12.47 -2.98 0.49
C VAL C 153 13.83 -3.05 -0.21
N HIS C 154 14.79 -2.27 0.24
CA HIS C 154 16.15 -2.25 -0.36
C HIS C 154 17.17 -1.82 0.70
N VAL C 155 17.77 -2.76 1.39
CA VAL C 155 18.79 -2.41 2.44
C VAL C 155 20.17 -2.89 1.94
N PRO C 156 21.16 -2.03 2.08
CA PRO C 156 22.55 -2.32 1.64
C PRO C 156 23.23 -3.33 2.57
N GLN C 157 23.57 -4.48 2.04
CA GLN C 157 24.25 -5.55 2.85
C GLN C 157 25.76 -5.34 2.82
N PRO C 158 26.39 -5.48 3.98
CA PRO C 158 27.85 -5.33 4.13
C PRO C 158 28.57 -6.57 3.59
N SER C 159 28.54 -6.78 2.29
CA SER C 159 29.22 -7.95 1.66
C SER C 159 29.07 -7.87 0.14
N GLY C 160 27.90 -7.54 -0.34
CA GLY C 160 27.66 -7.44 -1.82
C GLY C 160 26.28 -7.97 -2.18
N ARG C 161 25.66 -8.73 -1.29
CA ARG C 161 24.31 -9.28 -1.59
C ARG C 161 23.24 -8.36 -0.97
N THR C 162 22.81 -7.36 -1.71
CA THR C 162 21.78 -6.40 -1.20
C THR C 162 20.52 -7.16 -0.77
N LEU C 163 19.88 -6.69 0.26
CA LEU C 163 18.65 -7.35 0.76
C LEU C 163 17.44 -6.54 0.27
N SER C 164 16.74 -7.08 -0.70
CA SER C 164 15.54 -6.37 -1.27
C SER C 164 14.31 -7.28 -1.13
N LEU C 165 13.13 -6.71 -0.98
CA LEU C 165 11.91 -7.57 -0.83
C LEU C 165 10.75 -7.05 -1.69
N GLN C 166 9.87 -7.93 -2.12
CA GLN C 166 8.70 -7.52 -2.96
C GLN C 166 7.44 -8.27 -2.46
N VAL C 167 6.50 -7.57 -1.88
CA VAL C 167 5.26 -8.25 -1.37
C VAL C 167 4.01 -7.61 -2.01
N ALA C 168 2.88 -8.27 -1.89
CA ALA C 168 1.61 -7.73 -2.47
C ALA C 168 0.47 -7.92 -1.45
N SER C 169 -0.24 -6.86 -1.11
CA SER C 169 -1.35 -6.98 -0.11
C SER C 169 -2.71 -6.95 -0.80
N ASN C 170 -3.78 -7.05 -0.03
CA ASN C 170 -5.16 -7.04 -0.60
C ASN C 170 -5.39 -5.76 -1.42
N PRO C 171 -5.92 -5.94 -2.62
CA PRO C 171 -6.21 -4.82 -3.53
C PRO C 171 -7.46 -4.05 -3.08
N ILE C 172 -7.45 -2.74 -3.25
CA ILE C 172 -8.62 -1.91 -2.86
C ILE C 172 -9.73 -2.09 -3.90
N GLU C 173 -10.95 -2.30 -3.45
CA GLU C 173 -12.09 -2.48 -4.39
C GLU C 173 -13.35 -1.81 -3.80
N CYS C 174 -13.75 -0.69 -4.34
CA CYS C 174 -14.97 0.02 -3.83
C CYS C 174 -16.17 -0.31 -4.74
N SER C 175 -16.15 -1.45 -5.39
CA SER C 175 -17.28 -1.84 -6.29
C SER C 175 -18.37 -2.54 -5.47
N GLN C 176 -19.46 -1.85 -5.24
CA GLN C 176 -20.59 -2.45 -4.46
C GLN C 176 -21.27 -3.55 -5.29
N ARG C 177 -21.09 -3.53 -6.60
CA ARG C 177 -21.72 -4.56 -7.49
C ARG C 177 -21.53 -5.97 -6.90
N SER C 178 -22.59 -6.74 -6.87
CA SER C 178 -22.50 -8.13 -6.31
C SER C 178 -21.48 -8.95 -7.10
N MET C 1 22.56 -1.99 -3.66
CA MET C 1 23.43 -2.29 -4.83
C MET C 1 22.54 -2.63 -6.05
N LYS C 2 23.12 -3.25 -7.06
CA LYS C 2 22.32 -3.62 -8.27
C LYS C 2 21.32 -4.72 -7.92
N ASP C 3 20.06 -4.49 -8.19
CA ASP C 3 19.02 -5.52 -7.88
C ASP C 3 18.68 -6.30 -9.15
N TRP C 4 19.58 -7.18 -9.55
CA TRP C 4 19.36 -7.99 -10.78
C TRP C 4 19.25 -9.47 -10.37
N GLN C 5 18.68 -9.74 -9.21
CA GLN C 5 18.52 -11.15 -8.72
C GLN C 5 18.15 -11.14 -7.24
N LEU C 6 16.87 -11.18 -6.94
CA LEU C 6 16.43 -11.18 -5.50
C LEU C 6 16.50 -12.62 -4.96
N PRO C 7 16.52 -12.74 -3.65
CA PRO C 7 16.59 -14.05 -2.97
C PRO C 7 15.21 -14.74 -2.99
N SER C 8 15.15 -15.95 -2.50
CA SER C 8 13.85 -16.69 -2.46
C SER C 8 13.18 -16.50 -1.08
N HIS C 9 13.60 -15.47 -0.35
CA HIS C 9 13.04 -15.22 1.02
C HIS C 9 13.61 -16.27 1.97
N SER C 10 13.40 -16.11 3.25
CA SER C 10 13.96 -17.12 4.22
C SER C 10 12.84 -17.86 4.93
N GLY C 11 13.17 -18.97 5.57
CA GLY C 11 12.14 -19.76 6.31
C GLY C 11 11.71 -18.97 7.56
N PRO C 12 12.69 -18.64 8.39
CA PRO C 12 12.45 -17.87 9.63
C PRO C 12 12.26 -16.38 9.33
N TYR C 13 12.73 -15.91 8.18
CA TYR C 13 12.57 -14.46 7.83
C TYR C 13 11.50 -14.31 6.76
N GLU C 14 10.98 -13.11 6.60
CA GLU C 14 9.92 -12.87 5.56
C GLU C 14 9.26 -11.50 5.83
N LEU C 15 8.91 -10.78 4.79
CA LEU C 15 8.25 -9.45 4.98
C LEU C 15 6.75 -9.59 4.72
N ARG C 16 5.92 -9.30 5.71
CA ARG C 16 4.45 -9.44 5.52
C ARG C 16 3.69 -8.29 6.21
N ILE C 17 2.40 -8.24 6.00
CA ILE C 17 1.55 -7.17 6.62
C ILE C 17 0.98 -7.69 7.95
N GLU C 18 0.97 -6.86 8.97
CA GLU C 18 0.43 -7.29 10.29
C GLU C 18 -1.11 -7.28 10.25
N VAL C 19 -1.77 -6.42 11.01
CA VAL C 19 -3.27 -6.39 10.99
C VAL C 19 -3.76 -6.17 9.55
N GLN C 20 -4.48 -7.12 9.01
CA GLN C 20 -5.00 -7.01 7.61
C GLN C 20 -6.51 -6.74 7.66
N PRO C 21 -6.91 -5.59 7.16
CA PRO C 21 -8.33 -5.19 7.12
C PRO C 21 -9.06 -5.88 5.97
N LYS C 22 -10.27 -5.44 5.67
CA LYS C 22 -11.05 -6.06 4.56
C LYS C 22 -10.43 -5.64 3.22
N SER C 23 -10.57 -6.47 2.20
CA SER C 23 -9.99 -6.12 0.86
C SER C 23 -11.01 -5.31 0.04
N HIS C 24 -12.05 -4.81 0.66
CA HIS C 24 -13.08 -4.01 -0.09
C HIS C 24 -13.30 -2.68 0.65
N HIS C 25 -12.26 -1.89 0.77
CA HIS C 25 -12.37 -0.56 1.46
C HIS C 25 -13.46 0.29 0.78
N ARG C 26 -14.08 1.19 1.51
CA ARG C 26 -15.13 2.05 0.89
C ARG C 26 -14.65 3.50 0.86
N ALA C 27 -13.98 3.86 -0.19
CA ALA C 27 -13.47 5.26 -0.33
C ALA C 27 -14.57 6.14 -0.92
N ARG C 28 -14.68 7.37 -0.48
CA ARG C 28 -15.74 8.28 -1.00
C ARG C 28 -15.27 8.92 -2.32
N TYR C 29 -15.77 10.08 -2.65
CA TYR C 29 -15.38 10.77 -3.92
C TYR C 29 -14.54 12.01 -3.59
N GLU C 30 -13.78 12.49 -4.55
CA GLU C 30 -12.97 13.71 -4.33
C GLU C 30 -13.89 14.93 -4.26
N THR C 31 -15.07 14.83 -4.86
CA THR C 31 -16.04 15.97 -4.83
C THR C 31 -16.88 15.95 -3.55
N GLU C 32 -17.13 14.78 -2.98
CA GLU C 32 -17.95 14.71 -1.74
C GLU C 32 -17.07 14.58 -0.48
N GLY C 33 -15.80 14.85 -0.61
CA GLY C 33 -14.88 14.75 0.56
C GLY C 33 -14.57 13.28 0.87
N SER C 34 -13.32 12.89 0.78
CA SER C 34 -12.94 11.47 1.07
C SER C 34 -13.16 11.15 2.56
N ARG C 35 -13.45 9.91 2.87
CA ARG C 35 -13.66 9.50 4.29
C ARG C 35 -12.32 9.02 4.87
N GLY C 36 -12.37 8.23 5.92
CA GLY C 36 -11.10 7.73 6.53
C GLY C 36 -10.69 6.40 5.87
N ALA C 37 -9.41 6.22 5.61
CA ALA C 37 -8.93 4.96 4.98
C ALA C 37 -8.55 3.96 6.08
N VAL C 38 -9.32 3.91 7.14
CA VAL C 38 -9.03 2.97 8.27
C VAL C 38 -10.34 2.28 8.66
N LYS C 39 -10.73 1.27 7.93
CA LYS C 39 -12.00 0.54 8.24
C LYS C 39 -11.81 -0.97 8.02
N ALA C 40 -12.43 -1.78 8.85
CA ALA C 40 -12.30 -3.26 8.72
C ALA C 40 -12.86 -3.96 9.96
N SER C 41 -13.22 -5.21 9.83
CA SER C 41 -13.75 -5.99 11.00
C SER C 41 -12.62 -6.24 12.01
N ALA C 42 -11.39 -6.27 11.54
CA ALA C 42 -10.22 -6.50 12.46
C ALA C 42 -10.02 -5.24 13.33
N GLY C 43 -8.78 -4.83 13.56
CA GLY C 43 -8.53 -3.61 14.38
C GLY C 43 -9.09 -2.37 13.67
N GLY C 44 -9.30 -2.45 12.37
CA GLY C 44 -9.85 -1.29 11.60
C GLY C 44 -8.74 -0.60 10.81
N HIS C 45 -7.49 -0.76 11.22
CA HIS C 45 -6.36 -0.10 10.49
C HIS C 45 -5.34 -1.16 10.04
N PRO C 46 -4.92 -1.04 8.80
CA PRO C 46 -3.93 -1.97 8.20
C PRO C 46 -2.53 -1.65 8.71
N ILE C 47 -1.70 -2.67 8.80
CA ILE C 47 -0.30 -2.44 9.28
C ILE C 47 0.69 -3.20 8.40
N VAL C 48 1.96 -3.00 8.63
CA VAL C 48 3.01 -3.69 7.82
C VAL C 48 4.25 -3.88 8.70
N GLN C 49 4.60 -5.11 8.99
CA GLN C 49 5.79 -5.37 9.85
C GLN C 49 6.67 -6.43 9.20
N LEU C 50 7.97 -6.22 9.18
CA LEU C 50 8.89 -7.22 8.57
C LEU C 50 9.29 -8.25 9.63
N HIS C 51 9.12 -9.52 9.33
CA HIS C 51 9.47 -10.59 10.30
C HIS C 51 10.66 -11.39 9.73
N GLY C 52 11.86 -10.96 10.03
CA GLY C 52 13.06 -11.68 9.50
C GLY C 52 14.34 -11.04 10.01
N TYR C 53 14.54 -9.77 9.71
CA TYR C 53 15.77 -9.06 10.16
C TYR C 53 15.89 -9.11 11.70
N LEU C 54 16.72 -9.99 12.21
CA LEU C 54 16.90 -10.11 13.69
C LEU C 54 18.13 -9.32 14.14
N GLU C 55 18.81 -8.66 13.23
CA GLU C 55 20.02 -7.87 13.62
C GLU C 55 19.60 -6.52 14.23
N ASN C 56 20.52 -5.81 14.84
CA ASN C 56 20.18 -4.49 15.46
C ASN C 56 20.25 -3.37 14.40
N GLU C 57 20.49 -3.72 13.16
CA GLU C 57 20.56 -2.71 12.06
C GLU C 57 19.11 -2.37 11.64
N PRO C 58 18.89 -1.14 11.20
CA PRO C 58 17.54 -0.69 10.80
C PRO C 58 17.11 -1.31 9.46
N LEU C 59 16.06 -0.79 8.87
CA LEU C 59 15.56 -1.36 7.58
C LEU C 59 15.21 -0.22 6.61
N MET C 60 15.24 -0.49 5.32
CA MET C 60 14.90 0.57 4.33
C MET C 60 13.76 0.06 3.43
N LEU C 61 12.54 0.34 3.80
CA LEU C 61 11.37 -0.14 3.00
C LEU C 61 10.80 0.98 2.13
N GLN C 62 10.30 0.61 0.97
CA GLN C 62 9.68 1.61 0.05
C GLN C 62 8.33 1.06 -0.41
N LEU C 63 7.36 1.94 -0.54
CA LEU C 63 5.99 1.50 -0.97
C LEU C 63 5.89 1.65 -2.50
N PHE C 64 5.14 0.76 -3.11
CA PHE C 64 4.94 0.80 -4.59
C PHE C 64 3.46 0.60 -4.87
N ILE C 65 2.85 1.51 -5.60
CA ILE C 65 1.40 1.37 -5.90
C ILE C 65 1.23 0.89 -7.36
N GLY C 66 0.29 0.01 -7.57
CA GLY C 66 0.04 -0.52 -8.95
C GLY C 66 -1.42 -0.99 -9.06
N THR C 67 -2.14 -0.47 -10.03
CA THR C 67 -3.59 -0.87 -10.22
C THR C 67 -3.75 -2.39 -10.14
N ALA C 68 -4.92 -2.86 -9.76
CA ALA C 68 -5.16 -4.33 -9.65
C ALA C 68 -5.84 -4.84 -10.91
N ASP C 69 -5.08 -5.03 -11.96
CA ASP C 69 -5.68 -5.55 -13.23
C ASP C 69 -5.72 -7.09 -13.16
N ASP C 70 -5.93 -7.74 -14.29
CA ASP C 70 -5.99 -9.24 -14.31
C ASP C 70 -4.68 -9.81 -14.86
N ARG C 71 -4.04 -9.10 -15.76
CA ARG C 71 -2.74 -9.59 -16.33
C ARG C 71 -1.61 -8.68 -15.82
N LEU C 72 -0.69 -8.29 -16.69
CA LEU C 72 0.43 -7.40 -16.24
C LEU C 72 -0.12 -6.21 -15.44
N LEU C 73 0.55 -5.83 -14.38
CA LEU C 73 0.05 -4.70 -13.56
C LEU C 73 0.00 -3.42 -14.43
N ARG C 74 -0.89 -2.53 -14.11
CA ARG C 74 -1.06 -1.29 -14.93
C ARG C 74 -0.64 -0.05 -14.12
N PRO C 75 -0.71 1.10 -14.74
CA PRO C 75 -0.36 2.38 -14.11
C PRO C 75 -1.45 2.76 -13.10
N HIS C 76 -1.07 2.93 -11.85
CA HIS C 76 -2.05 3.28 -10.77
C HIS C 76 -3.14 4.21 -11.29
N ALA C 77 -4.35 4.03 -10.81
CA ALA C 77 -5.46 4.90 -11.26
C ALA C 77 -5.29 6.29 -10.63
N PHE C 78 -6.06 6.62 -9.60
CA PHE C 78 -5.95 7.98 -8.99
C PHE C 78 -6.36 7.93 -7.50
N TYR C 79 -5.94 6.90 -6.78
CA TYR C 79 -6.30 6.81 -5.32
C TYR C 79 -5.39 7.74 -4.50
N GLN C 80 -5.39 9.02 -4.80
CA GLN C 80 -4.50 9.96 -4.04
C GLN C 80 -5.30 11.14 -3.47
N VAL C 81 -5.38 11.22 -2.17
CA VAL C 81 -6.12 12.34 -1.49
C VAL C 81 -5.43 12.62 -0.13
N HIS C 82 -6.19 12.67 0.96
CA HIS C 82 -5.59 12.92 2.31
C HIS C 82 -6.70 13.25 3.30
N ARG C 83 -7.04 12.33 4.18
CA ARG C 83 -8.14 12.60 5.17
C ARG C 83 -8.21 11.46 6.19
N ILE C 84 -7.66 11.66 7.37
CA ILE C 84 -7.68 10.61 8.42
C ILE C 84 -7.99 11.25 9.78
N THR C 85 -8.80 10.59 10.59
CA THR C 85 -9.14 11.13 11.93
C THR C 85 -8.10 10.66 12.97
N GLY C 86 -6.92 11.24 12.93
CA GLY C 86 -5.85 10.84 13.88
C GLY C 86 -4.55 11.58 13.56
N LYS C 87 -3.96 12.22 14.54
CA LYS C 87 -2.69 12.98 14.32
C LYS C 87 -1.51 12.26 15.00
N THR C 88 -1.77 11.23 15.77
CA THR C 88 -0.68 10.49 16.47
C THR C 88 -0.21 9.33 15.56
N VAL C 89 0.29 9.64 14.40
CA VAL C 89 0.76 8.58 13.45
C VAL C 89 2.16 8.95 12.92
N SER C 90 3.19 8.68 13.70
CA SER C 90 4.58 9.00 13.24
C SER C 90 5.22 7.73 12.61
N THR C 91 4.45 6.99 11.85
CA THR C 91 4.99 5.75 11.21
C THR C 91 5.04 5.95 9.70
N THR C 92 3.88 5.92 9.07
CA THR C 92 3.81 6.11 7.58
C THR C 92 4.54 7.39 7.18
N SER C 93 5.13 7.40 6.01
CA SER C 93 5.89 8.62 5.54
C SER C 93 5.20 9.24 4.32
N HIS C 94 5.92 10.04 3.58
CA HIS C 94 5.35 10.71 2.37
C HIS C 94 5.61 9.84 1.13
N GLU C 95 4.89 10.09 0.06
CA GLU C 95 5.10 9.28 -1.18
C GLU C 95 5.46 10.19 -2.36
N ALA C 96 6.30 9.71 -3.25
CA ALA C 96 6.70 10.52 -4.43
C ALA C 96 5.53 10.50 -5.43
N ILE C 97 4.64 11.46 -5.31
CA ILE C 97 3.46 11.51 -6.22
C ILE C 97 3.93 11.78 -7.65
N LEU C 98 4.15 10.73 -8.41
CA LEU C 98 4.60 10.87 -9.82
C LEU C 98 3.36 11.20 -10.66
N SER C 99 3.53 11.64 -11.88
CA SER C 99 2.38 11.99 -12.77
C SER C 99 1.35 10.83 -12.78
N ASN C 100 0.38 10.90 -11.89
CA ASN C 100 -0.68 9.84 -11.78
C ASN C 100 -0.09 8.55 -11.20
N THR C 101 0.77 8.66 -10.21
CA THR C 101 1.39 7.45 -9.59
C THR C 101 1.85 7.78 -8.15
N LYS C 102 1.83 6.82 -7.26
CA LYS C 102 2.26 7.08 -5.85
C LYS C 102 3.27 6.03 -5.38
N VAL C 103 4.25 6.45 -4.61
CA VAL C 103 5.28 5.50 -4.08
C VAL C 103 5.92 6.08 -2.82
N LEU C 104 6.11 5.28 -1.81
CA LEU C 104 6.75 5.77 -0.56
C LEU C 104 8.19 5.24 -0.53
N GLU C 105 9.01 5.85 0.26
CA GLU C 105 10.44 5.40 0.38
C GLU C 105 11.05 6.00 1.64
N ILE C 106 11.32 5.18 2.64
CA ILE C 106 11.91 5.73 3.90
C ILE C 106 12.63 4.65 4.70
N PRO C 107 13.40 5.09 5.66
CA PRO C 107 14.16 4.19 6.55
C PRO C 107 13.24 3.65 7.67
N LEU C 108 13.67 2.61 8.33
CA LEU C 108 12.85 1.98 9.42
C LEU C 108 13.59 2.08 10.75
N LEU C 109 12.94 1.72 11.83
CA LEU C 109 13.59 1.77 13.17
C LEU C 109 14.55 0.56 13.29
N PRO C 110 15.46 0.64 14.23
CA PRO C 110 16.46 -0.43 14.46
C PRO C 110 15.83 -1.64 15.18
N GLU C 111 15.45 -1.49 16.42
CA GLU C 111 14.82 -2.63 17.16
C GLU C 111 13.46 -2.21 17.72
N ASN C 112 12.60 -1.75 16.86
CA ASN C 112 11.23 -1.36 17.30
C ASN C 112 10.24 -2.37 16.72
N SER C 113 10.69 -3.60 16.54
CA SER C 113 9.83 -4.67 15.95
C SER C 113 9.49 -4.33 14.49
N MET C 114 10.25 -3.44 13.87
CA MET C 114 9.98 -3.05 12.45
C MET C 114 8.49 -2.74 12.29
N ARG C 115 7.99 -1.79 13.06
CA ARG C 115 6.54 -1.45 13.00
C ARG C 115 6.29 -0.36 11.97
N ALA C 116 5.18 -0.48 11.27
CA ALA C 116 4.79 0.52 10.23
C ALA C 116 3.28 0.42 10.03
N VAL C 117 2.51 1.12 10.84
CA VAL C 117 1.02 1.05 10.74
C VAL C 117 0.50 2.14 9.80
N ILE C 118 -0.55 1.83 9.08
CA ILE C 118 -1.17 2.82 8.15
C ILE C 118 -2.39 3.43 8.86
N ASP C 119 -2.23 4.59 9.43
CA ASP C 119 -3.38 5.25 10.14
C ASP C 119 -3.35 6.76 9.87
N CYS C 120 -2.84 7.16 8.74
CA CYS C 120 -2.79 8.62 8.40
C CYS C 120 -2.89 8.82 6.88
N ALA C 121 -3.44 7.85 6.17
CA ALA C 121 -3.59 7.96 4.70
C ALA C 121 -5.07 8.05 4.35
N GLY C 122 -5.42 8.85 3.37
CA GLY C 122 -6.85 8.99 2.97
C GLY C 122 -7.14 8.12 1.76
N ILE C 123 -8.29 7.47 1.73
CA ILE C 123 -8.65 6.60 0.57
C ILE C 123 -9.73 7.30 -0.26
N LEU C 124 -9.62 7.22 -1.56
CA LEU C 124 -10.62 7.89 -2.46
C LEU C 124 -11.08 6.91 -3.54
N LYS C 125 -12.30 7.06 -4.01
CA LYS C 125 -12.81 6.15 -5.08
C LYS C 125 -12.45 6.75 -6.45
N LEU C 126 -12.29 5.93 -7.45
CA LEU C 126 -11.93 6.44 -8.80
C LEU C 126 -13.18 6.77 -9.62
N ARG C 127 -13.52 8.03 -9.68
CA ARG C 127 -14.72 8.46 -10.50
C ARG C 127 -14.50 7.95 -11.95
N ASN C 128 -15.09 6.81 -12.27
CA ASN C 128 -14.93 6.17 -13.61
C ASN C 128 -15.44 7.08 -14.74
N SER C 129 -16.69 7.46 -14.71
CA SER C 129 -17.28 8.32 -15.80
C SER C 129 -16.27 9.38 -16.27
N ASP C 130 -15.72 10.15 -15.35
CA ASP C 130 -14.73 11.21 -15.75
C ASP C 130 -13.34 10.60 -15.96
N ILE C 131 -13.01 9.55 -15.23
CA ILE C 131 -11.66 8.90 -15.39
C ILE C 131 -11.62 8.03 -16.66
N GLU C 132 -12.73 7.85 -17.32
CA GLU C 132 -12.75 7.01 -18.56
C GLU C 132 -12.57 7.93 -19.77
N LEU C 133 -13.28 9.03 -19.79
CA LEU C 133 -13.18 9.99 -20.93
C LEU C 133 -11.95 10.91 -20.75
N ARG C 134 -11.30 10.86 -19.59
CA ARG C 134 -10.11 11.71 -19.32
C ARG C 134 -9.18 11.74 -20.53
N LYS C 135 -9.28 12.79 -21.30
CA LYS C 135 -8.45 12.95 -22.54
C LYS C 135 -6.96 12.70 -22.24
N GLY C 136 -6.32 11.93 -23.07
CA GLY C 136 -4.87 11.62 -22.86
C GLY C 136 -4.73 10.44 -21.90
N GLU C 137 -5.38 10.50 -20.76
CA GLU C 137 -5.30 9.38 -19.76
C GLU C 137 -5.86 8.10 -20.37
N THR C 138 -5.61 6.98 -19.74
CA THR C 138 -6.15 5.70 -20.26
C THR C 138 -7.60 5.55 -19.78
N ASP C 139 -7.83 4.85 -18.69
CA ASP C 139 -9.20 4.66 -18.15
C ASP C 139 -9.18 3.59 -17.06
N ILE C 140 -10.04 3.69 -16.09
CA ILE C 140 -10.06 2.66 -14.99
C ILE C 140 -11.13 1.59 -15.31
N GLY C 141 -11.73 1.65 -16.48
CA GLY C 141 -12.77 0.64 -16.85
C GLY C 141 -14.04 0.89 -16.03
N ARG C 142 -15.18 0.95 -16.66
CA ARG C 142 -16.45 1.20 -15.91
C ARG C 142 -16.72 0.04 -14.93
N LYS C 143 -16.07 -1.09 -15.11
CA LYS C 143 -16.28 -2.25 -14.18
C LYS C 143 -14.95 -2.68 -13.55
N ASN C 144 -13.99 -1.79 -13.41
CA ASN C 144 -12.68 -2.18 -12.80
C ASN C 144 -12.23 -1.12 -11.80
N THR C 145 -12.84 -1.10 -10.63
CA THR C 145 -12.46 -0.10 -9.59
C THR C 145 -11.58 -0.78 -8.52
N ARG C 146 -10.48 -1.37 -8.92
CA ARG C 146 -9.60 -2.06 -7.91
C ARG C 146 -8.13 -1.72 -8.15
N VAL C 147 -7.46 -1.22 -7.13
CA VAL C 147 -5.99 -0.89 -7.27
C VAL C 147 -5.20 -1.90 -6.42
N ARG C 148 -3.88 -1.87 -6.47
CA ARG C 148 -3.10 -2.86 -5.65
C ARG C 148 -1.87 -2.19 -5.01
N LEU C 149 -1.41 -2.75 -3.92
CA LEU C 149 -0.20 -2.19 -3.22
C LEU C 149 0.98 -3.16 -3.39
N VAL C 150 2.18 -2.65 -3.39
CA VAL C 150 3.39 -3.51 -3.54
C VAL C 150 4.47 -3.01 -2.57
N PHE C 151 4.81 -3.78 -1.57
CA PHE C 151 5.85 -3.33 -0.59
C PHE C 151 7.21 -3.93 -0.99
N ARG C 152 8.19 -3.09 -1.19
CA ARG C 152 9.55 -3.61 -1.59
C ARG C 152 10.58 -3.19 -0.53
N VAL C 153 11.24 -4.14 0.06
CA VAL C 153 12.27 -3.84 1.10
C VAL C 153 13.66 -4.28 0.62
N HIS C 154 14.70 -3.68 1.15
CA HIS C 154 16.08 -4.03 0.75
C HIS C 154 17.03 -3.69 1.93
N VAL C 155 17.38 -4.67 2.72
CA VAL C 155 18.30 -4.42 3.88
C VAL C 155 19.58 -5.27 3.70
N PRO C 156 20.71 -4.60 3.69
CA PRO C 156 22.03 -5.26 3.53
C PRO C 156 22.47 -5.93 4.83
N GLN C 157 22.98 -7.14 4.74
CA GLN C 157 23.45 -7.87 5.94
C GLN C 157 24.94 -7.49 6.16
N PRO C 158 25.72 -8.29 6.90
CA PRO C 158 27.14 -7.95 7.15
C PRO C 158 28.00 -8.21 5.90
N SER C 159 27.91 -9.38 5.31
CA SER C 159 28.73 -9.68 4.08
C SER C 159 28.41 -11.08 3.56
N GLY C 160 27.64 -11.16 2.51
CA GLY C 160 27.28 -12.49 1.91
C GLY C 160 25.82 -12.82 2.22
N ARG C 161 24.94 -11.85 2.11
CA ARG C 161 23.50 -12.08 2.39
C ARG C 161 22.75 -10.75 2.30
N THR C 162 21.60 -10.76 1.66
CA THR C 162 20.79 -9.52 1.54
C THR C 162 19.32 -9.87 1.78
N LEU C 163 18.68 -9.16 2.69
CA LEU C 163 17.25 -9.44 2.98
C LEU C 163 16.37 -8.45 2.21
N SER C 164 15.96 -8.82 1.02
CA SER C 164 15.10 -7.92 0.19
C SER C 164 13.77 -8.63 -0.08
N LEU C 165 12.69 -7.90 -0.16
CA LEU C 165 11.36 -8.56 -0.40
C LEU C 165 10.48 -7.71 -1.32
N GLN C 166 9.44 -8.32 -1.85
CA GLN C 166 8.49 -7.61 -2.77
C GLN C 166 7.11 -8.25 -2.61
N VAL C 167 6.30 -7.75 -1.70
CA VAL C 167 4.95 -8.33 -1.50
C VAL C 167 3.89 -7.41 -2.11
N ALA C 168 2.70 -7.93 -2.31
CA ALA C 168 1.61 -7.11 -2.90
C ALA C 168 0.40 -7.16 -1.96
N SER C 169 -0.02 -6.03 -1.43
CA SER C 169 -1.20 -6.03 -0.52
C SER C 169 -2.47 -6.35 -1.33
N ASN C 170 -3.56 -6.61 -0.66
CA ASN C 170 -4.83 -6.94 -1.38
C ASN C 170 -5.25 -5.74 -2.24
N PRO C 171 -6.05 -6.02 -3.24
CA PRO C 171 -6.55 -4.98 -4.16
C PRO C 171 -7.64 -4.13 -3.51
N ILE C 172 -7.47 -2.83 -3.52
CA ILE C 172 -8.48 -1.92 -2.91
C ILE C 172 -9.65 -1.79 -3.90
N GLU C 173 -10.76 -2.41 -3.59
CA GLU C 173 -11.95 -2.35 -4.49
C GLU C 173 -13.00 -1.39 -3.91
N CYS C 174 -13.57 -0.54 -4.73
CA CYS C 174 -14.59 0.43 -4.24
C CYS C 174 -16.00 0.05 -4.73
N SER C 175 -16.11 -0.85 -5.69
CA SER C 175 -17.46 -1.26 -6.20
C SER C 175 -18.27 -1.93 -5.08
N GLN C 176 -19.58 -1.80 -5.12
CA GLN C 176 -20.44 -2.43 -4.06
C GLN C 176 -20.41 -3.95 -4.22
N ARG C 177 -21.18 -4.49 -5.14
CA ARG C 177 -21.21 -5.97 -5.35
C ARG C 177 -19.90 -6.43 -6.02
N SER C 178 -19.51 -7.66 -5.78
CA SER C 178 -18.24 -8.18 -6.39
C SER C 178 -18.59 -9.12 -7.56
N MET C 1 15.35 -3.95 -6.68
CA MET C 1 15.63 -3.33 -8.00
C MET C 1 15.11 -4.23 -9.13
N LYS C 2 13.97 -3.90 -9.68
CA LYS C 2 13.39 -4.73 -10.80
C LYS C 2 12.94 -6.09 -10.27
N ASP C 3 11.99 -6.71 -10.94
CA ASP C 3 11.51 -8.05 -10.49
C ASP C 3 12.21 -9.14 -11.32
N TRP C 4 12.68 -10.16 -10.67
CA TRP C 4 13.38 -11.26 -11.39
C TRP C 4 12.97 -12.61 -10.78
N GLN C 5 11.68 -12.89 -10.75
CA GLN C 5 11.18 -14.18 -10.17
C GLN C 5 11.55 -14.24 -8.69
N LEU C 6 10.66 -13.77 -7.84
CA LEU C 6 10.94 -13.78 -6.37
C LEU C 6 10.62 -15.16 -5.77
N PRO C 7 11.41 -15.53 -4.78
CA PRO C 7 11.25 -16.82 -4.06
C PRO C 7 10.09 -16.75 -3.05
N SER C 8 9.93 -17.79 -2.27
CA SER C 8 8.84 -17.79 -1.25
C SER C 8 9.16 -16.75 -0.17
N HIS C 9 10.43 -16.48 0.04
CA HIS C 9 10.86 -15.45 1.04
C HIS C 9 12.26 -14.94 0.69
N SER C 10 12.70 -13.86 1.31
CA SER C 10 14.07 -13.33 1.00
C SER C 10 15.08 -14.09 1.86
N GLY C 11 15.37 -15.32 1.50
CA GLY C 11 16.35 -16.14 2.28
C GLY C 11 15.81 -16.28 3.72
N PRO C 12 16.69 -16.06 4.69
CA PRO C 12 16.31 -16.14 6.12
C PRO C 12 15.69 -14.80 6.58
N TYR C 13 15.11 -14.04 5.68
CA TYR C 13 14.49 -12.73 6.06
C TYR C 13 13.06 -12.66 5.52
N GLU C 14 12.25 -11.75 6.02
CA GLU C 14 10.84 -11.65 5.53
C GLU C 14 10.18 -10.37 6.06
N LEU C 15 9.87 -9.45 5.18
CA LEU C 15 9.19 -8.20 5.58
C LEU C 15 7.72 -8.28 5.16
N ARG C 16 6.81 -8.31 6.11
CA ARG C 16 5.36 -8.42 5.76
C ARG C 16 4.49 -7.52 6.65
N ILE C 17 3.25 -7.39 6.29
CA ILE C 17 2.29 -6.54 7.07
C ILE C 17 1.74 -7.35 8.25
N GLU C 18 1.59 -6.72 9.40
CA GLU C 18 1.04 -7.42 10.58
C GLU C 18 -0.50 -7.37 10.53
N VAL C 19 -1.16 -6.71 11.45
CA VAL C 19 -2.66 -6.63 11.41
C VAL C 19 -3.09 -5.87 10.15
N GLN C 20 -3.43 -6.58 9.11
CA GLN C 20 -3.86 -5.89 7.85
C GLN C 20 -5.39 -5.83 7.80
N PRO C 21 -5.89 -4.86 7.08
CA PRO C 21 -7.35 -4.65 6.93
C PRO C 21 -7.92 -5.61 5.88
N LYS C 22 -9.19 -5.45 5.57
CA LYS C 22 -9.83 -6.34 4.56
C LYS C 22 -9.47 -5.85 3.15
N SER C 23 -9.78 -6.65 2.15
CA SER C 23 -9.48 -6.24 0.74
C SER C 23 -10.59 -5.32 0.20
N HIS C 24 -11.50 -4.89 1.05
CA HIS C 24 -12.61 -4.00 0.60
C HIS C 24 -12.51 -2.68 1.36
N HIS C 25 -12.06 -1.64 0.70
CA HIS C 25 -11.93 -0.30 1.37
C HIS C 25 -13.04 0.62 0.87
N ARG C 26 -13.69 1.34 1.76
CA ARG C 26 -14.78 2.26 1.32
C ARG C 26 -14.20 3.67 1.12
N ALA C 27 -13.48 3.87 0.04
CA ALA C 27 -12.87 5.21 -0.24
C ALA C 27 -13.97 6.17 -0.70
N ARG C 28 -13.91 7.40 -0.24
CA ARG C 28 -14.94 8.41 -0.62
C ARG C 28 -14.61 9.00 -2.01
N TYR C 29 -15.48 9.84 -2.51
CA TYR C 29 -15.26 10.47 -3.84
C TYR C 29 -14.55 11.81 -3.66
N GLU C 30 -13.84 12.25 -4.67
CA GLU C 30 -13.17 13.58 -4.59
C GLU C 30 -14.27 14.65 -4.59
N THR C 31 -15.39 14.34 -5.22
CA THR C 31 -16.55 15.28 -5.26
C THR C 31 -17.49 14.99 -4.07
N GLU C 32 -17.04 14.20 -3.12
CA GLU C 32 -17.87 13.84 -1.92
C GLU C 32 -17.06 14.07 -0.63
N GLY C 33 -15.98 14.81 -0.72
CA GLY C 33 -15.13 15.08 0.48
C GLY C 33 -14.13 13.93 0.67
N SER C 34 -14.09 13.33 1.82
CA SER C 34 -13.14 12.21 2.08
C SER C 34 -13.39 11.59 3.46
N ARG C 35 -12.96 10.36 3.66
CA ARG C 35 -13.14 9.68 4.97
C ARG C 35 -11.79 9.11 5.45
N GLY C 36 -11.80 8.25 6.45
CA GLY C 36 -10.52 7.66 6.95
C GLY C 36 -10.20 6.37 6.19
N ALA C 37 -8.94 6.13 5.89
CA ALA C 37 -8.55 4.88 5.17
C ALA C 37 -8.24 3.76 6.17
N VAL C 38 -9.12 3.56 7.12
CA VAL C 38 -8.91 2.48 8.14
C VAL C 38 -10.23 1.71 8.32
N LYS C 39 -10.64 0.99 7.30
CA LYS C 39 -11.91 0.22 7.36
C LYS C 39 -11.62 -1.27 7.24
N ALA C 40 -12.24 -2.07 8.08
CA ALA C 40 -12.04 -3.55 8.04
C ALA C 40 -12.89 -4.20 9.15
N SER C 41 -13.51 -5.33 8.84
CA SER C 41 -14.36 -6.03 9.84
C SER C 41 -13.53 -6.33 11.10
N ALA C 42 -12.60 -7.25 11.01
CA ALA C 42 -11.76 -7.59 12.19
C ALA C 42 -10.42 -6.87 12.10
N GLY C 43 -10.44 -5.58 11.92
CA GLY C 43 -9.18 -4.81 11.83
C GLY C 43 -9.34 -3.46 12.50
N GLY C 44 -9.68 -2.45 11.72
CA GLY C 44 -9.86 -1.08 12.29
C GLY C 44 -8.49 -0.43 12.55
N HIS C 45 -7.41 -1.01 12.02
CA HIS C 45 -6.05 -0.44 12.23
C HIS C 45 -5.01 -1.34 11.52
N PRO C 46 -4.65 -0.97 10.30
CA PRO C 46 -3.66 -1.73 9.51
C PRO C 46 -2.24 -1.50 10.03
N ILE C 47 -1.40 -2.50 9.96
CA ILE C 47 0.00 -2.36 10.47
C ILE C 47 1.00 -2.94 9.47
N VAL C 48 2.18 -2.36 9.40
CA VAL C 48 3.23 -2.88 8.48
C VAL C 48 4.51 -3.11 9.29
N GLN C 49 4.96 -4.33 9.36
CA GLN C 49 6.20 -4.63 10.15
C GLN C 49 7.23 -5.35 9.28
N LEU C 50 8.30 -5.82 9.89
CA LEU C 50 9.37 -6.54 9.13
C LEU C 50 9.98 -7.62 10.02
N HIS C 51 10.42 -8.71 9.43
CA HIS C 51 11.04 -9.82 10.21
C HIS C 51 12.16 -10.44 9.37
N GLY C 52 13.34 -9.88 9.41
CA GLY C 52 14.46 -10.43 8.61
C GLY C 52 15.77 -9.75 9.02
N TYR C 53 15.97 -8.54 8.58
CA TYR C 53 17.22 -7.80 8.92
C TYR C 53 17.45 -7.83 10.44
N LEU C 54 18.36 -8.66 10.91
CA LEU C 54 18.64 -8.74 12.38
C LEU C 54 19.97 -8.02 12.68
N GLU C 55 20.18 -6.89 12.04
CA GLU C 55 21.45 -6.12 12.28
C GLU C 55 21.11 -4.82 13.02
N ASN C 56 22.12 -4.16 13.56
CA ASN C 56 21.87 -2.88 14.29
C ASN C 56 21.82 -1.71 13.30
N GLU C 57 21.89 -1.99 12.02
CA GLU C 57 21.84 -0.92 10.99
C GLU C 57 20.37 -0.65 10.62
N PRO C 58 20.05 0.60 10.37
CA PRO C 58 18.68 1.00 10.00
C PRO C 58 18.38 0.60 8.55
N LEU C 59 17.16 0.79 8.10
CA LEU C 59 16.80 0.39 6.71
C LEU C 59 15.77 1.37 6.12
N MET C 60 15.70 1.45 4.82
CA MET C 60 14.73 2.37 4.16
C MET C 60 13.80 1.55 3.24
N LEU C 61 12.54 1.46 3.60
CA LEU C 61 11.56 0.69 2.77
C LEU C 61 10.88 1.63 1.78
N GLN C 62 10.62 1.15 0.59
CA GLN C 62 9.96 2.00 -0.45
C GLN C 62 8.60 1.39 -0.78
N LEU C 63 7.65 2.22 -1.13
CA LEU C 63 6.29 1.74 -1.48
C LEU C 63 6.10 1.76 -2.99
N PHE C 64 5.30 0.86 -3.49
CA PHE C 64 5.02 0.78 -4.95
C PHE C 64 3.58 0.27 -5.11
N ILE C 65 2.79 0.92 -5.93
CA ILE C 65 1.38 0.47 -6.11
C ILE C 65 1.18 -0.08 -7.53
N GLY C 66 0.12 -0.82 -7.72
CA GLY C 66 -0.18 -1.38 -9.07
C GLY C 66 -1.62 -1.90 -9.09
N THR C 67 -2.41 -1.44 -10.03
CA THR C 67 -3.86 -1.85 -10.14
C THR C 67 -4.04 -3.36 -9.90
N ALA C 68 -5.22 -3.76 -9.49
CA ALA C 68 -5.50 -5.20 -9.20
C ALA C 68 -6.07 -5.89 -10.45
N ASP C 69 -5.20 -6.27 -11.35
CA ASP C 69 -5.65 -6.96 -12.61
C ASP C 69 -5.56 -8.49 -12.42
N ASP C 70 -5.40 -9.23 -13.50
CA ASP C 70 -5.33 -10.71 -13.40
C ASP C 70 -4.01 -11.14 -12.73
N ARG C 71 -2.91 -11.02 -13.43
CA ARG C 71 -1.59 -11.42 -12.85
C ARG C 71 -0.64 -10.22 -12.82
N LEU C 72 -0.11 -9.83 -13.96
CA LEU C 72 0.81 -8.67 -14.01
C LEU C 72 0.08 -7.42 -13.55
N LEU C 73 0.79 -6.52 -12.92
CA LEU C 73 0.16 -5.26 -12.41
C LEU C 73 -0.06 -4.27 -13.57
N ARG C 74 -0.76 -3.20 -13.31
CA ARG C 74 -1.02 -2.18 -14.35
C ARG C 74 -0.59 -0.81 -13.82
N PRO C 75 -0.74 0.22 -14.63
CA PRO C 75 -0.36 1.59 -14.22
C PRO C 75 -1.37 2.14 -13.21
N HIS C 76 -0.90 2.39 -12.01
CA HIS C 76 -1.77 2.92 -10.90
C HIS C 76 -2.82 3.90 -11.46
N ALA C 77 -4.04 3.80 -10.98
CA ALA C 77 -5.11 4.72 -11.45
C ALA C 77 -4.95 6.09 -10.77
N PHE C 78 -5.68 6.34 -9.70
CA PHE C 78 -5.57 7.66 -9.00
C PHE C 78 -5.88 7.45 -7.51
N TYR C 79 -5.45 6.35 -6.94
CA TYR C 79 -5.72 6.08 -5.48
C TYR C 79 -4.78 6.93 -4.63
N GLN C 80 -4.91 8.23 -4.70
CA GLN C 80 -4.02 9.12 -3.90
C GLN C 80 -4.84 10.17 -3.15
N VAL C 81 -4.71 10.17 -1.86
CA VAL C 81 -5.45 11.14 -0.99
C VAL C 81 -4.85 11.08 0.43
N HIS C 82 -5.14 12.04 1.26
CA HIS C 82 -4.59 12.04 2.66
C HIS C 82 -5.63 12.62 3.61
N ARG C 83 -6.37 11.77 4.29
CA ARG C 83 -7.42 12.25 5.24
C ARG C 83 -7.55 11.25 6.39
N ILE C 84 -7.03 11.58 7.55
CA ILE C 84 -7.11 10.66 8.73
C ILE C 84 -7.42 11.47 9.99
N THR C 85 -8.12 10.85 10.93
CA THR C 85 -8.47 11.55 12.20
C THR C 85 -8.02 10.70 13.40
N GLY C 86 -7.00 11.13 14.10
CA GLY C 86 -6.50 10.36 15.27
C GLY C 86 -5.98 11.32 16.34
N LYS C 87 -4.95 10.94 17.06
CA LYS C 87 -4.39 11.82 18.12
C LYS C 87 -2.97 12.26 17.72
N THR C 88 -2.13 11.32 17.34
CA THR C 88 -0.73 11.65 16.93
C THR C 88 -0.11 10.39 16.31
N VAL C 89 -0.07 10.31 15.00
CA VAL C 89 0.49 9.11 14.32
C VAL C 89 1.68 9.54 13.44
N SER C 90 2.78 9.92 14.06
CA SER C 90 3.98 10.33 13.28
C SER C 90 5.02 9.19 13.28
N THR C 91 4.55 7.96 13.20
CA THR C 91 5.48 6.79 13.20
C THR C 91 6.32 6.80 11.92
N THR C 92 5.71 6.53 10.78
CA THR C 92 6.45 6.52 9.49
C THR C 92 5.44 6.63 8.34
N SER C 93 5.47 7.71 7.59
CA SER C 93 4.52 7.89 6.44
C SER C 93 5.03 8.97 5.48
N HIS C 94 4.99 8.70 4.20
CA HIS C 94 5.46 9.70 3.19
C HIS C 94 4.87 9.33 1.82
N GLU C 95 4.86 10.24 0.86
CA GLU C 95 4.29 9.92 -0.48
C GLU C 95 5.16 10.49 -1.60
N ALA C 96 4.93 10.03 -2.81
CA ALA C 96 5.72 10.52 -4.00
C ALA C 96 4.91 10.26 -5.27
N ILE C 97 3.90 11.08 -5.50
CA ILE C 97 3.03 10.92 -6.71
C ILE C 97 3.88 10.99 -7.99
N LEU C 98 3.64 10.09 -8.91
CA LEU C 98 4.39 10.05 -10.20
C LEU C 98 3.38 9.84 -11.34
N SER C 99 3.80 9.98 -12.58
CA SER C 99 2.88 9.79 -13.75
C SER C 99 2.21 8.40 -13.68
N ASN C 100 1.08 8.31 -13.04
CA ASN C 100 0.34 7.00 -12.94
C ASN C 100 1.16 5.98 -12.13
N THR C 101 2.04 6.45 -11.26
CA THR C 101 2.86 5.51 -10.44
C THR C 101 2.90 6.02 -9.00
N LYS C 102 2.02 5.51 -8.17
CA LYS C 102 1.99 5.96 -6.75
C LYS C 102 3.10 5.27 -5.96
N VAL C 103 3.89 6.05 -5.26
CA VAL C 103 5.00 5.46 -4.45
C VAL C 103 5.07 6.21 -3.11
N LEU C 104 5.73 5.62 -2.14
CA LEU C 104 5.84 6.27 -0.80
C LEU C 104 7.19 5.94 -0.18
N GLU C 105 7.64 6.75 0.74
CA GLU C 105 8.94 6.50 1.41
C GLU C 105 8.69 6.18 2.89
N ILE C 106 9.18 5.07 3.37
CA ILE C 106 8.97 4.69 4.80
C ILE C 106 10.20 3.95 5.33
N PRO C 107 11.07 4.70 5.98
CA PRO C 107 12.33 4.15 6.55
C PRO C 107 12.03 3.40 7.85
N LEU C 108 12.61 2.24 8.02
CA LEU C 108 12.37 1.45 9.27
C LEU C 108 13.24 2.00 10.40
N LEU C 109 12.79 1.90 11.63
CA LEU C 109 13.58 2.41 12.78
C LEU C 109 14.70 1.41 13.14
N PRO C 110 15.61 1.84 13.98
CA PRO C 110 16.75 1.02 14.42
C PRO C 110 16.32 -0.04 15.44
N GLU C 111 16.13 0.34 16.68
CA GLU C 111 15.74 -0.66 17.72
C GLU C 111 14.35 -0.33 18.30
N ASN C 112 13.36 -0.26 17.45
CA ASN C 112 11.97 0.02 17.92
C ASN C 112 11.10 -1.20 17.59
N SER C 113 11.69 -2.38 17.66
CA SER C 113 10.95 -3.65 17.34
C SER C 113 10.53 -3.62 15.86
N MET C 114 11.20 -2.83 15.03
CA MET C 114 10.84 -2.73 13.58
C MET C 114 9.32 -2.61 13.43
N ARG C 115 8.73 -1.69 14.15
CA ARG C 115 7.26 -1.50 14.09
C ARG C 115 6.90 -0.27 13.27
N ALA C 116 5.83 -0.36 12.54
CA ALA C 116 5.35 0.77 11.70
C ALA C 116 3.84 0.61 11.47
N VAL C 117 3.04 1.19 12.34
CA VAL C 117 1.56 1.05 12.21
C VAL C 117 1.04 2.01 11.13
N ILE C 118 0.04 1.59 10.39
CA ILE C 118 -0.52 2.44 9.31
C ILE C 118 -1.97 2.81 9.64
N ASP C 119 -2.21 4.05 9.90
CA ASP C 119 -3.61 4.49 10.22
C ASP C 119 -3.73 6.00 9.92
N CYS C 120 -2.90 6.50 9.03
CA CYS C 120 -2.94 7.95 8.67
C CYS C 120 -2.84 8.11 7.15
N ALA C 121 -3.28 7.12 6.41
CA ALA C 121 -3.23 7.20 4.92
C ALA C 121 -4.60 7.61 4.39
N GLY C 122 -4.65 8.23 3.23
CA GLY C 122 -5.96 8.65 2.66
C GLY C 122 -6.37 7.67 1.56
N ILE C 123 -7.64 7.34 1.52
CA ILE C 123 -8.14 6.39 0.46
C ILE C 123 -9.21 7.11 -0.36
N LEU C 124 -9.04 7.13 -1.67
CA LEU C 124 -10.02 7.81 -2.55
C LEU C 124 -10.53 6.81 -3.62
N LYS C 125 -11.79 6.91 -3.98
CA LYS C 125 -12.34 5.98 -5.02
C LYS C 125 -12.11 6.58 -6.40
N LEU C 126 -11.92 5.75 -7.40
CA LEU C 126 -11.67 6.26 -8.79
C LEU C 126 -12.98 6.47 -9.52
N ARG C 127 -13.46 7.69 -9.57
CA ARG C 127 -14.74 7.99 -10.29
C ARG C 127 -14.58 7.59 -11.77
N ASN C 128 -15.15 6.46 -12.14
CA ASN C 128 -15.06 5.96 -13.56
C ASN C 128 -15.24 7.11 -14.56
N SER C 129 -16.34 7.83 -14.47
CA SER C 129 -16.60 8.96 -15.43
C SER C 129 -15.33 9.82 -15.58
N ASP C 130 -14.71 10.17 -14.48
CA ASP C 130 -13.46 11.01 -14.53
C ASP C 130 -12.30 10.17 -15.11
N ILE C 131 -12.28 8.88 -14.84
CA ILE C 131 -11.18 8.01 -15.37
C ILE C 131 -11.43 7.67 -16.85
N GLU C 132 -12.58 8.03 -17.38
CA GLU C 132 -12.87 7.76 -18.82
C GLU C 132 -12.62 9.03 -19.63
N LEU C 133 -12.64 10.18 -18.99
CA LEU C 133 -12.38 11.47 -19.72
C LEU C 133 -10.87 11.61 -19.94
N ARG C 134 -10.06 11.01 -19.08
CA ARG C 134 -8.58 11.10 -19.25
C ARG C 134 -8.18 10.17 -20.40
N LYS C 135 -8.11 10.73 -21.59
CA LYS C 135 -7.76 9.94 -22.81
C LYS C 135 -6.45 9.16 -22.65
N GLY C 136 -6.18 8.29 -23.59
CA GLY C 136 -4.93 7.48 -23.55
C GLY C 136 -4.95 6.50 -22.39
N GLU C 137 -3.78 6.13 -21.94
CA GLU C 137 -3.64 5.17 -20.81
C GLU C 137 -4.30 5.74 -19.53
N THR C 138 -4.24 4.98 -18.46
CA THR C 138 -4.82 5.36 -17.13
C THR C 138 -6.26 4.86 -16.97
N ASP C 139 -6.88 4.37 -18.03
CA ASP C 139 -8.29 3.86 -17.92
C ASP C 139 -8.36 2.74 -16.87
N ILE C 140 -9.26 2.86 -15.92
CA ILE C 140 -9.40 1.81 -14.86
C ILE C 140 -10.57 0.88 -15.18
N GLY C 141 -11.19 1.04 -16.33
CA GLY C 141 -12.33 0.16 -16.70
C GLY C 141 -13.57 0.56 -15.88
N ARG C 142 -14.74 0.49 -16.48
CA ARG C 142 -15.98 0.86 -15.74
C ARG C 142 -16.37 -0.25 -14.74
N LYS C 143 -15.77 -1.41 -14.87
CA LYS C 143 -16.09 -2.54 -13.93
C LYS C 143 -14.83 -2.99 -13.19
N ASN C 144 -13.86 -2.13 -13.01
CA ASN C 144 -12.61 -2.53 -12.29
C ASN C 144 -12.11 -1.38 -11.41
N THR C 145 -12.74 -1.17 -10.28
CA THR C 145 -12.32 -0.06 -9.37
C THR C 145 -11.51 -0.65 -8.21
N ARG C 146 -10.42 -1.33 -8.50
CA ARG C 146 -9.59 -1.91 -7.41
C ARG C 146 -8.11 -1.87 -7.77
N VAL C 147 -7.26 -1.69 -6.78
CA VAL C 147 -5.78 -1.64 -7.03
C VAL C 147 -5.05 -2.57 -6.07
N ARG C 148 -3.73 -2.60 -6.13
CA ARG C 148 -2.95 -3.50 -5.22
C ARG C 148 -1.74 -2.74 -4.64
N LEU C 149 -1.45 -2.95 -3.38
CA LEU C 149 -0.29 -2.26 -2.74
C LEU C 149 0.95 -3.16 -2.81
N VAL C 150 2.11 -2.59 -2.96
CA VAL C 150 3.36 -3.42 -3.03
C VAL C 150 4.48 -2.73 -2.22
N PHE C 151 4.81 -3.25 -1.07
CA PHE C 151 5.90 -2.65 -0.23
C PHE C 151 7.22 -3.38 -0.53
N ARG C 152 8.19 -2.69 -1.08
CA ARG C 152 9.50 -3.36 -1.39
C ARG C 152 10.62 -2.66 -0.64
N VAL C 153 11.41 -3.42 0.10
CA VAL C 153 12.54 -2.82 0.86
C VAL C 153 13.87 -3.15 0.19
N HIS C 154 14.86 -2.32 0.40
CA HIS C 154 16.20 -2.55 -0.21
C HIS C 154 17.26 -2.18 0.84
N VAL C 155 17.92 -3.17 1.40
CA VAL C 155 18.97 -2.91 2.43
C VAL C 155 20.29 -3.57 1.99
N PRO C 156 21.38 -2.85 2.16
CA PRO C 156 22.73 -3.32 1.78
C PRO C 156 23.24 -4.36 2.79
N GLN C 157 23.37 -5.60 2.37
CA GLN C 157 23.86 -6.67 3.28
C GLN C 157 25.39 -6.78 3.16
N PRO C 158 26.05 -6.73 4.31
CA PRO C 158 27.52 -6.83 4.38
C PRO C 158 28.00 -8.29 4.28
N SER C 159 27.29 -9.12 3.53
CA SER C 159 27.69 -10.56 3.37
C SER C 159 27.80 -10.93 1.88
N GLY C 160 27.53 -9.99 0.98
CA GLY C 160 27.62 -10.31 -0.48
C GLY C 160 26.24 -10.73 -1.00
N ARG C 161 25.19 -10.18 -0.43
CA ARG C 161 23.81 -10.54 -0.89
C ARG C 161 22.83 -9.45 -0.43
N THR C 162 22.64 -8.43 -1.23
CA THR C 162 21.70 -7.32 -0.87
C THR C 162 20.37 -7.91 -0.38
N LEU C 163 19.86 -7.42 0.71
CA LEU C 163 18.57 -7.96 1.25
C LEU C 163 17.40 -7.19 0.62
N SER C 164 16.67 -7.85 -0.25
CA SER C 164 15.51 -7.18 -0.92
C SER C 164 14.21 -7.82 -0.42
N LEU C 165 13.21 -7.01 -0.12
CA LEU C 165 11.91 -7.56 0.38
C LEU C 165 10.77 -7.13 -0.55
N GLN C 166 9.69 -7.88 -0.57
CA GLN C 166 8.53 -7.53 -1.44
C GLN C 166 7.22 -7.90 -0.74
N VAL C 167 6.28 -6.98 -0.72
CA VAL C 167 4.96 -7.25 -0.07
C VAL C 167 3.85 -6.94 -1.07
N ALA C 168 2.65 -7.38 -0.79
CA ALA C 168 1.52 -7.12 -1.72
C ALA C 168 0.22 -7.08 -0.91
N SER C 169 -0.29 -5.90 -0.62
CA SER C 169 -1.54 -5.81 0.18
C SER C 169 -2.71 -6.33 -0.67
N ASN C 170 -3.78 -6.71 -0.03
CA ASN C 170 -4.97 -7.22 -0.78
C ASN C 170 -5.36 -6.21 -1.86
N PRO C 171 -6.14 -6.65 -2.82
CA PRO C 171 -6.59 -5.80 -3.94
C PRO C 171 -7.62 -4.78 -3.43
N ILE C 172 -7.18 -3.56 -3.18
CA ILE C 172 -8.08 -2.48 -2.69
C ILE C 172 -9.37 -2.46 -3.52
N GLU C 173 -10.49 -2.76 -2.92
CA GLU C 173 -11.78 -2.77 -3.66
C GLU C 173 -12.62 -1.54 -3.27
N CYS C 174 -13.33 -0.97 -4.20
CA CYS C 174 -14.18 0.21 -3.90
C CYS C 174 -15.57 0.01 -4.54
N SER C 175 -16.32 -0.96 -4.06
CA SER C 175 -17.67 -1.21 -4.64
C SER C 175 -18.56 -1.92 -3.61
N GLN C 176 -19.86 -1.81 -3.76
CA GLN C 176 -20.81 -2.45 -2.80
C GLN C 176 -21.51 -3.66 -3.46
N ARG C 177 -21.73 -3.61 -4.75
CA ARG C 177 -22.40 -4.76 -5.43
C ARG C 177 -21.44 -5.95 -5.48
N SER C 178 -21.96 -7.15 -5.33
CA SER C 178 -21.09 -8.37 -5.37
C SER C 178 -20.42 -8.50 -6.74
N MET C 1 -6.79 -17.41 -0.15
CA MET C 1 -7.37 -16.35 0.73
C MET C 1 -6.87 -16.52 2.19
N LYS C 2 -6.03 -17.51 2.45
CA LYS C 2 -5.50 -17.71 3.84
C LYS C 2 -4.47 -18.85 3.82
N ASP C 3 -3.20 -18.52 3.86
CA ASP C 3 -2.14 -19.57 3.85
C ASP C 3 -1.10 -19.29 4.93
N TRP C 4 -1.18 -20.01 6.02
CA TRP C 4 -0.21 -19.83 7.13
C TRP C 4 0.73 -21.05 7.17
N GLN C 5 1.04 -21.59 6.02
CA GLN C 5 1.94 -22.79 5.95
C GLN C 5 2.87 -22.67 4.73
N LEU C 6 3.76 -21.70 4.77
CA LEU C 6 4.73 -21.50 3.64
C LEU C 6 5.74 -20.40 4.01
N PRO C 7 6.91 -20.47 3.41
CA PRO C 7 7.99 -19.50 3.65
C PRO C 7 7.72 -18.21 2.85
N SER C 8 8.19 -18.14 1.62
CA SER C 8 7.98 -16.93 0.77
C SER C 8 8.77 -15.73 1.34
N HIS C 9 9.61 -15.96 2.31
CA HIS C 9 10.42 -14.83 2.90
C HIS C 9 11.78 -14.75 2.18
N SER C 10 12.54 -13.72 2.46
CA SER C 10 13.88 -13.58 1.81
C SER C 10 14.94 -14.17 2.76
N GLY C 11 15.05 -15.48 2.78
CA GLY C 11 16.03 -16.15 3.69
C GLY C 11 15.59 -15.95 5.14
N PRO C 12 16.50 -15.48 5.97
CA PRO C 12 16.23 -15.22 7.40
C PRO C 12 15.48 -13.88 7.58
N TYR C 13 15.20 -13.18 6.49
CA TYR C 13 14.47 -11.87 6.60
C TYR C 13 13.02 -12.06 6.16
N GLU C 14 12.13 -11.18 6.58
CA GLU C 14 10.70 -11.32 6.17
C GLU C 14 9.92 -10.03 6.49
N LEU C 15 9.41 -9.37 5.46
CA LEU C 15 8.64 -8.12 5.67
C LEU C 15 7.15 -8.43 5.44
N ARG C 16 6.42 -8.70 6.50
CA ARG C 16 4.98 -9.03 6.36
C ARG C 16 4.13 -8.02 7.15
N ILE C 17 2.91 -7.79 6.71
CA ILE C 17 2.02 -6.83 7.43
C ILE C 17 1.31 -7.58 8.57
N GLU C 18 1.48 -7.11 9.79
CA GLU C 18 0.83 -7.78 10.96
C GLU C 18 -0.70 -7.68 10.83
N VAL C 19 -1.33 -6.70 11.43
CA VAL C 19 -2.82 -6.58 11.31
C VAL C 19 -3.16 -6.25 9.86
N GLN C 20 -3.94 -7.09 9.22
CA GLN C 20 -4.30 -6.84 7.79
C GLN C 20 -5.80 -6.57 7.66
N PRO C 21 -6.14 -5.63 6.80
CA PRO C 21 -7.54 -5.24 6.54
C PRO C 21 -8.22 -6.26 5.62
N LYS C 22 -9.53 -6.25 5.56
CA LYS C 22 -10.25 -7.22 4.68
C LYS C 22 -10.24 -6.71 3.23
N SER C 23 -10.68 -7.54 2.31
CA SER C 23 -10.71 -7.12 0.87
C SER C 23 -11.99 -6.30 0.60
N HIS C 24 -12.75 -5.96 1.64
CA HIS C 24 -13.99 -5.16 1.45
C HIS C 24 -13.77 -3.74 1.98
N HIS C 25 -12.60 -3.18 1.73
CA HIS C 25 -12.30 -1.79 2.19
C HIS C 25 -13.10 -0.81 1.33
N ARG C 26 -13.52 0.31 1.88
CA ARG C 26 -14.32 1.29 1.08
C ARG C 26 -13.64 2.66 1.13
N ALA C 27 -13.48 3.29 -0.02
CA ALA C 27 -12.86 4.64 -0.06
C ALA C 27 -13.95 5.70 -0.09
N ARG C 28 -13.61 6.93 -0.39
CA ARG C 28 -14.62 8.01 -0.43
C ARG C 28 -14.43 8.87 -1.68
N TYR C 29 -15.48 9.03 -2.46
CA TYR C 29 -15.41 9.86 -3.70
C TYR C 29 -14.77 11.20 -3.38
N GLU C 30 -13.99 11.72 -4.29
CA GLU C 30 -13.36 13.05 -4.08
C GLU C 30 -14.46 14.13 -4.00
N THR C 31 -15.66 13.80 -4.47
CA THR C 31 -16.79 14.77 -4.42
C THR C 31 -17.42 14.74 -3.02
N GLU C 32 -17.43 13.59 -2.37
CA GLU C 32 -18.01 13.50 -1.00
C GLU C 32 -16.92 13.69 0.07
N GLY C 33 -15.76 14.16 -0.34
CA GLY C 33 -14.64 14.40 0.63
C GLY C 33 -14.08 13.08 1.17
N SER C 34 -12.78 12.93 1.22
CA SER C 34 -12.18 11.66 1.75
C SER C 34 -12.41 11.59 3.26
N ARG C 35 -12.55 10.40 3.79
CA ARG C 35 -12.77 10.23 5.26
C ARG C 35 -11.68 9.30 5.84
N GLY C 36 -12.03 8.41 6.73
CA GLY C 36 -11.01 7.51 7.35
C GLY C 36 -10.71 6.33 6.42
N ALA C 37 -9.50 6.23 5.92
CA ALA C 37 -9.12 5.09 5.03
C ALA C 37 -8.57 3.94 5.87
N VAL C 38 -9.32 3.53 6.86
CA VAL C 38 -8.87 2.42 7.76
C VAL C 38 -10.07 1.51 8.03
N LYS C 39 -10.40 0.66 7.09
CA LYS C 39 -11.58 -0.26 7.26
C LYS C 39 -11.12 -1.71 7.43
N ALA C 40 -11.89 -2.46 8.18
CA ALA C 40 -11.56 -3.90 8.43
C ALA C 40 -12.68 -4.52 9.27
N SER C 41 -13.12 -5.72 8.93
CA SER C 41 -14.20 -6.39 9.74
C SER C 41 -13.74 -6.46 11.21
N ALA C 42 -12.48 -6.69 11.44
CA ALA C 42 -11.93 -6.73 12.82
C ALA C 42 -10.72 -5.79 12.89
N GLY C 43 -10.15 -5.64 14.05
CA GLY C 43 -8.97 -4.74 14.19
C GLY C 43 -9.36 -3.33 13.74
N GLY C 44 -8.98 -2.96 12.54
CA GLY C 44 -9.33 -1.60 12.01
C GLY C 44 -8.18 -1.06 11.17
N HIS C 45 -7.05 -0.80 11.80
CA HIS C 45 -5.86 -0.25 11.06
C HIS C 45 -4.81 -1.36 10.85
N PRO C 46 -4.21 -1.36 9.68
CA PRO C 46 -3.18 -2.34 9.30
C PRO C 46 -1.83 -1.99 9.93
N ILE C 47 -1.01 -3.00 10.15
CA ILE C 47 0.34 -2.75 10.76
C ILE C 47 1.41 -3.40 9.87
N VAL C 48 2.45 -2.67 9.53
CA VAL C 48 3.53 -3.25 8.67
C VAL C 48 4.82 -3.42 9.51
N GLN C 49 5.43 -4.57 9.44
CA GLN C 49 6.67 -4.81 10.23
C GLN C 49 7.68 -5.64 9.41
N LEU C 50 8.93 -5.25 9.44
CA LEU C 50 9.98 -6.00 8.67
C LEU C 50 10.96 -6.64 9.66
N HIS C 51 10.95 -7.95 9.74
CA HIS C 51 11.89 -8.66 10.66
C HIS C 51 12.90 -9.43 9.81
N GLY C 52 14.14 -8.99 9.78
CA GLY C 52 15.17 -9.70 8.97
C GLY C 52 16.51 -8.98 9.11
N TYR C 53 16.56 -7.72 8.79
CA TYR C 53 17.84 -6.96 8.90
C TYR C 53 18.35 -6.98 10.35
N LEU C 54 19.52 -7.54 10.58
CA LEU C 54 20.09 -7.59 11.95
C LEU C 54 21.38 -6.76 12.02
N GLU C 55 21.38 -5.62 11.36
CA GLU C 55 22.58 -4.73 11.36
C GLU C 55 22.21 -3.37 11.99
N ASN C 56 23.18 -2.51 12.22
CA ASN C 56 22.90 -1.18 12.83
C ASN C 56 22.50 -0.17 11.73
N GLU C 57 22.37 -0.62 10.50
CA GLU C 57 21.97 0.31 9.39
C GLU C 57 20.44 0.47 9.41
N PRO C 58 19.98 1.70 9.20
CA PRO C 58 18.54 2.01 9.19
C PRO C 58 17.88 1.51 7.91
N LEU C 59 16.58 1.62 7.81
CA LEU C 59 15.85 1.13 6.59
C LEU C 59 14.94 2.24 6.04
N MET C 60 14.70 2.20 4.74
CA MET C 60 13.82 3.22 4.11
C MET C 60 12.71 2.49 3.34
N LEU C 61 11.84 1.81 4.04
CA LEU C 61 10.72 1.06 3.36
C LEU C 61 9.89 2.02 2.50
N GLN C 62 9.45 1.55 1.36
CA GLN C 62 8.62 2.42 0.46
C GLN C 62 7.33 1.68 0.10
N LEU C 63 6.26 2.43 -0.04
CA LEU C 63 4.95 1.82 -0.41
C LEU C 63 4.69 2.04 -1.90
N PHE C 64 4.06 1.09 -2.53
CA PHE C 64 3.75 1.22 -3.98
C PHE C 64 2.33 0.72 -4.23
N ILE C 65 1.43 1.60 -4.59
CA ILE C 65 0.03 1.17 -4.86
C ILE C 65 -0.05 0.55 -6.26
N GLY C 66 -0.81 -0.50 -6.41
CA GLY C 66 -0.94 -1.15 -7.74
C GLY C 66 -2.37 -1.66 -7.94
N THR C 67 -3.00 -1.26 -9.02
CA THR C 67 -4.42 -1.71 -9.32
C THR C 67 -4.60 -3.21 -9.02
N ALA C 68 -5.82 -3.60 -8.71
CA ALA C 68 -6.10 -5.03 -8.39
C ALA C 68 -6.37 -5.81 -9.68
N ASP C 69 -5.32 -6.17 -10.38
CA ASP C 69 -5.48 -6.94 -11.66
C ASP C 69 -5.57 -8.45 -11.36
N ASP C 70 -5.55 -9.27 -12.38
CA ASP C 70 -5.63 -10.76 -12.17
C ASP C 70 -4.22 -11.34 -11.95
N ARG C 71 -3.25 -10.90 -12.73
CA ARG C 71 -1.86 -11.41 -12.56
C ARG C 71 -0.87 -10.24 -12.70
N LEU C 72 -0.48 -9.89 -13.91
CA LEU C 72 0.47 -8.75 -14.10
C LEU C 72 -0.13 -7.47 -13.54
N LEU C 73 0.60 -6.78 -12.71
CA LEU C 73 0.08 -5.51 -12.12
C LEU C 73 -0.10 -4.46 -13.21
N ARG C 74 -0.81 -3.40 -12.89
CA ARG C 74 -1.06 -2.31 -13.88
C ARG C 74 -0.84 -0.96 -13.19
N PRO C 75 -0.86 0.10 -13.96
CA PRO C 75 -0.67 1.46 -13.42
C PRO C 75 -1.91 1.86 -12.63
N HIS C 76 -1.80 1.88 -11.32
CA HIS C 76 -2.94 2.22 -10.43
C HIS C 76 -3.71 3.45 -10.97
N ALA C 77 -4.98 3.58 -10.63
CA ALA C 77 -5.80 4.73 -11.13
C ALA C 77 -5.41 6.04 -10.43
N PHE C 78 -6.17 6.48 -9.43
CA PHE C 78 -5.84 7.79 -8.76
C PHE C 78 -6.31 7.76 -7.27
N TYR C 79 -6.01 6.70 -6.56
CA TYR C 79 -6.39 6.60 -5.11
C TYR C 79 -5.45 7.47 -4.26
N GLN C 80 -5.34 8.75 -4.57
CA GLN C 80 -4.44 9.63 -3.76
C GLN C 80 -5.27 10.45 -2.77
N VAL C 81 -4.76 10.61 -1.57
CA VAL C 81 -5.50 11.36 -0.51
C VAL C 81 -4.52 12.08 0.43
N HIS C 82 -4.98 13.09 1.14
CA HIS C 82 -4.08 13.83 2.09
C HIS C 82 -4.84 14.20 3.38
N ARG C 83 -5.91 13.49 3.70
CA ARG C 83 -6.68 13.80 4.95
C ARG C 83 -7.12 12.49 5.63
N ILE C 84 -6.55 12.19 6.77
CA ILE C 84 -6.91 10.94 7.51
C ILE C 84 -7.18 11.28 8.99
N THR C 85 -8.10 10.58 9.62
CA THR C 85 -8.42 10.85 11.06
C THR C 85 -7.30 10.28 11.95
N GLY C 86 -6.23 11.03 12.11
CA GLY C 86 -5.09 10.57 12.95
C GLY C 86 -5.31 11.01 14.40
N LYS C 87 -4.80 10.25 15.35
CA LYS C 87 -4.98 10.60 16.79
C LYS C 87 -3.60 10.89 17.40
N THR C 88 -2.63 10.02 17.14
CA THR C 88 -1.27 10.23 17.71
C THR C 88 -0.26 9.28 17.04
N VAL C 89 -0.41 9.04 15.75
CA VAL C 89 0.54 8.13 15.04
C VAL C 89 1.56 8.96 14.24
N SER C 90 2.58 9.47 14.92
CA SER C 90 3.64 10.28 14.23
C SER C 90 4.68 9.33 13.61
N THR C 91 4.66 8.06 13.96
CA THR C 91 5.64 7.08 13.40
C THR C 91 5.48 7.00 11.87
N THR C 92 4.26 7.14 11.38
CA THR C 92 4.01 7.08 9.90
C THR C 92 4.85 8.15 9.17
N SER C 93 4.98 8.03 7.86
CA SER C 93 5.78 9.01 7.08
C SER C 93 4.88 9.79 6.10
N HIS C 94 5.48 10.36 5.07
CA HIS C 94 4.70 11.16 4.07
C HIS C 94 4.31 10.29 2.86
N GLU C 95 3.50 10.83 1.97
CA GLU C 95 3.06 10.07 0.76
C GLU C 95 3.51 10.79 -0.51
N ALA C 96 4.06 10.06 -1.46
CA ALA C 96 4.53 10.67 -2.73
C ALA C 96 3.50 10.45 -3.86
N ILE C 97 3.21 11.47 -4.63
CA ILE C 97 2.23 11.34 -5.74
C ILE C 97 2.97 11.32 -7.09
N LEU C 98 2.47 10.58 -8.04
CA LEU C 98 3.11 10.49 -9.39
C LEU C 98 2.02 10.55 -10.47
N SER C 99 2.39 10.81 -11.71
CA SER C 99 1.40 10.89 -12.84
C SER C 99 0.55 9.61 -12.89
N ASN C 100 -0.59 9.61 -12.22
CA ASN C 100 -1.50 8.43 -12.21
C ASN C 100 -0.86 7.28 -11.43
N THR C 101 -0.04 7.59 -10.45
CA THR C 101 0.63 6.55 -9.62
C THR C 101 0.78 7.09 -8.19
N LYS C 102 0.09 6.51 -7.25
CA LYS C 102 0.16 7.00 -5.85
C LYS C 102 1.12 6.13 -5.03
N VAL C 103 2.10 6.73 -4.40
CA VAL C 103 3.07 5.93 -3.58
C VAL C 103 3.18 6.56 -2.18
N LEU C 104 3.67 5.81 -1.22
CA LEU C 104 3.79 6.35 0.16
C LEU C 104 5.14 5.93 0.77
N GLU C 105 6.05 6.86 0.93
CA GLU C 105 7.39 6.52 1.51
C GLU C 105 7.23 6.30 3.02
N ILE C 106 8.05 5.43 3.59
CA ILE C 106 7.95 5.17 5.07
C ILE C 106 9.28 4.57 5.56
N PRO C 107 10.13 5.43 6.09
CA PRO C 107 11.45 5.03 6.62
C PRO C 107 11.30 4.29 7.96
N LEU C 108 12.07 3.25 8.15
CA LEU C 108 11.98 2.45 9.42
C LEU C 108 13.02 2.96 10.42
N LEU C 109 12.73 2.83 11.69
CA LEU C 109 13.68 3.31 12.75
C LEU C 109 14.89 2.35 12.84
N PRO C 110 15.89 2.76 13.61
CA PRO C 110 17.14 1.98 13.78
C PRO C 110 16.92 0.76 14.70
N GLU C 111 16.81 0.96 15.99
CA GLU C 111 16.62 -0.18 16.93
C GLU C 111 15.27 -0.06 17.65
N ASN C 112 14.19 0.02 16.91
CA ASN C 112 12.85 0.10 17.52
C ASN C 112 12.08 -1.17 17.16
N SER C 113 12.79 -2.27 17.07
CA SER C 113 12.17 -3.58 16.69
C SER C 113 11.57 -3.49 15.28
N MET C 114 12.02 -2.52 14.48
CA MET C 114 11.49 -2.36 13.09
C MET C 114 9.95 -2.41 13.10
N ARG C 115 9.35 -1.56 13.90
CA ARG C 115 7.86 -1.54 14.01
C ARG C 115 7.28 -0.37 13.21
N ALA C 116 6.12 -0.57 12.65
CA ALA C 116 5.44 0.51 11.85
C ALA C 116 3.94 0.24 11.80
N VAL C 117 3.13 1.18 12.26
CA VAL C 117 1.65 0.99 12.26
C VAL C 117 1.02 1.96 11.25
N ILE C 118 -0.03 1.54 10.58
CA ILE C 118 -0.71 2.42 9.58
C ILE C 118 -1.94 3.06 10.22
N ASP C 119 -1.90 4.35 10.42
CA ASP C 119 -3.07 5.07 11.03
C ASP C 119 -3.11 6.52 10.49
N CYS C 120 -2.58 6.74 9.30
CA CYS C 120 -2.57 8.11 8.70
C CYS C 120 -2.63 8.00 7.17
N ALA C 121 -3.37 7.03 6.65
CA ALA C 121 -3.47 6.85 5.18
C ALA C 121 -4.83 7.36 4.70
N GLY C 122 -4.89 7.83 3.47
CA GLY C 122 -6.19 8.34 2.92
C GLY C 122 -6.67 7.41 1.80
N ILE C 123 -7.97 7.39 1.56
CA ILE C 123 -8.51 6.49 0.49
C ILE C 123 -9.48 7.27 -0.41
N LEU C 124 -9.25 7.21 -1.70
CA LEU C 124 -10.12 7.94 -2.68
C LEU C 124 -10.88 6.91 -3.54
N LYS C 125 -11.82 7.33 -4.36
CA LYS C 125 -12.59 6.35 -5.22
C LYS C 125 -12.06 6.38 -6.67
N LEU C 126 -12.30 5.33 -7.44
CA LEU C 126 -11.82 5.30 -8.86
C LEU C 126 -12.87 5.92 -9.79
N ARG C 127 -13.17 7.20 -9.64
CA ARG C 127 -14.18 7.86 -10.55
C ARG C 127 -13.89 7.48 -12.02
N ASN C 128 -14.58 6.47 -12.52
CA ASN C 128 -14.41 5.98 -13.92
C ASN C 128 -14.98 6.98 -14.93
N SER C 129 -16.27 7.22 -14.89
CA SER C 129 -16.97 8.16 -15.84
C SER C 129 -16.07 9.33 -16.26
N ASP C 130 -15.57 10.12 -15.32
CA ASP C 130 -14.69 11.27 -15.71
C ASP C 130 -13.32 10.75 -16.20
N ILE C 131 -12.84 9.68 -15.61
CA ILE C 131 -11.53 9.10 -16.06
C ILE C 131 -11.74 8.36 -17.41
N GLU C 132 -12.97 8.24 -17.86
CA GLU C 132 -13.25 7.57 -19.17
C GLU C 132 -13.25 8.64 -20.25
N LEU C 133 -13.93 9.75 -20.02
CA LEU C 133 -13.95 10.86 -21.03
C LEU C 133 -12.53 11.41 -21.17
N ARG C 134 -11.78 11.43 -20.09
CA ARG C 134 -10.37 11.91 -20.14
C ARG C 134 -9.46 10.69 -20.36
N LYS C 135 -9.83 9.84 -21.30
CA LYS C 135 -9.05 8.60 -21.59
C LYS C 135 -7.63 8.93 -22.07
N GLY C 136 -6.85 7.91 -22.26
CA GLY C 136 -5.43 8.07 -22.70
C GLY C 136 -4.56 7.06 -21.94
N GLU C 137 -5.00 6.70 -20.74
CA GLU C 137 -4.26 5.72 -19.91
C GLU C 137 -4.73 4.30 -20.23
N THR C 138 -4.33 3.34 -19.44
CA THR C 138 -4.76 1.92 -19.65
C THR C 138 -4.73 1.19 -18.31
N ASP C 139 -5.73 1.40 -17.48
CA ASP C 139 -5.75 0.74 -16.13
C ASP C 139 -7.09 1.03 -15.44
N ILE C 140 -8.18 0.85 -16.15
CA ILE C 140 -9.52 1.11 -15.54
C ILE C 140 -10.63 0.58 -16.49
N GLY C 141 -11.76 1.26 -16.57
CA GLY C 141 -12.89 0.80 -17.43
C GLY C 141 -14.14 0.64 -16.55
N ARG C 142 -15.30 0.51 -17.16
CA ARG C 142 -16.56 0.35 -16.36
C ARG C 142 -16.58 -0.98 -15.60
N LYS C 143 -15.66 -1.88 -15.90
CA LYS C 143 -15.63 -3.20 -15.19
C LYS C 143 -14.32 -3.31 -14.37
N ASN C 144 -13.85 -2.21 -13.82
CA ASN C 144 -12.59 -2.25 -13.02
C ASN C 144 -12.63 -1.17 -11.93
N THR C 145 -13.27 -1.46 -10.81
CA THR C 145 -13.36 -0.48 -9.68
C THR C 145 -12.65 -1.07 -8.44
N ARG C 146 -11.56 -1.77 -8.66
CA ARG C 146 -10.81 -2.38 -7.50
C ARG C 146 -9.32 -2.02 -7.59
N VAL C 147 -8.66 -1.91 -6.46
CA VAL C 147 -7.19 -1.57 -6.45
C VAL C 147 -6.43 -2.54 -5.53
N ARG C 148 -5.11 -2.54 -5.58
CA ARG C 148 -4.32 -3.47 -4.70
C ARG C 148 -3.14 -2.71 -4.06
N LEU C 149 -2.54 -3.28 -3.03
CA LEU C 149 -1.39 -2.60 -2.35
C LEU C 149 -0.09 -3.38 -2.58
N VAL C 150 1.00 -2.70 -2.80
CA VAL C 150 2.30 -3.41 -3.02
C VAL C 150 3.39 -2.76 -2.13
N PHE C 151 3.75 -3.42 -1.05
CA PHE C 151 4.80 -2.86 -0.13
C PHE C 151 6.18 -3.28 -0.63
N ARG C 152 7.11 -2.35 -0.75
CA ARG C 152 8.47 -2.71 -1.24
C ARG C 152 9.56 -2.08 -0.36
N VAL C 153 10.42 -2.90 0.21
CA VAL C 153 11.53 -2.36 1.07
C VAL C 153 12.85 -2.46 0.31
N HIS C 154 13.79 -1.60 0.63
CA HIS C 154 15.12 -1.62 -0.07
C HIS C 154 16.24 -1.31 0.93
N VAL C 155 17.02 -2.30 1.29
CA VAL C 155 18.16 -2.07 2.23
C VAL C 155 19.42 -2.72 1.65
N PRO C 156 20.46 -1.93 1.48
CA PRO C 156 21.75 -2.39 0.92
C PRO C 156 22.55 -3.20 1.93
N GLN C 157 22.95 -4.41 1.54
CA GLN C 157 23.74 -5.28 2.45
C GLN C 157 25.24 -5.09 2.18
N PRO C 158 25.99 -4.85 3.22
CA PRO C 158 27.46 -4.66 3.11
C PRO C 158 28.16 -6.01 2.96
N SER C 159 27.79 -6.77 1.95
CA SER C 159 28.41 -8.11 1.71
C SER C 159 28.50 -8.36 0.20
N GLY C 160 27.40 -8.24 -0.50
CA GLY C 160 27.41 -8.46 -1.98
C GLY C 160 26.01 -8.79 -2.50
N ARG C 161 25.01 -8.06 -2.04
CA ARG C 161 23.60 -8.30 -2.50
C ARG C 161 22.64 -7.35 -1.76
N THR C 162 21.75 -6.72 -2.48
CA THR C 162 20.78 -5.77 -1.85
C THR C 162 19.55 -6.54 -1.38
N LEU C 163 18.90 -6.05 -0.35
CA LEU C 163 17.68 -6.72 0.18
C LEU C 163 16.43 -5.97 -0.30
N SER C 164 15.72 -6.53 -1.25
CA SER C 164 14.49 -5.86 -1.77
C SER C 164 13.27 -6.75 -1.45
N LEU C 165 12.32 -6.21 -0.72
CA LEU C 165 11.10 -7.01 -0.36
C LEU C 165 9.92 -6.55 -1.23
N GLN C 166 8.97 -7.44 -1.48
CA GLN C 166 7.78 -7.07 -2.31
C GLN C 166 6.54 -7.83 -1.84
N VAL C 167 5.68 -7.18 -1.09
CA VAL C 167 4.43 -7.84 -0.59
C VAL C 167 3.21 -7.24 -1.30
N ALA C 168 2.08 -7.91 -1.26
CA ALA C 168 0.86 -7.38 -1.94
C ALA C 168 -0.37 -7.62 -1.05
N SER C 169 -1.13 -6.58 -0.77
CA SER C 169 -2.35 -6.75 0.08
C SER C 169 -3.55 -7.14 -0.79
N ASN C 170 -4.63 -7.57 -0.17
CA ASN C 170 -5.85 -7.97 -0.93
C ASN C 170 -6.33 -6.81 -1.82
N PRO C 171 -7.07 -7.16 -2.85
CA PRO C 171 -7.60 -6.17 -3.80
C PRO C 171 -8.74 -5.36 -3.17
N ILE C 172 -8.46 -4.12 -2.83
CA ILE C 172 -9.49 -3.23 -2.21
C ILE C 172 -10.71 -3.14 -3.13
N GLU C 173 -11.86 -3.51 -2.63
CA GLU C 173 -13.11 -3.46 -3.45
C GLU C 173 -14.11 -2.50 -2.81
N CYS C 174 -14.47 -1.45 -3.51
CA CYS C 174 -15.46 -0.46 -2.96
C CYS C 174 -16.79 -0.59 -3.72
N SER C 175 -17.07 -1.76 -4.28
CA SER C 175 -18.35 -1.97 -5.03
C SER C 175 -19.31 -2.81 -4.18
N GLN C 176 -20.57 -2.84 -4.55
CA GLN C 176 -21.56 -3.64 -3.78
C GLN C 176 -21.56 -5.10 -4.26
N ARG C 177 -21.37 -5.30 -5.55
CA ARG C 177 -21.35 -6.69 -6.11
C ARG C 177 -20.13 -6.85 -7.04
N SER C 178 -19.69 -8.07 -7.24
CA SER C 178 -18.51 -8.31 -8.14
C SER C 178 -18.99 -8.91 -9.48
N MET C 1 16.56 -21.62 13.72
CA MET C 1 17.37 -22.85 13.48
C MET C 1 17.90 -22.86 12.04
N LYS C 2 18.89 -23.69 11.77
CA LYS C 2 19.49 -23.74 10.40
C LYS C 2 18.45 -24.20 9.37
N ASP C 3 18.51 -23.65 8.17
CA ASP C 3 17.54 -24.03 7.11
C ASP C 3 18.13 -23.73 5.72
N TRP C 4 18.41 -24.75 4.95
CA TRP C 4 18.97 -24.53 3.58
C TRP C 4 17.86 -24.76 2.54
N GLN C 5 16.65 -24.39 2.88
CA GLN C 5 15.49 -24.55 1.96
C GLN C 5 14.48 -23.45 2.29
N LEU C 6 14.63 -22.30 1.67
CA LEU C 6 13.72 -21.17 1.97
C LEU C 6 12.95 -20.74 0.71
N PRO C 7 11.73 -20.28 0.91
CA PRO C 7 10.84 -19.83 -0.17
C PRO C 7 11.25 -18.43 -0.66
N SER C 8 10.31 -17.69 -1.22
CA SER C 8 10.62 -16.32 -1.70
C SER C 8 10.99 -15.42 -0.50
N HIS C 9 10.75 -15.88 0.71
CA HIS C 9 11.09 -15.06 1.93
C HIS C 9 12.62 -14.90 2.00
N SER C 10 13.10 -14.14 2.95
CA SER C 10 14.58 -13.93 3.07
C SER C 10 15.13 -14.79 4.22
N GLY C 11 14.74 -16.06 4.26
CA GLY C 11 15.24 -16.98 5.33
C GLY C 11 14.82 -16.45 6.71
N PRO C 12 15.80 -16.02 7.48
CA PRO C 12 15.58 -15.48 8.84
C PRO C 12 14.93 -14.08 8.78
N TYR C 13 14.82 -13.49 7.60
CA TYR C 13 14.20 -12.13 7.50
C TYR C 13 12.77 -12.28 6.97
N GLU C 14 11.96 -11.24 7.09
CA GLU C 14 10.55 -11.35 6.59
C GLU C 14 9.86 -9.98 6.63
N LEU C 15 9.42 -9.51 5.49
CA LEU C 15 8.70 -8.20 5.44
C LEU C 15 7.19 -8.49 5.35
N ARG C 16 6.49 -8.37 6.44
CA ARG C 16 5.03 -8.64 6.42
C ARG C 16 4.24 -7.48 6.99
N ILE C 17 2.96 -7.46 6.73
CA ILE C 17 2.07 -6.38 7.25
C ILE C 17 1.25 -6.95 8.40
N GLU C 18 1.38 -6.37 9.57
CA GLU C 18 0.60 -6.87 10.75
C GLU C 18 -0.89 -6.77 10.46
N VAL C 19 -1.44 -5.59 10.50
CA VAL C 19 -2.91 -5.44 10.21
C VAL C 19 -3.10 -5.10 8.72
N GLN C 20 -4.17 -5.56 8.14
CA GLN C 20 -4.44 -5.28 6.69
C GLN C 20 -5.81 -4.61 6.55
N PRO C 21 -5.97 -3.87 5.46
CA PRO C 21 -7.24 -3.16 5.17
C PRO C 21 -8.29 -4.15 4.64
N LYS C 22 -9.52 -3.73 4.55
CA LYS C 22 -10.60 -4.64 4.05
C LYS C 22 -10.32 -5.08 2.62
N SER C 23 -10.73 -6.28 2.27
CA SER C 23 -10.55 -6.75 0.87
C SER C 23 -11.58 -6.05 -0.03
N HIS C 24 -12.46 -5.27 0.57
CA HIS C 24 -13.49 -4.52 -0.19
C HIS C 24 -13.84 -3.25 0.60
N HIS C 25 -12.82 -2.59 1.13
CA HIS C 25 -13.05 -1.35 1.95
C HIS C 25 -13.91 -0.35 1.15
N ARG C 26 -14.73 0.42 1.83
CA ARG C 26 -15.57 1.43 1.10
C ARG C 26 -14.77 2.74 0.98
N ALA C 27 -14.36 3.07 -0.21
CA ALA C 27 -13.57 4.31 -0.41
C ALA C 27 -14.49 5.51 -0.67
N ARG C 28 -14.10 6.66 -0.19
CA ARG C 28 -14.92 7.89 -0.38
C ARG C 28 -14.51 8.60 -1.67
N TYR C 29 -15.48 9.07 -2.41
CA TYR C 29 -15.20 9.79 -3.70
C TYR C 29 -14.36 11.03 -3.46
N GLU C 30 -13.72 11.51 -4.49
CA GLU C 30 -12.92 12.76 -4.40
C GLU C 30 -13.90 13.95 -4.40
N THR C 31 -15.08 13.75 -4.94
CA THR C 31 -16.11 14.83 -4.97
C THR C 31 -16.96 14.79 -3.68
N GLU C 32 -16.74 13.81 -2.82
CA GLU C 32 -17.53 13.73 -1.55
C GLU C 32 -16.59 13.71 -0.32
N GLY C 33 -15.40 14.23 -0.48
CA GLY C 33 -14.39 14.26 0.64
C GLY C 33 -15.08 14.38 2.01
N SER C 34 -15.19 13.29 2.74
CA SER C 34 -15.86 13.33 4.07
C SER C 34 -15.26 12.27 5.00
N ARG C 35 -15.08 11.06 4.53
CA ARG C 35 -14.50 9.98 5.37
C ARG C 35 -13.22 9.45 4.73
N GLY C 36 -12.78 8.27 5.12
CA GLY C 36 -11.54 7.68 4.53
C GLY C 36 -11.55 6.15 4.67
N ALA C 37 -10.46 5.59 5.14
CA ALA C 37 -10.38 4.11 5.31
C ALA C 37 -9.44 3.76 6.47
N VAL C 38 -9.87 3.98 7.68
CA VAL C 38 -9.02 3.65 8.86
C VAL C 38 -9.66 2.48 9.63
N LYS C 39 -10.21 1.52 8.92
CA LYS C 39 -10.85 0.34 9.58
C LYS C 39 -10.68 -0.91 8.69
N ALA C 40 -11.07 -2.05 9.19
CA ALA C 40 -10.95 -3.31 8.39
C ALA C 40 -11.68 -4.46 9.08
N SER C 41 -11.90 -5.55 8.37
CA SER C 41 -12.63 -6.73 8.93
C SER C 41 -12.14 -7.07 10.34
N ALA C 42 -10.94 -7.58 10.47
CA ALA C 42 -10.41 -7.95 11.83
C ALA C 42 -10.03 -6.68 12.61
N GLY C 43 -8.92 -6.06 12.26
CA GLY C 43 -8.48 -4.84 12.99
C GLY C 43 -9.05 -3.60 12.31
N GLY C 44 -8.24 -2.89 11.56
CA GLY C 44 -8.71 -1.67 10.87
C GLY C 44 -7.54 -0.78 10.45
N HIS C 45 -6.54 -0.67 11.30
CA HIS C 45 -5.35 0.15 10.95
C HIS C 45 -4.21 -0.82 10.59
N PRO C 46 -3.84 -0.82 9.33
CA PRO C 46 -2.80 -1.73 8.82
C PRO C 46 -1.41 -1.36 9.32
N ILE C 47 -0.58 -2.35 9.50
CA ILE C 47 0.81 -2.11 10.00
C ILE C 47 1.82 -2.78 9.06
N VAL C 48 2.94 -2.16 8.82
CA VAL C 48 3.97 -2.76 7.93
C VAL C 48 5.31 -2.79 8.68
N GLN C 49 5.80 -3.96 8.99
CA GLN C 49 7.09 -4.06 9.74
C GLN C 49 8.02 -5.09 9.08
N LEU C 50 9.26 -4.72 8.88
CA LEU C 50 10.25 -5.66 8.25
C LEU C 50 11.17 -6.24 9.33
N HIS C 51 11.30 -7.54 9.36
CA HIS C 51 12.21 -8.19 10.34
C HIS C 51 13.41 -8.75 9.57
N GLY C 52 14.44 -7.95 9.38
CA GLY C 52 15.63 -8.43 8.62
C GLY C 52 16.82 -7.52 8.87
N TYR C 53 16.78 -6.30 8.37
CA TYR C 53 17.92 -5.35 8.57
C TYR C 53 18.12 -5.11 10.08
N LEU C 54 19.17 -5.65 10.65
CA LEU C 54 19.43 -5.47 12.11
C LEU C 54 20.68 -4.57 12.31
N GLU C 55 20.86 -3.60 11.46
CA GLU C 55 22.03 -2.68 11.58
C GLU C 55 21.54 -1.29 12.02
N ASN C 56 22.43 -0.39 12.36
CA ASN C 56 22.01 0.97 12.78
C ASN C 56 21.79 1.86 11.55
N GLU C 57 21.89 1.30 10.37
CA GLU C 57 21.67 2.09 9.12
C GLU C 57 20.14 2.23 8.91
N PRO C 58 19.72 3.38 8.45
CA PRO C 58 18.28 3.65 8.23
C PRO C 58 17.75 2.87 7.02
N LEU C 59 16.47 2.89 6.82
CA LEU C 59 15.85 2.15 5.68
C LEU C 59 14.85 3.05 4.97
N MET C 60 14.52 2.77 3.74
CA MET C 60 13.55 3.62 3.00
C MET C 60 12.46 2.73 2.39
N LEU C 61 11.55 2.25 3.22
CA LEU C 61 10.46 1.38 2.71
C LEU C 61 9.63 2.12 1.67
N GLN C 62 9.23 1.44 0.63
CA GLN C 62 8.40 2.08 -0.43
C GLN C 62 7.16 1.21 -0.70
N LEU C 63 6.08 1.85 -0.98
CA LEU C 63 4.80 1.13 -1.27
C LEU C 63 4.43 1.38 -2.73
N PHE C 64 3.91 0.38 -3.40
CA PHE C 64 3.51 0.54 -4.82
C PHE C 64 2.13 -0.11 -5.02
N ILE C 65 1.11 0.70 -5.13
CA ILE C 65 -0.26 0.12 -5.32
C ILE C 65 -0.44 -0.26 -6.79
N GLY C 66 -1.06 -1.40 -7.03
CA GLY C 66 -1.28 -1.84 -8.44
C GLY C 66 -2.67 -2.45 -8.55
N THR C 67 -3.48 -1.90 -9.43
CA THR C 67 -4.88 -2.41 -9.63
C THR C 67 -4.92 -3.94 -9.68
N ALA C 68 -6.05 -4.52 -9.34
CA ALA C 68 -6.18 -6.00 -9.33
C ALA C 68 -6.70 -6.50 -10.68
N ASP C 69 -5.84 -6.57 -11.66
CA ASP C 69 -6.26 -7.06 -13.01
C ASP C 69 -6.11 -8.58 -13.07
N ASP C 70 -6.19 -9.15 -14.26
CA ASP C 70 -6.05 -10.64 -14.40
C ASP C 70 -4.73 -10.99 -15.10
N ARG C 71 -4.39 -10.29 -16.15
CA ARG C 71 -3.13 -10.57 -16.88
C ARG C 71 -1.99 -9.75 -16.24
N LEU C 72 -1.13 -9.17 -17.06
CA LEU C 72 0.00 -8.36 -16.53
C LEU C 72 -0.55 -7.21 -15.68
N LEU C 73 0.09 -6.92 -14.57
CA LEU C 73 -0.39 -5.80 -13.70
C LEU C 73 -0.27 -4.50 -14.51
N ARG C 74 -1.22 -3.61 -14.33
CA ARG C 74 -1.21 -2.34 -15.12
C ARG C 74 -0.89 -1.14 -14.21
N PRO C 75 -0.87 0.05 -14.79
CA PRO C 75 -0.57 1.29 -14.04
C PRO C 75 -1.74 1.64 -13.12
N HIS C 76 -1.46 1.73 -11.84
CA HIS C 76 -2.49 2.05 -10.81
C HIS C 76 -3.54 3.04 -11.36
N ALA C 77 -4.78 2.87 -10.96
CA ALA C 77 -5.86 3.78 -11.43
C ALA C 77 -5.77 5.14 -10.71
N PHE C 78 -6.56 5.37 -9.67
CA PHE C 78 -6.51 6.69 -8.97
C PHE C 78 -6.88 6.54 -7.49
N TYR C 79 -6.46 5.47 -6.83
CA TYR C 79 -6.78 5.29 -5.37
C TYR C 79 -5.94 6.26 -4.53
N GLN C 80 -6.13 7.55 -4.72
CA GLN C 80 -5.34 8.55 -3.94
C GLN C 80 -6.22 9.13 -2.82
N VAL C 81 -5.64 9.40 -1.67
CA VAL C 81 -6.44 9.98 -0.53
C VAL C 81 -5.65 11.09 0.15
N HIS C 82 -6.35 12.03 0.75
CA HIS C 82 -5.65 13.16 1.45
C HIS C 82 -6.55 13.74 2.55
N ARG C 83 -7.28 12.92 3.27
CA ARG C 83 -8.16 13.43 4.37
C ARG C 83 -8.55 12.30 5.33
N ILE C 84 -7.77 12.10 6.37
CA ILE C 84 -8.10 11.03 7.36
C ILE C 84 -7.17 11.17 8.58
N THR C 85 -7.73 11.33 9.75
CA THR C 85 -6.88 11.47 10.97
C THR C 85 -7.50 10.64 12.10
N GLY C 86 -6.97 9.45 12.32
CA GLY C 86 -7.51 8.58 13.41
C GLY C 86 -7.19 9.20 14.77
N LYS C 87 -6.00 9.00 15.24
CA LYS C 87 -5.59 9.58 16.55
C LYS C 87 -4.39 10.49 16.29
N THR C 88 -3.22 9.89 16.12
CA THR C 88 -1.98 10.68 15.84
C THR C 88 -0.77 9.74 15.75
N VAL C 89 -0.95 8.56 15.22
CA VAL C 89 0.19 7.61 15.09
C VAL C 89 0.92 7.86 13.77
N SER C 90 1.62 8.96 13.67
CA SER C 90 2.36 9.27 12.42
C SER C 90 3.84 8.91 12.60
N THR C 91 4.11 7.77 13.21
CA THR C 91 5.52 7.33 13.40
C THR C 91 6.21 7.21 12.04
N THR C 92 5.46 6.89 11.01
CA THR C 92 6.04 6.75 9.65
C THR C 92 5.05 7.31 8.61
N SER C 93 5.52 8.20 7.76
CA SER C 93 4.63 8.82 6.71
C SER C 93 4.26 7.76 5.66
N HIS C 94 3.76 8.21 4.52
CA HIS C 94 3.36 7.25 3.43
C HIS C 94 2.73 8.01 2.25
N GLU C 95 3.54 8.63 1.43
CA GLU C 95 2.98 9.37 0.26
C GLU C 95 4.07 9.75 -0.74
N ALA C 96 3.78 9.57 -2.00
CA ALA C 96 4.76 9.91 -3.08
C ALA C 96 4.00 9.92 -4.41
N ILE C 97 3.20 10.95 -4.61
CA ILE C 97 2.38 11.07 -5.86
C ILE C 97 3.27 10.93 -7.11
N LEU C 98 2.81 10.15 -8.04
CA LEU C 98 3.58 9.92 -9.30
C LEU C 98 2.64 10.14 -10.51
N SER C 99 3.17 10.16 -11.70
CA SER C 99 2.32 10.37 -12.93
C SER C 99 1.17 9.37 -12.97
N ASN C 100 0.04 9.75 -12.39
CA ASN C 100 -1.17 8.87 -12.37
C ASN C 100 -0.86 7.57 -11.61
N THR C 101 0.03 7.62 -10.66
CA THR C 101 0.38 6.41 -9.84
C THR C 101 0.46 6.83 -8.38
N LYS C 102 0.13 5.95 -7.48
CA LYS C 102 0.17 6.31 -6.03
C LYS C 102 1.15 5.40 -5.29
N VAL C 103 2.16 5.96 -4.70
CA VAL C 103 3.16 5.15 -3.95
C VAL C 103 3.46 5.82 -2.61
N LEU C 104 3.81 5.04 -1.62
CA LEU C 104 4.13 5.61 -0.27
C LEU C 104 5.63 5.44 -0.05
N GLU C 105 6.33 6.52 0.16
CA GLU C 105 7.81 6.43 0.36
C GLU C 105 8.17 7.01 1.72
N ILE C 106 8.78 6.22 2.57
CA ILE C 106 9.14 6.73 3.92
C ILE C 106 10.35 5.98 4.51
N PRO C 107 11.17 6.73 5.22
CA PRO C 107 12.38 6.19 5.89
C PRO C 107 11.99 5.52 7.21
N LEU C 108 12.67 4.44 7.56
CA LEU C 108 12.35 3.72 8.83
C LEU C 108 13.39 4.07 9.89
N LEU C 109 13.00 4.09 11.14
CA LEU C 109 13.96 4.43 12.23
C LEU C 109 14.88 3.22 12.49
N PRO C 110 15.90 3.42 13.30
CA PRO C 110 16.87 2.35 13.63
C PRO C 110 16.29 1.34 14.63
N GLU C 111 16.06 1.75 15.86
CA GLU C 111 15.50 0.81 16.87
C GLU C 111 14.06 1.16 17.17
N ASN C 112 13.23 1.13 16.15
CA ASN C 112 11.78 1.43 16.35
C ASN C 112 11.02 0.12 16.14
N SER C 113 11.67 -1.00 16.44
CA SER C 113 11.05 -2.34 16.24
C SER C 113 10.75 -2.53 14.74
N MET C 114 11.39 -1.75 13.88
CA MET C 114 11.15 -1.86 12.42
C MET C 114 9.63 -1.94 12.16
N ARG C 115 8.87 -1.08 12.80
CA ARG C 115 7.39 -1.11 12.63
C ARG C 115 6.87 0.22 12.08
N ALA C 116 5.76 0.17 11.40
CA ALA C 116 5.14 1.40 10.83
C ALA C 116 3.61 1.24 10.82
N VAL C 117 2.95 1.74 11.84
CA VAL C 117 1.47 1.61 11.92
C VAL C 117 0.81 2.68 11.04
N ILE C 118 -0.29 2.36 10.41
CA ILE C 118 -0.99 3.34 9.53
C ILE C 118 -2.26 3.85 10.21
N ASP C 119 -2.26 5.09 10.62
CA ASP C 119 -3.47 5.69 11.28
C ASP C 119 -3.78 7.06 10.65
N CYS C 120 -3.35 7.25 9.42
CA CYS C 120 -3.60 8.54 8.70
C CYS C 120 -3.65 8.27 7.18
N ALA C 121 -4.04 7.08 6.78
CA ALA C 121 -4.12 6.74 5.34
C ALA C 121 -5.54 6.24 5.04
N GLY C 122 -6.29 6.97 4.25
CA GLY C 122 -7.69 6.55 3.94
C GLY C 122 -7.75 5.90 2.55
N ILE C 123 -8.94 5.76 2.02
CA ILE C 123 -9.10 5.14 0.67
C ILE C 123 -10.14 5.94 -0.14
N LEU C 124 -9.88 6.14 -1.41
CA LEU C 124 -10.81 6.94 -2.27
C LEU C 124 -11.34 6.04 -3.39
N LYS C 125 -12.54 6.32 -3.88
CA LYS C 125 -13.11 5.48 -4.98
C LYS C 125 -12.67 6.03 -6.34
N LEU C 126 -12.34 5.16 -7.26
CA LEU C 126 -11.90 5.65 -8.62
C LEU C 126 -13.14 5.75 -9.51
N ARG C 127 -13.75 6.90 -9.56
CA ARG C 127 -14.97 7.04 -10.42
C ARG C 127 -14.58 6.88 -11.90
N ASN C 128 -15.05 5.81 -12.51
CA ASN C 128 -14.73 5.49 -13.94
C ASN C 128 -15.31 6.55 -14.90
N SER C 129 -16.60 6.77 -14.85
CA SER C 129 -17.27 7.77 -15.74
C SER C 129 -16.34 8.93 -16.11
N ASP C 130 -15.77 9.59 -15.12
CA ASP C 130 -14.84 10.73 -15.39
C ASP C 130 -13.46 10.19 -15.80
N ILE C 131 -13.08 9.07 -15.24
CA ILE C 131 -11.74 8.45 -15.57
C ILE C 131 -11.77 7.80 -16.96
N GLU C 132 -12.92 7.73 -17.60
CA GLU C 132 -12.99 7.13 -18.96
C GLU C 132 -12.85 8.25 -20.00
N LEU C 133 -13.61 9.30 -19.86
CA LEU C 133 -13.52 10.45 -20.80
C LEU C 133 -12.23 11.24 -20.53
N ARG C 134 -11.73 11.18 -19.31
CA ARG C 134 -10.49 11.92 -18.95
C ARG C 134 -9.29 11.20 -19.56
N LYS C 135 -8.89 11.63 -20.73
CA LYS C 135 -7.72 10.99 -21.43
C LYS C 135 -6.45 11.16 -20.58
N GLY C 136 -6.13 10.16 -19.80
CA GLY C 136 -4.91 10.21 -18.95
C GLY C 136 -4.15 8.91 -19.13
N GLU C 137 -4.80 7.80 -18.86
CA GLU C 137 -4.14 6.47 -18.99
C GLU C 137 -4.97 5.55 -19.89
N THR C 138 -4.66 4.28 -19.90
CA THR C 138 -5.42 3.32 -20.73
C THR C 138 -6.91 3.39 -20.33
N ASP C 139 -7.20 3.04 -19.10
CA ASP C 139 -8.61 3.08 -18.59
C ASP C 139 -8.74 2.20 -17.35
N ILE C 140 -9.46 2.65 -16.36
CA ILE C 140 -9.64 1.82 -15.13
C ILE C 140 -10.74 0.78 -15.36
N GLY C 141 -11.29 0.72 -16.56
CA GLY C 141 -12.36 -0.27 -16.86
C GLY C 141 -13.62 0.05 -16.05
N ARG C 142 -14.77 -0.01 -16.68
CA ARG C 142 -16.04 0.28 -15.93
C ARG C 142 -16.30 -0.86 -14.92
N LYS C 143 -15.60 -1.96 -15.03
CA LYS C 143 -15.81 -3.10 -14.08
C LYS C 143 -14.50 -3.44 -13.33
N ASN C 144 -13.45 -2.66 -13.51
CA ASN C 144 -12.18 -2.97 -12.81
C ASN C 144 -11.96 -1.96 -11.67
N THR C 145 -12.87 -1.94 -10.73
CA THR C 145 -12.75 -0.99 -9.57
C THR C 145 -12.09 -1.73 -8.39
N ARG C 146 -11.06 -2.52 -8.68
CA ARG C 146 -10.37 -3.27 -7.60
C ARG C 146 -8.85 -3.06 -7.72
N VAL C 147 -8.17 -2.88 -6.61
CA VAL C 147 -6.69 -2.66 -6.66
C VAL C 147 -6.01 -3.41 -5.51
N ARG C 148 -4.69 -3.49 -5.54
CA ARG C 148 -3.95 -4.21 -4.45
C ARG C 148 -2.76 -3.36 -4.01
N LEU C 149 -2.39 -3.45 -2.75
CA LEU C 149 -1.21 -2.65 -2.26
C LEU C 149 0.05 -3.52 -2.37
N VAL C 150 0.97 -3.16 -3.23
CA VAL C 150 2.23 -3.98 -3.35
C VAL C 150 3.35 -3.24 -2.62
N PHE C 151 3.61 -3.64 -1.40
CA PHE C 151 4.71 -2.99 -0.60
C PHE C 151 6.04 -3.60 -1.03
N ARG C 152 7.13 -2.88 -0.91
CA ARG C 152 8.45 -3.46 -1.33
C ARG C 152 9.60 -2.65 -0.74
N VAL C 153 10.49 -3.31 -0.04
CA VAL C 153 11.67 -2.61 0.55
C VAL C 153 12.90 -2.91 -0.31
N HIS C 154 13.87 -2.02 -0.31
CA HIS C 154 15.10 -2.22 -1.13
C HIS C 154 16.27 -1.50 -0.43
N VAL C 155 17.03 -2.24 0.35
CA VAL C 155 18.19 -1.63 1.06
C VAL C 155 19.48 -2.34 0.60
N PRO C 156 20.46 -1.56 0.22
CA PRO C 156 21.76 -2.08 -0.29
C PRO C 156 22.59 -2.67 0.85
N GLN C 157 22.78 -3.96 0.83
CA GLN C 157 23.59 -4.64 1.89
C GLN C 157 25.01 -4.86 1.36
N PRO C 158 25.99 -4.37 2.09
CA PRO C 158 27.41 -4.53 1.71
C PRO C 158 27.95 -5.92 2.10
N SER C 159 27.19 -6.96 1.84
CA SER C 159 27.66 -8.34 2.19
C SER C 159 27.65 -9.22 0.93
N GLY C 160 26.50 -9.54 0.40
CA GLY C 160 26.43 -10.38 -0.83
C GLY C 160 24.97 -10.60 -1.25
N ARG C 161 24.12 -9.62 -1.04
CA ARG C 161 22.68 -9.74 -1.42
C ARG C 161 21.92 -8.51 -0.93
N THR C 162 21.13 -7.91 -1.78
CA THR C 162 20.35 -6.71 -1.39
C THR C 162 19.17 -7.13 -0.53
N LEU C 163 18.92 -6.42 0.54
CA LEU C 163 17.76 -6.76 1.43
C LEU C 163 16.51 -6.10 0.83
N SER C 164 15.85 -6.81 -0.06
CA SER C 164 14.64 -6.25 -0.72
C SER C 164 13.50 -7.26 -0.64
N LEU C 165 12.27 -6.79 -0.50
CA LEU C 165 11.10 -7.74 -0.42
C LEU C 165 9.88 -7.13 -1.12
N GLN C 166 8.77 -7.84 -1.13
CA GLN C 166 7.54 -7.34 -1.80
C GLN C 166 6.29 -8.01 -1.20
N VAL C 167 5.44 -7.25 -0.57
CA VAL C 167 4.20 -7.82 0.04
C VAL C 167 2.97 -7.38 -0.76
N ALA C 168 1.84 -8.01 -0.55
CA ALA C 168 0.61 -7.63 -1.30
C ALA C 168 -0.58 -7.59 -0.33
N SER C 169 -1.25 -6.46 -0.23
CA SER C 169 -2.43 -6.36 0.70
C SER C 169 -3.70 -6.77 -0.03
N ASN C 170 -4.77 -7.00 0.71
CA ASN C 170 -6.07 -7.42 0.11
C ASN C 170 -6.40 -6.57 -1.13
N PRO C 171 -7.14 -7.16 -2.04
CA PRO C 171 -7.55 -6.49 -3.30
C PRO C 171 -8.68 -5.49 -3.02
N ILE C 172 -8.31 -4.25 -2.74
CA ILE C 172 -9.32 -3.17 -2.45
C ILE C 172 -10.49 -3.29 -3.44
N GLU C 173 -11.71 -3.17 -2.94
CA GLU C 173 -12.91 -3.27 -3.83
C GLU C 173 -13.94 -2.21 -3.44
N CYS C 174 -14.69 -1.73 -4.41
CA CYS C 174 -15.73 -0.70 -4.12
C CYS C 174 -17.05 -1.07 -4.82
N SER C 175 -17.65 -2.16 -4.40
CA SER C 175 -18.95 -2.59 -5.02
C SER C 175 -19.84 -3.21 -3.94
N GLN C 176 -21.14 -3.07 -4.09
CA GLN C 176 -22.09 -3.64 -3.07
C GLN C 176 -22.75 -4.90 -3.64
N ARG C 177 -23.30 -4.81 -4.82
CA ARG C 177 -23.97 -5.99 -5.45
C ARG C 177 -22.99 -7.16 -5.54
N SER C 178 -23.37 -8.31 -5.01
CA SER C 178 -22.48 -9.51 -5.07
C SER C 178 -22.26 -9.94 -6.52
N MET C 1 -10.92 -19.86 8.95
CA MET C 1 -10.15 -18.84 9.73
C MET C 1 -8.90 -19.50 10.35
N LYS C 2 -8.21 -20.33 9.59
CA LYS C 2 -6.97 -20.99 10.13
C LYS C 2 -5.91 -21.08 9.01
N ASP C 3 -4.88 -20.27 9.10
CA ASP C 3 -3.81 -20.29 8.07
C ASP C 3 -2.44 -20.07 8.74
N TRP C 4 -1.78 -21.14 9.10
CA TRP C 4 -0.44 -21.02 9.75
C TRP C 4 0.59 -21.83 8.95
N GLN C 5 0.45 -21.88 7.64
CA GLN C 5 1.42 -22.64 6.80
C GLN C 5 1.49 -22.04 5.39
N LEU C 6 1.92 -20.80 5.30
CA LEU C 6 2.04 -20.12 3.98
C LEU C 6 2.64 -18.70 4.18
N PRO C 7 3.87 -18.66 4.66
CA PRO C 7 4.57 -17.39 4.90
C PRO C 7 5.16 -16.81 3.61
N SER C 8 5.53 -15.56 3.64
CA SER C 8 6.13 -14.90 2.44
C SER C 8 7.63 -14.61 2.71
N HIS C 9 8.19 -15.26 3.69
CA HIS C 9 9.63 -15.03 4.07
C HIS C 9 10.56 -15.71 3.04
N SER C 10 11.84 -15.42 3.13
CA SER C 10 12.82 -16.04 2.18
C SER C 10 14.06 -16.48 2.97
N GLY C 11 13.86 -17.28 4.00
CA GLY C 11 15.00 -17.77 4.83
C GLY C 11 14.81 -17.30 6.29
N PRO C 12 15.89 -16.83 6.89
CA PRO C 12 15.89 -16.34 8.28
C PRO C 12 15.30 -14.93 8.38
N TYR C 13 15.11 -14.24 7.27
CA TYR C 13 14.52 -12.86 7.32
C TYR C 13 13.04 -12.94 6.91
N GLU C 14 12.27 -11.93 7.25
CA GLU C 14 10.82 -11.95 6.86
C GLU C 14 10.20 -10.56 6.98
N LEU C 15 9.85 -9.96 5.88
CA LEU C 15 9.22 -8.60 5.91
C LEU C 15 7.72 -8.75 5.59
N ARG C 16 6.87 -8.48 6.54
CA ARG C 16 5.39 -8.61 6.29
C ARG C 16 4.63 -7.48 7.00
N ILE C 17 3.35 -7.39 6.73
CA ILE C 17 2.50 -6.33 7.38
C ILE C 17 1.98 -6.85 8.72
N GLU C 18 2.05 -6.05 9.75
CA GLU C 18 1.56 -6.47 11.09
C GLU C 18 0.01 -6.45 11.10
N VAL C 19 -0.63 -5.65 11.94
CA VAL C 19 -2.14 -5.64 11.99
C VAL C 19 -2.71 -5.59 10.56
N GLN C 20 -3.28 -6.68 10.11
CA GLN C 20 -3.86 -6.73 8.74
C GLN C 20 -5.38 -6.49 8.84
N PRO C 21 -5.82 -5.40 8.24
CA PRO C 21 -7.25 -5.02 8.25
C PRO C 21 -8.04 -5.87 7.24
N LYS C 22 -9.27 -5.48 6.95
CA LYS C 22 -10.11 -6.25 5.99
C LYS C 22 -9.85 -5.77 4.56
N SER C 23 -10.45 -6.41 3.59
CA SER C 23 -10.26 -6.01 2.16
C SER C 23 -11.51 -5.25 1.66
N HIS C 24 -12.21 -4.57 2.56
CA HIS C 24 -13.44 -3.81 2.16
C HIS C 24 -13.38 -2.41 2.78
N HIS C 25 -12.84 -1.45 2.06
CA HIS C 25 -12.74 -0.06 2.60
C HIS C 25 -13.71 0.84 1.85
N ARG C 26 -14.79 1.19 2.46
CA ARG C 26 -15.79 2.07 1.76
C ARG C 26 -15.13 3.41 1.43
N ALA C 27 -14.57 3.52 0.25
CA ALA C 27 -13.91 4.80 -0.16
C ALA C 27 -14.99 5.77 -0.66
N ARG C 28 -15.07 6.91 -0.05
CA ARG C 28 -16.10 7.91 -0.46
C ARG C 28 -15.62 8.65 -1.71
N TYR C 29 -16.48 9.41 -2.32
CA TYR C 29 -16.12 10.17 -3.55
C TYR C 29 -15.26 11.38 -3.21
N GLU C 30 -14.46 11.80 -4.15
CA GLU C 30 -13.62 13.00 -3.95
C GLU C 30 -14.54 14.23 -3.83
N THR C 31 -15.74 14.12 -4.37
CA THR C 31 -16.73 15.23 -4.30
C THR C 31 -17.63 15.05 -3.06
N GLU C 32 -17.60 13.88 -2.46
CA GLU C 32 -18.46 13.62 -1.24
C GLU C 32 -17.57 13.55 0.02
N GLY C 33 -16.33 13.96 -0.07
CA GLY C 33 -15.41 13.93 1.11
C GLY C 33 -15.24 12.50 1.62
N SER C 34 -14.34 12.27 2.54
CA SER C 34 -14.12 10.90 3.10
C SER C 34 -14.29 10.93 4.63
N ARG C 35 -14.91 9.91 5.19
CA ARG C 35 -15.11 9.89 6.68
C ARG C 35 -15.20 8.44 7.19
N GLY C 36 -14.41 7.55 6.64
CA GLY C 36 -14.42 6.13 7.08
C GLY C 36 -13.18 5.38 6.53
N ALA C 37 -12.13 6.09 6.17
CA ALA C 37 -10.93 5.42 5.61
C ALA C 37 -9.84 5.24 6.67
N VAL C 38 -10.03 4.34 7.59
CA VAL C 38 -8.98 4.08 8.63
C VAL C 38 -9.09 2.61 9.09
N LYS C 39 -9.27 1.73 8.14
CA LYS C 39 -9.40 0.26 8.42
C LYS C 39 -9.13 -0.49 7.10
N ALA C 40 -7.98 -0.26 6.50
CA ALA C 40 -7.65 -0.91 5.21
C ALA C 40 -6.13 -1.16 5.11
N SER C 41 -5.75 -2.02 4.19
CA SER C 41 -4.30 -2.33 4.00
C SER C 41 -3.59 -1.19 3.25
N ALA C 42 -4.33 -0.39 2.51
CA ALA C 42 -3.70 0.73 1.75
C ALA C 42 -4.36 2.06 2.17
N GLY C 43 -5.67 2.14 2.09
CA GLY C 43 -6.37 3.40 2.46
C GLY C 43 -7.12 3.22 3.78
N GLY C 44 -6.43 3.26 4.89
CA GLY C 44 -7.10 3.09 6.21
C GLY C 44 -6.08 3.27 7.33
N HIS C 45 -5.52 2.19 7.81
CA HIS C 45 -4.49 2.29 8.92
C HIS C 45 -3.84 0.91 9.18
N PRO C 46 -3.11 0.43 8.20
CA PRO C 46 -2.38 -0.85 8.28
C PRO C 46 -1.05 -0.69 9.04
N ILE C 47 -0.50 -1.78 9.52
CA ILE C 47 0.81 -1.72 10.25
C ILE C 47 1.86 -2.54 9.47
N VAL C 48 3.08 -2.09 9.44
CA VAL C 48 4.15 -2.83 8.70
C VAL C 48 5.34 -3.07 9.63
N GLN C 49 5.78 -4.31 9.74
CA GLN C 49 6.94 -4.62 10.63
C GLN C 49 7.86 -5.66 9.97
N LEU C 50 9.14 -5.37 9.93
CA LEU C 50 10.12 -6.31 9.30
C LEU C 50 10.82 -7.14 10.38
N HIS C 51 11.04 -8.40 10.11
CA HIS C 51 11.72 -9.29 11.09
C HIS C 51 12.80 -10.08 10.32
N GLY C 52 13.99 -9.53 10.22
CA GLY C 52 15.08 -10.23 9.48
C GLY C 52 16.43 -9.65 9.90
N TYR C 53 16.67 -8.41 9.55
CA TYR C 53 17.96 -7.76 9.92
C TYR C 53 18.18 -7.86 11.44
N LEU C 54 19.25 -8.48 11.86
CA LEU C 54 19.53 -8.65 13.32
C LEU C 54 20.45 -7.51 13.82
N GLU C 55 21.18 -6.87 12.93
CA GLU C 55 22.11 -5.78 13.36
C GLU C 55 21.31 -4.47 13.58
N ASN C 56 21.96 -3.45 14.07
CA ASN C 56 21.25 -2.14 14.32
C ASN C 56 21.21 -1.30 13.04
N GLU C 57 21.55 -1.88 11.90
CA GLU C 57 21.51 -1.13 10.61
C GLU C 57 20.07 -0.70 10.29
N PRO C 58 19.90 0.51 9.82
CA PRO C 58 18.57 1.06 9.47
C PRO C 58 18.07 0.43 8.16
N LEU C 59 16.88 0.78 7.73
CA LEU C 59 16.33 0.19 6.47
C LEU C 59 15.62 1.26 5.63
N MET C 60 15.59 1.06 4.33
CA MET C 60 14.90 2.03 3.43
C MET C 60 13.88 1.24 2.59
N LEU C 61 12.90 0.64 3.24
CA LEU C 61 11.87 -0.15 2.51
C LEU C 61 10.99 0.80 1.69
N GLN C 62 10.63 0.38 0.50
CA GLN C 62 9.78 1.23 -0.38
C GLN C 62 8.45 0.53 -0.66
N LEU C 63 7.42 1.30 -0.85
CA LEU C 63 6.08 0.73 -1.15
C LEU C 63 5.80 0.85 -2.65
N PHE C 64 5.10 -0.10 -3.20
CA PHE C 64 4.77 -0.08 -4.65
C PHE C 64 3.29 -0.47 -4.83
N ILE C 65 2.46 0.47 -5.21
CA ILE C 65 1.01 0.18 -5.38
C ILE C 65 0.77 -0.38 -6.81
N GLY C 66 -0.19 -1.27 -6.94
CA GLY C 66 -0.50 -1.85 -8.28
C GLY C 66 -1.94 -2.37 -8.31
N THR C 67 -2.71 -1.95 -9.29
CA THR C 67 -4.16 -2.38 -9.44
C THR C 67 -4.38 -3.87 -9.07
N ALA C 68 -5.59 -4.21 -8.70
CA ALA C 68 -5.93 -5.60 -8.31
C ALA C 68 -6.52 -6.36 -9.49
N ASP C 69 -5.67 -6.86 -10.34
CA ASP C 69 -6.14 -7.64 -11.54
C ASP C 69 -6.01 -9.14 -11.23
N ASP C 70 -6.23 -9.98 -12.23
CA ASP C 70 -6.12 -11.46 -12.01
C ASP C 70 -4.75 -11.98 -12.47
N ARG C 71 -4.05 -11.25 -13.31
CA ARG C 71 -2.71 -11.72 -13.80
C ARG C 71 -1.66 -10.62 -13.58
N LEU C 72 -0.84 -10.32 -14.57
CA LEU C 72 0.22 -9.26 -14.41
C LEU C 72 -0.39 -7.99 -13.83
N LEU C 73 0.33 -7.32 -12.96
CA LEU C 73 -0.18 -6.07 -12.32
C LEU C 73 -0.52 -5.01 -13.38
N ARG C 74 -1.27 -4.01 -12.98
CA ARG C 74 -1.67 -2.91 -13.92
C ARG C 74 -1.23 -1.57 -13.34
N PRO C 75 -1.47 -0.51 -14.09
CA PRO C 75 -1.12 0.85 -13.65
C PRO C 75 -2.13 1.33 -12.60
N HIS C 76 -1.66 1.59 -11.39
CA HIS C 76 -2.56 2.03 -10.28
C HIS C 76 -3.56 3.08 -10.78
N ALA C 77 -4.79 2.99 -10.33
CA ALA C 77 -5.82 3.97 -10.74
C ALA C 77 -5.55 5.32 -10.05
N PHE C 78 -6.27 5.64 -8.99
CA PHE C 78 -6.06 6.94 -8.30
C PHE C 78 -6.44 6.79 -6.83
N TYR C 79 -6.11 5.66 -6.22
CA TYR C 79 -6.48 5.44 -4.77
C TYR C 79 -5.54 6.25 -3.87
N GLN C 80 -5.62 7.56 -3.95
CA GLN C 80 -4.74 8.42 -3.09
C GLN C 80 -5.57 9.54 -2.45
N VAL C 81 -5.67 9.52 -1.14
CA VAL C 81 -6.44 10.56 -0.39
C VAL C 81 -6.19 10.38 1.11
N HIS C 82 -6.46 11.40 1.88
CA HIS C 82 -6.26 11.34 3.37
C HIS C 82 -7.04 12.46 4.06
N ARG C 83 -7.84 12.12 5.04
CA ARG C 83 -8.64 13.15 5.77
C ARG C 83 -9.12 12.56 7.11
N ILE C 84 -8.23 11.98 7.85
CA ILE C 84 -8.61 11.38 9.17
C ILE C 84 -8.01 12.24 10.30
N THR C 85 -8.78 12.52 11.32
CA THR C 85 -8.26 13.36 12.44
C THR C 85 -7.30 12.52 13.30
N GLY C 86 -6.04 12.52 12.93
CA GLY C 86 -5.03 11.74 13.70
C GLY C 86 -4.65 12.52 14.97
N LYS C 87 -3.68 12.04 15.71
CA LYS C 87 -3.26 12.76 16.95
C LYS C 87 -1.81 13.18 16.81
N THR C 88 -0.91 12.23 16.70
CA THR C 88 0.54 12.54 16.56
C THR C 88 1.24 11.33 15.94
N VAL C 89 1.38 11.31 14.63
CA VAL C 89 2.06 10.17 13.95
C VAL C 89 3.36 10.70 13.32
N SER C 90 4.38 10.92 14.12
CA SER C 90 5.68 11.46 13.60
C SER C 90 6.45 10.36 12.86
N THR C 91 6.29 9.11 13.26
CA THR C 91 7.01 8.00 12.57
C THR C 91 6.40 7.80 11.17
N THR C 92 5.45 6.90 11.03
CA THR C 92 4.80 6.66 9.69
C THR C 92 5.83 6.67 8.56
N SER C 93 5.41 6.99 7.36
CA SER C 93 6.36 7.01 6.21
C SER C 93 5.96 8.11 5.20
N HIS C 94 6.79 8.34 4.20
CA HIS C 94 6.51 9.40 3.19
C HIS C 94 5.71 8.82 2.00
N GLU C 95 5.13 9.68 1.18
CA GLU C 95 4.32 9.21 0.01
C GLU C 95 4.90 9.80 -1.30
N ALA C 96 4.51 9.25 -2.43
CA ALA C 96 5.02 9.75 -3.74
C ALA C 96 3.96 9.52 -4.82
N ILE C 97 3.16 10.51 -5.10
CA ILE C 97 2.09 10.38 -6.14
C ILE C 97 2.70 10.65 -7.53
N LEU C 98 2.31 9.86 -8.49
CA LEU C 98 2.83 10.02 -9.88
C LEU C 98 1.66 9.86 -10.88
N SER C 99 1.87 10.25 -12.11
CA SER C 99 0.79 10.14 -13.16
C SER C 99 0.25 8.70 -13.25
N ASN C 100 -0.79 8.41 -12.50
CA ASN C 100 -1.41 7.04 -12.51
C ASN C 100 -0.47 6.02 -11.83
N THR C 101 0.35 6.47 -10.90
CA THR C 101 1.29 5.54 -10.19
C THR C 101 1.55 6.12 -8.78
N LYS C 102 1.16 5.40 -7.75
CA LYS C 102 1.38 5.92 -6.36
C LYS C 102 2.37 5.02 -5.62
N VAL C 103 3.31 5.62 -4.94
CA VAL C 103 4.33 4.82 -4.17
C VAL C 103 4.52 5.47 -2.79
N LEU C 104 4.96 4.70 -1.82
CA LEU C 104 5.16 5.26 -0.45
C LEU C 104 6.51 4.79 0.10
N GLU C 105 7.46 5.68 0.23
CA GLU C 105 8.79 5.28 0.79
C GLU C 105 8.63 5.05 2.28
N ILE C 106 8.81 3.83 2.73
CA ILE C 106 8.64 3.53 4.18
C ILE C 106 9.94 2.94 4.75
N PRO C 107 10.84 3.82 5.13
CA PRO C 107 12.15 3.44 5.70
C PRO C 107 11.99 3.03 7.18
N LEU C 108 12.72 2.02 7.60
CA LEU C 108 12.61 1.57 9.02
C LEU C 108 13.46 2.49 9.90
N LEU C 109 12.93 2.92 11.02
CA LEU C 109 13.69 3.82 11.94
C LEU C 109 14.77 2.97 12.65
N PRO C 110 15.65 3.62 13.39
CA PRO C 110 16.74 2.94 14.11
C PRO C 110 16.22 2.18 15.33
N GLU C 111 15.94 2.88 16.41
CA GLU C 111 15.44 2.19 17.64
C GLU C 111 13.94 2.45 17.82
N ASN C 112 13.18 2.22 16.78
CA ASN C 112 11.70 2.40 16.85
C ASN C 112 11.05 1.02 16.66
N SER C 113 11.74 -0.02 17.09
CA SER C 113 11.22 -1.42 16.93
C SER C 113 11.04 -1.72 15.44
N MET C 114 11.76 -1.02 14.57
CA MET C 114 11.65 -1.24 13.09
C MET C 114 10.16 -1.35 12.72
N ARG C 115 9.36 -0.44 13.20
CA ARG C 115 7.89 -0.49 12.92
C ARG C 115 7.46 0.67 12.02
N ALA C 116 6.39 0.46 11.29
CA ALA C 116 5.86 1.52 10.38
C ALA C 116 4.34 1.45 10.42
N VAL C 117 3.72 2.12 11.36
CA VAL C 117 2.23 2.07 11.49
C VAL C 117 1.59 3.19 10.68
N ILE C 118 0.45 2.91 10.09
CA ILE C 118 -0.27 3.96 9.29
C ILE C 118 -1.54 4.35 10.05
N ASP C 119 -1.74 5.63 10.29
CA ASP C 119 -2.96 6.08 11.03
C ASP C 119 -3.31 7.51 10.58
N CYS C 120 -3.07 7.81 9.33
CA CYS C 120 -3.36 9.18 8.78
C CYS C 120 -3.67 9.09 7.28
N ALA C 121 -4.02 7.92 6.77
CA ALA C 121 -4.31 7.78 5.31
C ALA C 121 -5.81 7.58 5.09
N GLY C 122 -6.35 8.15 4.04
CA GLY C 122 -7.82 8.01 3.77
C GLY C 122 -8.06 7.07 2.59
N ILE C 123 -9.29 6.99 2.12
CA ILE C 123 -9.61 6.08 0.99
C ILE C 123 -10.59 6.80 0.05
N LEU C 124 -10.14 7.13 -1.14
CA LEU C 124 -11.00 7.85 -2.12
C LEU C 124 -11.50 6.88 -3.21
N LYS C 125 -12.66 7.12 -3.76
CA LYS C 125 -13.19 6.23 -4.84
C LYS C 125 -12.66 6.73 -6.19
N LEU C 126 -12.29 5.84 -7.07
CA LEU C 126 -11.75 6.28 -8.40
C LEU C 126 -12.91 6.42 -9.40
N ARG C 127 -13.57 7.57 -9.39
CA ARG C 127 -14.71 7.82 -10.33
C ARG C 127 -14.36 7.26 -11.74
N ASN C 128 -14.81 6.05 -12.02
CA ASN C 128 -14.53 5.37 -13.34
C ASN C 128 -14.83 6.28 -14.54
N SER C 129 -15.98 6.94 -14.56
CA SER C 129 -16.34 7.82 -15.70
C SER C 129 -15.16 8.76 -16.05
N ASP C 130 -14.53 9.35 -15.06
CA ASP C 130 -13.35 10.24 -15.34
C ASP C 130 -12.18 9.39 -15.83
N ILE C 131 -12.15 8.13 -15.48
CA ILE C 131 -11.05 7.22 -15.92
C ILE C 131 -11.35 6.69 -17.34
N GLU C 132 -12.48 7.04 -17.91
CA GLU C 132 -12.84 6.55 -19.28
C GLU C 132 -12.77 7.70 -20.30
N LEU C 133 -12.84 8.93 -19.84
CA LEU C 133 -12.79 10.11 -20.77
C LEU C 133 -11.41 10.76 -20.76
N ARG C 134 -10.52 10.38 -19.86
CA ARG C 134 -9.17 11.00 -19.79
C ARG C 134 -8.26 10.43 -20.90
N LYS C 135 -8.47 10.83 -22.14
CA LYS C 135 -7.61 10.32 -23.27
C LYS C 135 -7.75 8.79 -23.39
N GLY C 136 -7.32 8.22 -24.50
CA GLY C 136 -7.40 6.74 -24.69
C GLY C 136 -6.74 6.04 -23.49
N GLU C 137 -5.71 6.64 -22.95
CA GLU C 137 -5.00 6.06 -21.77
C GLU C 137 -5.92 6.14 -20.54
N THR C 138 -5.49 5.67 -19.38
CA THR C 138 -6.36 5.71 -18.17
C THR C 138 -7.52 4.73 -18.40
N ASP C 139 -7.36 3.51 -17.95
CA ASP C 139 -8.42 2.49 -18.17
C ASP C 139 -8.63 1.65 -16.90
N ILE C 140 -9.39 2.15 -15.96
CA ILE C 140 -9.66 1.35 -14.72
C ILE C 140 -10.93 0.51 -14.93
N GLY C 141 -11.50 0.58 -16.11
CA GLY C 141 -12.73 -0.22 -16.43
C GLY C 141 -13.92 0.29 -15.62
N ARG C 142 -15.09 0.39 -16.22
CA ARG C 142 -16.27 0.88 -15.46
C ARG C 142 -16.70 -0.19 -14.43
N LYS C 143 -16.21 -1.39 -14.56
CA LYS C 143 -16.58 -2.47 -13.58
C LYS C 143 -15.31 -3.03 -12.91
N ASN C 144 -14.26 -2.24 -12.80
CA ASN C 144 -13.01 -2.76 -12.16
C ASN C 144 -12.42 -1.72 -11.20
N THR C 145 -13.07 -1.48 -10.08
CA THR C 145 -12.54 -0.50 -9.07
C THR C 145 -11.79 -1.27 -7.98
N ARG C 146 -10.83 -2.07 -8.37
CA ARG C 146 -10.07 -2.87 -7.36
C ARG C 146 -8.55 -2.64 -7.53
N VAL C 147 -7.85 -2.31 -6.46
CA VAL C 147 -6.37 -2.08 -6.54
C VAL C 147 -5.64 -3.03 -5.57
N ARG C 148 -4.33 -3.08 -5.63
CA ARG C 148 -3.57 -4.00 -4.70
C ARG C 148 -2.25 -3.34 -4.26
N LEU C 149 -1.69 -3.78 -3.14
CA LEU C 149 -0.40 -3.16 -2.65
C LEU C 149 0.78 -4.10 -2.93
N VAL C 150 1.95 -3.55 -3.11
CA VAL C 150 3.18 -4.38 -3.36
C VAL C 150 4.35 -3.79 -2.55
N PHE C 151 4.69 -4.40 -1.44
CA PHE C 151 5.81 -3.87 -0.59
C PHE C 151 7.15 -4.43 -1.11
N ARG C 152 8.18 -3.61 -1.20
CA ARG C 152 9.48 -4.13 -1.71
C ARG C 152 10.65 -3.51 -0.93
N VAL C 153 11.48 -4.35 -0.33
CA VAL C 153 12.66 -3.84 0.44
C VAL C 153 13.96 -4.19 -0.28
N HIS C 154 14.99 -3.40 -0.05
CA HIS C 154 16.30 -3.66 -0.72
C HIS C 154 17.44 -3.25 0.23
N VAL C 155 17.84 -4.13 1.11
CA VAL C 155 18.96 -3.83 2.05
C VAL C 155 20.10 -4.82 1.77
N PRO C 156 21.17 -4.32 1.18
CA PRO C 156 22.33 -5.15 0.82
C PRO C 156 23.16 -5.51 2.06
N GLN C 157 23.24 -6.79 2.36
CA GLN C 157 24.02 -7.24 3.54
C GLN C 157 25.51 -7.36 3.15
N PRO C 158 26.37 -6.76 3.94
CA PRO C 158 27.82 -6.80 3.71
C PRO C 158 28.40 -8.17 4.10
N SER C 159 28.22 -9.15 3.23
CA SER C 159 28.73 -10.52 3.50
C SER C 159 28.80 -11.30 2.19
N GLY C 160 27.67 -11.56 1.57
CA GLY C 160 27.67 -12.32 0.26
C GLY C 160 26.24 -12.53 -0.25
N ARG C 161 25.35 -11.59 -0.01
CA ARG C 161 23.95 -11.71 -0.48
C ARG C 161 23.14 -10.49 -0.02
N THR C 162 22.35 -9.93 -0.90
CA THR C 162 21.53 -8.73 -0.55
C THR C 162 20.23 -9.20 0.12
N LEU C 163 19.65 -8.35 0.92
CA LEU C 163 18.37 -8.69 1.61
C LEU C 163 17.24 -7.96 0.89
N SER C 164 16.56 -8.64 0.00
CA SER C 164 15.45 -8.00 -0.76
C SER C 164 14.13 -8.68 -0.40
N LEU C 165 13.07 -7.91 -0.31
CA LEU C 165 11.74 -8.51 0.06
C LEU C 165 10.66 -8.02 -0.93
N GLN C 166 9.66 -8.84 -1.17
CA GLN C 166 8.57 -8.44 -2.12
C GLN C 166 7.26 -9.11 -1.67
N VAL C 167 6.36 -8.33 -1.11
CA VAL C 167 5.05 -8.89 -0.65
C VAL C 167 3.89 -8.15 -1.33
N ALA C 168 2.71 -8.72 -1.30
CA ALA C 168 1.53 -8.06 -1.93
C ALA C 168 0.38 -8.02 -0.91
N SER C 169 -0.16 -6.85 -0.65
CA SER C 169 -1.27 -6.74 0.34
C SER C 169 -2.61 -7.08 -0.32
N ASN C 170 -3.66 -7.16 0.47
CA ASN C 170 -5.02 -7.50 -0.06
C ASN C 170 -5.49 -6.40 -1.04
N PRO C 171 -6.43 -6.76 -1.89
CA PRO C 171 -7.00 -5.84 -2.90
C PRO C 171 -8.01 -4.86 -2.27
N ILE C 172 -8.05 -3.66 -2.79
CA ILE C 172 -9.00 -2.62 -2.28
C ILE C 172 -10.21 -2.57 -3.21
N GLU C 173 -11.39 -2.77 -2.68
CA GLU C 173 -12.62 -2.72 -3.52
C GLU C 173 -13.79 -2.17 -2.69
N CYS C 174 -14.38 -1.07 -3.11
CA CYS C 174 -15.51 -0.46 -2.34
C CYS C 174 -16.74 -0.26 -3.24
N SER C 175 -16.69 -0.68 -4.49
CA SER C 175 -17.88 -0.50 -5.38
C SER C 175 -19.06 -1.32 -4.85
N GLN C 176 -20.25 -1.06 -5.35
CA GLN C 176 -21.46 -1.81 -4.87
C GLN C 176 -21.35 -3.30 -5.26
N ARG C 177 -20.46 -3.65 -6.16
CA ARG C 177 -20.33 -5.07 -6.58
C ARG C 177 -18.94 -5.61 -6.18
N SER C 178 -18.93 -6.67 -5.40
CA SER C 178 -17.62 -7.26 -4.96
C SER C 178 -17.24 -8.43 -5.89
N MET C 1 -1.76 -12.86 3.64
CA MET C 1 -2.88 -13.74 3.22
C MET C 1 -2.87 -13.91 1.70
N LYS C 2 -3.40 -15.02 1.21
CA LYS C 2 -3.44 -15.28 -0.27
C LYS C 2 -2.01 -15.58 -0.78
N ASP C 3 -1.86 -16.68 -1.48
CA ASP C 3 -0.50 -17.05 -2.00
C ASP C 3 -0.64 -17.87 -3.29
N TRP C 4 -0.07 -17.38 -4.37
CA TRP C 4 -0.14 -18.10 -5.67
C TRP C 4 1.30 -18.49 -6.07
N GLN C 5 2.06 -19.01 -5.13
CA GLN C 5 3.47 -19.42 -5.41
C GLN C 5 4.28 -18.17 -5.81
N LEU C 6 4.49 -17.27 -4.87
CA LEU C 6 5.26 -16.03 -5.16
C LEU C 6 5.94 -15.54 -3.87
N PRO C 7 6.89 -16.33 -3.40
CA PRO C 7 7.64 -16.02 -2.17
C PRO C 7 8.70 -14.95 -2.46
N SER C 8 9.86 -15.36 -2.94
CA SER C 8 10.96 -14.40 -3.26
C SER C 8 11.56 -13.82 -1.96
N HIS C 9 11.17 -14.36 -0.83
CA HIS C 9 11.72 -13.85 0.47
C HIS C 9 13.07 -14.52 0.76
N SER C 10 13.78 -14.07 1.76
CA SER C 10 15.10 -14.68 2.08
C SER C 10 14.92 -15.76 3.16
N GLY C 11 15.91 -16.60 3.35
CA GLY C 11 15.81 -17.67 4.39
C GLY C 11 15.80 -17.01 5.78
N PRO C 12 16.85 -16.26 6.06
CA PRO C 12 17.01 -15.55 7.36
C PRO C 12 16.16 -14.26 7.41
N TYR C 13 15.85 -13.67 6.27
CA TYR C 13 15.06 -12.40 6.29
C TYR C 13 13.64 -12.65 5.75
N GLU C 14 12.73 -11.75 6.01
CA GLU C 14 11.31 -11.93 5.52
C GLU C 14 10.47 -10.70 5.87
N LEU C 15 9.84 -10.12 4.88
CA LEU C 15 8.97 -8.91 5.13
C LEU C 15 7.50 -9.35 5.05
N ARG C 16 6.87 -9.48 6.19
CA ARG C 16 5.44 -9.91 6.19
C ARG C 16 4.57 -8.87 6.91
N ILE C 17 3.36 -8.70 6.45
CA ILE C 17 2.43 -7.71 7.08
C ILE C 17 1.80 -8.34 8.33
N GLU C 18 1.67 -7.58 9.39
CA GLU C 18 1.07 -8.12 10.65
C GLU C 18 -0.46 -8.05 10.56
N VAL C 19 -1.11 -7.23 11.37
CA VAL C 19 -2.61 -7.14 11.32
C VAL C 19 -3.07 -6.82 9.89
N GLN C 20 -3.89 -7.67 9.32
CA GLN C 20 -4.38 -7.45 7.93
C GLN C 20 -5.86 -7.05 7.96
N PRO C 21 -6.20 -6.07 7.15
CA PRO C 21 -7.59 -5.58 7.04
C PRO C 21 -8.43 -6.53 6.15
N LYS C 22 -9.56 -6.08 5.71
CA LYS C 22 -10.42 -6.93 4.83
C LYS C 22 -10.25 -6.51 3.38
N SER C 23 -10.76 -7.29 2.46
CA SER C 23 -10.64 -6.95 1.01
C SER C 23 -11.79 -6.02 0.59
N HIS C 24 -12.39 -5.31 1.53
CA HIS C 24 -13.52 -4.39 1.18
C HIS C 24 -13.19 -2.96 1.67
N HIS C 25 -12.38 -2.25 0.93
CA HIS C 25 -12.02 -0.85 1.33
C HIS C 25 -13.13 0.10 0.86
N ARG C 26 -13.28 1.24 1.49
CA ARG C 26 -14.34 2.21 1.07
C ARG C 26 -13.71 3.58 0.81
N ALA C 27 -13.72 4.01 -0.43
CA ALA C 27 -13.14 5.32 -0.79
C ALA C 27 -14.25 6.30 -1.19
N ARG C 28 -14.14 7.54 -0.77
CA ARG C 28 -15.18 8.55 -1.12
C ARG C 28 -14.91 9.10 -2.53
N TYR C 29 -15.25 10.34 -2.80
CA TYR C 29 -15.01 10.93 -4.15
C TYR C 29 -14.27 12.25 -4.03
N GLU C 30 -13.67 12.70 -5.11
CA GLU C 30 -12.95 14.00 -5.08
C GLU C 30 -13.97 15.14 -4.96
N THR C 31 -15.15 14.95 -5.51
CA THR C 31 -16.22 16.00 -5.42
C THR C 31 -16.87 15.96 -4.03
N GLU C 32 -16.95 14.79 -3.43
CA GLU C 32 -17.58 14.66 -2.08
C GLU C 32 -16.50 14.43 -1.01
N GLY C 33 -15.31 14.96 -1.22
CA GLY C 33 -14.18 14.80 -0.24
C GLY C 33 -14.73 14.64 1.18
N SER C 34 -14.73 13.41 1.68
CA SER C 34 -15.30 13.16 3.04
C SER C 34 -14.40 12.17 3.80
N ARG C 35 -14.98 11.18 4.46
CA ARG C 35 -14.20 10.19 5.24
C ARG C 35 -13.64 9.11 4.28
N GLY C 36 -13.68 7.85 4.67
CA GLY C 36 -13.14 6.77 3.79
C GLY C 36 -11.64 6.62 3.99
N ALA C 37 -11.21 5.47 4.46
CA ALA C 37 -9.76 5.22 4.69
C ALA C 37 -9.51 3.71 4.86
N VAL C 38 -8.56 3.34 5.69
CA VAL C 38 -8.25 1.89 5.90
C VAL C 38 -9.12 1.34 7.04
N LYS C 39 -9.88 0.32 6.77
CA LYS C 39 -10.77 -0.28 7.82
C LYS C 39 -11.17 -1.69 7.43
N ALA C 40 -11.80 -2.41 8.34
CA ALA C 40 -12.25 -3.81 8.04
C ALA C 40 -13.21 -4.27 9.12
N SER C 41 -13.97 -5.32 8.84
CA SER C 41 -14.94 -5.85 9.85
C SER C 41 -14.22 -6.08 11.18
N ALA C 42 -12.94 -6.40 11.14
CA ALA C 42 -12.16 -6.61 12.40
C ALA C 42 -11.85 -5.24 13.03
N GLY C 43 -10.62 -5.02 13.48
CA GLY C 43 -10.27 -3.70 14.10
C GLY C 43 -10.47 -2.59 13.06
N GLY C 44 -9.45 -2.30 12.29
CA GLY C 44 -9.56 -1.24 11.24
C GLY C 44 -8.22 -0.51 11.08
N HIS C 45 -7.16 -1.24 10.84
CA HIS C 45 -5.81 -0.62 10.66
C HIS C 45 -4.78 -1.71 10.32
N PRO C 46 -4.24 -1.62 9.12
CA PRO C 46 -3.23 -2.58 8.62
C PRO C 46 -1.85 -2.28 9.23
N ILE C 47 -1.05 -3.30 9.39
CA ILE C 47 0.32 -3.11 9.98
C ILE C 47 1.36 -3.80 9.09
N VAL C 48 2.57 -3.31 9.12
CA VAL C 48 3.66 -3.93 8.30
C VAL C 48 4.92 -4.05 9.15
N GLN C 49 5.43 -5.25 9.31
CA GLN C 49 6.66 -5.45 10.12
C GLN C 49 7.69 -6.25 9.33
N LEU C 50 8.90 -5.76 9.23
CA LEU C 50 9.95 -6.50 8.48
C LEU C 50 10.82 -7.30 9.45
N HIS C 51 11.12 -8.52 9.09
CA HIS C 51 11.98 -9.38 9.95
C HIS C 51 13.14 -9.92 9.09
N GLY C 52 14.17 -9.12 8.92
CA GLY C 52 15.32 -9.56 8.08
C GLY C 52 16.55 -8.75 8.44
N TYR C 53 16.65 -7.54 7.94
CA TYR C 53 17.83 -6.67 8.25
C TYR C 53 18.15 -6.68 9.75
N LEU C 54 19.25 -7.30 10.13
CA LEU C 54 19.65 -7.36 11.58
C LEU C 54 20.87 -6.46 11.81
N GLU C 55 20.83 -5.25 11.29
CA GLU C 55 21.97 -4.31 11.47
C GLU C 55 21.51 -3.09 12.28
N ASN C 56 22.43 -2.27 12.71
CA ASN C 56 22.04 -1.05 13.50
C ASN C 56 21.65 0.08 12.53
N GLU C 57 21.63 -0.20 11.25
CA GLU C 57 21.23 0.83 10.25
C GLU C 57 19.70 0.82 10.11
N PRO C 58 19.12 1.99 9.94
CA PRO C 58 17.65 2.12 9.79
C PRO C 58 17.20 1.59 8.42
N LEU C 59 15.91 1.46 8.24
CA LEU C 59 15.37 0.94 6.96
C LEU C 59 14.49 2.00 6.28
N MET C 60 14.25 1.85 5.00
CA MET C 60 13.40 2.82 4.28
C MET C 60 12.42 2.05 3.37
N LEU C 61 11.57 1.25 3.97
CA LEU C 61 10.58 0.45 3.18
C LEU C 61 9.76 1.40 2.28
N GLN C 62 9.47 0.96 1.07
CA GLN C 62 8.68 1.83 0.15
C GLN C 62 7.42 1.07 -0.31
N LEU C 63 6.38 1.81 -0.52
CA LEU C 63 5.09 1.21 -0.97
C LEU C 63 4.97 1.35 -2.49
N PHE C 64 4.31 0.43 -3.11
CA PHE C 64 4.13 0.48 -4.60
C PHE C 64 2.69 0.08 -4.91
N ILE C 65 1.85 1.04 -5.22
CA ILE C 65 0.44 0.71 -5.53
C ILE C 65 0.33 0.31 -7.02
N GLY C 66 -0.44 -0.71 -7.29
CA GLY C 66 -0.62 -1.19 -8.69
C GLY C 66 -2.03 -1.74 -8.88
N THR C 67 -2.76 -1.20 -9.84
CA THR C 67 -4.18 -1.66 -10.12
C THR C 67 -4.32 -3.19 -10.01
N ALA C 68 -5.52 -3.66 -9.72
CA ALA C 68 -5.76 -5.12 -9.59
C ALA C 68 -6.24 -5.69 -10.93
N ASP C 69 -5.33 -5.94 -11.82
CA ASP C 69 -5.70 -6.49 -13.16
C ASP C 69 -5.62 -8.03 -13.15
N ASP C 70 -5.61 -8.64 -14.30
CA ASP C 70 -5.56 -10.14 -14.40
C ASP C 70 -4.10 -10.60 -14.57
N ARG C 71 -3.50 -10.29 -15.70
CA ARG C 71 -2.09 -10.70 -15.95
C ARG C 71 -1.15 -9.57 -15.49
N LEU C 72 -0.19 -9.17 -16.31
CA LEU C 72 0.76 -8.09 -15.92
C LEU C 72 0.00 -6.94 -15.26
N LEU C 73 0.58 -6.36 -14.23
CA LEU C 73 -0.10 -5.24 -13.52
C LEU C 73 -0.25 -4.03 -14.45
N ARG C 74 -1.01 -3.05 -14.04
CA ARG C 74 -1.23 -1.83 -14.87
C ARG C 74 -0.79 -0.58 -14.08
N PRO C 75 -0.77 0.55 -14.75
CA PRO C 75 -0.37 1.81 -14.11
C PRO C 75 -1.47 2.29 -13.16
N HIS C 76 -1.13 2.44 -11.90
CA HIS C 76 -2.10 2.88 -10.86
C HIS C 76 -3.04 3.98 -11.39
N ALA C 77 -4.27 3.95 -10.96
CA ALA C 77 -5.25 4.98 -11.40
C ALA C 77 -5.05 6.26 -10.58
N PHE C 78 -5.84 6.49 -9.54
CA PHE C 78 -5.67 7.74 -8.71
C PHE C 78 -6.13 7.45 -7.27
N TYR C 79 -5.87 6.26 -6.77
CA TYR C 79 -6.27 5.91 -5.35
C TYR C 79 -5.33 6.60 -4.36
N GLN C 80 -5.34 7.91 -4.32
CA GLN C 80 -4.45 8.65 -3.38
C GLN C 80 -5.24 9.73 -2.63
N VAL C 81 -4.96 9.88 -1.35
CA VAL C 81 -5.65 10.91 -0.51
C VAL C 81 -4.96 10.99 0.86
N HIS C 82 -5.18 12.07 1.57
CA HIS C 82 -4.55 12.24 2.92
C HIS C 82 -5.60 12.00 4.02
N ARG C 83 -5.19 11.42 5.13
CA ARG C 83 -6.15 11.15 6.24
C ARG C 83 -6.24 12.37 7.16
N ILE C 84 -6.97 12.25 8.24
CA ILE C 84 -7.12 13.39 9.20
C ILE C 84 -7.46 12.83 10.58
N THR C 85 -6.46 12.38 11.30
CA THR C 85 -6.68 11.82 12.66
C THR C 85 -5.53 12.26 13.58
N GLY C 86 -5.72 13.33 14.30
CA GLY C 86 -4.65 13.84 15.22
C GLY C 86 -4.52 12.90 16.42
N LYS C 87 -3.70 11.88 16.30
CA LYS C 87 -3.51 10.91 17.42
C LYS C 87 -2.04 10.91 17.81
N THR C 88 -1.21 10.21 17.07
CA THR C 88 0.25 10.17 17.39
C THR C 88 0.98 9.22 16.40
N VAL C 89 0.56 9.20 15.15
CA VAL C 89 1.23 8.32 14.14
C VAL C 89 2.41 9.07 13.49
N SER C 90 3.48 9.22 14.24
CA SER C 90 4.68 9.93 13.70
C SER C 90 5.63 8.92 13.02
N THR C 91 5.34 7.63 13.14
CA THR C 91 6.21 6.59 12.51
C THR C 91 5.99 6.60 10.99
N THR C 92 4.75 6.75 10.54
CA THR C 92 4.46 6.76 9.07
C THR C 92 5.21 7.93 8.39
N SER C 93 5.10 8.04 7.09
CA SER C 93 5.80 9.13 6.35
C SER C 93 4.89 9.75 5.28
N HIS C 94 5.47 10.41 4.31
CA HIS C 94 4.66 11.06 3.22
C HIS C 94 4.59 10.14 1.98
N GLU C 95 3.82 10.55 1.00
CA GLU C 95 3.67 9.73 -0.25
C GLU C 95 4.18 10.52 -1.45
N ALA C 96 4.82 9.87 -2.39
CA ALA C 96 5.33 10.57 -3.61
C ALA C 96 4.47 10.19 -4.83
N ILE C 97 3.34 10.83 -4.98
CA ILE C 97 2.43 10.50 -6.12
C ILE C 97 3.06 10.95 -7.45
N LEU C 98 3.19 10.03 -8.37
CA LEU C 98 3.74 10.35 -9.72
C LEU C 98 2.59 10.33 -10.73
N SER C 99 2.79 10.88 -11.92
CA SER C 99 1.71 10.91 -12.97
C SER C 99 0.92 9.59 -13.00
N ASN C 100 -0.17 9.53 -12.26
CA ASN C 100 -1.01 8.28 -12.21
C ASN C 100 -0.23 7.15 -11.51
N THR C 101 0.35 7.44 -10.38
CA THR C 101 1.13 6.40 -9.62
C THR C 101 1.07 6.72 -8.12
N LYS C 102 1.15 5.70 -7.28
CA LYS C 102 1.09 5.92 -5.81
C LYS C 102 2.22 5.16 -5.10
N VAL C 103 2.98 5.85 -4.29
CA VAL C 103 4.10 5.19 -3.54
C VAL C 103 4.24 5.84 -2.16
N LEU C 104 4.75 5.11 -1.20
CA LEU C 104 4.91 5.68 0.19
C LEU C 104 6.28 5.29 0.74
N GLU C 105 7.17 6.25 0.88
CA GLU C 105 8.53 5.95 1.43
C GLU C 105 8.50 6.17 2.96
N ILE C 106 8.58 5.10 3.70
CA ILE C 106 8.54 5.22 5.20
C ILE C 106 9.80 4.59 5.82
N PRO C 107 10.48 5.36 6.64
CA PRO C 107 11.70 4.92 7.34
C PRO C 107 11.32 4.06 8.56
N LEU C 108 11.93 2.90 8.69
CA LEU C 108 11.61 2.01 9.85
C LEU C 108 12.55 2.33 11.02
N LEU C 109 12.25 1.80 12.18
CA LEU C 109 13.12 2.05 13.37
C LEU C 109 14.41 1.21 13.26
N PRO C 110 15.31 1.41 14.20
CA PRO C 110 16.61 0.69 14.23
C PRO C 110 16.41 -0.76 14.68
N GLU C 111 16.23 -0.99 15.95
CA GLU C 111 16.03 -2.39 16.45
C GLU C 111 14.69 -2.51 17.19
N ASN C 112 13.62 -2.15 16.53
CA ASN C 112 12.27 -2.25 17.14
C ASN C 112 11.43 -3.19 16.26
N SER C 113 12.07 -4.20 15.69
CA SER C 113 11.37 -5.17 14.80
C SER C 113 10.86 -4.43 13.55
N MET C 114 11.41 -3.27 13.24
CA MET C 114 10.96 -2.49 12.04
C MET C 114 9.44 -2.39 12.06
N ARG C 115 8.89 -1.81 13.10
CA ARG C 115 7.41 -1.68 13.21
C ARG C 115 6.90 -0.50 12.38
N ALA C 116 5.80 -0.70 11.72
CA ALA C 116 5.20 0.38 10.87
C ALA C 116 3.68 0.16 10.80
N VAL C 117 2.92 0.88 11.60
CA VAL C 117 1.44 0.71 11.59
C VAL C 117 0.80 1.76 10.66
N ILE C 118 -0.26 1.40 9.99
CA ILE C 118 -0.94 2.37 9.07
C ILE C 118 -2.16 2.97 9.77
N ASP C 119 -2.09 4.24 10.08
CA ASP C 119 -3.24 4.92 10.75
C ASP C 119 -3.25 6.41 10.34
N CYS C 120 -2.75 6.72 9.17
CA CYS C 120 -2.73 8.14 8.69
C CYS C 120 -2.89 8.19 7.16
N ALA C 121 -3.55 7.22 6.58
CA ALA C 121 -3.75 7.21 5.10
C ALA C 121 -5.15 6.71 4.77
N GLY C 122 -5.93 7.51 4.09
CA GLY C 122 -7.32 7.08 3.74
C GLY C 122 -7.36 6.59 2.29
N ILE C 123 -8.53 6.55 1.70
CA ILE C 123 -8.64 6.06 0.30
C ILE C 123 -9.65 6.93 -0.49
N LEU C 124 -9.45 7.06 -1.78
CA LEU C 124 -10.38 7.87 -2.63
C LEU C 124 -10.83 7.02 -3.83
N LYS C 125 -12.07 7.15 -4.25
CA LYS C 125 -12.56 6.34 -5.41
C LYS C 125 -12.27 7.06 -6.72
N LEU C 126 -11.94 6.31 -7.75
CA LEU C 126 -11.61 6.93 -9.07
C LEU C 126 -12.88 6.97 -9.92
N ARG C 127 -13.51 8.11 -10.01
CA ARG C 127 -14.77 8.21 -10.84
C ARG C 127 -14.50 7.67 -12.26
N ASN C 128 -14.96 6.47 -12.52
CA ASN C 128 -14.76 5.81 -13.86
C ASN C 128 -15.04 6.79 -15.01
N SER C 129 -16.24 7.32 -15.06
CA SER C 129 -16.63 8.28 -16.16
C SER C 129 -15.59 9.41 -16.27
N ASP C 130 -15.27 10.07 -15.18
CA ASP C 130 -14.27 11.20 -15.23
C ASP C 130 -12.86 10.64 -15.45
N ILE C 131 -12.65 9.36 -15.24
CA ILE C 131 -11.30 8.74 -15.42
C ILE C 131 -11.18 8.15 -16.85
N GLU C 132 -12.25 8.13 -17.60
CA GLU C 132 -12.19 7.58 -18.98
C GLU C 132 -12.43 8.69 -20.02
N LEU C 133 -12.72 9.90 -19.56
CA LEU C 133 -12.99 11.03 -20.52
C LEU C 133 -11.99 12.18 -20.34
N ARG C 134 -11.16 12.15 -19.30
CA ARG C 134 -10.19 13.28 -19.10
C ARG C 134 -8.95 13.08 -20.00
N LYS C 135 -7.82 12.70 -19.45
CA LYS C 135 -6.59 12.48 -20.27
C LYS C 135 -6.82 11.34 -21.27
N GLY C 136 -5.85 11.10 -22.13
CA GLY C 136 -5.97 10.01 -23.13
C GLY C 136 -5.26 8.76 -22.60
N GLU C 137 -5.38 8.50 -21.31
CA GLU C 137 -4.71 7.31 -20.70
C GLU C 137 -5.56 6.06 -20.94
N THR C 138 -5.20 4.95 -20.32
CA THR C 138 -5.97 3.68 -20.50
C THR C 138 -5.50 2.65 -19.45
N ASP C 139 -6.06 2.71 -18.27
CA ASP C 139 -5.65 1.73 -17.20
C ASP C 139 -6.82 1.54 -16.23
N ILE C 140 -8.00 1.38 -16.78
CA ILE C 140 -9.22 1.18 -15.95
C ILE C 140 -10.44 0.93 -16.89
N GLY C 141 -11.60 1.43 -16.54
CA GLY C 141 -12.81 1.24 -17.40
C GLY C 141 -14.07 1.50 -16.58
N ARG C 142 -15.12 0.75 -16.82
CA ARG C 142 -16.39 0.95 -16.04
C ARG C 142 -16.73 -0.33 -15.26
N LYS C 143 -16.03 -1.42 -15.50
CA LYS C 143 -16.32 -2.70 -14.77
C LYS C 143 -15.06 -3.15 -13.99
N ASN C 144 -14.15 -2.24 -13.72
CA ASN C 144 -12.91 -2.62 -12.96
C ASN C 144 -12.46 -1.43 -12.11
N THR C 145 -13.05 -1.26 -10.95
CA THR C 145 -12.66 -0.15 -10.04
C THR C 145 -11.91 -0.74 -8.82
N ARG C 146 -10.99 -1.64 -9.08
CA ARG C 146 -10.23 -2.26 -7.95
C ARG C 146 -8.72 -2.06 -8.16
N VAL C 147 -7.98 -1.94 -7.08
CA VAL C 147 -6.50 -1.74 -7.19
C VAL C 147 -5.78 -2.68 -6.22
N ARG C 148 -4.48 -2.73 -6.30
CA ARG C 148 -3.71 -3.63 -5.37
C ARG C 148 -2.52 -2.88 -4.78
N LEU C 149 -2.03 -3.33 -3.64
CA LEU C 149 -0.88 -2.65 -2.97
C LEU C 149 0.36 -3.53 -3.08
N VAL C 150 1.53 -2.94 -3.18
CA VAL C 150 2.79 -3.74 -3.26
C VAL C 150 3.81 -3.16 -2.27
N PHE C 151 3.93 -3.77 -1.11
CA PHE C 151 4.91 -3.29 -0.09
C PHE C 151 6.27 -3.91 -0.40
N ARG C 152 7.22 -3.13 -0.86
CA ARG C 152 8.56 -3.72 -1.18
C ARG C 152 9.65 -2.98 -0.42
N VAL C 153 10.52 -3.72 0.24
CA VAL C 153 11.64 -3.07 1.00
C VAL C 153 12.92 -3.11 0.18
N HIS C 154 13.79 -2.17 0.42
CA HIS C 154 15.08 -2.10 -0.31
C HIS C 154 16.09 -1.36 0.55
N VAL C 155 16.98 -2.06 1.21
CA VAL C 155 17.99 -1.40 2.09
C VAL C 155 19.37 -1.54 1.42
N PRO C 156 20.19 -0.51 1.56
CA PRO C 156 21.54 -0.48 0.95
C PRO C 156 22.47 -1.47 1.67
N GLN C 157 23.08 -2.35 0.92
CA GLN C 157 23.99 -3.36 1.51
C GLN C 157 25.45 -2.94 1.37
N PRO C 158 26.12 -2.83 2.49
CA PRO C 158 27.54 -2.45 2.55
C PRO C 158 28.45 -3.65 2.22
N SER C 159 27.88 -4.81 1.96
CA SER C 159 28.70 -6.02 1.65
C SER C 159 28.28 -6.60 0.28
N GLY C 160 27.09 -7.16 0.19
CA GLY C 160 26.64 -7.75 -1.11
C GLY C 160 25.22 -8.33 -0.99
N ARG C 161 24.91 -9.01 0.10
CA ARG C 161 23.53 -9.60 0.26
C ARG C 161 22.53 -8.47 0.58
N THR C 162 22.07 -7.79 -0.44
CA THR C 162 21.10 -6.67 -0.23
C THR C 162 19.78 -7.21 0.31
N LEU C 163 19.17 -6.50 1.23
CA LEU C 163 17.88 -6.96 1.80
C LEU C 163 16.73 -6.22 1.10
N SER C 164 15.93 -6.93 0.36
CA SER C 164 14.78 -6.30 -0.37
C SER C 164 13.61 -7.28 -0.42
N LEU C 165 12.41 -6.78 -0.23
CA LEU C 165 11.22 -7.69 -0.26
C LEU C 165 10.13 -7.14 -1.21
N GLN C 166 9.03 -7.85 -1.33
CA GLN C 166 7.93 -7.38 -2.23
C GLN C 166 6.65 -8.19 -1.92
N VAL C 167 5.69 -7.58 -1.25
CA VAL C 167 4.42 -8.29 -0.91
C VAL C 167 3.26 -7.60 -1.63
N ALA C 168 2.12 -8.24 -1.69
CA ALA C 168 0.95 -7.63 -2.38
C ALA C 168 -0.28 -7.67 -1.47
N SER C 169 -0.81 -6.53 -1.10
CA SER C 169 -2.01 -6.52 -0.21
C SER C 169 -3.26 -6.87 -1.02
N ASN C 170 -4.35 -7.13 -0.36
CA ASN C 170 -5.62 -7.48 -1.08
C ASN C 170 -5.96 -6.42 -2.13
N PRO C 171 -6.74 -6.82 -3.11
CA PRO C 171 -7.17 -5.92 -4.20
C PRO C 171 -8.28 -5.00 -3.69
N ILE C 172 -7.94 -3.75 -3.42
CA ILE C 172 -8.96 -2.77 -2.93
C ILE C 172 -10.19 -2.81 -3.83
N GLU C 173 -11.34 -3.11 -3.26
CA GLU C 173 -12.60 -3.18 -4.05
C GLU C 173 -13.66 -2.28 -3.41
N CYS C 174 -13.84 -1.10 -3.95
CA CYS C 174 -14.86 -0.16 -3.40
C CYS C 174 -16.25 -0.52 -3.94
N SER C 175 -16.33 -1.30 -5.00
CA SER C 175 -17.65 -1.68 -5.59
C SER C 175 -18.52 -2.37 -4.53
N GLN C 176 -19.82 -2.28 -4.68
CA GLN C 176 -20.75 -2.91 -3.70
C GLN C 176 -21.27 -4.25 -4.27
N ARG C 177 -21.03 -4.53 -5.52
CA ARG C 177 -21.52 -5.81 -6.13
C ARG C 177 -20.74 -6.99 -5.52
N SER C 178 -21.43 -7.84 -4.80
CA SER C 178 -20.75 -9.03 -4.18
C SER C 178 -20.55 -10.12 -5.23
N MET C 1 -6.07 -16.15 -3.02
CA MET C 1 -6.84 -15.45 -4.08
C MET C 1 -5.96 -15.26 -5.33
N LYS C 2 -6.11 -16.13 -6.31
CA LYS C 2 -5.29 -16.03 -7.56
C LYS C 2 -3.80 -16.16 -7.21
N ASP C 3 -3.31 -17.37 -7.11
CA ASP C 3 -1.87 -17.56 -6.76
C ASP C 3 -1.07 -17.93 -8.03
N TRP C 4 -0.72 -16.94 -8.82
CA TRP C 4 0.06 -17.20 -10.07
C TRP C 4 1.47 -16.64 -9.90
N GLN C 5 2.00 -16.69 -8.70
CA GLN C 5 3.37 -16.19 -8.42
C GLN C 5 3.69 -16.44 -6.95
N LEU C 6 4.42 -17.49 -6.66
CA LEU C 6 4.75 -17.82 -5.25
C LEU C 6 6.19 -17.37 -4.93
N PRO C 7 6.33 -16.68 -3.81
CA PRO C 7 7.63 -16.18 -3.34
C PRO C 7 8.45 -17.29 -2.68
N SER C 8 9.70 -17.01 -2.41
CA SER C 8 10.59 -18.02 -1.75
C SER C 8 10.72 -17.70 -0.26
N HIS C 9 10.52 -16.45 0.13
CA HIS C 9 10.64 -16.04 1.57
C HIS C 9 12.04 -16.37 2.11
N SER C 10 12.34 -15.95 3.32
CA SER C 10 13.69 -16.27 3.91
C SER C 10 13.48 -17.14 5.15
N GLY C 11 14.54 -17.63 5.74
CA GLY C 11 14.39 -18.48 6.97
C GLY C 11 13.74 -17.63 8.07
N PRO C 12 14.57 -16.97 8.84
CA PRO C 12 14.12 -16.08 9.92
C PRO C 12 13.73 -14.69 9.39
N TYR C 13 13.71 -14.48 8.07
CA TYR C 13 13.32 -13.14 7.52
C TYR C 13 12.01 -13.26 6.75
N GLU C 14 11.23 -12.21 6.75
CA GLU C 14 9.93 -12.23 6.01
C GLU C 14 9.20 -10.88 6.18
N LEU C 15 8.67 -10.34 5.11
CA LEU C 15 7.93 -9.03 5.20
C LEU C 15 6.43 -9.27 5.01
N ARG C 16 5.72 -9.53 6.08
CA ARG C 16 4.25 -9.78 5.95
C ARG C 16 3.47 -8.69 6.69
N ILE C 17 2.32 -8.36 6.18
CA ILE C 17 1.46 -7.31 6.82
C ILE C 17 0.86 -7.86 8.12
N GLU C 18 0.87 -7.06 9.17
CA GLU C 18 0.31 -7.53 10.47
C GLU C 18 -1.22 -7.36 10.46
N VAL C 19 -1.76 -6.44 11.22
CA VAL C 19 -3.24 -6.25 11.24
C VAL C 19 -3.72 -5.85 9.83
N GLN C 20 -4.26 -6.79 9.09
CA GLN C 20 -4.74 -6.52 7.72
C GLN C 20 -6.17 -5.96 7.76
N PRO C 21 -6.41 -4.92 7.00
CA PRO C 21 -7.73 -4.27 6.94
C PRO C 21 -8.70 -5.09 6.06
N LYS C 22 -9.82 -4.54 5.71
CA LYS C 22 -10.82 -5.27 4.87
C LYS C 22 -10.46 -5.08 3.39
N SER C 23 -10.75 -6.07 2.58
CA SER C 23 -10.47 -5.95 1.11
C SER C 23 -11.57 -5.14 0.42
N HIS C 24 -12.53 -4.65 1.18
CA HIS C 24 -13.64 -3.85 0.57
C HIS C 24 -13.67 -2.46 1.20
N HIS C 25 -12.51 -1.83 1.31
CA HIS C 25 -12.44 -0.45 1.91
C HIS C 25 -13.35 0.47 1.09
N ARG C 26 -13.99 1.42 1.73
CA ARG C 26 -14.90 2.33 0.98
C ARG C 26 -14.37 3.77 1.02
N ALA C 27 -13.97 4.28 -0.11
CA ALA C 27 -13.45 5.68 -0.19
C ALA C 27 -14.62 6.61 -0.55
N ARG C 28 -14.35 7.86 -0.84
CA ARG C 28 -15.46 8.80 -1.19
C ARG C 28 -15.08 9.63 -2.42
N TYR C 29 -16.06 10.08 -3.15
CA TYR C 29 -15.82 10.90 -4.36
C TYR C 29 -15.11 12.20 -3.98
N GLU C 30 -14.08 12.55 -4.69
CA GLU C 30 -13.37 13.82 -4.39
C GLU C 30 -14.35 14.98 -4.66
N THR C 31 -15.38 14.74 -5.45
CA THR C 31 -16.40 15.79 -5.75
C THR C 31 -17.28 16.00 -4.51
N GLU C 32 -17.58 14.94 -3.79
CA GLU C 32 -18.42 15.06 -2.57
C GLU C 32 -17.54 15.27 -1.31
N GLY C 33 -16.31 15.66 -1.50
CA GLY C 33 -15.39 15.90 -0.35
C GLY C 33 -14.42 14.72 -0.20
N SER C 34 -14.24 14.26 1.02
CA SER C 34 -13.32 13.10 1.27
C SER C 34 -13.59 12.51 2.66
N ARG C 35 -13.59 11.20 2.77
CA ARG C 35 -13.85 10.55 4.09
C ARG C 35 -12.50 10.17 4.73
N GLY C 36 -12.49 9.17 5.58
CA GLY C 36 -11.20 8.75 6.24
C GLY C 36 -10.95 7.27 5.95
N ALA C 37 -9.78 6.95 5.42
CA ALA C 37 -9.46 5.53 5.10
C ALA C 37 -8.82 4.86 6.31
N VAL C 38 -9.61 4.58 7.32
CA VAL C 38 -9.07 3.91 8.54
C VAL C 38 -10.20 3.09 9.20
N LYS C 39 -10.41 1.90 8.70
CA LYS C 39 -11.48 1.00 9.25
C LYS C 39 -11.21 -0.44 8.83
N ALA C 40 -11.63 -1.38 9.64
CA ALA C 40 -11.43 -2.83 9.30
C ALA C 40 -11.81 -3.70 10.51
N SER C 41 -11.95 -4.99 10.30
CA SER C 41 -12.30 -5.93 11.41
C SER C 41 -11.39 -5.68 12.64
N ALA C 42 -10.22 -5.13 12.42
CA ALA C 42 -9.28 -4.83 13.54
C ALA C 42 -9.84 -3.65 14.37
N GLY C 43 -9.03 -2.67 14.72
CA GLY C 43 -9.54 -1.52 15.52
C GLY C 43 -9.48 -0.23 14.68
N GLY C 44 -9.55 -0.34 13.37
CA GLY C 44 -9.50 0.87 12.50
C GLY C 44 -8.04 1.31 12.31
N HIS C 45 -7.23 0.46 11.70
CA HIS C 45 -5.79 0.82 11.44
C HIS C 45 -5.01 -0.45 11.01
N PRO C 46 -4.69 -0.51 9.74
CA PRO C 46 -3.92 -1.64 9.17
C PRO C 46 -2.43 -1.51 9.53
N ILE C 47 -1.72 -2.62 9.60
CA ILE C 47 -0.29 -2.55 9.97
C ILE C 47 0.57 -3.40 9.03
N VAL C 48 1.82 -3.02 8.86
CA VAL C 48 2.76 -3.78 7.98
C VAL C 48 4.10 -3.89 8.72
N GLN C 49 4.56 -5.09 8.99
CA GLN C 49 5.84 -5.24 9.74
C GLN C 49 6.77 -6.25 9.06
N LEU C 50 8.06 -6.01 9.11
CA LEU C 50 9.05 -6.94 8.50
C LEU C 50 9.88 -7.57 9.63
N HIS C 51 9.98 -8.86 9.66
CA HIS C 51 10.78 -9.54 10.72
C HIS C 51 11.90 -10.36 10.04
N GLY C 52 13.14 -10.00 10.29
CA GLY C 52 14.27 -10.73 9.66
C GLY C 52 15.60 -9.99 9.91
N TYR C 53 15.65 -8.71 9.57
CA TYR C 53 16.91 -7.92 9.76
C TYR C 53 17.49 -8.14 11.17
N LEU C 54 18.76 -8.43 11.25
CA LEU C 54 19.42 -8.65 12.59
C LEU C 54 20.60 -7.68 12.77
N GLU C 55 20.62 -6.59 12.03
CA GLU C 55 21.73 -5.60 12.14
C GLU C 55 21.23 -4.34 12.87
N ASN C 56 22.14 -3.45 13.22
CA ASN C 56 21.74 -2.19 13.93
C ASN C 56 21.28 -1.13 12.90
N GLU C 57 21.23 -1.48 11.63
CA GLU C 57 20.79 -0.53 10.59
C GLU C 57 19.25 -0.57 10.48
N PRO C 58 18.65 0.58 10.29
CA PRO C 58 17.17 0.69 10.18
C PRO C 58 16.69 0.13 8.82
N LEU C 59 15.46 0.37 8.47
CA LEU C 59 14.93 -0.17 7.17
C LEU C 59 14.39 0.98 6.31
N MET C 60 14.24 0.75 5.03
CA MET C 60 13.71 1.81 4.12
C MET C 60 12.57 1.22 3.29
N LEU C 61 11.54 0.76 3.95
CA LEU C 61 10.37 0.15 3.22
C LEU C 61 9.72 1.19 2.30
N GLN C 62 9.33 0.76 1.13
CA GLN C 62 8.65 1.68 0.17
C GLN C 62 7.31 1.05 -0.24
N LEU C 63 6.35 1.89 -0.52
CA LEU C 63 5.01 1.39 -0.93
C LEU C 63 4.80 1.63 -2.43
N PHE C 64 4.05 0.76 -3.06
CA PHE C 64 3.77 0.89 -4.51
C PHE C 64 2.35 0.36 -4.77
N ILE C 65 1.47 1.19 -5.28
CA ILE C 65 0.08 0.71 -5.54
C ILE C 65 0.02 0.01 -6.91
N GLY C 66 -0.71 -1.07 -6.99
CA GLY C 66 -0.85 -1.82 -8.27
C GLY C 66 -2.33 -2.11 -8.51
N THR C 67 -2.90 -1.55 -9.56
CA THR C 67 -4.36 -1.77 -9.87
C THR C 67 -4.78 -3.23 -9.63
N ALA C 68 -6.02 -3.44 -9.27
CA ALA C 68 -6.51 -4.83 -9.02
C ALA C 68 -7.05 -5.42 -10.33
N ASP C 69 -6.17 -5.78 -11.22
CA ASP C 69 -6.60 -6.36 -12.53
C ASP C 69 -6.80 -7.89 -12.38
N ASP C 70 -6.53 -8.63 -13.44
CA ASP C 70 -6.71 -10.12 -13.38
C ASP C 70 -5.35 -10.84 -13.46
N ARG C 71 -4.44 -10.37 -14.29
CA ARG C 71 -3.11 -11.03 -14.43
C ARG C 71 -2.02 -10.18 -13.73
N LEU C 72 -0.89 -9.96 -14.38
CA LEU C 72 0.21 -9.14 -13.77
C LEU C 72 -0.35 -7.78 -13.35
N LEU C 73 0.22 -7.19 -12.32
CA LEU C 73 -0.26 -5.85 -11.84
C LEU C 73 -0.30 -4.85 -13.00
N ARG C 74 -0.98 -3.75 -12.80
CA ARG C 74 -1.10 -2.71 -13.86
C ARG C 74 -0.89 -1.32 -13.24
N PRO C 75 -0.90 -0.30 -14.07
CA PRO C 75 -0.75 1.09 -13.60
C PRO C 75 -2.07 1.54 -12.96
N HIS C 76 -2.12 1.51 -11.65
CA HIS C 76 -3.37 1.88 -10.92
C HIS C 76 -3.92 3.23 -11.41
N ALA C 77 -5.19 3.49 -11.19
CA ALA C 77 -5.79 4.78 -11.66
C ALA C 77 -5.36 5.94 -10.75
N PHE C 78 -6.23 6.43 -9.89
CA PHE C 78 -5.85 7.57 -9.00
C PHE C 78 -6.39 7.32 -7.57
N TYR C 79 -6.23 6.11 -7.09
CA TYR C 79 -6.70 5.77 -5.70
C TYR C 79 -5.73 6.36 -4.67
N GLN C 80 -5.53 7.66 -4.70
CA GLN C 80 -4.58 8.30 -3.75
C GLN C 80 -5.25 9.48 -3.03
N VAL C 81 -4.99 9.60 -1.75
CA VAL C 81 -5.56 10.73 -0.93
C VAL C 81 -4.85 10.78 0.42
N HIS C 82 -4.94 11.88 1.11
CA HIS C 82 -4.27 12.02 2.43
C HIS C 82 -5.30 11.74 3.54
N ARG C 83 -4.85 11.28 4.68
CA ARG C 83 -5.78 11.00 5.81
C ARG C 83 -6.45 12.29 6.27
N ILE C 84 -7.35 12.20 7.22
CA ILE C 84 -8.05 13.41 7.73
C ILE C 84 -8.38 13.21 9.22
N THR C 85 -7.42 13.45 10.07
CA THR C 85 -7.64 13.28 11.53
C THR C 85 -6.40 13.78 12.28
N GLY C 86 -6.31 15.08 12.50
CA GLY C 86 -5.14 15.66 13.23
C GLY C 86 -5.08 15.05 14.64
N LYS C 87 -4.34 13.98 14.80
CA LYS C 87 -4.24 13.32 16.12
C LYS C 87 -2.76 13.29 16.53
N THR C 88 -2.00 12.35 15.99
CA THR C 88 -0.54 12.24 16.33
C THR C 88 0.03 10.96 15.70
N VAL C 89 0.05 10.88 14.39
CA VAL C 89 0.59 9.66 13.71
C VAL C 89 1.93 10.00 13.04
N SER C 90 3.00 10.04 13.80
CA SER C 90 4.34 10.33 13.22
C SER C 90 5.03 9.03 12.77
N THR C 91 4.45 7.89 13.09
CA THR C 91 5.06 6.58 12.68
C THR C 91 5.09 6.48 11.15
N THR C 92 3.99 6.82 10.50
CA THR C 92 3.94 6.76 9.00
C THR C 92 4.98 7.71 8.39
N SER C 93 5.05 7.78 7.09
CA SER C 93 6.06 8.68 6.44
C SER C 93 5.42 9.48 5.29
N HIS C 94 6.24 9.98 4.38
CA HIS C 94 5.72 10.80 3.24
C HIS C 94 5.42 9.93 2.01
N GLU C 95 4.88 10.53 0.98
CA GLU C 95 4.54 9.76 -0.27
C GLU C 95 5.11 10.50 -1.50
N ALA C 96 5.49 9.76 -2.53
CA ALA C 96 6.04 10.40 -3.76
C ALA C 96 5.10 10.11 -4.95
N ILE C 97 3.97 10.78 -4.99
CA ILE C 97 3.00 10.56 -6.11
C ILE C 97 3.57 11.13 -7.42
N LEU C 98 3.29 10.47 -8.51
CA LEU C 98 3.80 10.91 -9.84
C LEU C 98 2.68 10.75 -10.89
N SER C 99 2.79 11.42 -12.01
CA SER C 99 1.77 11.34 -13.10
C SER C 99 1.40 9.87 -13.40
N ASN C 100 0.35 9.38 -12.78
CA ASN C 100 -0.10 7.96 -12.99
C ASN C 100 0.82 7.00 -12.24
N THR C 101 1.21 7.35 -11.04
CA THR C 101 2.10 6.49 -10.22
C THR C 101 1.86 6.78 -8.73
N LYS C 102 1.56 5.78 -7.95
CA LYS C 102 1.30 5.99 -6.50
C LYS C 102 2.32 5.21 -5.67
N VAL C 103 3.13 5.90 -4.91
CA VAL C 103 4.15 5.23 -4.05
C VAL C 103 4.27 5.98 -2.72
N LEU C 104 4.56 5.27 -1.66
CA LEU C 104 4.69 5.93 -0.33
C LEU C 104 6.04 5.54 0.29
N GLU C 105 6.95 6.48 0.39
CA GLU C 105 8.28 6.18 1.00
C GLU C 105 8.11 6.11 2.52
N ILE C 106 8.38 4.98 3.11
CA ILE C 106 8.22 4.84 4.59
C ILE C 106 9.40 4.07 5.18
N PRO C 107 10.39 4.80 5.64
CA PRO C 107 11.59 4.22 6.27
C PRO C 107 11.25 3.73 7.68
N LEU C 108 11.71 2.56 8.05
CA LEU C 108 11.41 2.02 9.40
C LEU C 108 12.34 2.67 10.43
N LEU C 109 11.81 2.96 11.60
CA LEU C 109 12.65 3.60 12.67
C LEU C 109 13.60 2.54 13.26
N PRO C 110 14.51 2.97 14.11
CA PRO C 110 15.50 2.07 14.74
C PRO C 110 14.86 1.22 15.86
N GLU C 111 14.52 1.83 16.96
CA GLU C 111 13.89 1.06 18.08
C GLU C 111 12.37 1.27 18.06
N ASN C 112 11.76 0.99 16.94
CA ASN C 112 10.29 1.14 16.83
C ASN C 112 9.72 -0.26 16.59
N SER C 113 10.39 -1.29 17.11
CA SER C 113 9.94 -2.70 16.91
C SER C 113 9.93 -3.00 15.40
N MET C 114 10.79 -2.33 14.64
CA MET C 114 10.87 -2.55 13.14
C MET C 114 9.46 -2.75 12.58
N ARG C 115 8.54 -1.91 12.99
CA ARG C 115 7.12 -2.03 12.52
C ARG C 115 6.64 -0.72 11.91
N ALA C 116 5.71 -0.81 10.98
CA ALA C 116 5.15 0.41 10.33
C ALA C 116 3.62 0.32 10.37
N VAL C 117 2.98 1.24 11.07
CA VAL C 117 1.49 1.22 11.18
C VAL C 117 0.88 2.19 10.17
N ILE C 118 -0.27 1.86 9.66
CA ILE C 118 -0.96 2.75 8.67
C ILE C 118 -2.07 3.53 9.40
N ASP C 119 -1.81 4.76 9.76
CA ASP C 119 -2.84 5.59 10.46
C ASP C 119 -2.81 7.02 9.90
N CYS C 120 -2.32 7.19 8.69
CA CYS C 120 -2.26 8.53 8.05
C CYS C 120 -2.36 8.38 6.51
N ALA C 121 -2.91 7.28 6.04
CA ALA C 121 -3.04 7.07 4.56
C ALA C 121 -4.51 7.27 4.17
N GLY C 122 -4.75 8.13 3.19
CA GLY C 122 -6.15 8.39 2.76
C GLY C 122 -6.48 7.56 1.51
N ILE C 123 -7.70 7.12 1.39
CA ILE C 123 -8.11 6.30 0.20
C ILE C 123 -9.06 7.14 -0.67
N LEU C 124 -8.88 7.10 -1.97
CA LEU C 124 -9.74 7.93 -2.87
C LEU C 124 -10.66 7.06 -3.72
N LYS C 125 -11.87 7.52 -3.97
CA LYS C 125 -12.81 6.74 -4.84
C LYS C 125 -12.55 7.17 -6.30
N LEU C 126 -12.46 6.23 -7.20
CA LEU C 126 -12.18 6.58 -8.62
C LEU C 126 -13.48 6.86 -9.37
N ARG C 127 -13.72 8.12 -9.69
CA ARG C 127 -14.95 8.50 -10.44
C ARG C 127 -14.74 8.13 -11.92
N ASN C 128 -15.14 6.92 -12.29
CA ASN C 128 -14.98 6.43 -13.71
C ASN C 128 -15.24 7.55 -14.73
N SER C 129 -16.40 8.16 -14.69
CA SER C 129 -16.73 9.26 -15.66
C SER C 129 -15.56 10.25 -15.75
N ASP C 130 -14.98 10.63 -14.63
CA ASP C 130 -13.83 11.59 -14.63
C ASP C 130 -12.55 10.86 -15.07
N ILE C 131 -12.48 9.55 -14.88
CA ILE C 131 -11.26 8.78 -15.30
C ILE C 131 -11.28 8.60 -16.83
N GLU C 132 -12.34 8.98 -17.49
CA GLU C 132 -12.44 8.83 -18.98
C GLU C 132 -12.55 10.23 -19.64
N LEU C 133 -12.81 11.26 -18.86
CA LEU C 133 -12.92 12.64 -19.43
C LEU C 133 -11.71 13.49 -19.03
N ARG C 134 -11.01 13.11 -17.97
CA ARG C 134 -9.81 13.91 -17.53
C ARG C 134 -8.73 13.85 -18.62
N LYS C 135 -8.79 12.87 -19.49
CA LYS C 135 -7.76 12.72 -20.56
C LYS C 135 -6.38 12.56 -19.91
N GLY C 136 -6.25 11.55 -19.08
CA GLY C 136 -4.96 11.29 -18.42
C GLY C 136 -4.23 10.26 -19.24
N GLU C 137 -4.63 9.02 -19.11
CA GLU C 137 -4.00 7.91 -19.86
C GLU C 137 -5.09 7.17 -20.65
N THR C 138 -4.89 5.90 -20.97
CA THR C 138 -5.93 5.14 -21.74
C THR C 138 -7.28 5.32 -21.05
N ASP C 139 -7.47 4.67 -19.91
CA ASP C 139 -8.74 4.79 -19.14
C ASP C 139 -8.83 3.66 -18.10
N ILE C 140 -9.47 3.89 -16.99
CA ILE C 140 -9.60 2.81 -15.97
C ILE C 140 -10.85 1.97 -16.28
N GLY C 141 -11.55 2.30 -17.34
CA GLY C 141 -12.77 1.51 -17.73
C GLY C 141 -13.88 1.69 -16.69
N ARG C 142 -15.11 1.73 -17.15
CA ARG C 142 -16.27 1.89 -16.21
C ARG C 142 -16.44 0.61 -15.36
N LYS C 143 -15.76 -0.46 -15.70
CA LYS C 143 -15.90 -1.72 -14.92
C LYS C 143 -14.59 -2.04 -14.16
N ASN C 144 -13.88 -1.03 -13.72
CA ASN C 144 -12.61 -1.27 -12.97
C ASN C 144 -12.44 -0.23 -11.85
N THR C 145 -13.10 -0.43 -10.74
CA THR C 145 -12.99 0.51 -9.59
C THR C 145 -12.32 -0.23 -8.41
N ARG C 146 -11.13 -0.73 -8.63
CA ARG C 146 -10.40 -1.47 -7.56
C ARG C 146 -8.88 -1.40 -7.79
N VAL C 147 -8.11 -1.39 -6.73
CA VAL C 147 -6.61 -1.33 -6.87
C VAL C 147 -5.96 -2.28 -5.85
N ARG C 148 -4.65 -2.33 -5.80
CA ARG C 148 -3.95 -3.24 -4.83
C ARG C 148 -2.72 -2.54 -4.24
N LEU C 149 -2.22 -3.04 -3.13
CA LEU C 149 -1.02 -2.40 -2.50
C LEU C 149 0.20 -3.29 -2.73
N VAL C 150 1.38 -2.70 -2.82
CA VAL C 150 2.62 -3.52 -3.02
C VAL C 150 3.73 -2.96 -2.13
N PHE C 151 4.07 -3.68 -1.08
CA PHE C 151 5.14 -3.20 -0.14
C PHE C 151 6.48 -3.80 -0.57
N ARG C 152 7.38 -2.99 -1.04
CA ARG C 152 8.71 -3.50 -1.49
C ARG C 152 9.80 -3.02 -0.52
N VAL C 153 10.64 -3.92 -0.07
CA VAL C 153 11.74 -3.53 0.88
C VAL C 153 13.10 -3.76 0.20
N HIS C 154 14.09 -3.01 0.60
CA HIS C 154 15.45 -3.15 0.00
C HIS C 154 16.51 -2.82 1.06
N VAL C 155 16.96 -3.81 1.78
CA VAL C 155 18.01 -3.57 2.82
C VAL C 155 19.10 -4.64 2.67
N PRO C 156 20.24 -4.23 2.14
CA PRO C 156 21.39 -5.13 1.92
C PRO C 156 22.09 -5.44 3.24
N GLN C 157 22.48 -6.67 3.41
CA GLN C 157 23.19 -7.08 4.66
C GLN C 157 24.70 -6.97 4.46
N PRO C 158 25.36 -6.33 5.40
CA PRO C 158 26.82 -6.14 5.36
C PRO C 158 27.54 -7.45 5.74
N SER C 159 26.82 -8.46 6.19
CA SER C 159 27.48 -9.75 6.57
C SER C 159 26.42 -10.84 6.82
N GLY C 160 25.71 -11.26 5.80
CA GLY C 160 24.67 -12.31 5.98
C GLY C 160 23.99 -12.58 4.64
N ARG C 161 23.07 -11.74 4.26
CA ARG C 161 22.35 -11.92 2.96
C ARG C 161 21.41 -10.73 2.72
N THR C 162 21.46 -10.17 1.53
CA THR C 162 20.59 -9.00 1.18
C THR C 162 19.13 -9.29 1.56
N LEU C 163 18.47 -8.32 2.12
CA LEU C 163 17.04 -8.50 2.53
C LEU C 163 16.15 -7.64 1.63
N SER C 164 15.63 -8.23 0.57
CA SER C 164 14.74 -7.46 -0.37
C SER C 164 13.39 -8.15 -0.44
N LEU C 165 12.32 -7.40 -0.22
CA LEU C 165 10.95 -8.01 -0.26
C LEU C 165 10.05 -7.27 -1.24
N GLN C 166 8.89 -7.83 -1.49
CA GLN C 166 7.91 -7.19 -2.42
C GLN C 166 6.60 -8.00 -2.35
N VAL C 167 5.71 -7.62 -1.46
CA VAL C 167 4.43 -8.35 -1.32
C VAL C 167 3.27 -7.45 -1.75
N ALA C 168 2.11 -8.02 -2.01
CA ALA C 168 0.95 -7.20 -2.43
C ALA C 168 -0.20 -7.37 -1.42
N SER C 169 -0.68 -6.28 -0.88
CA SER C 169 -1.79 -6.35 0.11
C SER C 169 -3.11 -6.62 -0.61
N ASN C 170 -4.18 -6.81 0.13
CA ASN C 170 -5.51 -7.08 -0.50
C ASN C 170 -5.88 -5.92 -1.42
N PRO C 171 -6.66 -6.22 -2.43
CA PRO C 171 -7.09 -5.23 -3.44
C PRO C 171 -8.18 -4.30 -2.89
N ILE C 172 -7.97 -3.00 -2.97
CA ILE C 172 -8.99 -2.02 -2.50
C ILE C 172 -10.23 -2.16 -3.39
N GLU C 173 -11.36 -2.50 -2.80
CA GLU C 173 -12.61 -2.66 -3.61
C GLU C 173 -13.67 -1.70 -3.08
N CYS C 174 -13.94 -0.65 -3.82
CA CYS C 174 -14.97 0.35 -3.40
C CYS C 174 -16.33 0.00 -4.04
N SER C 175 -16.31 -0.70 -5.16
CA SER C 175 -17.58 -1.08 -5.85
C SER C 175 -18.42 -1.99 -4.94
N GLN C 176 -19.72 -1.86 -5.00
CA GLN C 176 -20.62 -2.72 -4.16
C GLN C 176 -20.50 -4.18 -4.61
N ARG C 177 -20.78 -4.45 -5.86
CA ARG C 177 -20.68 -5.86 -6.38
C ARG C 177 -19.21 -6.20 -6.65
N SER C 178 -18.84 -7.45 -6.44
CA SER C 178 -17.42 -7.88 -6.69
C SER C 178 -17.25 -8.19 -8.18
N MET C 1 -2.11 -19.28 4.69
CA MET C 1 -0.83 -18.98 3.97
C MET C 1 -1.10 -18.68 2.49
N LYS C 2 -2.04 -19.37 1.87
CA LYS C 2 -2.37 -19.14 0.42
C LYS C 2 -1.23 -19.65 -0.46
N ASP C 3 -1.52 -20.57 -1.34
CA ASP C 3 -0.46 -21.11 -2.24
C ASP C 3 -0.87 -20.90 -3.71
N TRP C 4 -0.62 -19.74 -4.23
CA TRP C 4 -0.98 -19.43 -5.64
C TRP C 4 0.32 -19.17 -6.42
N GLN C 5 1.33 -20.00 -6.19
CA GLN C 5 2.63 -19.84 -6.89
C GLN C 5 3.18 -18.42 -6.65
N LEU C 6 3.51 -18.12 -5.42
CA LEU C 6 4.04 -16.78 -5.06
C LEU C 6 4.99 -16.90 -3.85
N PRO C 7 6.26 -16.64 -4.07
CA PRO C 7 7.29 -16.72 -3.02
C PRO C 7 7.20 -15.50 -2.08
N SER C 8 7.86 -14.42 -2.44
CA SER C 8 7.85 -13.18 -1.58
C SER C 8 8.76 -13.35 -0.35
N HIS C 9 9.34 -14.52 -0.18
CA HIS C 9 10.24 -14.75 0.98
C HIS C 9 11.70 -14.68 0.53
N SER C 10 12.63 -14.69 1.45
CA SER C 10 14.08 -14.62 1.08
C SER C 10 14.89 -15.52 2.01
N GLY C 11 14.58 -16.80 2.03
CA GLY C 11 15.33 -17.76 2.91
C GLY C 11 15.07 -17.41 4.39
N PRO C 12 16.10 -16.99 5.08
CA PRO C 12 16.02 -16.62 6.50
C PRO C 12 15.35 -15.25 6.67
N TYR C 13 15.33 -14.43 5.64
CA TYR C 13 14.67 -13.09 5.76
C TYR C 13 13.22 -13.20 5.27
N GLU C 14 12.37 -12.29 5.68
CA GLU C 14 10.94 -12.34 5.23
C GLU C 14 10.20 -11.06 5.64
N LEU C 15 9.75 -10.31 4.66
CA LEU C 15 8.99 -9.06 4.95
C LEU C 15 7.51 -9.33 4.69
N ARG C 16 6.68 -9.28 5.71
CA ARG C 16 5.23 -9.57 5.52
C ARG C 16 4.37 -8.53 6.26
N ILE C 17 3.07 -8.57 6.04
CA ILE C 17 2.13 -7.61 6.69
C ILE C 17 1.49 -8.27 7.92
N GLU C 18 1.42 -7.56 9.03
CA GLU C 18 0.81 -8.13 10.25
C GLU C 18 -0.73 -8.05 10.12
N VAL C 19 -1.41 -7.21 10.88
CA VAL C 19 -2.90 -7.12 10.75
C VAL C 19 -3.26 -6.63 9.35
N GLN C 20 -3.58 -7.54 8.46
CA GLN C 20 -3.94 -7.14 7.05
C GLN C 20 -5.42 -6.73 6.99
N PRO C 21 -5.71 -5.76 6.15
CA PRO C 21 -7.08 -5.24 5.98
C PRO C 21 -7.93 -6.22 5.14
N LYS C 22 -9.23 -6.23 5.35
CA LYS C 22 -10.11 -7.15 4.57
C LYS C 22 -10.04 -6.81 3.08
N SER C 23 -10.38 -7.76 2.23
CA SER C 23 -10.33 -7.51 0.75
C SER C 23 -11.36 -6.46 0.33
N HIS C 24 -12.17 -5.98 1.26
CA HIS C 24 -13.19 -4.94 0.91
C HIS C 24 -12.74 -3.61 1.56
N HIS C 25 -13.02 -2.50 0.90
CA HIS C 25 -12.62 -1.17 1.46
C HIS C 25 -13.53 -0.09 0.87
N ARG C 26 -14.00 0.83 1.68
CA ARG C 26 -14.90 1.91 1.15
C ARG C 26 -14.13 3.24 1.07
N ALA C 27 -13.91 3.72 -0.13
CA ALA C 27 -13.21 5.03 -0.29
C ALA C 27 -14.25 6.15 -0.40
N ARG C 28 -13.86 7.33 -0.81
CA ARG C 28 -14.84 8.46 -0.91
C ARG C 28 -14.79 9.07 -2.33
N TYR C 29 -15.09 10.34 -2.46
CA TYR C 29 -15.08 10.98 -3.82
C TYR C 29 -14.64 12.43 -3.70
N GLU C 30 -14.02 12.96 -4.73
CA GLU C 30 -13.63 14.39 -4.70
C GLU C 30 -14.91 15.23 -4.71
N THR C 31 -15.99 14.67 -5.21
CA THR C 31 -17.30 15.40 -5.26
C THR C 31 -17.97 15.34 -3.88
N GLU C 32 -17.63 14.37 -3.05
CA GLU C 32 -18.27 14.26 -1.70
C GLU C 32 -17.26 14.51 -0.57
N GLY C 33 -16.15 15.13 -0.88
CA GLY C 33 -15.12 15.44 0.18
C GLY C 33 -14.18 14.25 0.39
N SER C 34 -14.14 13.70 1.59
CA SER C 34 -13.23 12.56 1.87
C SER C 34 -13.49 12.00 3.29
N ARG C 35 -13.04 10.79 3.55
CA ARG C 35 -13.22 10.16 4.90
C ARG C 35 -11.92 9.42 5.29
N GLY C 36 -12.02 8.45 6.19
CA GLY C 36 -10.79 7.70 6.62
C GLY C 36 -10.65 6.41 5.81
N ALA C 37 -9.43 5.97 5.59
CA ALA C 37 -9.20 4.71 4.81
C ALA C 37 -8.89 3.54 5.75
N VAL C 38 -9.88 3.11 6.51
CA VAL C 38 -9.67 1.96 7.45
C VAL C 38 -10.97 1.14 7.49
N LYS C 39 -11.26 0.41 6.44
CA LYS C 39 -12.50 -0.41 6.39
C LYS C 39 -12.16 -1.87 6.70
N ALA C 40 -12.97 -2.50 7.51
CA ALA C 40 -12.76 -3.91 7.89
C ALA C 40 -13.96 -4.41 8.70
N SER C 41 -14.09 -5.70 8.87
CA SER C 41 -15.24 -6.29 9.65
C SER C 41 -15.61 -5.37 10.82
N ALA C 42 -14.63 -4.96 11.59
CA ALA C 42 -14.90 -4.05 12.74
C ALA C 42 -13.60 -3.37 13.14
N GLY C 43 -12.59 -4.13 13.50
CA GLY C 43 -11.28 -3.56 13.89
C GLY C 43 -10.17 -4.41 13.27
N GLY C 44 -9.36 -3.82 12.41
CA GLY C 44 -8.25 -4.60 11.77
C GLY C 44 -7.44 -3.70 10.84
N HIS C 45 -7.06 -2.53 11.30
CA HIS C 45 -6.24 -1.59 10.45
C HIS C 45 -5.02 -2.36 9.91
N PRO C 46 -4.59 -1.97 8.73
CA PRO C 46 -3.44 -2.60 8.05
C PRO C 46 -2.10 -2.29 8.73
N ILE C 47 -1.27 -3.30 8.86
CA ILE C 47 0.07 -3.13 9.49
C ILE C 47 1.14 -3.83 8.64
N VAL C 48 2.37 -3.39 8.72
CA VAL C 48 3.46 -4.04 7.94
C VAL C 48 4.63 -4.35 8.88
N GLN C 49 4.90 -5.60 9.13
CA GLN C 49 6.01 -5.98 10.05
C GLN C 49 7.06 -6.80 9.30
N LEU C 50 8.23 -6.24 9.09
CA LEU C 50 9.32 -6.99 8.38
C LEU C 50 10.11 -7.82 9.38
N HIS C 51 10.49 -9.02 8.98
CA HIS C 51 11.28 -9.91 9.88
C HIS C 51 12.37 -10.62 9.05
N GLY C 52 13.59 -10.16 9.13
CA GLY C 52 14.69 -10.80 8.36
C GLY C 52 15.99 -10.00 8.51
N TYR C 53 15.98 -8.78 8.06
CA TYR C 53 17.22 -7.94 8.13
C TYR C 53 17.69 -7.74 9.58
N LEU C 54 18.98 -7.91 9.81
CA LEU C 54 19.57 -7.71 11.18
C LEU C 54 20.98 -7.10 11.05
N GLU C 55 21.22 -6.35 9.99
CA GLU C 55 22.56 -5.73 9.78
C GLU C 55 22.65 -4.38 10.53
N ASN C 56 23.82 -3.76 10.52
CA ASN C 56 23.97 -2.44 11.22
C ASN C 56 23.53 -1.31 10.28
N GLU C 57 23.02 -1.63 9.12
CA GLU C 57 22.56 -0.60 8.14
C GLU C 57 21.02 -0.48 8.26
N PRO C 58 20.52 0.72 8.13
CA PRO C 58 19.06 0.97 8.23
C PRO C 58 18.33 0.45 6.97
N LEU C 59 17.02 0.48 6.98
CA LEU C 59 16.24 -0.02 5.80
C LEU C 59 15.36 1.10 5.25
N MET C 60 15.07 1.05 3.97
CA MET C 60 14.21 2.08 3.34
C MET C 60 13.02 1.39 2.65
N LEU C 61 11.83 1.59 3.17
CA LEU C 61 10.63 0.95 2.58
C LEU C 61 9.84 1.98 1.77
N GLN C 62 9.29 1.55 0.66
CA GLN C 62 8.48 2.48 -0.19
C GLN C 62 7.12 1.86 -0.47
N LEU C 63 6.15 2.69 -0.71
CA LEU C 63 4.78 2.21 -1.02
C LEU C 63 4.56 2.33 -2.52
N PHE C 64 4.00 1.30 -3.12
CA PHE C 64 3.74 1.33 -4.59
C PHE C 64 2.31 0.84 -4.84
N ILE C 65 1.41 1.74 -5.11
CA ILE C 65 0.01 1.31 -5.38
C ILE C 65 -0.13 1.01 -6.88
N GLY C 66 -0.73 -0.09 -7.22
CA GLY C 66 -0.90 -0.45 -8.65
C GLY C 66 -2.32 -0.95 -8.90
N THR C 67 -3.01 -0.33 -9.82
CA THR C 67 -4.43 -0.73 -10.14
C THR C 67 -4.57 -2.27 -10.15
N ALA C 68 -5.72 -2.75 -9.73
CA ALA C 68 -5.93 -4.22 -9.68
C ALA C 68 -6.77 -4.66 -10.90
N ASP C 69 -6.14 -4.78 -12.03
CA ASP C 69 -6.87 -5.21 -13.27
C ASP C 69 -6.91 -6.74 -13.34
N ASP C 70 -7.35 -7.27 -14.46
CA ASP C 70 -7.43 -8.76 -14.61
C ASP C 70 -6.15 -9.30 -15.27
N ARG C 71 -5.33 -8.44 -15.83
CA ARG C 71 -4.07 -8.89 -16.47
C ARG C 71 -2.87 -8.16 -15.83
N LEU C 72 -1.94 -7.65 -16.60
CA LEU C 72 -0.76 -6.93 -16.02
C LEU C 72 -1.21 -5.68 -15.28
N LEU C 73 -0.47 -5.28 -14.27
CA LEU C 73 -0.85 -4.05 -13.50
C LEU C 73 -0.77 -2.82 -14.42
N ARG C 74 -1.31 -1.71 -13.98
CA ARG C 74 -1.31 -0.47 -14.80
C ARG C 74 -0.98 0.75 -13.91
N PRO C 75 -0.94 1.92 -14.50
CA PRO C 75 -0.63 3.16 -13.75
C PRO C 75 -1.80 3.54 -12.85
N HIS C 76 -1.57 3.50 -11.55
CA HIS C 76 -2.61 3.83 -10.53
C HIS C 76 -3.48 5.02 -10.97
N ALA C 77 -4.75 4.96 -10.65
CA ALA C 77 -5.69 6.07 -11.01
C ALA C 77 -5.41 7.31 -10.13
N PHE C 78 -6.20 7.54 -9.09
CA PHE C 78 -5.96 8.72 -8.23
C PHE C 78 -6.41 8.44 -6.77
N TYR C 79 -6.20 7.24 -6.26
CA TYR C 79 -6.61 6.94 -4.85
C TYR C 79 -5.63 7.64 -3.88
N GLN C 80 -5.63 8.96 -3.88
CA GLN C 80 -4.70 9.70 -2.97
C GLN C 80 -5.48 10.66 -2.10
N VAL C 81 -5.45 10.44 -0.80
CA VAL C 81 -6.19 11.32 0.16
C VAL C 81 -5.62 11.11 1.57
N HIS C 82 -5.88 12.01 2.48
CA HIS C 82 -5.37 11.86 3.87
C HIS C 82 -6.18 12.76 4.82
N ARG C 83 -7.32 12.28 5.28
CA ARG C 83 -8.16 13.08 6.21
C ARG C 83 -8.61 12.22 7.40
N ILE C 84 -7.72 12.00 8.34
CA ILE C 84 -8.06 11.18 9.55
C ILE C 84 -7.08 11.52 10.68
N THR C 85 -7.57 11.68 11.88
CA THR C 85 -6.67 12.03 13.02
C THR C 85 -6.93 11.08 14.21
N GLY C 86 -6.01 10.18 14.47
CA GLY C 86 -6.17 9.24 15.60
C GLY C 86 -5.64 9.88 16.89
N LYS C 87 -4.49 9.46 17.35
CA LYS C 87 -3.90 10.06 18.59
C LYS C 87 -2.52 10.63 18.26
N THR C 88 -1.72 9.88 17.54
CA THR C 88 -0.36 10.35 17.15
C THR C 88 0.38 9.21 16.43
N VAL C 89 -0.32 8.49 15.57
CA VAL C 89 0.33 7.36 14.83
C VAL C 89 0.93 7.88 13.53
N SER C 90 2.06 8.52 13.60
CA SER C 90 2.73 9.06 12.38
C SER C 90 3.92 8.16 12.00
N THR C 91 3.80 6.87 12.27
CA THR C 91 4.89 5.92 11.92
C THR C 91 5.15 5.97 10.40
N THR C 92 4.11 6.19 9.63
CA THR C 92 4.27 6.29 8.14
C THR C 92 5.03 7.59 7.80
N SER C 93 5.07 7.95 6.53
CA SER C 93 5.82 9.18 6.12
C SER C 93 5.03 9.96 5.05
N HIS C 94 5.72 10.78 4.29
CA HIS C 94 5.04 11.61 3.24
C HIS C 94 4.77 10.77 1.97
N GLU C 95 3.94 11.27 1.10
CA GLU C 95 3.61 10.51 -0.16
C GLU C 95 4.15 11.25 -1.39
N ALA C 96 4.77 10.54 -2.29
CA ALA C 96 5.30 11.18 -3.53
C ALA C 96 4.25 11.06 -4.64
N ILE C 97 3.28 11.95 -4.64
CA ILE C 97 2.21 11.88 -5.68
C ILE C 97 2.80 12.21 -7.06
N LEU C 98 3.00 11.20 -7.87
CA LEU C 98 3.56 11.41 -9.24
C LEU C 98 2.41 11.52 -10.25
N SER C 99 2.67 12.02 -11.44
CA SER C 99 1.60 12.18 -12.48
C SER C 99 0.87 10.85 -12.73
N ASN C 100 -0.22 10.64 -12.01
CA ASN C 100 -1.03 9.38 -12.15
C ASN C 100 -0.28 8.20 -11.50
N THR C 101 0.43 8.46 -10.43
CA THR C 101 1.18 7.37 -9.72
C THR C 101 1.30 7.74 -8.24
N LYS C 102 0.61 7.04 -7.37
CA LYS C 102 0.66 7.35 -5.91
C LYS C 102 1.68 6.44 -5.22
N VAL C 103 2.62 7.02 -4.51
CA VAL C 103 3.67 6.20 -3.80
C VAL C 103 4.02 6.86 -2.46
N LEU C 104 4.82 6.21 -1.65
CA LEU C 104 5.20 6.78 -0.32
C LEU C 104 6.65 6.42 0.03
N GLU C 105 7.35 7.32 0.66
CA GLU C 105 8.76 7.06 1.07
C GLU C 105 8.78 6.86 2.59
N ILE C 106 8.75 5.64 3.04
CA ILE C 106 8.73 5.36 4.52
C ILE C 106 9.95 4.53 4.94
N PRO C 107 10.91 5.18 5.54
CA PRO C 107 12.14 4.53 6.04
C PRO C 107 11.85 3.75 7.33
N LEU C 108 12.65 2.74 7.63
CA LEU C 108 12.41 1.94 8.86
C LEU C 108 13.56 2.15 9.85
N LEU C 109 13.26 2.23 11.13
CA LEU C 109 14.32 2.44 12.16
C LEU C 109 15.19 1.17 12.28
N PRO C 110 16.22 1.23 13.10
CA PRO C 110 17.17 0.12 13.29
C PRO C 110 16.55 -1.03 14.10
N GLU C 111 16.29 -0.83 15.36
CA GLU C 111 15.71 -1.92 16.20
C GLU C 111 14.30 -1.55 16.65
N ASN C 112 13.44 -1.20 15.71
CA ASN C 112 12.04 -0.87 16.05
C ASN C 112 11.16 -2.02 15.53
N SER C 113 11.73 -3.22 15.51
CA SER C 113 11.00 -4.42 14.99
C SER C 113 10.61 -4.18 13.53
N MET C 114 11.28 -3.25 12.86
CA MET C 114 10.98 -2.95 11.41
C MET C 114 9.45 -2.92 11.23
N ARG C 115 8.78 -2.11 12.02
CA ARG C 115 7.29 -2.05 11.92
C ARG C 115 6.81 -0.80 11.20
N ALA C 116 5.66 -0.90 10.59
CA ALA C 116 5.04 0.24 9.87
C ALA C 116 3.52 0.07 9.96
N VAL C 117 2.89 0.76 10.89
CA VAL C 117 1.41 0.61 11.08
C VAL C 117 0.67 1.64 10.23
N ILE C 118 -0.48 1.27 9.68
CA ILE C 118 -1.26 2.21 8.83
C ILE C 118 -2.64 2.46 9.45
N ASP C 119 -2.80 3.61 10.05
CA ASP C 119 -4.12 3.96 10.67
C ASP C 119 -4.37 5.47 10.51
N CYS C 120 -3.76 6.07 9.50
CA CYS C 120 -3.94 7.53 9.26
C CYS C 120 -3.85 7.83 7.76
N ALA C 121 -4.25 6.90 6.92
CA ALA C 121 -4.19 7.12 5.45
C ALA C 121 -5.60 7.44 4.92
N GLY C 122 -5.68 8.27 3.92
CA GLY C 122 -7.02 8.64 3.35
C GLY C 122 -7.24 7.87 2.05
N ILE C 123 -8.48 7.56 1.72
CA ILE C 123 -8.76 6.80 0.47
C ILE C 123 -9.85 7.51 -0.34
N LEU C 124 -9.58 7.82 -1.58
CA LEU C 124 -10.58 8.51 -2.44
C LEU C 124 -10.91 7.62 -3.66
N LYS C 125 -12.17 7.49 -3.98
CA LYS C 125 -12.58 6.66 -5.14
C LYS C 125 -12.55 7.51 -6.41
N LEU C 126 -12.09 6.95 -7.49
CA LEU C 126 -12.02 7.72 -8.77
C LEU C 126 -13.32 7.54 -9.54
N ARG C 127 -14.02 8.62 -9.81
CA ARG C 127 -15.32 8.49 -10.55
C ARG C 127 -15.01 8.15 -12.03
N ASN C 128 -15.14 6.87 -12.35
CA ASN C 128 -14.86 6.33 -13.74
C ASN C 128 -15.27 7.28 -14.87
N SER C 129 -16.53 7.67 -14.91
CA SER C 129 -17.01 8.58 -16.01
C SER C 129 -15.99 9.71 -16.27
N ASP C 130 -15.42 10.28 -15.23
CA ASP C 130 -14.39 11.36 -15.42
C ASP C 130 -13.02 10.73 -15.71
N ILE C 131 -12.76 9.54 -15.21
CA ILE C 131 -11.43 8.88 -15.46
C ILE C 131 -11.37 8.36 -16.90
N GLU C 132 -12.46 8.43 -17.64
CA GLU C 132 -12.46 7.93 -19.05
C GLU C 132 -12.53 9.13 -20.03
N LEU C 133 -13.22 10.18 -19.66
CA LEU C 133 -13.35 11.37 -20.55
C LEU C 133 -12.38 12.48 -20.15
N ARG C 134 -11.72 12.37 -19.00
CA ARG C 134 -10.77 13.45 -18.58
C ARG C 134 -9.49 13.39 -19.42
N LYS C 135 -8.41 12.87 -18.88
CA LYS C 135 -7.14 12.78 -19.65
C LYS C 135 -7.33 11.83 -20.84
N GLY C 136 -6.43 11.88 -21.78
CA GLY C 136 -6.51 10.97 -22.97
C GLY C 136 -5.80 9.65 -22.64
N GLU C 137 -5.90 9.20 -21.41
CA GLU C 137 -5.24 7.94 -20.99
C GLU C 137 -6.09 6.73 -21.44
N THR C 138 -5.53 5.55 -21.31
CA THR C 138 -6.27 4.31 -21.71
C THR C 138 -5.78 3.14 -20.86
N ASP C 139 -6.19 3.09 -19.59
CA ASP C 139 -5.74 1.98 -18.70
C ASP C 139 -6.69 1.90 -17.49
N ILE C 140 -7.98 2.00 -17.74
CA ILE C 140 -8.98 1.92 -16.64
C ILE C 140 -10.40 1.78 -17.24
N GLY C 141 -11.40 2.40 -16.66
CA GLY C 141 -12.79 2.29 -17.18
C GLY C 141 -13.76 2.28 -16.00
N ARG C 142 -14.76 1.43 -16.02
CA ARG C 142 -15.73 1.38 -14.88
C ARG C 142 -16.21 -0.05 -14.58
N LYS C 143 -15.65 -1.05 -15.22
CA LYS C 143 -16.09 -2.46 -14.95
C LYS C 143 -15.36 -3.02 -13.72
N ASN C 144 -14.31 -2.36 -13.26
CA ASN C 144 -13.55 -2.86 -12.08
C ASN C 144 -12.83 -1.70 -11.39
N THR C 145 -13.52 -1.03 -10.49
CA THR C 145 -12.92 0.14 -9.78
C THR C 145 -12.07 -0.30 -8.56
N ARG C 146 -11.33 -1.39 -8.67
CA ARG C 146 -10.50 -1.83 -7.51
C ARG C 146 -9.01 -1.64 -7.80
N VAL C 147 -8.24 -1.31 -6.79
CA VAL C 147 -6.76 -1.13 -6.98
C VAL C 147 -6.00 -2.13 -6.09
N ARG C 148 -4.70 -2.23 -6.21
CA ARG C 148 -3.93 -3.21 -5.36
C ARG C 148 -2.76 -2.51 -4.67
N LEU C 149 -2.52 -2.83 -3.41
CA LEU C 149 -1.39 -2.19 -2.66
C LEU C 149 -0.12 -3.02 -2.85
N VAL C 150 0.97 -2.41 -3.24
CA VAL C 150 2.23 -3.18 -3.42
C VAL C 150 3.34 -2.55 -2.57
N PHE C 151 3.69 -3.18 -1.47
CA PHE C 151 4.77 -2.64 -0.59
C PHE C 151 6.12 -3.10 -1.15
N ARG C 152 7.11 -2.24 -1.18
CA ARG C 152 8.43 -2.66 -1.74
C ARG C 152 9.59 -2.24 -0.83
N VAL C 153 10.44 -3.18 -0.50
CA VAL C 153 11.64 -2.90 0.35
C VAL C 153 12.90 -3.15 -0.47
N HIS C 154 14.01 -2.53 -0.09
CA HIS C 154 15.30 -2.71 -0.82
C HIS C 154 16.45 -2.70 0.20
N VAL C 155 17.12 -3.82 0.38
CA VAL C 155 18.24 -3.88 1.36
C VAL C 155 19.47 -4.60 0.76
N PRO C 156 20.66 -4.26 1.26
CA PRO C 156 21.93 -4.86 0.77
C PRO C 156 22.17 -6.27 1.32
N GLN C 157 22.19 -7.26 0.45
CA GLN C 157 22.44 -8.68 0.86
C GLN C 157 23.93 -9.02 0.53
N PRO C 158 24.34 -10.27 0.64
CA PRO C 158 25.75 -10.67 0.37
C PRO C 158 26.04 -10.82 -1.14
N SER C 159 25.05 -11.21 -1.93
CA SER C 159 25.29 -11.38 -3.41
C SER C 159 25.95 -10.12 -3.98
N GLY C 160 25.45 -8.98 -3.58
CA GLY C 160 26.03 -7.68 -4.06
C GLY C 160 25.42 -6.57 -3.20
N ARG C 161 24.26 -6.11 -3.58
CA ARG C 161 23.57 -5.07 -2.78
C ARG C 161 22.08 -5.06 -3.14
N THR C 162 21.41 -6.15 -2.89
CA THR C 162 19.95 -6.18 -3.18
C THR C 162 19.23 -7.23 -2.35
N LEU C 163 18.19 -6.80 -1.73
CA LEU C 163 17.32 -7.66 -0.92
C LEU C 163 15.98 -6.94 -0.91
N SER C 164 15.31 -7.02 -2.04
CA SER C 164 14.01 -6.30 -2.20
C SER C 164 12.84 -7.24 -2.02
N LEU C 165 11.73 -6.72 -1.57
CA LEU C 165 10.53 -7.59 -1.36
C LEU C 165 9.27 -6.95 -1.96
N GLN C 166 8.63 -7.64 -2.87
CA GLN C 166 7.39 -7.10 -3.51
C GLN C 166 6.16 -7.69 -2.80
N VAL C 167 5.48 -6.91 -1.99
CA VAL C 167 4.28 -7.42 -1.27
C VAL C 167 3.01 -6.96 -1.99
N ALA C 168 1.90 -7.59 -1.69
CA ALA C 168 0.61 -7.20 -2.35
C ALA C 168 -0.54 -7.32 -1.34
N SER C 169 -1.06 -6.21 -0.87
CA SER C 169 -2.19 -6.28 0.12
C SER C 169 -3.50 -6.46 -0.65
N ASN C 170 -4.57 -6.79 0.05
CA ASN C 170 -5.88 -6.98 -0.63
C ASN C 170 -6.14 -5.81 -1.58
N PRO C 171 -6.78 -6.10 -2.68
CA PRO C 171 -7.11 -5.08 -3.69
C PRO C 171 -8.26 -4.20 -3.20
N ILE C 172 -8.07 -2.90 -3.13
CA ILE C 172 -9.15 -2.00 -2.67
C ILE C 172 -10.34 -2.16 -3.62
N GLU C 173 -11.29 -2.98 -3.27
CA GLU C 173 -12.48 -3.21 -4.13
C GLU C 173 -13.70 -2.54 -3.50
N CYS C 174 -13.97 -1.32 -3.87
CA CYS C 174 -15.15 -0.59 -3.30
C CYS C 174 -16.43 -1.22 -3.83
N SER C 175 -16.63 -1.17 -5.14
CA SER C 175 -17.85 -1.74 -5.82
C SER C 175 -18.81 -2.38 -4.81
N GLN C 176 -19.73 -1.60 -4.30
CA GLN C 176 -20.72 -2.13 -3.30
C GLN C 176 -21.43 -3.34 -3.91
N ARG C 177 -21.90 -3.21 -5.13
CA ARG C 177 -22.60 -4.34 -5.80
C ARG C 177 -21.55 -5.21 -6.52
N SER C 178 -21.08 -6.25 -5.86
CA SER C 178 -20.05 -7.14 -6.48
C SER C 178 -20.69 -8.47 -6.89
N MET C 1 28.54 -8.48 -5.01
CA MET C 1 29.81 -9.10 -5.49
C MET C 1 29.58 -10.58 -5.82
N LYS C 2 28.91 -11.29 -4.95
CA LYS C 2 28.64 -12.75 -5.20
C LYS C 2 27.29 -13.12 -4.61
N ASP C 3 26.40 -13.65 -5.43
CA ASP C 3 25.06 -14.05 -4.94
C ASP C 3 24.50 -15.19 -5.81
N TRP C 4 24.70 -16.42 -5.39
CA TRP C 4 24.20 -17.58 -6.18
C TRP C 4 23.07 -18.26 -5.36
N GLN C 5 22.30 -17.48 -4.65
CA GLN C 5 21.18 -18.04 -3.83
C GLN C 5 20.18 -16.91 -3.52
N LEU C 6 19.18 -16.76 -4.35
CA LEU C 6 18.17 -15.68 -4.13
C LEU C 6 16.75 -16.24 -4.34
N PRO C 7 16.21 -16.82 -3.30
CA PRO C 7 14.84 -17.40 -3.31
C PRO C 7 13.79 -16.30 -3.18
N SER C 8 12.55 -16.68 -2.94
CA SER C 8 11.47 -15.67 -2.78
C SER C 8 11.70 -14.86 -1.49
N HIS C 9 12.54 -15.37 -0.61
CA HIS C 9 12.83 -14.66 0.67
C HIS C 9 14.21 -13.98 0.58
N SER C 10 14.55 -13.18 1.56
CA SER C 10 15.88 -12.49 1.54
C SER C 10 16.83 -13.21 2.52
N GLY C 11 16.96 -14.52 2.36
CA GLY C 11 17.84 -15.30 3.28
C GLY C 11 17.19 -15.36 4.67
N PRO C 12 17.92 -14.94 5.67
CA PRO C 12 17.43 -14.92 7.06
C PRO C 12 16.53 -13.69 7.32
N TYR C 13 16.28 -12.89 6.29
CA TYR C 13 15.42 -11.68 6.48
C TYR C 13 14.07 -11.89 5.79
N GLU C 14 13.05 -11.17 6.22
CA GLU C 14 11.70 -11.33 5.60
C GLU C 14 10.79 -10.17 6.02
N LEU C 15 10.28 -9.43 5.05
CA LEU C 15 9.37 -8.29 5.36
C LEU C 15 7.92 -8.72 5.09
N ARG C 16 7.16 -8.94 6.14
CA ARG C 16 5.74 -9.38 5.96
C ARG C 16 4.79 -8.44 6.71
N ILE C 17 3.60 -8.26 6.20
CA ILE C 17 2.61 -7.36 6.88
C ILE C 17 1.94 -8.13 8.02
N GLU C 18 1.79 -7.49 9.16
CA GLU C 18 1.16 -8.16 10.33
C GLU C 18 -0.38 -8.19 10.14
N VAL C 19 -1.14 -7.52 10.97
CA VAL C 19 -2.63 -7.53 10.81
C VAL C 19 -2.99 -7.00 9.43
N GLN C 20 -3.49 -7.87 8.57
CA GLN C 20 -3.86 -7.44 7.18
C GLN C 20 -5.35 -7.07 7.13
N PRO C 21 -5.67 -6.12 6.28
CA PRO C 21 -7.06 -5.66 6.09
C PRO C 21 -7.84 -6.66 5.24
N LYS C 22 -9.09 -6.39 4.97
CA LYS C 22 -9.89 -7.34 4.13
C LYS C 22 -9.67 -7.04 2.65
N SER C 23 -10.18 -7.88 1.79
CA SER C 23 -10.03 -7.64 0.32
C SER C 23 -11.10 -6.63 -0.14
N HIS C 24 -11.84 -6.05 0.79
CA HIS C 24 -12.90 -5.05 0.40
C HIS C 24 -12.75 -3.80 1.27
N HIS C 25 -13.46 -2.75 0.93
CA HIS C 25 -13.38 -1.48 1.73
C HIS C 25 -14.37 -0.46 1.17
N ARG C 26 -14.37 0.74 1.71
CA ARG C 26 -15.29 1.81 1.21
C ARG C 26 -14.47 3.06 0.85
N ALA C 27 -14.16 3.24 -0.40
CA ALA C 27 -13.38 4.43 -0.83
C ALA C 27 -14.33 5.59 -1.13
N ARG C 28 -13.92 6.79 -0.83
CA ARG C 28 -14.79 7.98 -1.10
C ARG C 28 -14.52 8.50 -2.52
N TYR C 29 -14.82 9.76 -2.78
CA TYR C 29 -14.62 10.33 -4.14
C TYR C 29 -13.83 11.64 -4.05
N GLU C 30 -13.31 12.11 -5.16
CA GLU C 30 -12.55 13.39 -5.16
C GLU C 30 -13.54 14.54 -4.96
N THR C 31 -14.75 14.38 -5.44
CA THR C 31 -15.79 15.45 -5.29
C THR C 31 -16.25 15.51 -3.83
N GLU C 32 -16.34 14.38 -3.16
CA GLU C 32 -16.78 14.36 -1.73
C GLU C 32 -15.55 14.16 -0.81
N GLY C 33 -14.39 14.60 -1.26
CA GLY C 33 -13.14 14.45 -0.46
C GLY C 33 -13.39 14.89 1.00
N SER C 34 -13.34 13.94 1.91
CA SER C 34 -13.57 14.27 3.36
C SER C 34 -13.20 13.07 4.23
N ARG C 35 -13.57 11.88 3.80
CA ARG C 35 -13.25 10.66 4.60
C ARG C 35 -12.27 9.77 3.83
N GLY C 36 -12.15 8.54 4.22
CA GLY C 36 -11.22 7.60 3.52
C GLY C 36 -11.67 6.16 3.78
N ALA C 37 -10.78 5.33 4.27
CA ALA C 37 -11.13 3.91 4.56
C ALA C 37 -9.90 3.15 5.07
N VAL C 38 -9.99 2.61 6.26
CA VAL C 38 -8.84 1.85 6.85
C VAL C 38 -9.40 0.76 7.79
N LYS C 39 -10.44 0.08 7.37
CA LYS C 39 -11.05 -0.97 8.24
C LYS C 39 -11.20 -2.29 7.47
N ALA C 40 -11.76 -3.29 8.11
CA ALA C 40 -11.96 -4.61 7.45
C ALA C 40 -13.16 -5.32 8.07
N SER C 41 -13.81 -6.17 7.31
CA SER C 41 -15.00 -6.92 7.84
C SER C 41 -14.62 -7.67 9.12
N ALA C 42 -13.43 -8.23 9.18
CA ALA C 42 -12.99 -8.97 10.39
C ALA C 42 -12.21 -8.04 11.32
N GLY C 43 -11.06 -7.57 10.89
CA GLY C 43 -10.24 -6.66 11.73
C GLY C 43 -10.66 -5.20 11.47
N GLY C 44 -9.70 -4.32 11.30
CA GLY C 44 -10.03 -2.88 11.03
C GLY C 44 -8.79 -2.00 11.15
N HIS C 45 -7.64 -2.49 10.73
CA HIS C 45 -6.39 -1.67 10.80
C HIS C 45 -5.19 -2.52 10.32
N PRO C 46 -4.66 -2.15 9.17
CA PRO C 46 -3.52 -2.86 8.56
C PRO C 46 -2.21 -2.49 9.26
N ILE C 47 -1.30 -3.43 9.34
CA ILE C 47 0.01 -3.19 10.01
C ILE C 47 1.16 -3.68 9.12
N VAL C 48 2.35 -3.21 9.36
CA VAL C 48 3.52 -3.64 8.54
C VAL C 48 4.75 -3.78 9.45
N GLN C 49 5.31 -4.97 9.53
CA GLN C 49 6.51 -5.19 10.40
C GLN C 49 7.56 -5.99 9.64
N LEU C 50 8.79 -5.51 9.63
CA LEU C 50 9.88 -6.24 8.92
C LEU C 50 10.67 -7.10 9.91
N HIS C 51 10.89 -8.36 9.57
CA HIS C 51 11.67 -9.24 10.47
C HIS C 51 12.87 -9.79 9.67
N GLY C 52 14.01 -9.15 9.81
CA GLY C 52 15.22 -9.60 9.06
C GLY C 52 16.39 -8.67 9.36
N TYR C 53 16.29 -7.43 8.94
CA TYR C 53 17.40 -6.45 9.19
C TYR C 53 17.70 -6.36 10.70
N LEU C 54 18.73 -7.07 11.15
CA LEU C 54 19.10 -7.03 12.60
C LEU C 54 20.32 -6.13 12.78
N GLU C 55 20.36 -5.00 12.10
CA GLU C 55 21.50 -4.07 12.22
C GLU C 55 21.03 -2.78 12.93
N ASN C 56 21.95 -1.96 13.36
CA ASN C 56 21.56 -0.69 14.06
C ASN C 56 21.25 0.41 13.03
N GLU C 57 21.19 0.07 11.76
CA GLU C 57 20.88 1.07 10.70
C GLU C 57 19.35 1.15 10.53
N PRO C 58 18.86 2.35 10.29
CA PRO C 58 17.40 2.58 10.11
C PRO C 58 16.94 2.06 8.74
N LEU C 59 15.65 2.09 8.49
CA LEU C 59 15.11 1.59 7.18
C LEU C 59 14.13 2.62 6.61
N MET C 60 13.95 2.62 5.31
CA MET C 60 13.00 3.58 4.67
C MET C 60 12.02 2.80 3.80
N LEU C 61 11.19 1.98 4.40
CA LEU C 61 10.20 1.18 3.62
C LEU C 61 9.29 2.12 2.82
N GLN C 62 8.94 1.72 1.61
CA GLN C 62 8.05 2.57 0.77
C GLN C 62 6.84 1.75 0.30
N LEU C 63 5.70 2.37 0.22
CA LEU C 63 4.48 1.67 -0.24
C LEU C 63 4.18 2.08 -1.69
N PHE C 64 3.69 1.17 -2.47
CA PHE C 64 3.37 1.47 -3.89
C PHE C 64 2.06 0.80 -4.26
N ILE C 65 1.06 1.56 -4.66
CA ILE C 65 -0.25 0.94 -5.03
C ILE C 65 -0.20 0.49 -6.49
N GLY C 66 -0.83 -0.61 -6.79
CA GLY C 66 -0.86 -1.13 -8.19
C GLY C 66 -2.14 -1.91 -8.43
N THR C 67 -2.86 -1.58 -9.49
CA THR C 67 -4.15 -2.27 -9.84
C THR C 67 -4.14 -3.78 -9.51
N ALA C 68 -5.31 -4.35 -9.29
CA ALA C 68 -5.41 -5.79 -8.95
C ALA C 68 -5.47 -6.63 -10.23
N ASP C 69 -4.34 -6.87 -10.83
CA ASP C 69 -4.30 -7.70 -12.08
C ASP C 69 -4.05 -9.17 -11.73
N ASP C 70 -4.09 -10.03 -12.71
CA ASP C 70 -3.88 -11.49 -12.44
C ASP C 70 -2.38 -11.77 -12.22
N ARG C 71 -1.59 -11.86 -13.26
CA ARG C 71 -0.14 -12.15 -13.10
C ARG C 71 0.64 -10.82 -13.14
N LEU C 72 1.00 -10.35 -14.31
CA LEU C 72 1.75 -9.07 -14.41
C LEU C 72 0.88 -7.90 -13.97
N LEU C 73 1.47 -6.96 -13.27
CA LEU C 73 0.69 -5.78 -12.80
C LEU C 73 0.44 -4.80 -13.95
N ARG C 74 -0.41 -3.84 -13.72
CA ARG C 74 -0.72 -2.82 -14.77
C ARG C 74 -0.40 -1.42 -14.21
N PRO C 75 -0.63 -0.39 -15.01
CA PRO C 75 -0.38 0.99 -14.57
C PRO C 75 -1.46 1.40 -13.56
N HIS C 76 -1.05 1.62 -12.33
CA HIS C 76 -2.02 2.00 -11.24
C HIS C 76 -3.05 3.00 -11.77
N ALA C 77 -4.27 2.88 -11.30
CA ALA C 77 -5.37 3.79 -11.75
C ALA C 77 -5.14 5.19 -11.14
N PHE C 78 -5.91 5.56 -10.14
CA PHE C 78 -5.76 6.92 -9.53
C PHE C 78 -6.18 6.87 -8.05
N TYR C 79 -5.74 5.86 -7.33
CA TYR C 79 -6.13 5.73 -5.87
C TYR C 79 -5.33 6.73 -5.01
N GLN C 80 -5.35 8.00 -5.34
CA GLN C 80 -4.58 8.99 -4.53
C GLN C 80 -5.43 9.53 -3.37
N VAL C 81 -4.81 9.71 -2.21
CA VAL C 81 -5.56 10.21 -1.01
C VAL C 81 -4.61 10.98 -0.08
N HIS C 82 -5.14 11.87 0.73
CA HIS C 82 -4.28 12.63 1.68
C HIS C 82 -4.20 11.85 3.01
N ARG C 83 -5.06 12.15 3.97
CA ARG C 83 -5.03 11.42 5.27
C ARG C 83 -6.35 11.66 6.02
N ILE C 84 -6.92 10.62 6.59
CA ILE C 84 -8.20 10.79 7.35
C ILE C 84 -8.60 9.45 8.00
N THR C 85 -8.31 9.28 9.26
CA THR C 85 -8.68 8.01 9.96
C THR C 85 -8.20 8.07 11.42
N GLY C 86 -8.98 8.67 12.29
CA GLY C 86 -8.57 8.75 13.73
C GLY C 86 -8.49 10.20 14.20
N LYS C 87 -7.84 10.43 15.32
CA LYS C 87 -7.72 11.82 15.86
C LYS C 87 -6.24 12.21 15.98
N THR C 88 -5.36 11.26 16.26
CA THR C 88 -3.91 11.59 16.41
C THR C 88 -3.06 10.31 16.35
N VAL C 89 -3.15 9.57 15.26
CA VAL C 89 -2.34 8.31 15.13
C VAL C 89 -1.31 8.49 14.01
N SER C 90 -0.22 9.16 14.30
CA SER C 90 0.83 9.38 13.26
C SER C 90 2.11 8.62 13.65
N THR C 91 1.99 7.34 13.92
CA THR C 91 3.18 6.52 14.30
C THR C 91 4.19 6.52 13.14
N THR C 92 3.78 6.01 12.00
CA THR C 92 4.68 5.97 10.81
C THR C 92 3.82 5.96 9.54
N SER C 93 3.63 7.11 8.93
CA SER C 93 2.79 7.19 7.69
C SER C 93 3.26 8.34 6.80
N HIS C 94 2.98 8.25 5.52
CA HIS C 94 3.38 9.33 4.57
C HIS C 94 2.67 9.11 3.22
N GLU C 95 2.72 10.10 2.36
CA GLU C 95 2.05 9.98 1.02
C GLU C 95 2.93 10.59 -0.07
N ALA C 96 2.70 10.23 -1.32
CA ALA C 96 3.51 10.78 -2.44
C ALA C 96 2.67 10.74 -3.73
N ILE C 97 1.90 11.77 -3.96
CA ILE C 97 1.05 11.83 -5.19
C ILE C 97 1.93 11.86 -6.45
N LEU C 98 1.48 11.21 -7.49
CA LEU C 98 2.26 11.16 -8.76
C LEU C 98 1.28 11.31 -9.94
N SER C 99 1.80 11.53 -11.14
CA SER C 99 0.92 11.68 -12.34
C SER C 99 -0.02 10.47 -12.48
N ASN C 100 -1.19 10.57 -11.90
CA ASN C 100 -2.19 9.46 -11.96
C ASN C 100 -1.65 8.23 -11.20
N THR C 101 -0.94 8.47 -10.12
CA THR C 101 -0.37 7.34 -9.32
C THR C 101 -0.14 7.82 -7.88
N LYS C 102 -0.02 6.90 -6.93
CA LYS C 102 0.19 7.32 -5.52
C LYS C 102 1.05 6.28 -4.78
N VAL C 103 1.83 6.74 -3.82
CA VAL C 103 2.70 5.81 -3.03
C VAL C 103 2.76 6.31 -1.58
N LEU C 104 2.66 5.42 -0.63
CA LEU C 104 2.70 5.83 0.80
C LEU C 104 4.10 5.54 1.36
N GLU C 105 4.88 6.57 1.57
CA GLU C 105 6.26 6.36 2.12
C GLU C 105 6.15 6.05 3.62
N ILE C 106 7.05 5.25 4.14
CA ILE C 106 6.98 4.91 5.60
C ILE C 106 8.40 4.62 6.12
N PRO C 107 9.00 5.62 6.72
CA PRO C 107 10.36 5.52 7.28
C PRO C 107 10.33 4.72 8.59
N LEU C 108 11.16 3.71 8.70
CA LEU C 108 11.20 2.88 9.94
C LEU C 108 12.14 3.52 10.96
N LEU C 109 11.69 3.67 12.18
CA LEU C 109 12.54 4.29 13.24
C LEU C 109 13.61 3.29 13.70
N PRO C 110 14.51 3.74 14.56
CA PRO C 110 15.60 2.91 15.09
C PRO C 110 15.10 1.88 16.13
N GLU C 111 14.80 2.32 17.33
CA GLU C 111 14.32 1.38 18.37
C GLU C 111 12.81 1.53 18.57
N ASN C 112 12.06 1.36 17.51
CA ASN C 112 10.58 1.45 17.61
C ASN C 112 10.00 0.04 17.38
N SER C 113 10.77 -0.97 17.74
CA SER C 113 10.32 -2.38 17.53
C SER C 113 10.08 -2.62 16.04
N MET C 114 10.79 -1.88 15.19
CA MET C 114 10.63 -2.01 13.70
C MET C 114 9.15 -2.23 13.35
N ARG C 115 8.29 -1.40 13.89
CA ARG C 115 6.83 -1.55 13.63
C ARG C 115 6.31 -0.37 12.81
N ALA C 116 5.27 -0.61 12.05
CA ALA C 116 4.67 0.47 11.21
C ALA C 116 3.17 0.20 11.08
N VAL C 117 2.39 0.63 12.04
CA VAL C 117 0.91 0.41 11.98
C VAL C 117 0.26 1.45 11.07
N ILE C 118 -0.76 1.06 10.36
CA ILE C 118 -1.45 2.03 9.44
C ILE C 118 -2.74 2.53 10.09
N ASP C 119 -2.78 3.79 10.42
CA ASP C 119 -4.01 4.37 11.04
C ASP C 119 -4.08 5.87 10.69
N CYS C 120 -3.55 6.26 9.56
CA CYS C 120 -3.59 7.69 9.15
C CYS C 120 -3.61 7.80 7.60
N ALA C 121 -4.16 6.81 6.93
CA ALA C 121 -4.22 6.87 5.43
C ALA C 121 -5.64 6.49 4.97
N GLY C 122 -6.24 7.32 4.16
CA GLY C 122 -7.61 7.03 3.66
C GLY C 122 -7.53 6.45 2.24
N ILE C 123 -8.66 6.05 1.68
CA ILE C 123 -8.65 5.49 0.30
C ILE C 123 -9.65 6.26 -0.57
N LEU C 124 -9.39 6.32 -1.86
CA LEU C 124 -10.29 7.07 -2.79
C LEU C 124 -10.71 6.17 -3.95
N LYS C 125 -11.93 6.32 -4.43
CA LYS C 125 -12.41 5.49 -5.58
C LYS C 125 -12.10 6.20 -6.89
N LEU C 126 -11.91 5.45 -7.96
CA LEU C 126 -11.60 6.09 -9.29
C LEU C 126 -12.88 6.25 -10.09
N ARG C 127 -13.44 7.44 -10.13
CA ARG C 127 -14.70 7.65 -10.93
C ARG C 127 -14.46 7.11 -12.35
N ASN C 128 -14.93 5.90 -12.62
CA ASN C 128 -14.73 5.25 -13.95
C ASN C 128 -15.18 6.16 -15.10
N SER C 129 -16.37 6.69 -15.03
CA SER C 129 -16.87 7.58 -16.14
C SER C 129 -15.77 8.57 -16.56
N ASP C 130 -15.11 9.19 -15.61
CA ASP C 130 -14.00 10.14 -15.94
C ASP C 130 -12.78 9.36 -16.45
N ILE C 131 -12.57 8.16 -15.94
CA ILE C 131 -11.40 7.33 -16.38
C ILE C 131 -11.64 6.78 -17.80
N GLU C 132 -12.82 7.02 -18.36
CA GLU C 132 -13.11 6.53 -19.75
C GLU C 132 -12.68 7.61 -20.75
N LEU C 133 -13.08 8.84 -20.52
CA LEU C 133 -12.72 9.95 -21.44
C LEU C 133 -11.48 10.72 -20.93
N ARG C 134 -11.04 10.43 -19.71
CA ARG C 134 -9.86 11.12 -19.11
C ARG C 134 -8.84 11.53 -20.18
N LYS C 135 -8.71 12.81 -20.34
CA LYS C 135 -7.77 13.42 -21.35
C LYS C 135 -6.44 12.64 -21.37
N GLY C 136 -6.08 12.11 -22.51
CA GLY C 136 -4.78 11.35 -22.63
C GLY C 136 -4.68 10.26 -21.57
N GLU C 137 -5.65 9.38 -21.52
CA GLU C 137 -5.62 8.27 -20.52
C GLU C 137 -5.97 6.94 -21.19
N THR C 138 -5.74 5.86 -20.51
CA THR C 138 -6.07 4.52 -21.09
C THR C 138 -7.53 4.18 -20.76
N ASP C 139 -7.77 3.47 -19.67
CA ASP C 139 -9.18 3.10 -19.29
C ASP C 139 -9.11 2.05 -18.17
N ILE C 140 -9.98 2.17 -17.19
CA ILE C 140 -9.98 1.19 -16.07
C ILE C 140 -11.14 0.18 -16.24
N GLY C 141 -11.86 0.26 -17.32
CA GLY C 141 -12.99 -0.68 -17.56
C GLY C 141 -14.13 -0.38 -16.58
N ARG C 142 -15.35 -0.38 -17.07
CA ARG C 142 -16.51 -0.10 -16.16
C ARG C 142 -16.71 -1.27 -15.19
N LYS C 143 -16.08 -2.40 -15.42
CA LYS C 143 -16.24 -3.57 -14.50
C LYS C 143 -14.91 -3.93 -13.81
N ASN C 144 -14.02 -2.96 -13.66
CA ASN C 144 -12.71 -3.25 -12.99
C ASN C 144 -12.46 -2.22 -11.88
N THR C 145 -13.20 -2.33 -10.80
CA THR C 145 -13.02 -1.38 -9.66
C THR C 145 -12.23 -2.07 -8.53
N ARG C 146 -11.16 -2.76 -8.87
CA ARG C 146 -10.35 -3.45 -7.83
C ARG C 146 -8.87 -3.12 -8.03
N VAL C 147 -8.18 -2.76 -6.96
CA VAL C 147 -6.72 -2.44 -7.08
C VAL C 147 -5.91 -3.36 -6.15
N ARG C 148 -4.61 -3.21 -6.12
CA ARG C 148 -3.77 -4.09 -5.22
C ARG C 148 -2.71 -3.26 -4.51
N LEU C 149 -2.23 -3.74 -3.39
CA LEU C 149 -1.18 -2.98 -2.61
C LEU C 149 0.18 -3.66 -2.78
N VAL C 150 1.22 -2.88 -2.98
CA VAL C 150 2.59 -3.48 -3.14
C VAL C 150 3.56 -2.79 -2.17
N PHE C 151 3.96 -3.48 -1.13
CA PHE C 151 4.92 -2.88 -0.14
C PHE C 151 6.35 -3.21 -0.56
N ARG C 152 7.15 -2.21 -0.85
CA ARG C 152 8.56 -2.49 -1.28
C ARG C 152 9.55 -1.79 -0.35
N VAL C 153 10.49 -2.53 0.17
CA VAL C 153 11.52 -1.94 1.10
C VAL C 153 12.88 -1.90 0.40
N HIS C 154 13.73 -0.99 0.82
CA HIS C 154 15.08 -0.87 0.21
C HIS C 154 16.10 -0.51 1.32
N VAL C 155 16.90 -1.46 1.73
CA VAL C 155 17.91 -1.20 2.80
C VAL C 155 19.28 -1.72 2.33
N PRO C 156 20.31 -0.92 2.57
CA PRO C 156 21.69 -1.26 2.19
C PRO C 156 22.28 -2.33 3.11
N GLN C 157 22.45 -3.53 2.60
CA GLN C 157 23.01 -4.65 3.41
C GLN C 157 24.55 -4.55 3.43
N PRO C 158 25.12 -4.75 4.60
CA PRO C 158 26.59 -4.70 4.78
C PRO C 158 27.24 -6.00 4.27
N SER C 159 27.33 -6.17 2.98
CA SER C 159 27.95 -7.42 2.42
C SER C 159 28.19 -7.24 0.91
N GLY C 160 27.14 -7.31 0.11
CA GLY C 160 27.30 -7.14 -1.37
C GLY C 160 25.96 -7.33 -2.07
N ARG C 161 24.91 -6.80 -1.51
CA ARG C 161 23.54 -6.93 -2.12
C ARG C 161 22.55 -6.09 -1.32
N THR C 162 21.81 -5.24 -1.98
CA THR C 162 20.82 -4.38 -1.26
C THR C 162 19.62 -5.25 -0.85
N LEU C 163 19.22 -5.14 0.40
CA LEU C 163 18.05 -5.94 0.88
C LEU C 163 16.76 -5.23 0.45
N SER C 164 16.22 -5.63 -0.67
CA SER C 164 14.96 -5.00 -1.18
C SER C 164 13.83 -6.03 -1.13
N LEU C 165 12.63 -5.60 -0.80
CA LEU C 165 11.48 -6.56 -0.74
C LEU C 165 10.31 -6.05 -1.57
N GLN C 166 9.35 -6.91 -1.85
CA GLN C 166 8.16 -6.51 -2.65
C GLN C 166 6.99 -7.45 -2.35
N VAL C 167 6.16 -7.09 -1.41
CA VAL C 167 4.99 -7.95 -1.04
C VAL C 167 3.71 -7.35 -1.64
N ALA C 168 2.65 -8.12 -1.70
CA ALA C 168 1.37 -7.61 -2.27
C ALA C 168 0.21 -7.93 -1.32
N SER C 169 -0.49 -6.92 -0.86
CA SER C 169 -1.64 -7.16 0.07
C SER C 169 -2.88 -7.52 -0.76
N ASN C 170 -3.94 -7.95 -0.12
CA ASN C 170 -5.18 -8.33 -0.85
C ASN C 170 -5.59 -7.21 -1.82
N PRO C 171 -6.27 -7.60 -2.87
CA PRO C 171 -6.74 -6.66 -3.90
C PRO C 171 -7.94 -5.87 -3.39
N ILE C 172 -7.79 -4.57 -3.27
CA ILE C 172 -8.92 -3.71 -2.79
C ILE C 172 -10.11 -3.87 -3.74
N GLU C 173 -11.29 -4.11 -3.20
CA GLU C 173 -12.49 -4.27 -4.06
C GLU C 173 -13.51 -3.18 -3.72
N CYS C 174 -13.64 -2.18 -4.56
CA CYS C 174 -14.62 -1.08 -4.29
C CYS C 174 -15.92 -1.38 -5.05
N SER C 175 -16.39 -2.61 -4.99
CA SER C 175 -17.64 -2.99 -5.70
C SER C 175 -18.68 -3.47 -4.69
N GLN C 176 -19.78 -2.77 -4.58
CA GLN C 176 -20.85 -3.18 -3.61
C GLN C 176 -21.54 -4.44 -4.12
N ARG C 177 -21.82 -4.51 -5.40
CA ARG C 177 -22.50 -5.72 -5.97
C ARG C 177 -21.57 -6.93 -5.83
N SER C 178 -22.07 -8.00 -5.24
CA SER C 178 -21.23 -9.23 -5.06
C SER C 178 -21.15 -10.03 -6.39
#